data_3OPZ
#
_entry.id   3OPZ
#
_cell.length_a   178.140
_cell.length_b   178.140
_cell.length_c   140.710
_cell.angle_alpha   90.000
_cell.angle_beta   90.000
_cell.angle_gamma   120.000
#
_symmetry.space_group_name_H-M   'P 31'
#
loop_
_entity.id
_entity.type
_entity.pdbx_description
1 polymer Trans-sialidase
2 polymer 'heavy chain of the Fab fragment of immunoglobulin G'
3 polymer 'light chain of the Fab fragment of immunoglobulin G'
4 non-polymer 'SODIUM ION'
5 non-polymer '1,4-DIETHYLENE DIOXIDE'
6 water water
#
loop_
_entity_poly.entity_id
_entity_poly.type
_entity_poly.pdbx_seq_one_letter_code
_entity_poly.pdbx_strand_id
1 'polypeptide(L)'
;MGGSHHHHHHGMASLAPGSSRVELFKRQSSKVPFEKDGKVTERVVHSFRLPALVNVDGVMVAIADARYETSFDNSLIDTV
AKYSVDDGETWETQIAIKNSRASSVSRVVDPTVIVKGNKLYVLVGSYNSSRSYWTSHGDARDWDILLAVGEVTKSTAGGK
ITASIKWGSPVSLKEFFPAEMEGMHTNQFLGGAGVAIVASNGNLVYPVQVTNKKKQVFSKIFYSEDEGKTWKFGKGRSAF
GCSEPVALEWEGKLIINTRVDYRRRLVYESSDMGNTWLEAVGTLSRVWGPSPKSNQPGSQSSFTAVTIEGMRVMLFTHPL
NFKGRWLRDRLNLWLTDNQRIYNVGQVSIGDENSAYSSVLYKDDKLYCLHEINSNEVYSLVFARLVGELRIIKSVLQSWK
NWDSHLSSICTPADPAASSSERGCGPAVTTVGLVGFLSHSATKTEWEDAYRCVNASTANAERVPNGLKFAGVGGGALWPV
SQQGQNQRYHFANHAFTLVASVTIHEVPKGASPLLGASLDSSGGKKLLGLSYDKRHQWQPIYGSTPVTPTGSWEMGKRYH
VVLTMANKIGSVYIDGEPLEGSGQTVVPDERTPDISHFYVGGYKRSGMPTDSRVTVNNVLLYNRQLNAEEIRTLFLSQDL
IGTEAHMD
;
A,B,C
2 'polypeptide(L)'
;VKLQQSGVELVRPGTSVKMSCKAVGYTFTYDWIGWVKQRPGHGLEWIGDIYLGGGYINYNEKFKGKVILTADTSSSTAYM
QLSSLTSEDSAIYYCARGHYDGSYFDYWGQGTTLTVSSAKTTAPSVYPLAPVCGDTSGSSVTLGCLVKGYFPEPVTLTWN
SGSLSSGVHTFPAVLQSDLYTLSSSVTVTSSTWPSQSITCNVAHPASSTKVDKKIEPRGPTI
;
H,I,J
3 'polypeptide(L)'
;DVLMTQTPTIMSASIGEEITLTCSASSSVSHMHWYQHKSGTSPKLLIYITSYLASGVPSRFSGSGSGTFYSLTISSVEAE
DAADYYCHQWSTFPSTFGSGTKLEIKRADAAPTVSIFPPSSEQLTSGGASVVCFLNNFYPKDINVKWKIDGSERQNGVLN
SWTDQDSKDSTYSMSSTLTLTKDEYERHNSYTCEATHKTSTSPIVKSFNRNEC
;
L,M,N
#
# COMPACT_ATOMS: atom_id res chain seq x y z
N SER A 14 -13.85 -0.37 55.01
CA SER A 14 -15.22 -0.25 55.61
C SER A 14 -16.13 -1.47 55.33
N LEU A 15 -16.71 -2.04 56.38
CA LEU A 15 -17.97 -2.79 56.26
C LEU A 15 -18.73 -2.02 57.32
N ALA A 16 -20.05 -1.91 57.23
CA ALA A 16 -20.75 -1.02 58.15
C ALA A 16 -20.48 -1.39 59.58
N PRO A 17 -20.82 -0.47 60.51
CA PRO A 17 -21.02 -0.83 61.89
C PRO A 17 -22.28 -1.69 61.99
N GLY A 18 -22.17 -2.81 62.70
CA GLY A 18 -23.27 -3.74 62.88
C GLY A 18 -23.26 -4.84 61.85
N SER A 19 -22.64 -4.59 60.68
CA SER A 19 -22.49 -5.60 59.64
C SER A 19 -21.38 -6.61 59.96
N SER A 20 -21.35 -7.74 59.26
CA SER A 20 -20.44 -8.89 59.55
C SER A 20 -20.41 -9.84 58.35
N ARG A 21 -19.47 -10.80 58.34
CA ARG A 21 -19.41 -11.80 57.24
C ARG A 21 -18.71 -13.08 57.61
N VAL A 22 -18.79 -14.05 56.70
CA VAL A 22 -18.07 -15.32 56.81
C VAL A 22 -17.44 -15.68 55.49
N GLU A 23 -16.40 -16.50 55.56
CA GLU A 23 -15.75 -16.94 54.35
C GLU A 23 -16.47 -18.18 53.82
N LEU A 24 -17.58 -17.99 53.10
CA LEU A 24 -18.47 -19.12 52.75
C LEU A 24 -17.92 -20.12 51.73
N PHE A 25 -17.31 -19.60 50.66
CA PHE A 25 -16.61 -20.44 49.70
C PHE A 25 -15.17 -20.10 49.97
N LYS A 26 -14.54 -20.90 50.80
CA LYS A 26 -13.19 -20.64 51.23
C LYS A 26 -12.13 -21.23 50.27
N ARG A 27 -11.35 -20.36 49.65
CA ARG A 27 -10.29 -20.73 48.72
C ARG A 27 -9.32 -21.75 49.32
N GLN A 28 -8.94 -22.72 48.50
CA GLN A 28 -8.04 -23.82 48.85
C GLN A 28 -8.40 -24.51 50.15
N SER A 29 -9.70 -24.56 50.42
CA SER A 29 -10.19 -25.08 51.67
C SER A 29 -11.49 -25.82 51.50
N SER A 30 -12.54 -25.10 51.09
CA SER A 30 -13.86 -25.70 50.79
C SER A 30 -13.78 -26.88 49.82
N LYS A 31 -14.57 -27.90 50.09
CA LYS A 31 -14.57 -29.06 49.19
C LYS A 31 -15.90 -29.17 48.48
N VAL A 32 -15.88 -29.78 47.30
CA VAL A 32 -17.09 -29.98 46.52
C VAL A 32 -17.18 -31.43 46.04
N PRO A 33 -18.41 -31.95 45.82
CA PRO A 33 -18.58 -33.28 45.21
C PRO A 33 -18.20 -33.33 43.75
N PHE A 34 -16.91 -33.62 43.51
CA PHE A 34 -16.37 -33.73 42.17
C PHE A 34 -16.63 -35.10 41.62
N GLU A 35 -17.44 -35.14 40.58
CA GLU A 35 -17.86 -36.37 39.96
C GLU A 35 -17.12 -36.50 38.65
N LYS A 36 -16.56 -37.69 38.41
CA LYS A 36 -15.87 -38.00 37.15
C LYS A 36 -15.95 -39.49 36.98
N ASP A 37 -16.40 -39.91 35.80
CA ASP A 37 -16.53 -41.34 35.44
C ASP A 37 -17.36 -42.07 36.50
N GLY A 38 -18.46 -41.45 36.89
CA GLY A 38 -19.41 -42.05 37.84
C GLY A 38 -18.92 -42.21 39.28
N LYS A 39 -17.71 -41.76 39.57
CA LYS A 39 -17.25 -41.72 40.96
C LYS A 39 -17.21 -40.26 41.46
N VAL A 40 -17.71 -40.05 42.66
CA VAL A 40 -17.67 -38.74 43.30
C VAL A 40 -16.51 -38.68 44.28
N THR A 41 -15.86 -37.52 44.38
CA THR A 41 -14.86 -37.29 45.45
C THR A 41 -14.99 -35.90 46.01
N GLU A 42 -14.91 -35.77 47.33
CA GLU A 42 -14.83 -34.44 47.92
C GLU A 42 -13.49 -33.83 47.56
N ARG A 43 -13.50 -32.74 46.81
CA ARG A 43 -12.27 -32.20 46.27
C ARG A 43 -12.14 -30.78 46.68
N VAL A 44 -10.91 -30.40 47.04
CA VAL A 44 -10.59 -29.01 47.42
C VAL A 44 -10.58 -28.14 46.18
N VAL A 45 -11.08 -26.92 46.29
CA VAL A 45 -11.15 -25.97 45.17
C VAL A 45 -10.16 -24.83 45.39
N HIS A 46 -9.45 -24.44 44.34
CA HIS A 46 -8.41 -23.42 44.47
C HIS A 46 -9.06 -22.08 44.66
N SER A 47 -9.97 -21.73 43.75
CA SER A 47 -10.62 -20.43 43.77
C SER A 47 -12.12 -20.49 43.42
N PHE A 48 -12.88 -19.58 44.01
CA PHE A 48 -14.31 -19.45 43.74
C PHE A 48 -14.52 -18.07 43.16
N ARG A 49 -15.25 -17.94 42.05
CA ARG A 49 -15.50 -16.63 41.38
C ARG A 49 -16.91 -16.52 40.79
N LEU A 50 -17.28 -15.31 40.33
CA LEU A 50 -18.55 -15.07 39.60
C LEU A 50 -19.84 -15.32 40.39
N PRO A 51 -19.93 -14.75 41.61
CA PRO A 51 -20.98 -15.06 42.59
C PRO A 51 -22.36 -14.68 42.07
N ALA A 52 -23.37 -15.43 42.50
CA ALA A 52 -24.75 -15.11 42.22
C ALA A 52 -25.53 -15.60 43.43
N LEU A 53 -26.14 -14.67 44.14
CA LEU A 53 -26.86 -14.98 45.35
C LEU A 53 -28.34 -14.69 45.12
N VAL A 54 -29.20 -15.69 45.29
CA VAL A 54 -30.63 -15.53 45.00
C VAL A 54 -31.51 -16.09 46.10
N ASN A 55 -32.80 -15.83 46.01
CA ASN A 55 -33.74 -16.42 46.93
C ASN A 55 -34.82 -17.25 46.21
N VAL A 56 -34.89 -18.53 46.47
CA VAL A 56 -35.88 -19.35 45.80
C VAL A 56 -36.88 -19.78 46.82
N ASP A 57 -38.00 -19.07 46.91
CA ASP A 57 -39.13 -19.49 47.74
C ASP A 57 -38.73 -19.68 49.21
N GLY A 58 -37.90 -18.77 49.72
CA GLY A 58 -37.38 -18.89 51.06
C GLY A 58 -36.05 -19.66 51.18
N VAL A 59 -35.52 -20.20 50.09
CA VAL A 59 -34.23 -20.90 50.15
C VAL A 59 -33.14 -20.09 49.49
N MET A 60 -32.17 -19.65 50.29
CA MET A 60 -31.03 -18.89 49.84
C MET A 60 -30.12 -19.80 49.06
N VAL A 61 -29.84 -19.42 47.82
CA VAL A 61 -28.95 -20.21 46.96
C VAL A 61 -27.84 -19.32 46.43
N ALA A 62 -26.61 -19.80 46.57
CA ALA A 62 -25.43 -19.12 46.04
C ALA A 62 -24.79 -20.01 44.99
N ILE A 63 -24.58 -19.46 43.81
CA ILE A 63 -23.98 -20.16 42.69
C ILE A 63 -22.70 -19.44 42.29
N ALA A 64 -21.67 -20.22 41.94
CA ALA A 64 -20.37 -19.67 41.54
C ALA A 64 -19.54 -20.63 40.72
N ASP A 65 -18.39 -20.13 40.26
CA ASP A 65 -17.37 -20.91 39.58
C ASP A 65 -16.59 -21.64 40.62
N ALA A 66 -16.49 -22.96 40.48
CA ALA A 66 -15.52 -23.71 41.26
C ALA A 66 -14.32 -23.97 40.36
N ARG A 67 -13.25 -23.25 40.63
CA ARG A 67 -12.04 -23.40 39.84
C ARG A 67 -11.06 -24.24 40.64
N TYR A 68 -10.90 -25.46 40.18
CA TYR A 68 -10.31 -26.52 40.96
C TYR A 68 -8.84 -26.35 41.21
N GLU A 69 -8.04 -26.06 40.18
CA GLU A 69 -6.59 -26.08 40.36
C GLU A 69 -5.95 -24.72 40.33
N THR A 70 -6.50 -23.85 39.52
CA THR A 70 -5.88 -22.56 39.33
C THR A 70 -6.98 -21.50 39.30
N SER A 71 -6.62 -20.23 39.44
CA SER A 71 -7.65 -19.19 39.35
C SER A 71 -7.96 -18.83 37.90
N PHE A 72 -7.08 -19.21 36.98
CA PHE A 72 -7.21 -18.82 35.57
C PHE A 72 -8.57 -19.08 34.93
N ASP A 73 -9.06 -18.12 34.12
CA ASP A 73 -10.32 -18.31 33.38
C ASP A 73 -10.28 -19.58 32.53
N ASN A 74 -9.11 -19.92 31.99
CA ASN A 74 -8.97 -21.09 31.14
C ASN A 74 -8.42 -22.25 31.90
N SER A 75 -9.26 -22.92 32.68
CA SER A 75 -8.82 -24.01 33.54
C SER A 75 -9.97 -24.93 33.82
N LEU A 76 -9.74 -25.95 34.65
CA LEU A 76 -10.84 -26.85 35.02
C LEU A 76 -11.88 -26.20 35.95
N ILE A 77 -13.11 -26.04 35.47
CA ILE A 77 -14.13 -25.33 36.24
C ILE A 77 -15.48 -26.02 36.17
N ASP A 78 -16.09 -26.19 37.36
CA ASP A 78 -17.50 -26.62 37.53
C ASP A 78 -18.31 -25.48 38.11
N THR A 79 -19.62 -25.72 38.20
CA THR A 79 -20.51 -24.72 38.80
C THR A 79 -21.02 -25.24 40.12
N VAL A 80 -20.59 -24.59 41.19
CA VAL A 80 -20.96 -24.98 42.53
C VAL A 80 -22.19 -24.19 43.01
N ALA A 81 -23.00 -24.85 43.82
CA ALA A 81 -24.18 -24.25 44.41
C ALA A 81 -24.21 -24.60 45.89
N LYS A 82 -24.38 -23.60 46.75
CA LYS A 82 -24.60 -23.84 48.17
C LYS A 82 -25.97 -23.29 48.48
N TYR A 83 -26.71 -23.97 49.34
CA TYR A 83 -28.02 -23.47 49.69
C TYR A 83 -28.32 -23.60 51.17
N SER A 84 -29.03 -22.62 51.69
CA SER A 84 -29.32 -22.53 53.11
C SER A 84 -30.81 -22.37 53.35
N VAL A 85 -31.27 -22.96 54.43
CA VAL A 85 -32.66 -22.77 54.79
C VAL A 85 -32.82 -21.91 56.03
N ASP A 86 -31.74 -21.32 56.49
CA ASP A 86 -31.81 -20.56 57.72
C ASP A 86 -31.15 -19.21 57.55
N ASP A 87 -31.42 -18.58 56.40
CA ASP A 87 -30.86 -17.26 56.08
C ASP A 87 -29.34 -17.25 56.24
N GLY A 88 -28.70 -18.33 55.82
CA GLY A 88 -27.25 -18.33 55.69
C GLY A 88 -26.47 -18.73 56.92
N GLU A 89 -27.15 -19.27 57.93
CA GLU A 89 -26.42 -19.76 59.08
C GLU A 89 -25.61 -21.00 58.72
N THR A 90 -26.24 -21.92 57.99
CA THR A 90 -25.63 -23.20 57.59
C THR A 90 -26.03 -23.47 56.14
N TRP A 91 -25.19 -24.24 55.44
CA TRP A 91 -25.36 -24.45 54.00
C TRP A 91 -25.08 -25.88 53.63
N GLU A 92 -25.76 -26.35 52.59
CA GLU A 92 -25.40 -27.60 51.93
C GLU A 92 -24.67 -27.26 50.62
N THR A 93 -23.77 -28.14 50.19
CA THR A 93 -22.98 -27.86 48.99
C THR A 93 -23.18 -28.89 47.90
N GLN A 94 -23.41 -28.45 46.67
CA GLN A 94 -23.41 -29.36 45.53
C GLN A 94 -22.78 -28.73 44.29
N ILE A 95 -22.47 -29.55 43.29
CA ILE A 95 -22.11 -29.02 41.98
C ILE A 95 -23.38 -29.02 41.16
N ALA A 96 -23.74 -27.88 40.60
CA ALA A 96 -24.99 -27.77 39.83
C ALA A 96 -24.82 -28.18 38.37
N ILE A 97 -23.67 -27.80 37.79
CA ILE A 97 -23.31 -28.16 36.41
C ILE A 97 -21.84 -28.54 36.36
N LYS A 98 -21.54 -29.69 35.77
CA LYS A 98 -20.16 -30.17 35.67
C LYS A 98 -19.69 -30.01 34.23
N ASN A 99 -18.40 -29.87 34.01
CA ASN A 99 -17.93 -29.73 32.64
C ASN A 99 -17.73 -31.10 32.01
N SER A 100 -17.25 -31.04 30.78
CA SER A 100 -17.08 -32.21 29.93
C SER A 100 -15.99 -33.16 30.38
N ARG A 101 -15.11 -32.70 31.27
CA ARG A 101 -13.93 -33.47 31.73
C ARG A 101 -12.94 -33.86 30.62
N ALA A 102 -13.15 -33.31 29.41
CA ALA A 102 -12.39 -33.65 28.21
C ALA A 102 -10.90 -33.34 28.29
N SER A 103 -10.54 -32.31 29.05
CA SER A 103 -9.15 -31.91 29.19
C SER A 103 -8.96 -31.16 30.49
N SER A 104 -7.73 -30.71 30.74
CA SER A 104 -7.44 -29.97 31.94
C SER A 104 -8.03 -28.54 31.90
N VAL A 105 -8.51 -28.11 30.74
CA VAL A 105 -9.19 -26.81 30.67
C VAL A 105 -10.68 -26.88 30.36
N SER A 106 -11.27 -28.07 30.44
CA SER A 106 -12.73 -28.19 30.29
C SER A 106 -13.40 -27.37 31.38
N ARG A 107 -14.42 -26.62 31.01
CA ARG A 107 -14.98 -25.64 31.94
C ARG A 107 -16.39 -25.21 31.59
N VAL A 108 -17.18 -24.97 32.63
CA VAL A 108 -18.46 -24.31 32.47
C VAL A 108 -18.37 -22.96 33.17
N VAL A 109 -18.59 -21.91 32.36
CA VAL A 109 -18.14 -20.58 32.70
C VAL A 109 -19.30 -19.60 32.66
N ASP A 110 -19.12 -18.49 33.38
CA ASP A 110 -20.12 -17.41 33.49
C ASP A 110 -21.51 -17.92 33.75
N PRO A 111 -21.70 -18.64 34.88
CA PRO A 111 -23.03 -19.04 35.23
C PRO A 111 -23.87 -17.80 35.54
N THR A 112 -25.07 -17.80 34.97
CA THR A 112 -25.99 -16.70 35.09
C THR A 112 -27.34 -17.28 35.47
N VAL A 113 -27.94 -16.69 36.51
CA VAL A 113 -29.02 -17.33 37.23
C VAL A 113 -30.31 -16.55 37.09
N ILE A 114 -31.40 -17.26 36.76
CA ILE A 114 -32.77 -16.73 36.90
C ILE A 114 -33.61 -17.63 37.80
N VAL A 115 -34.35 -16.99 38.71
CA VAL A 115 -35.29 -17.69 39.59
C VAL A 115 -36.70 -17.44 39.11
N LYS A 116 -37.46 -18.50 38.88
CA LYS A 116 -38.87 -18.38 38.59
C LYS A 116 -39.57 -19.51 39.33
N GLY A 117 -40.52 -19.16 40.18
CA GLY A 117 -41.19 -20.13 41.05
C GLY A 117 -40.14 -20.79 41.92
N ASN A 118 -40.14 -22.11 41.93
CA ASN A 118 -39.14 -22.87 42.65
C ASN A 118 -38.09 -23.48 41.67
N LYS A 119 -38.00 -22.91 40.48
CA LYS A 119 -37.01 -23.37 39.50
C LYS A 119 -35.85 -22.39 39.39
N LEU A 120 -34.63 -22.94 39.38
CA LEU A 120 -33.39 -22.21 39.11
C LEU A 120 -32.89 -22.51 37.69
N TYR A 121 -32.95 -21.50 36.81
CA TYR A 121 -32.38 -21.59 35.48
C TYR A 121 -30.98 -21.04 35.50
N VAL A 122 -30.01 -21.91 35.21
CA VAL A 122 -28.60 -21.54 35.18
C VAL A 122 -28.06 -21.68 33.77
N LEU A 123 -27.46 -20.59 33.27
CA LEU A 123 -26.95 -20.54 31.91
C LEU A 123 -25.44 -20.38 31.90
N VAL A 124 -24.79 -21.37 31.31
CA VAL A 124 -23.34 -21.41 31.29
C VAL A 124 -22.80 -21.62 29.89
N GLY A 125 -21.60 -21.07 29.70
CA GLY A 125 -20.77 -21.42 28.55
C GLY A 125 -20.07 -22.73 28.86
N SER A 126 -19.76 -23.48 27.80
CA SER A 126 -19.11 -24.75 27.98
C SER A 126 -18.03 -24.95 26.95
N TYR A 127 -16.81 -25.17 27.46
CA TYR A 127 -15.65 -25.36 26.65
C TYR A 127 -14.95 -26.66 26.98
N ASN A 128 -14.29 -27.23 25.97
CA ASN A 128 -13.65 -28.53 26.12
C ASN A 128 -12.15 -28.51 26.23
N SER A 129 -11.48 -27.81 25.32
CA SER A 129 -10.01 -27.76 25.35
C SER A 129 -9.31 -26.51 24.84
N SER A 130 -10.07 -25.44 24.56
CA SER A 130 -9.47 -24.17 24.17
C SER A 130 -8.61 -23.53 25.27
N ARG A 131 -7.42 -23.08 24.89
CA ARG A 131 -6.52 -22.47 25.87
C ARG A 131 -6.54 -20.95 25.86
N SER A 132 -7.12 -20.36 24.81
CA SER A 132 -7.17 -18.91 24.67
C SER A 132 -8.50 -18.36 25.18
N TYR A 133 -8.54 -17.07 25.48
CA TYR A 133 -9.78 -16.50 25.97
C TYR A 133 -10.87 -16.57 24.92
N TRP A 134 -12.09 -16.83 25.37
CA TRP A 134 -13.19 -17.06 24.44
C TRP A 134 -13.35 -16.02 23.33
N THR A 135 -13.09 -14.75 23.64
CA THR A 135 -13.32 -13.70 22.63
C THR A 135 -12.32 -13.69 21.48
N SER A 136 -11.12 -14.17 21.76
CA SER A 136 -10.10 -14.27 20.75
C SER A 136 -10.24 -15.52 19.81
N HIS A 137 -11.12 -16.46 20.15
CA HIS A 137 -11.37 -17.62 19.29
C HIS A 137 -11.73 -17.24 17.85
N GLY A 138 -11.36 -18.08 16.89
CA GLY A 138 -11.61 -17.83 15.47
C GLY A 138 -12.90 -18.42 14.94
N ASP A 139 -13.43 -19.38 15.71
CA ASP A 139 -14.75 -19.96 15.51
C ASP A 139 -15.30 -20.66 16.76
N ALA A 140 -16.47 -21.25 16.59
CA ALA A 140 -17.23 -21.74 17.74
C ALA A 140 -16.97 -23.19 18.05
N ARG A 141 -15.91 -23.77 17.50
CA ARG A 141 -15.75 -25.21 17.57
C ARG A 141 -15.67 -25.75 18.98
N ASP A 142 -15.16 -24.97 19.92
CA ASP A 142 -15.00 -25.48 21.29
C ASP A 142 -16.16 -25.14 22.21
N TRP A 143 -17.17 -24.48 21.67
CA TRP A 143 -18.17 -23.80 22.50
C TRP A 143 -19.54 -24.41 22.44
N ASP A 144 -20.17 -24.49 23.59
CA ASP A 144 -21.60 -24.70 23.64
C ASP A 144 -22.12 -23.77 24.72
N ILE A 145 -23.41 -23.53 24.62
CA ILE A 145 -24.16 -22.73 25.59
C ILE A 145 -25.20 -23.66 26.21
N LEU A 146 -25.14 -23.81 27.53
CA LEU A 146 -26.00 -24.81 28.18
C LEU A 146 -26.96 -24.20 29.19
N LEU A 147 -28.15 -24.78 29.25
CA LEU A 147 -29.16 -24.39 30.23
C LEU A 147 -29.50 -25.56 31.12
N ALA A 148 -29.18 -25.43 32.40
CA ALA A 148 -29.48 -26.48 33.38
C ALA A 148 -30.47 -25.91 34.36
N VAL A 149 -31.41 -26.73 34.80
CA VAL A 149 -32.48 -26.27 35.72
C VAL A 149 -32.52 -27.03 37.03
N GLY A 150 -32.57 -26.29 38.13
CA GLY A 150 -32.71 -26.89 39.45
C GLY A 150 -34.13 -26.76 39.96
N GLU A 151 -34.61 -27.82 40.60
CA GLU A 151 -35.90 -27.80 41.25
C GLU A 151 -35.68 -27.75 42.75
N VAL A 152 -36.19 -26.69 43.37
CA VAL A 152 -35.99 -26.48 44.78
C VAL A 152 -37.23 -27.02 45.52
N THR A 153 -37.01 -27.79 46.58
CA THR A 153 -38.11 -28.40 47.38
C THR A 153 -37.91 -28.17 48.88
N LYS A 154 -39.01 -27.97 49.60
CA LYS A 154 -38.94 -27.76 51.04
C LYS A 154 -39.82 -28.74 51.79
N SER A 155 -39.19 -29.52 52.65
CA SER A 155 -39.88 -30.48 53.51
C SER A 155 -39.84 -29.97 54.95
N THR A 156 -40.67 -30.49 55.86
CA THR A 156 -40.54 -30.10 57.28
C THR A 156 -40.76 -31.24 58.26
N ALA A 157 -39.70 -31.93 58.63
CA ALA A 157 -39.81 -32.94 59.67
C ALA A 157 -39.81 -32.27 61.05
N GLY A 158 -40.80 -32.61 61.88
CA GLY A 158 -41.06 -31.93 63.13
C GLY A 158 -41.05 -30.42 62.96
N GLY A 159 -40.17 -29.74 63.69
CA GLY A 159 -40.02 -28.32 63.54
C GLY A 159 -39.07 -27.95 62.42
N LYS A 160 -38.40 -28.93 61.81
CA LYS A 160 -37.16 -28.67 61.05
C LYS A 160 -37.24 -28.57 59.52
N ILE A 161 -36.92 -27.39 58.98
CA ILE A 161 -36.99 -27.12 57.54
C ILE A 161 -35.77 -27.72 56.80
N THR A 162 -36.04 -28.53 55.77
CA THR A 162 -34.96 -29.24 55.07
C THR A 162 -35.22 -29.08 53.59
N ALA A 163 -34.30 -28.46 52.87
CA ALA A 163 -34.50 -28.31 51.42
C ALA A 163 -33.64 -29.26 50.63
N SER A 164 -34.02 -29.50 49.39
CA SER A 164 -33.11 -30.14 48.44
C SER A 164 -33.31 -29.56 47.05
N ILE A 165 -32.22 -29.54 46.28
CA ILE A 165 -32.25 -29.05 44.92
C ILE A 165 -31.79 -30.14 44.00
N LYS A 166 -32.71 -30.59 43.13
CA LYS A 166 -32.46 -31.58 42.09
C LYS A 166 -32.04 -30.81 40.83
N TRP A 167 -30.84 -31.05 40.36
CA TRP A 167 -30.38 -30.40 39.14
C TRP A 167 -30.65 -31.25 37.90
N GLY A 168 -31.15 -30.61 36.85
CA GLY A 168 -31.35 -31.28 35.56
C GLY A 168 -30.05 -31.46 34.75
N SER A 169 -30.06 -32.39 33.82
CA SER A 169 -28.94 -32.54 32.91
C SER A 169 -28.97 -31.32 32.00
N PRO A 170 -27.81 -30.71 31.68
CA PRO A 170 -27.88 -29.45 30.94
C PRO A 170 -28.39 -29.66 29.51
N VAL A 171 -28.99 -28.63 28.92
CA VAL A 171 -29.53 -28.72 27.56
C VAL A 171 -28.82 -27.63 26.75
N SER A 172 -28.41 -27.97 25.52
CA SER A 172 -27.75 -27.01 24.64
C SER A 172 -28.76 -26.04 24.04
N LEU A 173 -28.47 -24.75 24.13
CA LEU A 173 -29.34 -23.76 23.51
C LEU A 173 -28.80 -23.28 22.16
N LYS A 174 -27.72 -23.92 21.71
CA LYS A 174 -27.02 -23.51 20.49
C LYS A 174 -27.93 -23.31 19.27
N GLU A 175 -28.95 -24.14 19.14
CA GLU A 175 -29.81 -24.06 17.98
C GLU A 175 -30.52 -22.73 17.87
N PHE A 176 -30.52 -21.96 18.94
CA PHE A 176 -31.17 -20.66 18.92
C PHE A 176 -30.18 -19.54 18.63
N PHE A 177 -28.96 -19.89 18.25
CA PHE A 177 -27.94 -18.87 17.95
C PHE A 177 -27.80 -18.62 16.45
N PRO A 178 -28.27 -17.46 15.97
CA PRO A 178 -28.24 -17.16 14.54
C PRO A 178 -26.83 -17.09 13.90
N ALA A 179 -26.75 -17.33 12.59
CA ALA A 179 -25.50 -17.20 11.86
C ALA A 179 -25.18 -15.73 11.66
N GLU A 180 -26.22 -14.92 11.57
CA GLU A 180 -26.07 -13.50 11.27
C GLU A 180 -26.94 -12.70 12.23
N MET A 181 -26.38 -11.60 12.71
CA MET A 181 -27.10 -10.61 13.46
C MET A 181 -26.92 -9.39 12.61
N GLU A 182 -27.80 -8.42 12.73
CA GLU A 182 -27.93 -7.39 11.72
C GLU A 182 -26.58 -6.98 11.12
N GLY A 183 -26.30 -7.49 9.92
CA GLY A 183 -25.11 -7.13 9.14
C GLY A 183 -23.71 -7.52 9.63
N MET A 184 -23.60 -8.59 10.42
CA MET A 184 -22.31 -9.11 10.86
C MET A 184 -22.53 -10.60 11.03
N HIS A 185 -21.48 -11.40 11.11
CA HIS A 185 -21.64 -12.85 11.37
C HIS A 185 -21.26 -13.17 12.79
N THR A 186 -21.90 -14.16 13.38
CA THR A 186 -21.70 -14.45 14.79
C THR A 186 -20.59 -15.47 15.02
N ASN A 187 -20.04 -15.48 16.22
CA ASN A 187 -19.05 -16.46 16.68
C ASN A 187 -19.56 -17.24 17.88
N GLN A 188 -19.60 -16.57 19.04
CA GLN A 188 -20.05 -17.19 20.29
C GLN A 188 -20.84 -16.22 21.12
N PHE A 189 -21.51 -16.74 22.15
CA PHE A 189 -22.13 -15.91 23.19
C PHE A 189 -22.18 -16.55 24.57
N LEU A 190 -22.27 -15.69 25.58
CA LEU A 190 -22.26 -16.08 27.00
C LEU A 190 -23.23 -15.24 27.84
N GLY A 191 -23.64 -15.77 28.99
CA GLY A 191 -24.40 -14.99 29.95
C GLY A 191 -23.61 -13.79 30.49
N GLY A 192 -24.29 -12.85 31.13
CA GLY A 192 -23.63 -11.69 31.70
C GLY A 192 -23.05 -12.00 33.04
N ALA A 193 -23.19 -13.27 33.45
CA ALA A 193 -22.82 -13.74 34.79
C ALA A 193 -23.79 -13.19 35.84
N GLY A 194 -23.66 -13.61 37.10
CA GLY A 194 -24.56 -13.09 38.15
C GLY A 194 -26.03 -13.47 37.99
N VAL A 195 -26.92 -12.54 38.33
CA VAL A 195 -28.37 -12.80 38.36
C VAL A 195 -29.18 -12.06 37.27
N ALA A 196 -29.84 -12.82 36.41
CA ALA A 196 -30.78 -12.27 35.41
C ALA A 196 -32.20 -12.26 35.95
N ILE A 197 -33.22 -12.07 35.12
CA ILE A 197 -34.56 -11.74 35.62
C ILE A 197 -35.73 -12.45 34.93
N VAL A 198 -36.88 -12.44 35.59
CA VAL A 198 -38.14 -12.80 34.93
C VAL A 198 -38.89 -11.50 34.66
N ALA A 199 -39.16 -11.18 33.39
CA ALA A 199 -39.88 -9.94 33.09
C ALA A 199 -41.29 -10.03 33.64
N SER A 200 -41.89 -8.88 33.91
CA SER A 200 -43.21 -8.84 34.51
C SER A 200 -44.26 -9.53 33.62
N ASN A 201 -43.93 -9.74 32.34
CA ASN A 201 -44.77 -10.54 31.47
C ASN A 201 -44.43 -12.03 31.50
N GLY A 202 -43.52 -12.44 32.37
CA GLY A 202 -43.23 -13.85 32.51
C GLY A 202 -42.12 -14.42 31.64
N ASN A 203 -41.59 -13.62 30.71
CA ASN A 203 -40.42 -14.04 29.93
C ASN A 203 -39.17 -14.26 30.79
N LEU A 204 -38.40 -15.31 30.49
CA LEU A 204 -37.06 -15.43 31.05
C LEU A 204 -36.11 -14.55 30.25
N VAL A 205 -35.43 -13.62 30.92
CA VAL A 205 -34.53 -12.68 30.21
C VAL A 205 -33.08 -12.76 30.67
N TYR A 206 -32.19 -13.16 29.75
CA TYR A 206 -30.76 -13.17 30.01
C TYR A 206 -30.09 -12.10 29.17
N PRO A 207 -29.44 -11.11 29.83
CA PRO A 207 -28.60 -10.26 29.01
C PRO A 207 -27.34 -11.04 28.65
N VAL A 208 -26.97 -11.08 27.38
CA VAL A 208 -25.85 -11.92 26.97
C VAL A 208 -24.78 -11.13 26.25
N GLN A 209 -23.54 -11.62 26.41
CA GLN A 209 -22.43 -11.05 25.69
C GLN A 209 -22.11 -11.90 24.46
N VAL A 210 -21.90 -11.22 23.33
CA VAL A 210 -21.79 -11.91 22.05
C VAL A 210 -20.61 -11.40 21.25
N THR A 211 -19.95 -12.32 20.54
CA THR A 211 -18.85 -11.94 19.63
C THR A 211 -19.22 -12.15 18.18
N ASN A 212 -18.76 -11.27 17.29
CA ASN A 212 -18.87 -11.46 15.85
C ASN A 212 -17.55 -11.98 15.28
N LYS A 213 -17.44 -12.10 13.96
CA LYS A 213 -16.25 -12.70 13.37
C LYS A 213 -15.06 -11.75 13.40
N LYS A 214 -15.34 -10.47 13.66
CA LYS A 214 -14.34 -9.42 13.78
C LYS A 214 -13.84 -9.39 15.22
N LYS A 215 -14.34 -10.33 16.01
CA LYS A 215 -14.00 -10.50 17.41
C LYS A 215 -14.31 -9.26 18.22
N GLN A 216 -15.41 -8.58 17.87
CA GLN A 216 -15.90 -7.46 18.69
C GLN A 216 -16.86 -8.09 19.67
N VAL A 217 -16.95 -7.54 20.88
CA VAL A 217 -17.95 -8.04 21.82
C VAL A 217 -19.08 -7.02 21.95
N PHE A 218 -20.30 -7.51 22.19
CA PHE A 218 -21.45 -6.62 22.37
C PHE A 218 -22.53 -7.33 23.15
N SER A 219 -23.49 -6.58 23.67
CA SER A 219 -24.53 -7.16 24.49
C SER A 219 -25.87 -7.21 23.79
N LYS A 220 -26.62 -8.26 24.02
CA LYS A 220 -27.97 -8.42 23.46
C LYS A 220 -28.93 -8.91 24.55
N ILE A 221 -30.23 -8.88 24.23
CA ILE A 221 -31.23 -9.50 25.08
C ILE A 221 -31.59 -10.86 24.49
N PHE A 222 -31.34 -11.92 25.26
CA PHE A 222 -31.64 -13.31 24.88
C PHE A 222 -32.72 -13.83 25.81
N TYR A 223 -33.94 -14.03 25.28
CA TYR A 223 -35.09 -14.31 26.15
C TYR A 223 -35.89 -15.53 25.71
N SER A 224 -36.68 -16.07 26.65
CA SER A 224 -37.62 -17.15 26.37
C SER A 224 -39.03 -16.78 26.77
N GLU A 225 -39.96 -17.01 25.87
CA GLU A 225 -41.34 -16.76 26.17
C GLU A 225 -42.03 -18.02 26.69
N ASP A 226 -41.32 -19.13 26.76
CA ASP A 226 -41.99 -20.40 27.02
C ASP A 226 -41.35 -21.27 28.10
N GLU A 227 -40.96 -20.64 29.21
CA GLU A 227 -40.31 -21.30 30.35
C GLU A 227 -38.99 -21.97 29.99
N GLY A 228 -38.30 -21.40 29.02
CA GLY A 228 -37.00 -21.89 28.57
C GLY A 228 -36.99 -23.09 27.65
N LYS A 229 -38.07 -23.35 26.92
CA LYS A 229 -38.01 -24.39 25.91
C LYS A 229 -37.31 -23.84 24.67
N THR A 230 -37.65 -22.61 24.29
CA THR A 230 -37.07 -22.00 23.12
C THR A 230 -36.68 -20.56 23.42
N TRP A 231 -35.72 -20.03 22.65
CA TRP A 231 -35.09 -18.74 22.93
C TRP A 231 -34.94 -17.82 21.73
N LYS A 232 -35.13 -16.52 21.96
CA LYS A 232 -35.00 -15.50 20.91
C LYS A 232 -34.00 -14.42 21.27
N PHE A 233 -33.43 -13.75 20.26
CA PHE A 233 -32.60 -12.55 20.49
C PHE A 233 -33.34 -11.30 20.05
N GLY A 234 -33.39 -10.27 20.88
CA GLY A 234 -33.92 -9.01 20.39
C GLY A 234 -33.04 -8.48 19.26
N LYS A 235 -33.65 -7.79 18.30
CA LYS A 235 -32.96 -7.27 17.11
C LYS A 235 -31.78 -6.35 17.39
N GLY A 236 -31.90 -5.49 18.40
CA GLY A 236 -30.86 -4.51 18.67
C GLY A 236 -29.80 -4.98 19.63
N ARG A 237 -28.82 -4.09 19.84
CA ARG A 237 -27.66 -4.37 20.68
C ARG A 237 -27.09 -3.11 21.32
N SER A 238 -26.28 -3.31 22.34
CA SER A 238 -25.37 -2.33 22.92
C SER A 238 -24.32 -1.95 21.90
N ALA A 239 -23.55 -0.90 22.21
CA ALA A 239 -22.41 -0.54 21.38
C ALA A 239 -21.32 -1.56 21.58
N PHE A 240 -20.31 -1.53 20.71
CA PHE A 240 -19.29 -2.56 20.77
C PHE A 240 -18.42 -2.40 22.00
N GLY A 241 -17.99 -3.52 22.57
CA GLY A 241 -17.15 -3.48 23.76
C GLY A 241 -17.91 -3.50 25.08
N CYS A 242 -19.25 -3.52 24.99
CA CYS A 242 -20.06 -3.69 26.19
C CYS A 242 -20.12 -5.16 26.48
N SER A 243 -19.61 -5.55 27.63
CA SER A 243 -19.56 -6.97 27.98
C SER A 243 -20.16 -7.13 29.34
N GLU A 244 -20.37 -8.39 29.73
CA GLU A 244 -20.86 -8.72 31.07
C GLU A 244 -22.02 -7.82 31.54
N PRO A 245 -23.08 -7.73 30.72
CA PRO A 245 -24.30 -6.97 30.97
C PRO A 245 -25.13 -7.60 32.10
N VAL A 246 -25.77 -6.74 32.88
CA VAL A 246 -26.69 -7.16 33.93
C VAL A 246 -27.94 -6.33 33.70
N ALA A 247 -29.11 -6.94 33.87
CA ALA A 247 -30.30 -6.18 33.54
C ALA A 247 -31.33 -6.23 34.64
N LEU A 248 -32.19 -5.24 34.70
CA LEU A 248 -33.33 -5.30 35.61
C LEU A 248 -34.53 -4.67 34.90
N GLU A 249 -35.72 -4.84 35.44
CA GLU A 249 -36.86 -4.24 34.79
C GLU A 249 -37.40 -3.10 35.63
N TRP A 250 -37.58 -1.94 34.99
CA TRP A 250 -37.91 -0.70 35.68
C TRP A 250 -38.92 0.12 34.90
N GLU A 251 -40.12 0.14 35.46
CA GLU A 251 -41.26 0.84 34.88
C GLU A 251 -41.42 0.44 33.45
N GLY A 252 -41.63 -0.87 33.28
CA GLY A 252 -41.97 -1.47 32.00
C GLY A 252 -40.81 -1.64 31.04
N LYS A 253 -39.67 -1.01 31.33
CA LYS A 253 -38.48 -1.13 30.48
C LYS A 253 -37.44 -2.07 31.08
N LEU A 254 -36.69 -2.72 30.20
CA LEU A 254 -35.47 -3.40 30.59
C LEU A 254 -34.40 -2.34 30.64
N ILE A 255 -33.70 -2.27 31.77
CA ILE A 255 -32.52 -1.42 31.91
C ILE A 255 -31.29 -2.32 31.90
N ILE A 256 -30.45 -2.12 30.90
CA ILE A 256 -29.30 -2.99 30.72
C ILE A 256 -28.02 -2.20 31.04
N ASN A 257 -27.25 -2.73 31.96
CA ASN A 257 -26.15 -2.00 32.55
C ASN A 257 -24.90 -2.79 32.21
N THR A 258 -23.96 -2.15 31.53
CA THR A 258 -22.87 -2.92 30.94
C THR A 258 -21.50 -2.58 31.45
N ARG A 259 -20.64 -3.59 31.44
CA ARG A 259 -19.20 -3.45 31.63
C ARG A 259 -18.59 -3.01 30.32
N VAL A 260 -17.79 -1.96 30.39
CA VAL A 260 -17.03 -1.50 29.22
C VAL A 260 -15.65 -1.26 29.75
N ASP A 261 -14.71 -2.10 29.33
CA ASP A 261 -13.36 -1.96 29.85
C ASP A 261 -12.77 -0.66 29.41
N TYR A 262 -12.04 -0.01 30.31
CA TYR A 262 -11.30 1.20 29.97
C TYR A 262 -12.14 2.41 29.62
N ARG A 263 -13.46 2.27 29.71
CA ARG A 263 -14.39 3.40 29.58
C ARG A 263 -15.45 3.35 30.67
N ARG A 264 -16.21 4.44 30.77
CA ARG A 264 -17.28 4.54 31.75
C ARG A 264 -18.43 3.61 31.38
N ARG A 265 -19.05 3.00 32.39
CA ARG A 265 -20.18 2.07 32.17
C ARG A 265 -21.36 2.65 31.40
N LEU A 266 -21.69 2.01 30.27
CA LEU A 266 -22.87 2.35 29.48
C LEU A 266 -24.13 1.62 29.96
N VAL A 267 -25.24 2.35 30.01
CA VAL A 267 -26.53 1.81 30.43
C VAL A 267 -27.59 2.14 29.38
N TYR A 268 -28.43 1.15 29.08
CA TYR A 268 -29.42 1.24 28.02
C TYR A 268 -30.81 0.89 28.54
N GLU A 269 -31.82 1.47 27.89
CA GLU A 269 -33.18 1.05 28.13
C GLU A 269 -33.73 0.32 26.89
N SER A 270 -34.65 -0.61 27.08
CA SER A 270 -35.39 -1.16 25.95
C SER A 270 -36.77 -1.56 26.41
N SER A 271 -37.78 -0.98 25.77
CA SER A 271 -39.16 -1.28 26.10
C SER A 271 -39.64 -2.48 25.30
N ASP A 272 -38.92 -2.85 24.25
CA ASP A 272 -39.42 -3.88 23.35
C ASP A 272 -38.55 -5.16 23.32
N MET A 273 -38.27 -5.70 24.51
CA MET A 273 -37.51 -6.95 24.64
C MET A 273 -36.25 -6.92 23.80
N GLY A 274 -35.55 -5.78 23.86
CA GLY A 274 -34.24 -5.64 23.24
C GLY A 274 -34.21 -5.47 21.74
N ASN A 275 -35.36 -5.19 21.14
CA ASN A 275 -35.38 -4.91 19.71
C ASN A 275 -34.79 -3.58 19.40
N THR A 276 -35.13 -2.59 20.19
CA THR A 276 -34.50 -1.31 20.07
C THR A 276 -33.87 -1.01 21.42
N TRP A 277 -32.61 -0.60 21.39
CA TRP A 277 -31.91 -0.23 22.60
C TRP A 277 -31.66 1.25 22.59
N LEU A 278 -31.95 1.93 23.69
CA LEU A 278 -31.69 3.36 23.72
C LEU A 278 -30.81 3.72 24.92
N GLU A 279 -29.73 4.48 24.68
CA GLU A 279 -28.79 4.75 25.76
C GLU A 279 -29.40 5.69 26.77
N ALA A 280 -29.35 5.27 28.04
CA ALA A 280 -30.02 5.91 29.17
C ALA A 280 -29.33 7.17 29.65
N VAL A 281 -29.18 8.10 28.72
CA VAL A 281 -28.35 9.27 28.94
C VAL A 281 -28.90 10.19 30.01
N GLY A 282 -30.22 10.14 30.19
CA GLY A 282 -30.91 11.03 31.10
C GLY A 282 -30.98 10.54 32.52
N THR A 283 -30.47 9.34 32.77
CA THR A 283 -30.42 8.74 34.13
C THR A 283 -29.04 8.15 34.53
N LEU A 284 -28.76 6.91 34.11
CA LEU A 284 -27.69 6.10 34.69
C LEU A 284 -26.48 5.83 33.81
N SER A 285 -26.68 5.98 32.51
CA SER A 285 -25.56 5.76 31.62
C SER A 285 -24.43 6.76 31.90
N ARG A 286 -23.25 6.17 32.03
CA ARG A 286 -21.99 6.90 32.17
C ARG A 286 -21.81 7.52 33.53
N VAL A 287 -22.66 7.11 34.47
CA VAL A 287 -22.53 7.60 35.84
C VAL A 287 -21.32 6.93 36.45
N TRP A 288 -21.24 5.60 36.31
CA TRP A 288 -20.22 4.87 37.02
C TRP A 288 -18.93 4.65 36.23
N GLY A 289 -17.83 5.13 36.79
CA GLY A 289 -16.52 4.86 36.18
C GLY A 289 -15.88 3.63 36.82
N PRO A 290 -15.05 2.91 36.04
CA PRO A 290 -14.45 1.65 36.40
C PRO A 290 -13.24 1.72 37.29
N SER A 291 -12.75 2.94 37.52
CA SER A 291 -11.49 3.23 38.19
C SER A 291 -11.55 4.74 38.29
N PRO A 292 -10.76 5.36 39.20
CA PRO A 292 -10.75 6.80 39.35
C PRO A 292 -10.64 7.53 38.02
N LYS A 293 -9.62 7.19 37.24
CA LYS A 293 -9.44 7.87 35.98
C LYS A 293 -10.21 7.23 34.82
N SER A 294 -11.10 6.27 35.15
CA SER A 294 -11.90 5.53 34.18
C SER A 294 -11.07 4.91 33.05
N ASN A 295 -9.91 4.38 33.40
CA ASN A 295 -8.94 3.95 32.42
C ASN A 295 -8.46 2.56 32.72
N GLN A 296 -9.26 1.78 33.40
CA GLN A 296 -8.87 0.45 33.77
C GLN A 296 -9.88 -0.59 33.31
N PRO A 297 -9.60 -1.88 33.54
CA PRO A 297 -10.63 -2.87 33.28
C PRO A 297 -11.94 -2.67 34.08
N GLY A 298 -13.03 -3.19 33.54
CA GLY A 298 -14.34 -3.05 34.18
C GLY A 298 -14.65 -4.19 35.12
N SER A 299 -15.92 -4.41 35.39
CA SER A 299 -16.28 -5.47 36.36
C SER A 299 -17.68 -6.00 36.19
N GLN A 300 -17.89 -7.15 36.79
CA GLN A 300 -19.22 -7.68 36.99
C GLN A 300 -19.92 -6.89 38.13
N SER A 301 -21.20 -6.59 37.90
CA SER A 301 -21.96 -5.78 38.84
C SER A 301 -23.25 -6.45 39.27
N SER A 302 -23.62 -6.31 40.55
CA SER A 302 -24.96 -6.67 40.99
C SER A 302 -25.78 -5.47 40.62
N PHE A 303 -27.00 -5.71 40.12
CA PHE A 303 -27.87 -4.62 39.69
C PHE A 303 -29.30 -5.12 39.78
N THR A 304 -29.96 -4.80 40.88
CA THR A 304 -31.27 -5.40 41.21
C THR A 304 -32.33 -4.34 41.50
N ALA A 305 -33.59 -4.64 41.20
CA ALA A 305 -34.66 -3.73 41.59
C ALA A 305 -35.36 -4.34 42.79
N VAL A 306 -35.56 -3.55 43.83
CA VAL A 306 -36.16 -4.08 45.06
C VAL A 306 -37.11 -3.09 45.65
N THR A 307 -38.00 -3.56 46.52
CA THR A 307 -38.85 -2.63 47.24
C THR A 307 -38.52 -2.57 48.73
N ILE A 308 -37.97 -1.43 49.13
CA ILE A 308 -37.54 -1.24 50.48
C ILE A 308 -38.38 -0.13 51.10
N GLU A 309 -39.00 -0.41 52.24
CA GLU A 309 -39.79 0.60 52.95
C GLU A 309 -40.77 1.13 51.93
N GLY A 310 -41.47 0.22 51.25
CA GLY A 310 -42.48 0.58 50.25
C GLY A 310 -42.04 1.45 49.08
N MET A 311 -40.74 1.67 48.91
CA MET A 311 -40.26 2.44 47.77
C MET A 311 -39.53 1.54 46.79
N ARG A 312 -39.77 1.75 45.51
CA ARG A 312 -39.18 0.89 44.50
C ARG A 312 -37.81 1.46 44.15
N VAL A 313 -36.74 0.70 44.35
CA VAL A 313 -35.38 1.25 44.16
C VAL A 313 -34.45 0.27 43.46
N MET A 314 -33.26 0.75 43.09
CA MET A 314 -32.25 -0.11 42.48
C MET A 314 -30.98 -0.14 43.35
N LEU A 315 -30.36 -1.31 43.42
CA LEU A 315 -29.09 -1.48 44.12
C LEU A 315 -28.04 -1.98 43.15
N PHE A 316 -26.97 -1.19 43.05
CA PHE A 316 -25.86 -1.41 42.14
C PHE A 316 -24.57 -1.54 42.92
N THR A 317 -23.72 -2.48 42.51
CA THR A 317 -22.39 -2.58 43.08
C THR A 317 -21.32 -2.61 42.01
N HIS A 318 -20.14 -2.09 42.34
CA HIS A 318 -18.96 -2.07 41.45
C HIS A 318 -17.77 -1.64 42.29
N PRO A 319 -16.62 -2.29 42.08
CA PRO A 319 -15.40 -1.97 42.84
C PRO A 319 -14.85 -0.62 42.34
N LEU A 320 -14.23 0.19 43.20
CA LEU A 320 -13.72 1.48 42.74
C LEU A 320 -12.40 1.31 42.03
N ASN A 321 -11.67 0.28 42.42
CA ASN A 321 -10.47 -0.17 41.74
C ASN A 321 -9.45 0.95 41.69
N PHE A 322 -9.12 1.48 42.88
CA PHE A 322 -7.99 2.39 43.09
C PHE A 322 -6.69 1.75 42.70
N LYS A 323 -6.53 0.48 42.99
CA LYS A 323 -5.33 -0.23 42.64
C LYS A 323 -5.06 -0.26 41.16
N GLY A 324 -6.11 -0.38 40.35
CA GLY A 324 -5.92 -0.42 38.90
C GLY A 324 -5.75 -1.83 38.41
N ARG A 325 -5.46 -2.00 37.13
CA ARG A 325 -5.42 -3.30 36.46
C ARG A 325 -6.68 -4.12 36.84
N TRP A 326 -6.58 -5.41 37.12
CA TRP A 326 -7.79 -6.17 37.48
C TRP A 326 -7.99 -6.43 38.95
N LEU A 327 -7.18 -5.76 39.77
CA LEU A 327 -7.23 -5.91 41.20
C LEU A 327 -8.62 -5.62 41.78
N ARG A 328 -9.19 -4.48 41.41
CA ARG A 328 -10.60 -4.16 41.69
C ARG A 328 -10.95 -4.18 43.18
N ASP A 329 -10.13 -3.49 43.94
CA ASP A 329 -10.38 -3.25 45.35
C ASP A 329 -11.56 -2.32 45.58
N ARG A 330 -12.01 -2.24 46.84
CA ARG A 330 -13.02 -1.28 47.31
C ARG A 330 -14.40 -1.42 46.64
N LEU A 331 -15.07 -2.53 46.96
CA LEU A 331 -16.38 -2.83 46.46
C LEU A 331 -17.39 -1.85 47.03
N ASN A 332 -18.07 -1.11 46.14
CA ASN A 332 -19.08 -0.11 46.55
C ASN A 332 -20.53 -0.40 46.21
N LEU A 333 -21.40 0.02 47.12
CA LEU A 333 -22.84 -0.20 46.99
C LEU A 333 -23.51 1.12 46.65
N TRP A 334 -24.36 1.10 45.66
CA TRP A 334 -25.05 2.29 45.24
C TRP A 334 -26.56 2.12 45.36
N LEU A 335 -27.24 3.20 45.82
CA LEU A 335 -28.71 3.21 45.93
C LEU A 335 -29.30 4.28 45.01
N THR A 336 -30.18 3.85 44.12
CA THR A 336 -30.81 4.81 43.22
C THR A 336 -32.29 4.61 43.02
N ASP A 337 -32.99 5.74 42.90
CA ASP A 337 -34.43 5.73 42.58
C ASP A 337 -34.60 6.17 41.14
N ASN A 338 -33.51 6.08 40.39
CA ASN A 338 -33.50 6.45 38.98
C ASN A 338 -33.63 7.95 38.82
N GLN A 339 -33.42 8.67 39.91
CA GLN A 339 -33.38 10.12 39.86
C GLN A 339 -32.12 10.55 40.58
N ARG A 340 -32.11 10.22 41.87
CA ARG A 340 -30.98 10.48 42.77
C ARG A 340 -30.08 9.28 42.79
N ILE A 341 -28.78 9.51 42.96
CA ILE A 341 -27.86 8.39 43.10
C ILE A 341 -26.99 8.54 44.34
N TYR A 342 -27.17 7.61 45.27
CA TYR A 342 -26.50 7.69 46.57
C TYR A 342 -25.48 6.58 46.74
N ASN A 343 -24.29 6.98 47.16
CA ASN A 343 -23.26 6.02 47.46
C ASN A 343 -23.43 5.49 48.87
N VAL A 344 -24.04 4.32 49.02
CA VAL A 344 -24.21 3.71 50.34
C VAL A 344 -22.87 3.50 51.01
N GLY A 345 -21.86 3.14 50.22
CA GLY A 345 -20.51 3.03 50.70
C GLY A 345 -19.80 1.76 50.33
N GLN A 346 -18.69 1.52 51.02
CA GLN A 346 -17.85 0.37 50.75
C GLN A 346 -18.34 -0.86 51.51
N VAL A 347 -18.35 -1.98 50.81
CA VAL A 347 -18.88 -3.22 51.34
C VAL A 347 -17.70 -4.13 51.68
N SER A 348 -16.64 -4.03 50.88
CA SER A 348 -15.42 -4.80 51.15
C SER A 348 -14.68 -4.16 52.33
N ILE A 349 -13.68 -4.84 52.86
CA ILE A 349 -13.00 -4.38 54.06
C ILE A 349 -11.60 -3.84 53.78
N GLY A 350 -11.48 -2.53 53.89
CA GLY A 350 -10.21 -1.84 53.62
C GLY A 350 -9.77 -2.08 52.19
N ASP A 351 -8.45 -2.10 52.00
CA ASP A 351 -7.87 -2.19 50.66
C ASP A 351 -7.86 -3.59 50.06
N GLU A 352 -8.74 -4.49 50.50
CA GLU A 352 -8.71 -5.84 49.98
C GLU A 352 -9.30 -5.80 48.60
N ASN A 353 -8.85 -6.69 47.72
CA ASN A 353 -9.39 -6.84 46.38
C ASN A 353 -10.71 -7.55 46.44
N SER A 354 -11.72 -7.01 45.75
CA SER A 354 -13.07 -7.55 45.84
C SER A 354 -13.89 -7.12 44.64
N ALA A 355 -13.81 -7.87 43.54
CA ALA A 355 -14.42 -7.41 42.31
C ALA A 355 -15.91 -7.77 42.14
N TYR A 356 -16.18 -9.05 41.96
CA TYR A 356 -17.51 -9.47 41.58
C TYR A 356 -18.38 -9.69 42.85
N SER A 357 -19.66 -9.39 42.73
CA SER A 357 -20.52 -9.27 43.90
C SER A 357 -21.94 -9.58 43.49
N SER A 358 -22.74 -10.03 44.44
CA SER A 358 -24.15 -10.27 44.18
C SER A 358 -24.92 -9.88 45.45
N VAL A 359 -25.92 -9.01 45.32
CA VAL A 359 -26.65 -8.50 46.50
C VAL A 359 -28.10 -9.00 46.59
N LEU A 360 -28.43 -9.63 47.73
CA LEU A 360 -29.75 -10.21 47.91
C LEU A 360 -30.50 -9.52 48.99
N TYR A 361 -31.75 -9.20 48.70
CA TYR A 361 -32.60 -8.56 49.69
C TYR A 361 -33.76 -9.50 49.96
N LYS A 362 -33.79 -10.09 51.14
CA LYS A 362 -34.77 -11.13 51.42
C LYS A 362 -35.32 -10.93 52.80
N ASP A 363 -36.64 -10.84 52.86
CA ASP A 363 -37.36 -10.71 54.12
C ASP A 363 -36.86 -9.53 54.97
N ASP A 364 -36.69 -8.40 54.29
CA ASP A 364 -36.18 -7.16 54.88
C ASP A 364 -34.81 -7.28 55.54
N LYS A 365 -33.99 -8.20 55.06
CA LYS A 365 -32.60 -8.21 55.50
C LYS A 365 -31.74 -8.20 54.24
N LEU A 366 -30.58 -7.58 54.33
CA LEU A 366 -29.73 -7.35 53.15
C LEU A 366 -28.43 -8.15 53.26
N TYR A 367 -28.11 -8.86 52.18
CA TYR A 367 -26.96 -9.76 52.15
C TYR A 367 -26.15 -9.52 50.91
N CYS A 368 -24.86 -9.86 50.98
CA CYS A 368 -24.02 -9.79 49.82
C CYS A 368 -23.06 -10.96 49.76
N LEU A 369 -22.99 -11.59 48.59
CA LEU A 369 -21.94 -12.56 48.30
C LEU A 369 -20.91 -11.96 47.35
N HIS A 370 -19.69 -11.76 47.86
CA HIS A 370 -18.64 -11.15 47.02
C HIS A 370 -17.27 -11.78 47.15
N GLU A 371 -16.47 -11.54 46.11
CA GLU A 371 -15.10 -12.03 46.03
C GLU A 371 -14.16 -11.30 46.97
N ILE A 372 -13.21 -12.05 47.52
CA ILE A 372 -11.99 -11.47 48.05
C ILE A 372 -10.80 -12.23 47.44
N ASN A 373 -9.84 -11.43 47.01
CA ASN A 373 -8.72 -11.89 46.25
C ASN A 373 -7.40 -11.44 46.83
N SER A 374 -6.57 -12.41 47.17
CA SER A 374 -5.19 -12.13 47.45
C SER A 374 -4.34 -13.01 46.56
N ASN A 375 -3.42 -12.39 45.82
CA ASN A 375 -2.42 -13.12 45.04
C ASN A 375 -3.10 -14.06 44.07
N GLU A 376 -4.28 -13.67 43.56
CA GLU A 376 -5.02 -14.48 42.59
C GLU A 376 -5.49 -15.80 43.16
N VAL A 377 -5.79 -15.79 44.45
CA VAL A 377 -6.52 -16.86 45.09
C VAL A 377 -7.84 -16.26 45.62
N TYR A 378 -8.95 -16.78 45.08
CA TYR A 378 -10.25 -16.14 45.26
C TYR A 378 -11.16 -16.94 46.18
N SER A 379 -11.71 -16.24 47.19
CA SER A 379 -12.76 -16.74 48.03
C SER A 379 -14.02 -15.93 47.81
N LEU A 380 -15.14 -16.48 48.28
CA LEU A 380 -16.36 -15.71 48.33
C LEU A 380 -16.77 -15.53 49.78
N VAL A 381 -17.04 -14.27 50.16
CA VAL A 381 -17.57 -14.00 51.50
C VAL A 381 -19.08 -13.77 51.46
N PHE A 382 -19.74 -14.13 52.56
CA PHE A 382 -21.18 -13.92 52.69
C PHE A 382 -21.41 -12.91 53.80
N ALA A 383 -21.83 -11.73 53.39
CA ALA A 383 -21.87 -10.58 54.28
C ALA A 383 -23.27 -10.18 54.65
N ARG A 384 -23.51 -9.99 55.95
CA ARG A 384 -24.80 -9.52 56.41
C ARG A 384 -24.73 -8.00 56.49
N LEU A 385 -25.31 -7.36 55.51
CA LEU A 385 -25.15 -5.94 55.37
C LEU A 385 -26.11 -5.20 56.29
N VAL A 386 -25.88 -5.32 57.59
CA VAL A 386 -26.76 -4.67 58.57
C VAL A 386 -26.69 -3.13 58.51
N GLY A 387 -25.48 -2.60 58.61
CA GLY A 387 -25.27 -1.19 58.63
C GLY A 387 -25.65 -0.59 57.29
N GLU A 388 -25.46 -1.34 56.20
CA GLU A 388 -25.75 -0.79 54.90
C GLU A 388 -27.24 -0.54 54.76
N LEU A 389 -28.05 -1.50 55.22
CA LEU A 389 -29.51 -1.33 55.16
C LEU A 389 -29.94 -0.14 55.98
N ARG A 390 -29.32 0.00 57.16
CA ARG A 390 -29.54 1.12 58.06
C ARG A 390 -29.55 2.42 57.28
N ILE A 391 -28.46 2.63 56.54
CA ILE A 391 -28.22 3.87 55.79
C ILE A 391 -29.22 3.94 54.66
N ILE A 392 -29.41 2.84 53.95
CA ILE A 392 -30.35 2.82 52.86
C ILE A 392 -31.73 3.25 53.38
N LYS A 393 -32.11 2.68 54.51
CA LYS A 393 -33.44 2.95 55.01
C LYS A 393 -33.54 4.40 55.42
N SER A 394 -32.47 4.92 56.02
CA SER A 394 -32.40 6.32 56.40
C SER A 394 -32.51 7.25 55.20
N VAL A 395 -31.75 6.96 54.14
CA VAL A 395 -31.78 7.80 52.96
C VAL A 395 -33.17 7.81 52.30
N LEU A 396 -33.78 6.63 52.19
CA LEU A 396 -35.09 6.52 51.58
C LEU A 396 -36.11 7.36 52.34
N GLN A 397 -36.00 7.32 53.66
CA GLN A 397 -36.87 8.08 54.54
C GLN A 397 -36.78 9.54 54.15
N SER A 398 -35.56 10.04 53.99
CA SER A 398 -35.35 11.44 53.58
C SER A 398 -35.99 11.73 52.25
N TRP A 399 -35.68 10.90 51.27
CA TRP A 399 -36.25 11.04 49.94
C TRP A 399 -37.77 11.10 50.02
N LYS A 400 -38.38 10.13 50.70
CA LYS A 400 -39.81 10.05 50.87
C LYS A 400 -40.31 11.37 51.48
N ASN A 401 -39.56 11.90 52.45
CA ASN A 401 -40.03 13.07 53.21
C ASN A 401 -39.97 14.37 52.50
N TRP A 402 -38.88 14.64 51.81
CA TRP A 402 -38.83 15.85 51.00
C TRP A 402 -39.85 15.82 49.85
N ASP A 403 -39.84 14.73 49.10
CA ASP A 403 -40.82 14.51 48.05
C ASP A 403 -42.22 14.71 48.59
N SER A 404 -42.53 14.04 49.70
CA SER A 404 -43.78 14.25 50.37
C SER A 404 -43.99 15.73 50.71
N HIS A 405 -43.08 16.33 51.47
CA HIS A 405 -43.10 17.75 51.78
C HIS A 405 -43.47 18.63 50.58
N LEU A 406 -42.83 18.41 49.44
CA LEU A 406 -43.08 19.25 48.26
C LEU A 406 -44.45 19.02 47.57
N SER A 407 -44.82 17.76 47.37
CA SER A 407 -46.16 17.45 46.85
C SER A 407 -47.24 17.97 47.78
N SER A 408 -47.07 17.76 49.08
CA SER A 408 -47.94 18.34 50.13
C SER A 408 -48.20 19.84 50.09
N ILE A 409 -47.32 20.63 49.48
CA ILE A 409 -47.56 22.08 49.47
C ILE A 409 -48.78 22.40 48.62
N CYS A 410 -49.73 23.10 49.22
CA CYS A 410 -50.86 23.65 48.51
C CYS A 410 -50.39 24.97 47.85
N THR A 411 -50.30 24.98 46.52
CA THR A 411 -49.79 26.17 45.82
C THR A 411 -50.86 27.28 45.61
N PRO A 412 -50.46 28.54 45.36
CA PRO A 412 -51.41 29.66 45.10
C PRO A 412 -52.43 29.45 43.95
N ALA A 413 -53.54 30.20 43.99
CA ALA A 413 -54.64 30.15 43.00
C ALA A 413 -54.33 29.64 41.57
N GLY A 423 -59.39 26.57 45.89
CA GLY A 423 -58.75 25.30 46.21
C GLY A 423 -57.26 25.54 46.33
N CYS A 424 -56.47 24.70 45.68
CA CYS A 424 -55.02 24.90 45.54
C CYS A 424 -54.68 24.79 44.07
N GLY A 425 -53.71 25.56 43.60
CA GLY A 425 -53.17 25.35 42.25
C GLY A 425 -52.46 24.00 42.04
N PRO A 426 -51.78 23.84 40.88
CA PRO A 426 -51.10 22.60 40.53
C PRO A 426 -50.01 22.27 41.52
N ALA A 427 -49.74 20.99 41.74
CA ALA A 427 -48.75 20.58 42.74
C ALA A 427 -47.35 20.96 42.30
N VAL A 428 -46.47 21.13 43.27
CA VAL A 428 -45.04 21.32 42.96
C VAL A 428 -44.50 20.01 42.39
N THR A 429 -43.78 20.07 41.28
CA THR A 429 -43.35 18.80 40.70
C THR A 429 -42.12 18.18 41.36
N THR A 430 -42.15 16.87 41.59
CA THR A 430 -40.97 16.20 42.09
C THR A 430 -40.53 15.12 41.14
N VAL A 431 -41.08 15.07 39.92
CA VAL A 431 -40.54 14.10 38.99
C VAL A 431 -39.31 14.57 38.26
N GLY A 432 -38.24 13.79 38.45
CA GLY A 432 -36.92 14.15 37.96
C GLY A 432 -36.23 15.17 38.86
N LEU A 433 -36.72 15.31 40.08
CA LEU A 433 -36.06 16.18 41.04
C LEU A 433 -34.88 15.44 41.68
N VAL A 434 -33.68 15.94 41.44
CA VAL A 434 -32.49 15.16 41.72
C VAL A 434 -31.77 15.75 42.91
N GLY A 435 -31.70 17.07 42.96
CA GLY A 435 -30.95 17.74 44.03
C GLY A 435 -31.62 19.02 44.47
N PHE A 436 -31.45 19.35 45.75
CA PHE A 436 -32.14 20.49 46.36
C PHE A 436 -31.23 21.14 47.36
N LEU A 437 -30.91 22.40 47.15
CA LEU A 437 -30.08 23.10 48.11
C LEU A 437 -30.93 24.15 48.79
N SER A 438 -31.09 24.03 50.11
CA SER A 438 -32.03 24.87 50.81
C SER A 438 -31.45 25.38 52.11
N HIS A 439 -32.12 25.09 53.22
CA HIS A 439 -31.79 25.77 54.47
C HIS A 439 -30.51 25.25 55.14
N SER A 440 -30.30 23.94 55.03
CA SER A 440 -29.21 23.30 55.78
C SER A 440 -27.91 23.45 55.04
N ALA A 441 -26.90 23.91 55.77
CA ALA A 441 -25.55 24.15 55.24
C ALA A 441 -24.52 24.02 56.35
N THR A 442 -23.30 23.61 56.05
CA THR A 442 -22.21 23.56 57.04
C THR A 442 -21.31 24.77 56.79
N LYS A 443 -20.23 24.94 57.57
CA LYS A 443 -19.33 26.08 57.39
C LYS A 443 -18.83 26.24 55.93
N THR A 444 -18.44 25.12 55.31
CA THR A 444 -17.90 25.10 53.93
C THR A 444 -18.79 24.39 52.85
N GLU A 445 -19.97 23.93 53.23
CA GLU A 445 -20.81 23.13 52.34
C GLU A 445 -22.28 23.45 52.42
N TRP A 446 -22.97 23.41 51.28
CA TRP A 446 -24.41 23.57 51.17
C TRP A 446 -24.98 22.18 50.97
N GLU A 447 -25.82 21.69 51.89
CA GLU A 447 -26.24 20.27 51.85
C GLU A 447 -27.39 19.99 50.91
N ASP A 448 -27.23 18.97 50.08
CA ASP A 448 -28.29 18.45 49.20
C ASP A 448 -29.36 17.86 50.08
N ALA A 449 -30.60 18.26 49.90
CA ALA A 449 -31.66 17.76 50.75
C ALA A 449 -31.73 16.24 50.61
N TYR A 450 -31.41 15.78 49.40
CA TYR A 450 -31.54 14.39 49.03
C TYR A 450 -30.24 13.65 49.26
N ARG A 451 -29.28 14.32 49.92
CA ARG A 451 -28.12 13.62 50.51
C ARG A 451 -27.19 12.96 49.47
N CYS A 452 -27.20 13.43 48.23
CA CYS A 452 -26.38 12.78 47.23
C CYS A 452 -25.14 13.54 46.82
N VAL A 453 -25.30 14.83 46.54
CA VAL A 453 -24.20 15.65 46.07
C VAL A 453 -24.30 16.99 46.75
N ASN A 454 -23.39 17.31 47.64
CA ASN A 454 -23.39 18.64 48.18
C ASN A 454 -22.71 19.65 47.30
N ALA A 455 -22.99 20.92 47.52
CA ALA A 455 -22.22 21.95 46.87
C ALA A 455 -21.28 22.53 47.91
N SER A 456 -20.04 22.81 47.52
CA SER A 456 -19.09 23.52 48.38
C SER A 456 -19.27 25.03 48.23
N THR A 457 -18.88 25.77 49.26
CA THR A 457 -19.15 27.20 49.31
C THR A 457 -17.93 27.92 49.81
N ALA A 458 -17.76 29.18 49.43
CA ALA A 458 -16.74 30.01 50.04
C ALA A 458 -17.31 31.38 50.21
N ASN A 459 -16.98 32.04 51.33
CA ASN A 459 -17.55 33.37 51.65
C ASN A 459 -19.05 33.35 51.84
N ALA A 460 -19.58 32.20 52.21
CA ALA A 460 -21.01 32.04 52.34
C ALA A 460 -21.43 32.30 53.77
N GLU A 461 -22.41 33.18 53.94
CA GLU A 461 -23.02 33.40 55.23
C GLU A 461 -24.44 32.79 55.18
N ARG A 462 -24.81 31.99 56.18
CA ARG A 462 -26.09 31.25 56.18
C ARG A 462 -27.25 32.21 56.32
N VAL A 463 -28.28 32.09 55.50
CA VAL A 463 -29.48 32.86 55.73
C VAL A 463 -30.65 31.88 55.65
N PRO A 464 -31.90 32.34 55.87
CA PRO A 464 -32.99 31.39 55.71
C PRO A 464 -32.99 30.74 54.33
N ASN A 465 -33.05 29.42 54.28
CA ASN A 465 -33.18 28.65 53.05
C ASN A 465 -32.10 28.86 51.98
N GLY A 466 -30.91 29.28 52.39
CA GLY A 466 -29.84 29.53 51.42
C GLY A 466 -28.67 30.30 52.02
N LEU A 467 -27.95 31.03 51.18
CA LEU A 467 -26.72 31.67 51.62
C LEU A 467 -26.55 33.05 50.99
N LYS A 468 -25.95 33.98 51.76
CA LYS A 468 -25.56 35.28 51.27
C LYS A 468 -24.06 35.20 50.97
N PHE A 469 -23.68 35.45 49.71
CA PHE A 469 -22.27 35.47 49.29
C PHE A 469 -21.77 36.87 49.06
N ALA A 470 -20.47 37.07 49.25
CA ALA A 470 -19.82 38.34 48.90
C ALA A 470 -18.31 38.18 48.82
N GLY A 471 -17.69 39.00 47.97
CA GLY A 471 -16.23 38.99 47.82
C GLY A 471 -15.74 38.18 46.64
N VAL A 472 -14.46 38.36 46.31
CA VAL A 472 -13.83 37.68 45.20
C VAL A 472 -13.63 36.23 45.59
N GLY A 473 -14.09 35.34 44.73
CA GLY A 473 -14.00 33.92 45.02
C GLY A 473 -15.19 33.41 45.77
N GLY A 474 -16.14 34.31 46.00
CA GLY A 474 -17.43 34.00 46.58
C GLY A 474 -18.24 33.10 45.67
N GLY A 475 -19.08 32.27 46.29
CA GLY A 475 -19.98 31.39 45.55
C GLY A 475 -20.08 29.99 46.11
N ALA A 476 -20.86 29.18 45.39
CA ALA A 476 -21.09 27.78 45.69
C ALA A 476 -20.84 26.99 44.43
N LEU A 477 -20.25 25.82 44.58
CA LEU A 477 -19.98 24.99 43.43
C LEU A 477 -20.69 23.66 43.55
N TRP A 478 -21.58 23.36 42.63
CA TRP A 478 -22.24 22.08 42.65
C TRP A 478 -21.56 21.25 41.56
N PRO A 479 -20.79 20.23 41.96
CA PRO A 479 -19.91 19.48 41.04
C PRO A 479 -20.67 18.60 40.08
N VAL A 480 -20.23 18.59 38.83
CA VAL A 480 -20.88 17.77 37.82
C VAL A 480 -19.95 16.70 37.24
N SER A 481 -18.99 17.13 36.44
CA SER A 481 -17.96 16.25 35.94
C SER A 481 -16.94 16.21 37.05
N GLN A 482 -16.92 17.28 37.82
CA GLN A 482 -16.02 17.40 38.94
C GLN A 482 -16.40 16.46 40.03
N GLN A 483 -17.52 15.75 39.92
CA GLN A 483 -17.77 14.70 40.90
C GLN A 483 -16.70 13.64 40.82
N GLY A 484 -15.97 13.62 39.71
CA GLY A 484 -14.90 12.66 39.52
C GLY A 484 -15.28 11.28 38.98
N GLN A 485 -14.89 10.23 39.70
CA GLN A 485 -14.99 8.85 39.20
C GLN A 485 -16.42 8.43 38.95
N ASN A 486 -17.32 8.80 39.86
CA ASN A 486 -18.72 8.57 39.56
C ASN A 486 -19.48 9.87 39.47
N GLN A 487 -20.12 10.10 38.33
CA GLN A 487 -20.71 11.40 38.07
C GLN A 487 -22.20 11.23 38.02
N ARG A 488 -22.87 11.54 39.13
CA ARG A 488 -24.29 11.26 39.18
C ARG A 488 -25.06 12.28 38.35
N TYR A 489 -24.45 13.43 38.14
CA TYR A 489 -25.15 14.52 37.47
C TYR A 489 -24.85 14.53 35.99
N HIS A 490 -24.29 13.45 35.47
CA HIS A 490 -23.96 13.38 34.05
C HIS A 490 -25.17 13.62 33.15
N PHE A 491 -26.35 13.27 33.64
CA PHE A 491 -27.58 13.54 32.88
C PHE A 491 -27.69 15.00 32.37
N ALA A 492 -27.09 15.95 33.08
CA ALA A 492 -27.30 17.37 32.79
C ALA A 492 -26.68 17.78 31.46
N ASN A 493 -25.83 16.91 30.91
CA ASN A 493 -25.23 17.17 29.61
C ASN A 493 -26.25 17.02 28.50
N HIS A 494 -27.33 16.30 28.82
CA HIS A 494 -28.37 16.04 27.84
C HIS A 494 -29.61 16.89 28.13
N ALA A 495 -30.10 16.85 29.36
CA ALA A 495 -31.14 17.79 29.76
C ALA A 495 -31.06 18.10 31.23
N PHE A 496 -31.35 19.35 31.59
CA PHE A 496 -31.53 19.74 33.00
C PHE A 496 -32.36 21.02 33.14
N THR A 497 -32.89 21.19 34.34
CA THR A 497 -33.46 22.46 34.77
C THR A 497 -32.79 22.82 36.10
N LEU A 498 -32.33 24.06 36.18
CA LEU A 498 -31.72 24.56 37.40
C LEU A 498 -32.57 25.73 37.84
N VAL A 499 -33.10 25.66 39.05
CA VAL A 499 -34.01 26.70 39.56
C VAL A 499 -33.48 27.30 40.85
N ALA A 500 -33.56 28.62 40.99
CA ALA A 500 -33.18 29.26 42.26
C ALA A 500 -33.87 30.61 42.51
N SER A 501 -34.09 30.97 43.78
CA SER A 501 -34.51 32.32 44.14
C SER A 501 -33.25 33.14 44.36
N VAL A 502 -33.20 34.35 43.82
CA VAL A 502 -32.02 35.22 44.04
C VAL A 502 -32.37 36.65 44.43
N THR A 503 -31.40 37.30 45.08
CA THR A 503 -31.53 38.72 45.45
C THR A 503 -30.19 39.44 45.35
N ILE A 504 -30.14 40.55 44.62
CA ILE A 504 -28.86 41.25 44.41
C ILE A 504 -28.69 42.36 45.44
N HIS A 505 -27.55 42.40 46.15
CA HIS A 505 -27.38 43.42 47.18
C HIS A 505 -26.52 44.61 46.79
N GLU A 506 -25.68 44.48 45.76
CA GLU A 506 -24.82 45.59 45.36
C GLU A 506 -24.73 45.66 43.85
N VAL A 507 -24.69 46.86 43.29
CA VAL A 507 -24.56 46.99 41.84
C VAL A 507 -23.11 46.70 41.44
N PRO A 508 -22.86 45.78 40.48
CA PRO A 508 -21.52 45.32 40.12
C PRO A 508 -20.70 46.28 39.26
N LYS A 509 -19.38 46.23 39.38
CA LYS A 509 -18.57 47.17 38.60
C LYS A 509 -18.39 46.72 37.15
N GLY A 510 -18.81 45.49 36.88
CA GLY A 510 -18.77 44.94 35.53
C GLY A 510 -20.04 44.20 35.17
N ALA A 511 -19.96 42.88 35.24
CA ALA A 511 -21.08 42.02 34.99
C ALA A 511 -20.75 40.76 35.75
N SER A 512 -21.53 40.48 36.77
CA SER A 512 -21.24 39.40 37.72
C SER A 512 -22.16 38.18 37.62
N PRO A 513 -21.64 36.99 37.98
CA PRO A 513 -22.42 35.76 37.78
C PRO A 513 -23.46 35.50 38.89
N LEU A 514 -24.53 34.79 38.55
CA LEU A 514 -25.57 34.40 39.52
C LEU A 514 -25.80 32.90 39.58
N LEU A 515 -25.94 32.29 38.41
CA LEU A 515 -26.29 30.89 38.30
C LEU A 515 -25.83 30.38 36.93
N GLY A 516 -25.32 29.16 36.87
CA GLY A 516 -24.98 28.59 35.57
C GLY A 516 -24.28 27.25 35.53
N ALA A 517 -24.22 26.69 34.33
CA ALA A 517 -23.59 25.41 34.07
C ALA A 517 -22.28 25.67 33.35
N SER A 518 -21.17 25.32 34.01
CA SER A 518 -19.85 25.67 33.51
C SER A 518 -19.26 24.53 32.72
N LEU A 519 -18.62 24.90 31.60
CA LEU A 519 -17.97 23.91 30.76
C LEU A 519 -16.51 23.72 31.08
N ASP A 520 -15.91 24.70 31.74
CA ASP A 520 -14.55 24.56 32.19
C ASP A 520 -14.49 24.78 33.68
N SER A 521 -13.37 24.39 34.26
CA SER A 521 -13.25 24.43 35.70
C SER A 521 -13.13 25.83 36.31
N SER A 522 -12.91 26.88 35.49
CA SER A 522 -12.89 28.23 36.02
C SER A 522 -14.30 28.84 36.06
N GLY A 523 -15.12 28.46 35.09
CA GLY A 523 -16.42 29.07 34.93
C GLY A 523 -16.38 30.07 33.79
N GLY A 524 -15.24 30.19 33.11
CA GLY A 524 -15.09 31.10 31.98
C GLY A 524 -15.99 30.65 30.85
N LYS A 525 -15.75 29.43 30.40
CA LYS A 525 -16.55 28.86 29.34
C LYS A 525 -17.87 28.31 29.88
N LYS A 526 -18.99 28.95 29.55
CA LYS A 526 -20.29 28.48 30.06
C LYS A 526 -21.09 27.71 29.01
N LEU A 527 -21.92 26.78 29.49
CA LEU A 527 -22.91 26.17 28.63
C LEU A 527 -24.16 27.02 28.59
N LEU A 528 -24.64 27.40 29.77
CA LEU A 528 -25.82 28.25 29.92
C LEU A 528 -25.71 28.88 31.29
N GLY A 529 -25.93 30.18 31.39
CA GLY A 529 -25.90 30.84 32.68
C GLY A 529 -26.57 32.21 32.68
N LEU A 530 -26.63 32.79 33.89
CA LEU A 530 -27.17 34.13 34.07
C LEU A 530 -26.15 35.00 34.80
N SER A 531 -26.08 36.25 34.35
CA SER A 531 -25.27 37.27 35.01
C SER A 531 -26.08 38.55 35.19
N TYR A 532 -25.54 39.52 35.92
CA TYR A 532 -26.20 40.82 36.06
C TYR A 532 -25.17 41.95 35.90
N ASP A 533 -25.58 43.11 35.37
CA ASP A 533 -24.61 44.16 35.04
C ASP A 533 -24.81 45.50 35.76
N LYS A 534 -23.87 46.42 35.52
CA LYS A 534 -23.88 47.73 36.15
C LYS A 534 -25.03 48.57 35.65
N ARG A 535 -25.63 48.15 34.55
CA ARG A 535 -26.73 48.87 33.95
C ARG A 535 -28.12 48.47 34.49
N HIS A 536 -28.15 47.63 35.52
CA HIS A 536 -29.38 47.01 36.04
C HIS A 536 -30.11 46.16 34.99
N GLN A 537 -29.37 45.31 34.30
CA GLN A 537 -29.93 44.39 33.33
C GLN A 537 -29.45 42.96 33.55
N TRP A 538 -30.22 42.02 33.02
CA TRP A 538 -29.82 40.64 32.99
C TRP A 538 -28.94 40.37 31.79
N GLN A 539 -27.92 39.55 32.02
CA GLN A 539 -27.08 39.02 30.97
C GLN A 539 -27.25 37.51 30.97
N PRO A 540 -28.21 37.04 30.17
CA PRO A 540 -28.33 35.61 29.97
C PRO A 540 -27.28 35.19 28.95
N ILE A 541 -26.55 34.14 29.28
CA ILE A 541 -25.45 33.67 28.48
C ILE A 541 -25.87 32.34 27.89
N TYR A 542 -26.06 32.31 26.57
CA TYR A 542 -26.34 31.04 25.88
C TYR A 542 -25.04 30.57 25.23
N GLY A 543 -24.41 29.55 25.79
CA GLY A 543 -23.23 28.94 25.20
C GLY A 543 -22.12 29.93 24.92
N SER A 544 -21.69 29.99 23.67
CA SER A 544 -20.67 30.95 23.26
C SER A 544 -21.23 32.15 22.51
N THR A 545 -22.54 32.21 22.39
CA THR A 545 -23.20 33.33 21.74
C THR A 545 -22.83 34.64 22.40
N PRO A 546 -22.39 35.64 21.60
CA PRO A 546 -22.28 37.02 22.06
C PRO A 546 -23.44 37.37 23.00
N VAL A 547 -23.12 37.93 24.15
CA VAL A 547 -24.13 38.16 25.14
C VAL A 547 -24.90 39.47 24.96
N THR A 548 -26.23 39.40 24.85
CA THR A 548 -27.07 40.60 24.72
C THR A 548 -27.88 40.84 25.97
N PRO A 549 -27.51 41.86 26.77
CA PRO A 549 -28.20 42.16 28.02
C PRO A 549 -29.66 42.50 27.73
N THR A 550 -30.56 42.06 28.61
CA THR A 550 -31.99 42.30 28.40
C THR A 550 -32.69 42.53 29.73
N GLY A 551 -33.91 43.07 29.67
CA GLY A 551 -34.75 43.23 30.86
C GLY A 551 -34.14 44.15 31.90
N SER A 552 -34.73 44.19 33.08
CA SER A 552 -34.18 44.99 34.16
C SER A 552 -34.47 44.35 35.52
N TRP A 553 -33.58 44.60 36.47
CA TRP A 553 -33.70 44.15 37.85
C TRP A 553 -33.43 45.30 38.79
N GLU A 554 -34.04 45.26 39.94
CA GLU A 554 -33.75 46.27 40.94
C GLU A 554 -33.17 45.64 42.19
N MET A 555 -32.30 46.42 42.82
CA MET A 555 -31.48 45.95 43.91
C MET A 555 -32.31 45.55 45.12
N GLY A 556 -32.08 44.34 45.64
CA GLY A 556 -32.75 43.96 46.86
C GLY A 556 -34.11 43.33 46.68
N LYS A 557 -34.58 43.26 45.45
CA LYS A 557 -35.83 42.55 45.17
C LYS A 557 -35.47 41.09 44.87
N ARG A 558 -36.35 40.19 45.28
CA ARG A 558 -36.11 38.76 45.07
C ARG A 558 -36.68 38.34 43.73
N TYR A 559 -35.88 37.58 42.97
CA TYR A 559 -36.30 37.11 41.65
C TYR A 559 -36.19 35.61 41.51
N HIS A 560 -37.08 35.06 40.68
CA HIS A 560 -37.09 33.62 40.39
C HIS A 560 -36.40 33.29 39.07
N VAL A 561 -35.32 32.51 39.18
CA VAL A 561 -34.46 32.19 38.03
C VAL A 561 -34.51 30.73 37.64
N VAL A 562 -34.75 30.48 36.35
CA VAL A 562 -34.87 29.12 35.83
C VAL A 562 -34.03 28.97 34.56
N LEU A 563 -33.11 27.99 34.58
CA LEU A 563 -32.31 27.65 33.44
C LEU A 563 -32.75 26.29 32.99
N THR A 564 -33.15 26.19 31.72
CA THR A 564 -33.52 24.88 31.16
C THR A 564 -32.70 24.60 29.93
N MET A 565 -32.35 23.34 29.77
CA MET A 565 -31.60 22.94 28.61
C MET A 565 -32.04 21.56 28.23
N ALA A 566 -32.46 21.40 26.98
CA ALA A 566 -32.90 20.11 26.42
C ALA A 566 -32.75 20.23 24.91
N ASN A 567 -32.49 19.11 24.23
CA ASN A 567 -32.33 19.14 22.77
C ASN A 567 -31.38 20.23 22.30
N LYS A 568 -30.29 20.37 23.04
CA LYS A 568 -29.22 21.33 22.73
C LYS A 568 -29.65 22.81 22.79
N ILE A 569 -30.87 23.07 23.24
CA ILE A 569 -31.41 24.43 23.31
C ILE A 569 -31.54 24.88 24.75
N GLY A 570 -31.12 26.11 25.04
CA GLY A 570 -31.19 26.62 26.40
C GLY A 570 -32.19 27.75 26.56
N SER A 571 -32.89 27.78 27.68
CA SER A 571 -33.78 28.91 28.00
C SER A 571 -33.44 29.53 29.37
N VAL A 572 -33.78 30.81 29.55
CA VAL A 572 -33.63 31.49 30.85
C VAL A 572 -34.95 32.18 31.23
N TYR A 573 -35.52 31.86 32.40
CA TYR A 573 -36.77 32.50 32.81
C TYR A 573 -36.61 33.31 34.08
N ILE A 574 -37.08 34.56 34.05
CA ILE A 574 -37.09 35.41 35.23
C ILE A 574 -38.54 35.61 35.63
N ASP A 575 -38.83 35.20 36.85
CA ASP A 575 -40.17 35.28 37.43
C ASP A 575 -41.14 34.57 36.53
N GLY A 576 -40.66 33.46 35.96
CA GLY A 576 -41.49 32.57 35.15
C GLY A 576 -41.72 33.05 33.74
N GLU A 577 -41.08 34.13 33.33
CA GLU A 577 -41.21 34.59 31.96
C GLU A 577 -39.89 34.41 31.26
N PRO A 578 -39.90 33.79 30.05
CA PRO A 578 -38.63 33.62 29.34
C PRO A 578 -38.06 34.98 29.00
N LEU A 579 -36.75 35.17 29.11
CA LEU A 579 -36.14 36.41 28.69
C LEU A 579 -36.16 36.53 27.18
N GLU A 580 -36.09 37.77 26.68
CA GLU A 580 -35.83 38.02 25.28
C GLU A 580 -34.51 37.36 24.80
N GLY A 581 -34.58 36.75 23.61
CA GLY A 581 -33.47 35.98 23.07
C GLY A 581 -33.34 34.60 23.67
N SER A 582 -34.32 34.15 24.46
CA SER A 582 -34.26 32.84 25.08
C SER A 582 -34.64 31.73 24.13
N GLY A 583 -34.06 30.56 24.35
CA GLY A 583 -34.31 29.42 23.48
C GLY A 583 -33.37 29.38 22.30
N GLN A 584 -32.08 29.56 22.54
CA GLN A 584 -31.04 29.43 21.51
C GLN A 584 -30.25 28.13 21.66
N THR A 585 -29.51 27.78 20.60
CA THR A 585 -28.70 26.58 20.60
C THR A 585 -27.47 26.83 21.45
N VAL A 586 -27.20 25.95 22.41
CA VAL A 586 -26.02 26.04 23.26
C VAL A 586 -25.00 24.92 22.98
N VAL A 587 -25.34 24.02 22.07
CA VAL A 587 -24.46 22.89 21.81
C VAL A 587 -24.23 22.76 20.33
N PRO A 588 -23.12 23.31 19.88
CA PRO A 588 -22.99 23.69 18.47
C PRO A 588 -22.87 22.45 17.58
N ASP A 589 -21.73 21.78 17.70
CA ASP A 589 -21.50 20.56 16.96
C ASP A 589 -22.46 19.50 17.46
N GLU A 590 -22.34 18.28 16.95
CA GLU A 590 -23.13 17.19 17.47
C GLU A 590 -22.39 16.41 18.55
N ARG A 591 -21.26 16.95 19.00
CA ARG A 591 -20.59 16.45 20.19
C ARG A 591 -21.40 16.75 21.44
N THR A 592 -21.27 15.90 22.44
CA THR A 592 -21.94 16.04 23.73
C THR A 592 -21.15 17.02 24.61
N PRO A 593 -21.84 17.83 25.44
CA PRO A 593 -21.09 18.67 26.37
C PRO A 593 -20.48 17.84 27.48
N ASP A 594 -19.51 18.40 28.19
CA ASP A 594 -19.08 17.78 29.43
C ASP A 594 -19.02 18.80 30.58
N ILE A 595 -20.16 19.02 31.22
CA ILE A 595 -20.33 20.09 32.22
C ILE A 595 -19.41 19.87 33.41
N SER A 596 -18.60 20.89 33.69
CA SER A 596 -17.72 20.89 34.84
C SER A 596 -18.48 20.94 36.15
N HIS A 597 -19.22 22.02 36.35
CA HIS A 597 -20.00 22.19 37.58
C HIS A 597 -21.12 23.18 37.33
N PHE A 598 -22.00 23.34 38.32
CA PHE A 598 -22.92 24.46 38.40
C PHE A 598 -22.31 25.47 39.35
N TYR A 599 -22.38 26.74 38.97
CA TYR A 599 -21.85 27.80 39.81
C TYR A 599 -23.05 28.59 40.32
N VAL A 600 -23.04 28.89 41.62
CA VAL A 600 -24.18 29.56 42.27
C VAL A 600 -23.69 30.72 43.13
N GLY A 601 -24.23 31.91 42.89
CA GLY A 601 -23.91 33.08 43.70
C GLY A 601 -22.46 33.57 43.58
N GLY A 602 -21.84 33.24 42.46
CA GLY A 602 -20.44 33.58 42.20
C GLY A 602 -19.80 32.43 41.47
N TYR A 603 -18.47 32.47 41.29
CA TYR A 603 -17.78 31.39 40.58
C TYR A 603 -17.12 30.39 41.50
N LYS A 604 -17.04 30.78 42.78
CA LYS A 604 -16.28 30.11 43.82
C LYS A 604 -14.86 29.89 43.38
N ARG A 605 -14.32 30.85 42.65
CA ARG A 605 -12.92 30.86 42.23
C ARG A 605 -12.38 32.22 42.61
N SER A 606 -11.34 32.24 43.44
CA SER A 606 -10.61 33.48 43.72
C SER A 606 -9.91 33.91 42.44
N GLY A 607 -9.71 32.93 41.56
CA GLY A 607 -9.22 33.16 40.22
C GLY A 607 -10.02 34.12 39.35
N MET A 608 -11.34 34.17 39.50
CA MET A 608 -12.10 35.09 38.69
C MET A 608 -12.25 36.41 39.41
N PRO A 609 -12.15 37.55 38.68
CA PRO A 609 -12.14 38.89 39.27
C PRO A 609 -13.49 39.41 39.79
N THR A 610 -14.59 38.72 39.51
CA THR A 610 -15.92 39.26 39.86
C THR A 610 -16.27 39.14 41.35
N ASP A 611 -17.05 40.10 41.83
CA ASP A 611 -17.54 40.12 43.20
C ASP A 611 -19.05 40.06 43.19
N SER A 612 -19.61 38.87 43.24
CA SER A 612 -21.06 38.74 43.25
C SER A 612 -21.56 38.80 44.70
N ARG A 613 -22.38 39.82 45.00
CA ARG A 613 -22.94 40.04 46.33
C ARG A 613 -24.44 39.80 46.37
N VAL A 614 -24.80 38.54 46.50
CA VAL A 614 -26.17 38.08 46.29
C VAL A 614 -26.57 37.06 47.36
N THR A 615 -27.87 36.82 47.48
CA THR A 615 -28.38 35.77 48.31
C THR A 615 -29.15 34.85 47.40
N VAL A 616 -28.82 33.57 47.49
CA VAL A 616 -29.53 32.54 46.75
C VAL A 616 -30.21 31.57 47.72
N ASN A 617 -31.45 31.21 47.40
CA ASN A 617 -32.28 30.31 48.19
C ASN A 617 -32.83 29.21 47.31
N ASN A 618 -33.11 28.07 47.93
CA ASN A 618 -33.77 26.94 47.28
C ASN A 618 -33.32 26.69 45.87
N VAL A 619 -32.10 26.15 45.72
CA VAL A 619 -31.66 25.66 44.40
C VAL A 619 -32.22 24.27 44.14
N LEU A 620 -32.88 24.12 43.01
CA LEU A 620 -33.45 22.85 42.65
C LEU A 620 -32.80 22.37 41.36
N LEU A 621 -32.51 21.09 41.29
CA LEU A 621 -32.01 20.53 40.04
C LEU A 621 -32.90 19.40 39.47
N TYR A 622 -33.40 19.54 38.25
CA TYR A 622 -34.20 18.49 37.64
C TYR A 622 -33.48 17.92 36.45
N ASN A 623 -33.70 16.63 36.19
CA ASN A 623 -33.00 15.95 35.09
C ASN A 623 -33.75 15.96 33.78
N ARG A 624 -34.59 16.97 33.59
CA ARG A 624 -35.38 17.18 32.38
C ARG A 624 -35.74 18.65 32.29
N GLN A 625 -36.29 19.04 31.15
CA GLN A 625 -36.79 20.39 30.99
C GLN A 625 -38.15 20.49 31.67
N LEU A 626 -38.31 21.48 32.54
CA LEU A 626 -39.61 21.73 33.15
C LEU A 626 -40.56 22.35 32.17
N ASN A 627 -41.84 22.02 32.32
CA ASN A 627 -42.84 22.52 31.40
C ASN A 627 -43.29 23.86 31.94
N ALA A 628 -44.00 24.62 31.11
CA ALA A 628 -44.39 26.00 31.47
C ALA A 628 -45.10 26.10 32.82
N GLU A 629 -45.98 25.13 33.07
CA GLU A 629 -46.78 25.11 34.27
C GLU A 629 -45.96 24.75 35.50
N GLU A 630 -45.10 23.77 35.38
CA GLU A 630 -44.26 23.37 36.50
C GLU A 630 -43.39 24.53 36.95
N ILE A 631 -42.88 25.30 35.97
CA ILE A 631 -42.07 26.50 36.21
C ILE A 631 -42.90 27.54 36.94
N ARG A 632 -44.08 27.82 36.41
CA ARG A 632 -44.95 28.83 36.98
C ARG A 632 -45.34 28.50 38.45
N THR A 633 -45.74 27.26 38.70
CA THR A 633 -45.95 26.76 40.06
C THR A 633 -44.76 27.10 40.93
N LEU A 634 -43.56 26.67 40.52
CA LEU A 634 -42.36 26.90 41.32
C LEU A 634 -42.15 28.36 41.69
N PHE A 635 -42.49 29.23 40.73
CA PHE A 635 -42.35 30.66 40.87
C PHE A 635 -43.28 31.18 41.95
N LEU A 636 -44.53 30.73 41.93
CA LEU A 636 -45.50 31.21 42.91
C LEU A 636 -45.26 30.61 44.30
N SER A 637 -44.59 29.46 44.30
CA SER A 637 -44.41 28.70 45.51
C SER A 637 -43.12 28.99 46.24
N GLN A 638 -42.36 29.98 45.75
CA GLN A 638 -41.00 30.15 46.22
C GLN A 638 -40.90 30.53 47.70
N ASP A 639 -42.02 30.97 48.26
CA ASP A 639 -42.09 31.22 49.69
C ASP A 639 -42.35 30.00 50.53
N LEU A 640 -42.67 28.88 49.91
CA LEU A 640 -43.08 27.71 50.70
C LEU A 640 -42.41 26.38 50.34
N ILE A 641 -41.44 26.41 49.45
CA ILE A 641 -40.69 25.21 49.16
C ILE A 641 -39.55 24.95 50.15
N GLY A 642 -39.04 26.02 50.78
CA GLY A 642 -37.85 25.96 51.68
C GLY A 642 -37.88 24.89 52.75
N THR A 643 -36.71 24.45 53.19
CA THR A 643 -36.63 23.34 54.17
C THR A 643 -36.53 23.83 55.62
N GLU A 644 -36.51 25.15 55.77
CA GLU A 644 -36.25 25.80 57.05
C GLU A 644 -36.97 25.21 58.25
N ALA A 645 -38.30 25.27 58.27
CA ALA A 645 -39.13 24.69 59.36
C ALA A 645 -38.68 23.26 59.72
N HIS A 646 -38.85 22.37 58.76
CA HIS A 646 -38.77 20.92 58.87
C HIS A 646 -37.39 20.39 59.25
N MET A 647 -36.43 21.32 59.36
CA MET A 647 -35.00 21.11 59.77
C MET A 647 -33.95 21.06 58.62
N SER B 14 -8.26 -67.12 -31.15
CA SER B 14 -8.85 -66.41 -32.35
C SER B 14 -7.87 -65.46 -33.06
N LEU B 15 -7.45 -65.83 -34.26
CA LEU B 15 -7.07 -64.82 -35.25
C LEU B 15 -8.17 -65.00 -36.28
N ALA B 16 -9.06 -64.01 -36.35
CA ALA B 16 -10.28 -64.16 -37.11
C ALA B 16 -10.01 -64.83 -38.45
N PRO B 17 -11.01 -65.54 -39.01
CA PRO B 17 -10.77 -66.17 -40.30
C PRO B 17 -10.30 -65.08 -41.25
N GLY B 18 -9.44 -65.44 -42.21
CA GLY B 18 -9.02 -64.48 -43.22
C GLY B 18 -7.72 -63.83 -42.82
N SER B 19 -7.53 -63.64 -41.51
CA SER B 19 -6.30 -63.04 -40.97
C SER B 19 -5.16 -64.07 -40.96
N SER B 20 -3.93 -63.58 -40.78
CA SER B 20 -2.72 -64.42 -40.81
C SER B 20 -1.58 -63.62 -40.19
N ARG B 21 -0.42 -64.26 -39.95
CA ARG B 21 0.77 -63.52 -39.45
C ARG B 21 2.09 -64.13 -39.80
N VAL B 22 3.17 -63.45 -39.45
CA VAL B 22 4.52 -63.96 -39.57
C VAL B 22 5.30 -63.63 -38.30
N GLU B 23 6.34 -64.43 -38.04
CA GLU B 23 7.19 -64.16 -36.92
C GLU B 23 8.27 -63.20 -37.39
N LEU B 24 7.98 -61.92 -37.44
CA LEU B 24 8.88 -60.91 -38.01
C LEU B 24 10.16 -60.63 -37.22
N PHE B 25 10.05 -60.48 -35.90
CA PHE B 25 11.22 -60.36 -35.05
C PHE B 25 11.24 -61.69 -34.33
N LYS B 26 11.99 -62.62 -34.90
CA LYS B 26 12.02 -63.98 -34.39
C LYS B 26 13.07 -64.15 -33.26
N ARG B 27 12.58 -64.46 -32.06
CA ARG B 27 13.41 -64.71 -30.87
C ARG B 27 14.50 -65.74 -31.13
N GLN B 28 15.69 -65.44 -30.62
CA GLN B 28 16.89 -66.26 -30.75
C GLN B 28 17.14 -66.73 -32.16
N SER B 29 16.78 -65.89 -33.12
CA SER B 29 16.91 -66.23 -34.49
C SER B 29 17.33 -65.04 -35.32
N SER B 30 16.49 -64.00 -35.33
CA SER B 30 16.74 -62.79 -36.11
C SER B 30 18.07 -62.18 -35.74
N LYS B 31 18.78 -61.66 -36.73
CA LYS B 31 20.03 -60.98 -36.43
C LYS B 31 19.94 -59.49 -36.67
N VAL B 32 20.79 -58.72 -36.01
CA VAL B 32 20.80 -57.26 -36.18
C VAL B 32 22.25 -56.76 -36.36
N PRO B 33 22.46 -55.62 -37.06
CA PRO B 33 23.83 -55.03 -37.16
C PRO B 33 24.30 -54.40 -35.85
N PHE B 34 24.99 -55.22 -35.07
CA PHE B 34 25.51 -54.81 -33.77
C PHE B 34 26.86 -54.16 -33.95
N GLU B 35 26.90 -52.88 -33.61
CA GLU B 35 28.10 -52.10 -33.70
C GLU B 35 28.69 -51.91 -32.32
N LYS B 36 29.99 -52.15 -32.21
CA LYS B 36 30.75 -51.93 -30.99
C LYS B 36 32.16 -51.65 -31.41
N ASP B 37 32.72 -50.56 -30.90
CA ASP B 37 34.10 -50.13 -31.19
C ASP B 37 34.33 -50.04 -32.70
N GLY B 38 33.35 -49.51 -33.43
CA GLY B 38 33.47 -49.32 -34.88
C GLY B 38 33.56 -50.57 -35.73
N LYS B 39 33.31 -51.73 -35.13
CA LYS B 39 33.11 -52.96 -35.89
C LYS B 39 31.63 -53.32 -35.84
N VAL B 40 31.06 -53.67 -37.00
CA VAL B 40 29.67 -54.16 -37.07
C VAL B 40 29.66 -55.67 -37.27
N THR B 41 28.72 -56.34 -36.62
CA THR B 41 28.53 -57.77 -36.76
C THR B 41 27.05 -58.10 -36.70
N GLU B 42 26.61 -58.99 -37.58
CA GLU B 42 25.25 -59.50 -37.51
C GLU B 42 25.13 -60.39 -36.28
N ARG B 43 24.27 -60.01 -35.35
CA ARG B 43 24.21 -60.68 -34.07
C ARG B 43 22.80 -61.17 -33.79
N VAL B 44 22.70 -62.37 -33.20
CA VAL B 44 21.40 -62.96 -32.83
C VAL B 44 20.83 -62.26 -31.61
N VAL B 45 19.51 -62.06 -31.61
CA VAL B 45 18.80 -61.41 -30.50
C VAL B 45 17.95 -62.42 -29.70
N HIS B 46 18.02 -62.36 -28.37
CA HIS B 46 17.32 -63.33 -27.53
C HIS B 46 15.85 -63.03 -27.59
N SER B 47 15.48 -61.80 -27.27
CA SER B 47 14.07 -61.42 -27.21
C SER B 47 13.81 -60.03 -27.79
N PHE B 48 12.64 -59.88 -28.39
CA PHE B 48 12.22 -58.59 -28.89
C PHE B 48 10.98 -58.18 -28.10
N ARG B 49 10.93 -56.92 -27.63
CA ARG B 49 9.75 -56.41 -26.90
C ARG B 49 9.37 -54.97 -27.28
N LEU B 50 8.23 -54.49 -26.76
CA LEU B 50 7.84 -53.06 -26.82
C LEU B 50 7.55 -52.49 -28.23
N PRO B 51 6.73 -53.21 -29.01
CA PRO B 51 6.53 -52.95 -30.44
C PRO B 51 5.96 -51.58 -30.72
N ALA B 52 6.33 -50.98 -31.85
CA ALA B 52 5.73 -49.74 -32.33
C ALA B 52 5.73 -49.83 -33.84
N LEU B 53 4.52 -49.89 -34.42
CA LEU B 53 4.37 -50.09 -35.85
C LEU B 53 3.73 -48.83 -36.44
N VAL B 54 4.42 -48.20 -37.40
CA VAL B 54 3.98 -46.90 -37.90
C VAL B 54 4.06 -46.87 -39.40
N ASN B 55 3.51 -45.82 -40.00
CA ASN B 55 3.65 -45.64 -41.43
C ASN B 55 4.23 -44.28 -41.77
N VAL B 56 5.38 -44.27 -42.42
CA VAL B 56 6.02 -43.02 -42.74
C VAL B 56 6.00 -42.86 -44.23
N ASP B 57 5.03 -42.12 -44.74
CA ASP B 57 5.09 -41.70 -46.15
C ASP B 57 5.09 -42.93 -47.07
N GLY B 58 4.29 -43.94 -46.69
CA GLY B 58 4.17 -45.18 -47.44
C GLY B 58 5.16 -46.25 -47.04
N VAL B 59 6.03 -45.98 -46.07
CA VAL B 59 7.03 -46.94 -45.63
C VAL B 59 6.71 -47.44 -44.23
N MET B 60 6.35 -48.72 -44.15
CA MET B 60 5.99 -49.37 -42.91
C MET B 60 7.25 -49.53 -42.10
N VAL B 61 7.22 -49.01 -40.89
CA VAL B 61 8.37 -49.11 -39.99
C VAL B 61 7.95 -49.75 -38.67
N ALA B 62 8.71 -50.74 -38.23
CA ALA B 62 8.49 -51.35 -36.92
C ALA B 62 9.73 -51.12 -36.07
N ILE B 63 9.51 -50.65 -34.85
CA ILE B 63 10.58 -50.35 -33.90
C ILE B 63 10.32 -51.15 -32.65
N ALA B 64 11.39 -51.60 -32.01
CA ALA B 64 11.31 -52.42 -30.80
C ALA B 64 12.62 -52.45 -30.03
N ASP B 65 12.54 -53.08 -28.86
CA ASP B 65 13.68 -53.43 -28.03
C ASP B 65 14.34 -54.65 -28.63
N ALA B 66 15.62 -54.55 -28.91
CA ALA B 66 16.41 -55.72 -29.21
C ALA B 66 17.15 -56.08 -27.93
N ARG B 67 16.70 -57.16 -27.29
CA ARG B 67 17.30 -57.63 -26.06
C ARG B 67 18.19 -58.81 -26.37
N TYR B 68 19.49 -58.53 -26.32
CA TYR B 68 20.48 -59.37 -26.95
C TYR B 68 20.69 -60.71 -26.30
N GLU B 69 20.91 -60.74 -24.99
CA GLU B 69 21.23 -62.02 -24.36
C GLU B 69 20.11 -62.58 -23.45
N THR B 70 19.34 -61.70 -22.86
CA THR B 70 18.35 -62.15 -21.93
C THR B 70 17.05 -61.40 -22.16
N SER B 71 15.92 -61.87 -21.63
CA SER B 71 14.69 -61.11 -21.80
C SER B 71 14.56 -59.99 -20.78
N PHE B 72 15.33 -60.07 -19.70
CA PHE B 72 15.26 -59.12 -18.59
C PHE B 72 15.36 -57.64 -18.99
N ASP B 73 14.56 -56.80 -18.33
CA ASP B 73 14.56 -55.35 -18.55
C ASP B 73 15.94 -54.77 -18.29
N ASN B 74 16.67 -55.30 -17.32
CA ASN B 74 17.99 -54.81 -16.98
C ASN B 74 19.06 -55.63 -17.65
N SER B 75 19.30 -55.38 -18.92
CA SER B 75 20.23 -56.18 -19.70
C SER B 75 20.67 -55.35 -20.87
N LEU B 76 21.50 -55.95 -21.73
CA LEU B 76 21.95 -55.25 -22.93
C LEU B 76 20.85 -55.05 -23.98
N ILE B 77 20.49 -53.80 -24.26
CA ILE B 77 19.40 -53.53 -25.20
C ILE B 77 19.72 -52.40 -26.15
N ASP B 78 19.47 -52.64 -27.44
CA ASP B 78 19.47 -51.62 -28.51
C ASP B 78 18.07 -51.42 -29.05
N THR B 79 17.92 -50.43 -29.92
CA THR B 79 16.64 -50.19 -30.56
C THR B 79 16.72 -50.56 -32.03
N VAL B 80 16.01 -51.63 -32.37
CA VAL B 80 15.97 -52.15 -33.72
C VAL B 80 14.77 -51.58 -34.50
N ALA B 81 14.97 -51.41 -35.79
CA ALA B 81 13.97 -50.85 -36.69
C ALA B 81 13.98 -51.72 -37.94
N LYS B 82 12.80 -52.20 -38.31
CA LYS B 82 12.62 -52.94 -39.55
C LYS B 82 11.68 -52.13 -40.42
N TYR B 83 11.94 -52.07 -41.71
CA TYR B 83 11.07 -51.30 -42.55
C TYR B 83 10.79 -51.98 -43.86
N SER B 84 9.58 -51.79 -44.34
CA SER B 84 9.09 -52.50 -45.52
C SER B 84 8.56 -51.50 -46.52
N VAL B 85 8.76 -51.80 -47.79
CA VAL B 85 8.18 -50.95 -48.81
C VAL B 85 6.99 -51.60 -49.49
N ASP B 86 6.59 -52.77 -49.02
CA ASP B 86 5.55 -53.51 -49.70
C ASP B 86 4.54 -54.00 -48.70
N ASP B 87 4.18 -53.15 -47.74
CA ASP B 87 3.13 -53.45 -46.77
C ASP B 87 3.44 -54.74 -46.02
N GLY B 88 4.71 -54.95 -45.71
CA GLY B 88 5.11 -56.02 -44.83
C GLY B 88 5.39 -57.35 -45.47
N GLU B 89 5.52 -57.38 -46.79
CA GLU B 89 5.90 -58.64 -47.45
C GLU B 89 7.35 -58.97 -47.13
N THR B 90 8.21 -57.96 -47.23
CA THR B 90 9.64 -58.15 -47.04
C THR B 90 10.15 -56.98 -46.22
N TRP B 91 11.21 -57.18 -45.46
CA TRP B 91 11.68 -56.11 -44.58
C TRP B 91 13.17 -56.01 -44.55
N GLU B 92 13.65 -54.80 -44.31
CA GLU B 92 15.07 -54.56 -44.05
C GLU B 92 15.23 -54.27 -42.56
N THR B 93 16.42 -54.58 -42.04
CA THR B 93 16.67 -54.43 -40.61
C THR B 93 17.85 -53.51 -40.32
N GLN B 94 17.68 -52.59 -39.37
CA GLN B 94 18.81 -51.80 -38.87
C GLN B 94 18.66 -51.53 -37.36
N ILE B 95 19.73 -51.10 -36.70
CA ILE B 95 19.61 -50.58 -35.34
C ILE B 95 19.42 -49.07 -35.43
N ALA B 96 18.38 -48.53 -34.81
CA ALA B 96 18.10 -47.11 -34.91
C ALA B 96 18.80 -46.30 -33.85
N ILE B 97 18.86 -46.86 -32.63
CA ILE B 97 19.57 -46.27 -31.50
C ILE B 97 20.34 -47.37 -30.75
N LYS B 98 21.63 -47.12 -30.51
CA LYS B 98 22.47 -48.08 -29.78
C LYS B 98 22.75 -47.56 -28.39
N ASN B 99 23.03 -48.45 -27.44
CA ASN B 99 23.30 -47.99 -26.08
C ASN B 99 24.76 -47.61 -25.91
N SER B 100 25.07 -47.17 -24.68
CA SER B 100 26.37 -46.63 -24.35
C SER B 100 27.51 -47.65 -24.39
N ARG B 101 27.17 -48.94 -24.42
CA ARG B 101 28.15 -50.05 -24.38
C ARG B 101 29.02 -50.08 -23.13
N ALA B 102 28.65 -49.28 -22.12
CA ALA B 102 29.41 -49.16 -20.87
C ALA B 102 29.51 -50.46 -20.06
N SER B 103 28.48 -51.30 -20.13
CA SER B 103 28.46 -52.51 -19.33
C SER B 103 27.54 -53.52 -19.97
N SER B 104 27.43 -54.70 -19.37
CA SER B 104 26.54 -55.72 -19.89
C SER B 104 25.05 -55.38 -19.65
N VAL B 105 24.77 -54.35 -18.86
CA VAL B 105 23.39 -53.90 -18.71
C VAL B 105 23.09 -52.52 -19.33
N SER B 106 24.02 -51.99 -20.13
CA SER B 106 23.75 -50.76 -20.87
C SER B 106 22.57 -50.98 -21.78
N ARG B 107 21.66 -50.01 -21.82
CA ARG B 107 20.40 -50.21 -22.52
C ARG B 107 19.74 -48.90 -22.92
N VAL B 108 19.07 -48.92 -24.07
CA VAL B 108 18.16 -47.86 -24.46
C VAL B 108 16.74 -48.44 -24.48
N VAL B 109 15.89 -47.85 -23.66
CA VAL B 109 14.68 -48.52 -23.23
C VAL B 109 13.43 -47.72 -23.53
N ASP B 110 12.29 -48.42 -23.60
CA ASP B 110 10.97 -47.85 -23.89
C ASP B 110 11.01 -46.87 -25.05
N PRO B 111 11.37 -47.37 -26.24
CA PRO B 111 11.38 -46.50 -27.41
C PRO B 111 9.96 -46.10 -27.72
N THR B 112 9.78 -44.81 -28.01
CA THR B 112 8.47 -44.25 -28.24
C THR B 112 8.56 -43.40 -29.51
N VAL B 113 7.65 -43.68 -30.44
CA VAL B 113 7.81 -43.21 -31.81
C VAL B 113 6.77 -42.18 -32.23
N ILE B 114 7.20 -41.08 -32.85
CA ILE B 114 6.28 -40.15 -33.52
C ILE B 114 6.67 -39.97 -34.98
N VAL B 115 5.66 -39.99 -35.85
CA VAL B 115 5.86 -39.73 -37.28
C VAL B 115 5.35 -38.34 -37.62
N LYS B 116 6.22 -37.54 -38.22
CA LYS B 116 5.80 -36.29 -38.81
C LYS B 116 6.53 -36.13 -40.13
N GLY B 117 5.77 -35.97 -41.21
CA GLY B 117 6.31 -35.94 -42.56
C GLY B 117 7.02 -37.25 -42.81
N ASN B 118 8.27 -37.15 -43.26
CA ASN B 118 9.10 -38.31 -43.48
C ASN B 118 10.18 -38.44 -42.38
N LYS B 119 9.92 -37.82 -41.23
CA LYS B 119 10.83 -37.91 -40.11
C LYS B 119 10.24 -38.82 -39.04
N LEU B 120 11.08 -39.71 -38.51
CA LEU B 120 10.77 -40.55 -37.35
C LEU B 120 11.46 -40.02 -36.10
N TYR B 121 10.66 -39.53 -35.16
CA TYR B 121 11.16 -39.10 -33.86
C TYR B 121 11.05 -40.23 -32.87
N VAL B 122 12.22 -40.72 -32.40
CA VAL B 122 12.25 -41.85 -31.45
C VAL B 122 12.82 -41.38 -30.11
N LEU B 123 12.07 -41.65 -29.03
CA LEU B 123 12.45 -41.23 -27.69
C LEU B 123 12.74 -42.43 -26.78
N VAL B 124 13.96 -42.47 -26.27
CA VAL B 124 14.40 -43.58 -25.41
C VAL B 124 15.04 -43.11 -24.11
N GLY B 125 14.92 -43.95 -23.10
CA GLY B 125 15.74 -43.84 -21.92
C GLY B 125 17.09 -44.51 -22.20
N SER B 126 18.11 -44.08 -21.47
CA SER B 126 19.43 -44.62 -21.62
C SER B 126 20.11 -44.81 -20.27
N TYR B 127 20.51 -46.06 -20.02
CA TYR B 127 21.15 -46.46 -18.78
C TYR B 127 22.46 -47.12 -19.05
N ASN B 128 23.37 -46.99 -18.10
CA ASN B 128 24.73 -47.47 -18.29
C ASN B 128 25.05 -48.73 -17.55
N SER B 129 24.71 -48.77 -16.26
CA SER B 129 25.11 -49.92 -15.44
C SER B 129 24.22 -50.24 -14.24
N SER B 130 23.09 -49.56 -14.09
CA SER B 130 22.15 -49.87 -13.01
C SER B 130 21.56 -51.27 -13.13
N ARG B 131 21.53 -52.01 -12.02
CA ARG B 131 20.92 -53.34 -12.03
C ARG B 131 19.47 -53.40 -11.52
N SER B 132 18.98 -52.30 -10.95
CA SER B 132 17.63 -52.25 -10.39
C SER B 132 16.65 -51.61 -11.36
N TYR B 133 15.36 -51.83 -11.13
CA TYR B 133 14.34 -51.20 -11.97
C TYR B 133 14.40 -49.69 -11.86
N TRP B 134 14.20 -49.00 -12.99
CA TRP B 134 14.41 -47.57 -13.04
C TRP B 134 13.67 -46.77 -11.96
N THR B 135 12.48 -47.20 -11.58
CA THR B 135 11.71 -46.45 -10.59
C THR B 135 12.25 -46.53 -9.16
N SER B 136 12.92 -47.63 -8.84
CA SER B 136 13.50 -47.78 -7.52
C SER B 136 14.83 -47.05 -7.32
N HIS B 137 15.44 -46.53 -8.39
CA HIS B 137 16.67 -45.69 -8.28
C HIS B 137 16.45 -44.52 -7.32
N GLY B 138 17.49 -44.13 -6.57
CA GLY B 138 17.39 -43.04 -5.59
C GLY B 138 17.80 -41.68 -6.14
N ASP B 139 18.44 -41.71 -7.33
CA ASP B 139 18.65 -40.52 -8.16
C ASP B 139 18.91 -40.82 -9.67
N ALA B 140 19.21 -39.77 -10.42
CA ALA B 140 19.24 -39.82 -11.87
C ALA B 140 20.62 -40.18 -12.43
N ARG B 141 21.55 -40.59 -11.58
CA ARG B 141 22.94 -40.69 -11.99
C ARG B 141 23.17 -41.65 -13.16
N ASP B 142 22.36 -42.69 -13.29
CA ASP B 142 22.58 -43.65 -14.37
C ASP B 142 21.75 -43.35 -15.63
N TRP B 143 20.99 -42.27 -15.62
CA TRP B 143 19.91 -42.08 -16.60
C TRP B 143 20.15 -40.95 -17.56
N ASP B 144 19.83 -41.18 -18.82
CA ASP B 144 19.64 -40.09 -19.76
C ASP B 144 18.39 -40.37 -20.55
N ILE B 145 17.83 -39.33 -21.13
CA ILE B 145 16.67 -39.41 -22.00
C ILE B 145 17.12 -38.90 -23.39
N LEU B 146 16.99 -39.75 -24.41
CA LEU B 146 17.54 -39.40 -25.72
C LEU B 146 16.50 -39.34 -26.81
N LEU B 147 16.72 -38.42 -27.75
CA LEU B 147 15.90 -38.27 -28.94
C LEU B 147 16.74 -38.51 -30.18
N ALA B 148 16.37 -39.52 -30.96
CA ALA B 148 17.00 -39.74 -32.25
C ALA B 148 15.96 -39.52 -33.34
N VAL B 149 16.40 -38.97 -34.48
CA VAL B 149 15.53 -38.79 -35.64
C VAL B 149 15.99 -39.54 -36.89
N GLY B 150 15.06 -40.25 -37.54
CA GLY B 150 15.34 -40.89 -38.82
C GLY B 150 14.70 -40.12 -39.97
N GLU B 151 15.40 -40.05 -41.11
CA GLU B 151 14.86 -39.40 -42.32
C GLU B 151 14.54 -40.49 -43.32
N VAL B 152 13.27 -40.56 -43.72
CA VAL B 152 12.85 -41.62 -44.59
C VAL B 152 12.82 -41.14 -46.05
N THR B 153 13.35 -41.92 -46.99
CA THR B 153 13.41 -41.56 -48.44
C THR B 153 13.01 -42.74 -49.34
N LYS B 154 12.47 -42.48 -50.52
CA LYS B 154 12.18 -43.55 -51.48
C LYS B 154 12.82 -43.34 -52.87
N SER B 155 13.66 -44.30 -53.27
CA SER B 155 14.24 -44.36 -54.62
C SER B 155 13.52 -45.42 -55.47
N THR B 156 13.68 -45.38 -56.80
CA THR B 156 12.99 -46.38 -57.64
C THR B 156 13.75 -46.80 -58.88
N ALA B 157 14.58 -47.82 -58.79
CA ALA B 157 15.13 -48.41 -60.02
C ALA B 157 14.13 -49.36 -60.67
N GLY B 158 13.96 -49.24 -61.97
CA GLY B 158 13.10 -50.17 -62.74
C GLY B 158 11.70 -50.20 -62.16
N GLY B 159 11.19 -51.37 -61.77
CA GLY B 159 9.89 -51.40 -61.10
C GLY B 159 10.00 -51.31 -59.59
N LYS B 160 11.23 -51.18 -59.08
CA LYS B 160 11.50 -51.52 -57.67
C LYS B 160 11.70 -50.36 -56.69
N ILE B 161 10.78 -50.27 -55.72
CA ILE B 161 10.86 -49.30 -54.62
C ILE B 161 11.89 -49.75 -53.58
N THR B 162 12.84 -48.88 -53.26
CA THR B 162 13.91 -49.20 -52.31
C THR B 162 14.05 -47.99 -51.39
N ALA B 163 13.70 -48.16 -50.13
CA ALA B 163 13.70 -47.02 -49.21
C ALA B 163 14.91 -47.05 -48.32
N SER B 164 15.26 -45.90 -47.76
CA SER B 164 16.33 -45.85 -46.78
C SER B 164 15.99 -44.84 -45.71
N ILE B 165 16.37 -45.23 -44.49
CA ILE B 165 16.17 -44.40 -43.32
C ILE B 165 17.54 -44.16 -42.75
N LYS B 166 17.92 -42.88 -42.72
CA LYS B 166 19.19 -42.47 -42.18
C LYS B 166 18.89 -42.01 -40.76
N TRP B 167 19.51 -42.67 -39.77
CA TRP B 167 19.31 -42.28 -38.38
C TRP B 167 20.36 -41.28 -37.93
N GLY B 168 19.93 -40.21 -37.26
CA GLY B 168 20.85 -39.25 -36.69
C GLY B 168 21.38 -39.73 -35.35
N SER B 169 22.48 -39.12 -34.91
CA SER B 169 23.01 -39.40 -33.59
C SER B 169 21.99 -38.92 -32.55
N PRO B 170 21.75 -39.71 -31.45
CA PRO B 170 20.73 -39.29 -30.48
C PRO B 170 21.10 -37.98 -29.81
N VAL B 171 20.12 -37.22 -29.34
CA VAL B 171 20.38 -35.97 -28.62
C VAL B 171 19.77 -36.07 -27.23
N SER B 172 20.48 -35.60 -26.19
CA SER B 172 19.97 -35.70 -24.82
C SER B 172 18.92 -34.61 -24.57
N LEU B 173 17.75 -35.01 -24.07
CA LEU B 173 16.73 -34.03 -23.76
C LEU B 173 16.75 -33.63 -22.29
N LYS B 174 17.74 -34.13 -21.56
CA LYS B 174 17.80 -33.97 -20.11
C LYS B 174 17.65 -32.51 -19.68
N GLU B 175 18.20 -31.60 -20.47
CA GLU B 175 18.16 -30.21 -20.11
C GLU B 175 16.74 -29.67 -20.01
N PHE B 176 15.76 -30.41 -20.52
CA PHE B 176 14.37 -29.96 -20.41
C PHE B 176 13.64 -30.57 -19.24
N PHE B 177 14.38 -31.25 -18.37
CA PHE B 177 13.79 -31.90 -17.20
C PHE B 177 13.95 -31.07 -15.94
N PRO B 178 12.86 -30.50 -15.43
CA PRO B 178 12.94 -29.69 -14.21
C PRO B 178 13.41 -30.45 -12.92
N ALA B 179 13.96 -29.72 -11.96
CA ALA B 179 14.30 -30.27 -10.66
C ALA B 179 13.04 -30.46 -9.85
N GLU B 180 12.05 -29.60 -10.08
CA GLU B 180 10.79 -29.67 -9.33
C GLU B 180 9.58 -29.63 -10.24
N MET B 181 8.58 -30.40 -9.85
CA MET B 181 7.34 -30.61 -10.59
C MET B 181 6.38 -30.20 -9.50
N GLU B 182 5.25 -29.59 -9.86
CA GLU B 182 4.58 -28.71 -8.90
C GLU B 182 4.66 -29.19 -7.45
N GLY B 183 5.54 -28.55 -6.66
CA GLY B 183 5.80 -28.91 -5.24
C GLY B 183 6.17 -30.37 -4.91
N MET B 184 7.03 -30.99 -5.71
CA MET B 184 7.64 -32.30 -5.39
C MET B 184 8.90 -32.34 -6.24
N HIS B 185 9.89 -33.16 -5.90
CA HIS B 185 11.17 -33.15 -6.61
C HIS B 185 11.27 -34.35 -7.54
N THR B 186 11.90 -34.16 -8.69
CA THR B 186 11.89 -35.16 -9.73
C THR B 186 13.07 -36.11 -9.60
N ASN B 187 12.92 -37.29 -10.20
CA ASN B 187 14.02 -38.27 -10.30
C ASN B 187 14.37 -38.55 -11.76
N GLN B 188 13.48 -39.24 -12.46
CA GLN B 188 13.68 -39.62 -13.86
C GLN B 188 12.36 -39.56 -14.62
N PHE B 189 12.46 -39.68 -15.94
CA PHE B 189 11.27 -39.92 -16.79
C PHE B 189 11.58 -40.70 -18.07
N LEU B 190 10.53 -41.31 -18.62
CA LEU B 190 10.61 -42.17 -19.77
C LEU B 190 9.37 -42.01 -20.66
N GLY B 191 9.53 -42.37 -21.95
CA GLY B 191 8.37 -42.47 -22.85
C GLY B 191 7.34 -43.49 -22.40
N GLY B 192 6.14 -43.43 -22.97
CA GLY B 192 5.09 -44.37 -22.64
C GLY B 192 5.24 -45.65 -23.43
N ALA B 193 6.31 -45.69 -24.25
CA ALA B 193 6.56 -46.76 -25.22
C ALA B 193 5.57 -46.69 -26.37
N GLY B 194 5.74 -47.52 -27.40
CA GLY B 194 4.76 -47.51 -28.49
C GLY B 194 4.76 -46.25 -29.35
N VAL B 195 3.58 -45.85 -29.81
CA VAL B 195 3.48 -44.70 -30.73
C VAL B 195 2.81 -43.43 -30.16
N ALA B 196 3.55 -42.32 -30.12
CA ALA B 196 2.98 -41.02 -29.76
C ALA B 196 2.49 -40.26 -31.01
N ILE B 197 2.20 -38.97 -30.88
CA ILE B 197 1.40 -38.26 -31.90
C ILE B 197 1.88 -36.84 -32.26
N VAL B 198 1.35 -36.33 -33.38
CA VAL B 198 1.48 -34.91 -33.69
C VAL B 198 0.14 -34.26 -33.42
N ALA B 199 0.08 -33.30 -32.49
CA ALA B 199 -1.19 -32.57 -32.22
C ALA B 199 -1.63 -31.78 -33.43
N SER B 200 -2.92 -31.51 -33.50
CA SER B 200 -3.48 -30.80 -34.63
C SER B 200 -2.85 -29.43 -34.84
N ASN B 201 -2.20 -28.91 -33.81
CA ASN B 201 -1.49 -27.64 -33.93
C ASN B 201 -0.01 -27.85 -34.28
N GLY B 202 0.37 -29.07 -34.58
CA GLY B 202 1.72 -29.30 -35.04
C GLY B 202 2.71 -29.71 -33.99
N ASN B 203 2.34 -29.60 -32.71
CA ASN B 203 3.24 -29.98 -31.61
C ASN B 203 3.58 -31.46 -31.60
N LEU B 204 4.84 -31.79 -31.32
CA LEU B 204 5.22 -33.18 -31.05
C LEU B 204 4.81 -33.52 -29.64
N VAL B 205 3.98 -34.56 -29.47
CA VAL B 205 3.46 -34.88 -28.13
C VAL B 205 3.77 -36.28 -27.65
N TYR B 206 4.56 -36.37 -26.58
CA TYR B 206 4.89 -37.66 -25.95
C TYR B 206 4.25 -37.73 -24.58
N PRO B 207 3.39 -38.72 -24.35
CA PRO B 207 2.99 -38.93 -22.96
C PRO B 207 4.14 -39.60 -22.23
N VAL B 208 4.54 -39.08 -21.07
CA VAL B 208 5.70 -39.67 -20.39
C VAL B 208 5.40 -40.11 -18.98
N GLN B 209 6.11 -41.13 -18.52
CA GLN B 209 6.01 -41.59 -17.14
C GLN B 209 7.16 -40.98 -16.35
N VAL B 210 6.85 -40.43 -15.18
CA VAL B 210 7.82 -39.68 -14.39
C VAL B 210 7.83 -40.12 -12.93
N THR B 211 9.02 -40.17 -12.33
CA THR B 211 9.17 -40.47 -10.90
C THR B 211 9.61 -39.28 -10.07
N ASN B 212 9.09 -39.18 -8.85
CA ASN B 212 9.57 -38.22 -7.88
C ASN B 212 10.53 -38.86 -6.87
N LYS B 213 10.98 -38.11 -5.86
CA LYS B 213 12.00 -38.62 -4.93
C LYS B 213 11.41 -39.64 -3.95
N LYS B 214 10.08 -39.67 -3.90
CA LYS B 214 9.35 -40.63 -3.08
C LYS B 214 9.16 -41.89 -3.91
N LYS B 215 9.73 -41.89 -5.12
CA LYS B 215 9.67 -42.98 -6.09
C LYS B 215 8.23 -43.34 -6.45
N GLN B 216 7.37 -42.35 -6.55
CA GLN B 216 6.00 -42.57 -7.06
C GLN B 216 6.05 -42.35 -8.55
N VAL B 217 5.25 -43.07 -9.31
CA VAL B 217 5.18 -42.80 -10.74
C VAL B 217 3.90 -42.06 -11.12
N PHE B 218 4.00 -41.23 -12.15
CA PHE B 218 2.85 -40.49 -12.66
C PHE B 218 3.09 -40.09 -14.11
N SER B 219 2.03 -39.73 -14.81
CA SER B 219 2.14 -39.42 -16.21
C SER B 219 2.02 -37.93 -16.47
N LYS B 220 2.79 -37.45 -17.44
CA LYS B 220 2.78 -36.03 -17.84
C LYS B 220 2.78 -35.90 -19.36
N ILE B 221 2.44 -34.70 -19.83
CA ILE B 221 2.53 -34.37 -21.24
C ILE B 221 3.85 -33.65 -21.50
N PHE B 222 4.68 -34.27 -22.33
CA PHE B 222 6.00 -33.78 -22.69
C PHE B 222 5.98 -33.44 -24.16
N TYR B 223 6.00 -32.14 -24.50
CA TYR B 223 5.78 -31.73 -25.89
C TYR B 223 6.82 -30.73 -26.43
N SER B 224 6.89 -30.64 -27.76
CA SER B 224 7.74 -29.68 -28.44
C SER B 224 6.94 -28.86 -29.42
N GLU B 225 7.14 -27.55 -29.37
CA GLU B 225 6.50 -26.65 -30.28
C GLU B 225 7.44 -26.29 -31.42
N ASP B 226 8.62 -26.90 -31.48
CA ASP B 226 9.60 -26.48 -32.49
C ASP B 226 10.32 -27.58 -33.25
N GLU B 227 9.54 -28.61 -33.62
CA GLU B 227 10.07 -29.81 -34.32
C GLU B 227 11.15 -30.57 -33.53
N GLY B 228 11.01 -30.55 -32.20
CA GLY B 228 11.88 -31.27 -31.29
C GLY B 228 13.22 -30.62 -30.98
N LYS B 229 13.34 -29.31 -31.15
CA LYS B 229 14.59 -28.64 -30.74
C LYS B 229 14.54 -28.44 -29.23
N THR B 230 13.38 -28.01 -28.73
CA THR B 230 13.20 -27.80 -27.31
C THR B 230 11.87 -28.40 -26.84
N TRP B 231 11.78 -28.71 -25.55
CA TRP B 231 10.67 -29.43 -24.96
C TRP B 231 10.12 -28.81 -23.68
N LYS B 232 8.79 -28.90 -23.51
CA LYS B 232 8.11 -28.43 -22.30
C LYS B 232 7.29 -29.57 -21.64
N PHE B 233 7.02 -29.41 -20.35
CA PHE B 233 6.08 -30.27 -19.63
C PHE B 233 4.77 -29.52 -19.35
N GLY B 234 3.61 -30.10 -19.68
CA GLY B 234 2.36 -29.51 -19.22
C GLY B 234 2.33 -29.53 -17.71
N LYS B 235 1.74 -28.52 -17.09
CA LYS B 235 1.72 -28.34 -15.63
C LYS B 235 1.08 -29.47 -14.84
N GLY B 236 0.00 -30.03 -15.35
CA GLY B 236 -0.71 -31.09 -14.64
C GLY B 236 -0.19 -32.50 -14.90
N ARG B 237 -0.82 -33.44 -14.21
CA ARG B 237 -0.44 -34.84 -14.25
C ARG B 237 -1.63 -35.76 -13.97
N SER B 238 -1.42 -37.04 -14.32
CA SER B 238 -2.26 -38.15 -13.92
C SER B 238 -2.15 -38.35 -12.42
N ALA B 239 -3.02 -39.19 -11.87
CA ALA B 239 -2.90 -39.60 -10.47
C ALA B 239 -1.65 -40.44 -10.29
N PHE B 240 -1.23 -40.66 -9.05
CA PHE B 240 -0.03 -41.45 -8.84
C PHE B 240 -0.25 -42.90 -9.17
N GLY B 241 0.75 -43.56 -9.74
CA GLY B 241 0.57 -44.94 -10.15
C GLY B 241 0.10 -45.12 -11.58
N CYS B 242 -0.09 -44.04 -12.31
CA CYS B 242 -0.36 -44.16 -13.74
C CYS B 242 0.96 -44.22 -14.46
N SER B 243 1.22 -45.32 -15.14
CA SER B 243 2.48 -45.53 -15.86
C SER B 243 2.20 -45.93 -17.28
N GLU B 244 3.22 -45.96 -18.12
CA GLU B 244 3.14 -46.39 -19.54
C GLU B 244 1.94 -45.85 -20.28
N PRO B 245 1.76 -44.53 -20.28
CA PRO B 245 0.68 -43.79 -20.90
C PRO B 245 0.81 -43.78 -22.43
N VAL B 246 -0.34 -43.84 -23.10
CA VAL B 246 -0.43 -43.71 -24.55
C VAL B 246 -1.48 -42.64 -24.80
N ALA B 247 -1.25 -41.80 -25.80
CA ALA B 247 -2.17 -40.69 -25.99
C ALA B 247 -2.66 -40.58 -27.43
N LEU B 248 -3.86 -40.05 -27.60
CA LEU B 248 -4.30 -39.70 -28.94
C LEU B 248 -5.06 -38.36 -28.90
N GLU B 249 -5.35 -37.76 -30.04
CA GLU B 249 -6.10 -36.52 -29.99
C GLU B 249 -7.51 -36.69 -30.54
N TRP B 250 -8.49 -36.23 -29.76
CA TRP B 250 -9.91 -36.47 -30.08
C TRP B 250 -10.79 -35.27 -29.79
N GLU B 251 -11.32 -34.71 -30.89
CA GLU B 251 -12.14 -33.54 -30.88
C GLU B 251 -11.46 -32.47 -30.09
N GLY B 252 -10.26 -32.09 -30.55
CA GLY B 252 -9.54 -30.99 -29.93
C GLY B 252 -8.71 -31.38 -28.71
N LYS B 253 -9.10 -32.43 -27.99
CA LYS B 253 -8.45 -32.75 -26.72
C LYS B 253 -7.46 -33.91 -26.84
N LEU B 254 -6.45 -33.88 -25.99
CA LEU B 254 -5.57 -35.02 -25.81
C LEU B 254 -6.26 -35.96 -24.84
N ILE B 255 -6.34 -37.23 -25.24
CA ILE B 255 -6.84 -38.30 -24.39
C ILE B 255 -5.65 -39.15 -23.98
N ILE B 256 -5.41 -39.21 -22.68
CA ILE B 256 -4.28 -39.98 -22.16
C ILE B 256 -4.79 -41.24 -21.46
N ASN B 257 -4.29 -42.37 -21.92
CA ASN B 257 -4.79 -43.66 -21.50
C ASN B 257 -3.67 -44.36 -20.78
N THR B 258 -3.89 -44.71 -19.52
CA THR B 258 -2.77 -45.12 -18.69
C THR B 258 -2.85 -46.52 -18.17
N ARG B 259 -1.67 -47.12 -17.98
CA ARG B 259 -1.48 -48.37 -17.23
C ARG B 259 -1.47 -48.03 -15.75
N VAL B 260 -2.26 -48.78 -15.00
CA VAL B 260 -2.29 -48.68 -13.55
C VAL B 260 -2.24 -50.10 -13.05
N ASP B 261 -1.11 -50.49 -12.48
CA ASP B 261 -0.97 -51.89 -12.09
C ASP B 261 -1.95 -52.21 -11.00
N TYR B 262 -2.54 -53.38 -11.09
CA TYR B 262 -3.40 -53.90 -10.06
C TYR B 262 -4.69 -53.11 -9.82
N ARG B 263 -4.96 -52.11 -10.65
CA ARG B 263 -6.27 -51.46 -10.70
C ARG B 263 -6.73 -51.26 -12.14
N ARG B 264 -7.96 -50.76 -12.30
CA ARG B 264 -8.50 -50.53 -13.64
C ARG B 264 -7.82 -49.33 -14.29
N ARG B 265 -7.59 -49.42 -15.60
CA ARG B 265 -6.98 -48.32 -16.40
C ARG B 265 -7.70 -46.95 -16.24
N LEU B 266 -6.94 -45.94 -15.84
CA LEU B 266 -7.45 -44.57 -15.84
C LEU B 266 -7.19 -43.86 -17.13
N VAL B 267 -8.18 -43.08 -17.58
CA VAL B 267 -8.09 -42.29 -18.81
C VAL B 267 -8.43 -40.83 -18.55
N TYR B 268 -7.65 -39.96 -19.15
CA TYR B 268 -7.75 -38.53 -18.90
C TYR B 268 -7.93 -37.72 -20.18
N GLU B 269 -8.64 -36.60 -20.07
CA GLU B 269 -8.69 -35.62 -21.15
C GLU B 269 -7.88 -34.37 -20.75
N SER B 270 -7.18 -33.78 -21.71
CA SER B 270 -6.58 -32.49 -21.49
C SER B 270 -6.65 -31.65 -22.75
N SER B 271 -7.33 -30.53 -22.62
CA SER B 271 -7.57 -29.64 -23.73
C SER B 271 -6.41 -28.70 -23.87
N ASP B 272 -5.63 -28.53 -22.82
CA ASP B 272 -4.64 -27.46 -22.78
C ASP B 272 -3.19 -27.95 -22.71
N MET B 273 -2.83 -28.83 -23.63
CA MET B 273 -1.49 -29.39 -23.68
C MET B 273 -1.00 -29.87 -22.33
N GLY B 274 -1.88 -30.55 -21.61
CA GLY B 274 -1.52 -31.21 -20.39
C GLY B 274 -1.37 -30.33 -19.18
N ASN B 275 -1.80 -29.07 -19.28
CA ASN B 275 -1.75 -28.20 -18.12
C ASN B 275 -2.76 -28.57 -17.08
N THR B 276 -3.95 -28.91 -17.53
CA THR B 276 -4.95 -29.45 -16.63
C THR B 276 -5.39 -30.78 -17.21
N TRP B 277 -5.48 -31.78 -16.36
CA TRP B 277 -5.90 -33.11 -16.78
C TRP B 277 -7.21 -33.42 -16.13
N LEU B 278 -8.18 -33.94 -16.86
CA LEU B 278 -9.43 -34.31 -16.20
C LEU B 278 -9.78 -35.75 -16.47
N GLU B 279 -10.11 -36.52 -15.43
CA GLU B 279 -10.36 -37.93 -15.64
C GLU B 279 -11.62 -38.18 -16.44
N ALA B 280 -11.48 -38.96 -17.51
CA ALA B 280 -12.52 -39.15 -18.53
C ALA B 280 -13.69 -40.03 -18.05
N VAL B 281 -14.29 -39.63 -16.95
CA VAL B 281 -15.23 -40.49 -16.27
C VAL B 281 -16.50 -40.76 -17.07
N GLY B 282 -16.85 -39.82 -17.95
CA GLY B 282 -18.07 -39.92 -18.74
C GLY B 282 -17.94 -40.74 -20.02
N THR B 283 -16.72 -41.20 -20.32
CA THR B 283 -16.44 -42.05 -21.51
C THR B 283 -15.61 -43.34 -21.27
N LEU B 284 -14.28 -43.21 -21.19
CA LEU B 284 -13.34 -44.35 -21.28
C LEU B 284 -12.58 -44.73 -19.99
N SER B 285 -12.51 -43.78 -19.07
CA SER B 285 -11.83 -44.07 -17.83
C SER B 285 -12.54 -45.20 -17.07
N ARG B 286 -11.70 -46.17 -16.68
CA ARG B 286 -12.08 -47.28 -15.83
C ARG B 286 -12.87 -48.33 -16.57
N VAL B 287 -12.88 -48.23 -17.90
CA VAL B 287 -13.62 -49.21 -18.68
C VAL B 287 -12.82 -50.50 -18.68
N TRP B 288 -11.52 -50.37 -18.98
CA TRP B 288 -10.71 -51.57 -19.18
C TRP B 288 -10.00 -52.03 -17.90
N GLY B 289 -10.29 -53.27 -17.49
CA GLY B 289 -9.59 -53.87 -16.38
C GLY B 289 -8.44 -54.72 -16.90
N PRO B 290 -7.33 -54.81 -16.13
CA PRO B 290 -6.06 -55.41 -16.56
C PRO B 290 -6.01 -56.94 -16.51
N SER B 291 -7.06 -57.56 -15.96
CA SER B 291 -7.13 -58.99 -15.63
C SER B 291 -8.56 -59.14 -15.25
N PRO B 292 -9.12 -60.35 -15.29
CA PRO B 292 -10.52 -60.56 -14.91
C PRO B 292 -10.88 -59.89 -13.61
N LYS B 293 -10.14 -60.20 -12.55
CA LYS B 293 -10.48 -59.60 -11.27
C LYS B 293 -9.82 -58.24 -11.03
N SER B 294 -9.18 -57.69 -12.08
CA SER B 294 -8.47 -56.39 -12.05
C SER B 294 -7.46 -56.28 -10.92
N ASN B 295 -6.75 -57.38 -10.69
CA ASN B 295 -5.88 -57.49 -9.53
C ASN B 295 -4.50 -57.97 -9.94
N GLN B 296 -4.14 -57.71 -11.19
CA GLN B 296 -2.86 -58.16 -11.71
C GLN B 296 -2.07 -57.01 -12.34
N PRO B 297 -0.84 -57.28 -12.78
CA PRO B 297 -0.11 -56.25 -13.50
C PRO B 297 -0.78 -55.72 -14.78
N GLY B 298 -0.47 -54.48 -15.13
CA GLY B 298 -1.10 -53.82 -16.27
C GLY B 298 -0.33 -54.04 -17.56
N SER B 299 -0.54 -53.19 -18.56
CA SER B 299 0.12 -53.41 -19.83
C SER B 299 0.32 -52.19 -20.69
N GLN B 300 1.21 -52.34 -21.66
CA GLN B 300 1.32 -51.41 -22.76
C GLN B 300 0.16 -51.63 -23.74
N SER B 301 -0.43 -50.53 -24.19
CA SER B 301 -1.60 -50.55 -25.08
C SER B 301 -1.39 -49.76 -26.39
N SER B 302 -1.85 -50.29 -27.51
CA SER B 302 -1.96 -49.46 -28.70
C SER B 302 -3.23 -48.67 -28.51
N PHE B 303 -3.23 -47.40 -28.90
CA PHE B 303 -4.37 -46.53 -28.72
C PHE B 303 -4.27 -45.42 -29.76
N THR B 304 -5.00 -45.62 -30.84
CA THR B 304 -4.84 -44.76 -32.03
C THR B 304 -6.19 -44.21 -32.50
N ALA B 305 -6.16 -43.01 -33.07
CA ALA B 305 -7.36 -42.48 -33.71
C ALA B 305 -7.19 -42.66 -35.21
N VAL B 306 -8.20 -43.22 -35.86
CA VAL B 306 -8.15 -43.41 -37.31
C VAL B 306 -9.50 -43.16 -37.93
N THR B 307 -9.51 -42.99 -39.25
CA THR B 307 -10.78 -42.82 -39.94
C THR B 307 -11.09 -43.99 -40.86
N ILE B 308 -12.11 -44.75 -40.50
CA ILE B 308 -12.46 -45.94 -41.22
C ILE B 308 -13.85 -45.78 -41.81
N GLU B 309 -13.96 -45.94 -43.14
CA GLU B 309 -15.26 -45.81 -43.84
C GLU B 309 -15.84 -44.48 -43.41
N GLY B 310 -15.00 -43.44 -43.52
CA GLY B 310 -15.42 -42.09 -43.23
C GLY B 310 -15.85 -41.77 -41.81
N MET B 311 -15.68 -42.70 -40.88
CA MET B 311 -16.00 -42.43 -39.48
C MET B 311 -14.76 -42.35 -38.64
N ARG B 312 -14.71 -41.37 -37.75
CA ARG B 312 -13.53 -41.15 -36.93
C ARG B 312 -13.66 -42.05 -35.70
N VAL B 313 -12.70 -42.95 -35.50
CA VAL B 313 -12.81 -43.89 -34.38
C VAL B 313 -11.49 -44.06 -33.61
N MET B 314 -11.55 -44.80 -32.51
CA MET B 314 -10.35 -45.18 -31.78
C MET B 314 -10.20 -46.71 -31.74
N LEU B 315 -8.95 -47.18 -31.87
CA LEU B 315 -8.63 -48.61 -31.70
C LEU B 315 -7.64 -48.81 -30.54
N PHE B 316 -8.07 -49.64 -29.59
CA PHE B 316 -7.35 -49.90 -28.33
C PHE B 316 -7.08 -51.39 -28.20
N THR B 317 -5.88 -51.74 -27.74
CA THR B 317 -5.56 -53.13 -27.44
C THR B 317 -5.01 -53.29 -26.04
N HIS B 318 -5.25 -54.46 -25.45
CA HIS B 318 -4.79 -54.79 -24.11
C HIS B 318 -5.05 -56.26 -23.94
N PRO B 319 -4.09 -56.99 -23.35
CA PRO B 319 -4.26 -58.42 -23.08
C PRO B 319 -5.32 -58.66 -22.00
N LEU B 320 -6.09 -59.76 -22.07
CA LEU B 320 -7.08 -59.97 -20.98
C LEU B 320 -6.41 -60.53 -19.74
N ASN B 321 -5.31 -61.25 -19.96
CA ASN B 321 -4.46 -61.73 -18.87
C ASN B 321 -5.24 -62.57 -17.88
N PHE B 322 -5.92 -63.59 -18.42
CA PHE B 322 -6.54 -64.66 -17.64
C PHE B 322 -5.53 -65.38 -16.78
N LYS B 323 -4.34 -65.61 -17.32
CA LYS B 323 -3.31 -66.31 -16.59
C LYS B 323 -2.89 -65.59 -15.33
N GLY B 324 -2.85 -64.26 -15.38
CA GLY B 324 -2.40 -63.52 -14.21
C GLY B 324 -0.91 -63.25 -14.26
N ARG B 325 -0.40 -62.62 -13.21
CA ARG B 325 1.02 -62.20 -13.13
C ARG B 325 1.37 -61.42 -14.41
N TRP B 326 2.55 -61.61 -15.00
CA TRP B 326 2.88 -60.80 -16.21
C TRP B 326 2.75 -61.53 -17.52
N LEU B 327 2.10 -62.69 -17.45
CA LEU B 327 1.92 -63.57 -18.60
C LEU B 327 1.17 -62.86 -19.67
N ARG B 328 0.03 -62.27 -19.31
CA ARG B 328 -0.69 -61.36 -20.20
C ARG B 328 -1.11 -61.98 -21.53
N ASP B 329 -1.68 -63.17 -21.44
CA ASP B 329 -2.31 -63.85 -22.54
C ASP B 329 -3.53 -63.11 -23.06
N ARG B 330 -4.03 -63.52 -24.22
CA ARG B 330 -5.31 -63.07 -24.82
C ARG B 330 -5.39 -61.57 -25.13
N LEU B 331 -4.60 -61.19 -26.14
CA LEU B 331 -4.54 -59.85 -26.65
C LEU B 331 -5.86 -59.49 -27.35
N ASN B 332 -6.55 -58.48 -26.83
CA ASN B 332 -7.84 -58.04 -27.38
C ASN B 332 -7.89 -56.67 -28.03
N LEU B 333 -8.70 -56.59 -29.09
CA LEU B 333 -8.85 -55.37 -29.85
C LEU B 333 -10.19 -54.73 -29.54
N TRP B 334 -10.19 -53.44 -29.28
CA TRP B 334 -11.39 -52.70 -28.96
C TRP B 334 -11.60 -51.55 -29.95
N LEU B 335 -12.87 -51.34 -30.32
CA LEU B 335 -13.29 -50.30 -31.23
C LEU B 335 -14.22 -49.36 -30.50
N THR B 336 -13.88 -48.08 -30.49
CA THR B 336 -14.77 -47.09 -29.91
C THR B 336 -14.93 -45.81 -30.69
N ASP B 337 -16.14 -45.26 -30.62
CA ASP B 337 -16.44 -43.95 -31.19
C ASP B 337 -16.60 -42.99 -30.03
N ASN B 338 -16.04 -43.35 -28.90
CA ASN B 338 -16.12 -42.55 -27.68
C ASN B 338 -17.52 -42.45 -27.14
N GLN B 339 -18.38 -43.34 -27.61
CA GLN B 339 -19.69 -43.44 -27.06
C GLN B 339 -19.91 -44.91 -26.79
N ARG B 340 -19.87 -45.69 -27.87
CA ARG B 340 -20.04 -47.13 -27.83
C ARG B 340 -18.68 -47.76 -27.73
N ILE B 341 -18.60 -48.89 -27.02
CA ILE B 341 -17.34 -49.62 -27.00
C ILE B 341 -17.57 -51.09 -27.40
N TYR B 342 -16.95 -51.48 -28.51
CA TYR B 342 -17.12 -52.80 -29.06
C TYR B 342 -15.86 -53.62 -28.94
N ASN B 343 -16.01 -54.84 -28.45
CA ASN B 343 -14.90 -55.78 -28.39
C ASN B 343 -14.73 -56.48 -29.72
N VAL B 344 -13.80 -55.99 -30.55
CA VAL B 344 -13.57 -56.58 -31.86
C VAL B 344 -13.14 -58.03 -31.71
N GLY B 345 -12.40 -58.34 -30.65
CA GLY B 345 -12.06 -59.72 -30.32
C GLY B 345 -10.58 -59.97 -30.10
N GLN B 346 -10.23 -61.26 -30.08
CA GLN B 346 -8.88 -61.68 -29.73
C GLN B 346 -7.97 -61.64 -30.96
N VAL B 347 -6.76 -61.12 -30.81
CA VAL B 347 -5.84 -60.93 -31.91
C VAL B 347 -4.75 -61.99 -31.80
N SER B 348 -4.42 -62.35 -30.58
CA SER B 348 -3.45 -63.41 -30.33
C SER B 348 -4.12 -64.74 -30.59
N ILE B 349 -3.34 -65.80 -30.62
CA ILE B 349 -3.85 -67.13 -30.97
C ILE B 349 -3.96 -68.07 -29.78
N GLY B 350 -5.19 -68.28 -29.32
CA GLY B 350 -5.43 -69.11 -28.17
C GLY B 350 -4.72 -68.61 -26.94
N ASP B 351 -4.35 -69.52 -26.06
CA ASP B 351 -3.78 -69.18 -24.74
C ASP B 351 -2.30 -68.82 -24.79
N GLU B 352 -1.82 -68.30 -25.91
CA GLU B 352 -0.44 -67.86 -25.94
C GLU B 352 -0.38 -66.53 -25.20
N ASN B 353 0.75 -66.27 -24.59
CA ASN B 353 1.06 -65.00 -23.97
C ASN B 353 1.35 -63.95 -25.02
N SER B 354 0.72 -62.79 -24.89
CA SER B 354 0.85 -61.74 -25.89
C SER B 354 0.48 -60.39 -25.29
N ALA B 355 1.46 -59.71 -24.69
CA ALA B 355 1.14 -58.51 -23.94
C ALA B 355 1.12 -57.19 -24.76
N TYR B 356 2.29 -56.79 -25.25
CA TYR B 356 2.43 -55.48 -25.86
C TYR B 356 2.14 -55.56 -27.36
N SER B 357 1.55 -54.51 -27.88
CA SER B 357 0.97 -54.55 -29.22
C SER B 357 1.00 -53.16 -29.84
N SER B 358 1.04 -53.11 -31.15
CA SER B 358 0.93 -51.86 -31.86
C SER B 358 0.08 -52.09 -33.10
N VAL B 359 -0.98 -51.29 -33.28
CA VAL B 359 -1.90 -51.48 -34.40
C VAL B 359 -1.78 -50.39 -35.46
N LEU B 360 -1.58 -50.78 -36.72
CA LEU B 360 -1.42 -49.81 -37.79
C LEU B 360 -2.52 -49.90 -38.80
N TYR B 361 -3.05 -48.76 -39.21
CA TYR B 361 -4.06 -48.73 -40.24
C TYR B 361 -3.51 -47.97 -41.41
N LYS B 362 -3.26 -48.65 -42.52
CA LYS B 362 -2.62 -48.01 -43.65
C LYS B 362 -3.28 -48.44 -44.93
N ASP B 363 -3.74 -47.45 -45.69
CA ASP B 363 -4.36 -47.67 -46.99
C ASP B 363 -5.51 -48.65 -46.92
N ASP B 364 -6.37 -48.43 -45.93
CA ASP B 364 -7.55 -49.27 -45.66
C ASP B 364 -7.25 -50.74 -45.37
N LYS B 365 -6.06 -51.02 -44.87
CA LYS B 365 -5.76 -52.36 -44.41
C LYS B 365 -5.23 -52.24 -42.98
N LEU B 366 -5.53 -53.27 -42.17
CA LEU B 366 -5.28 -53.24 -40.75
C LEU B 366 -4.25 -54.29 -40.38
N TYR B 367 -3.27 -53.86 -39.60
CA TYR B 367 -2.11 -54.66 -39.22
C TYR B 367 -1.84 -54.49 -37.76
N CYS B 368 -1.24 -55.51 -37.17
CA CYS B 368 -0.80 -55.44 -35.81
C CYS B 368 0.56 -56.10 -35.63
N LEU B 369 1.46 -55.39 -34.94
CA LEU B 369 2.73 -55.96 -34.48
C LEU B 369 2.65 -56.21 -32.97
N HIS B 370 2.71 -57.47 -32.57
CA HIS B 370 2.61 -57.77 -31.14
C HIS B 370 3.55 -58.85 -30.65
N GLU B 371 3.77 -58.86 -29.34
CA GLU B 371 4.59 -59.87 -28.66
C GLU B 371 3.93 -61.25 -28.57
N ILE B 372 4.75 -62.27 -28.68
CA ILE B 372 4.39 -63.58 -28.21
C ILE B 372 5.52 -64.08 -27.34
N ASN B 373 5.13 -64.66 -26.23
CA ASN B 373 6.04 -65.03 -25.19
C ASN B 373 5.86 -66.45 -24.73
N SER B 374 6.91 -67.23 -24.86
CA SER B 374 6.97 -68.52 -24.20
C SER B 374 8.19 -68.61 -23.31
N ASN B 375 7.94 -68.85 -22.02
CA ASN B 375 9.01 -69.06 -21.06
C ASN B 375 10.01 -67.91 -21.06
N GLU B 376 9.47 -66.70 -21.21
CA GLU B 376 10.25 -65.49 -21.18
C GLU B 376 11.20 -65.36 -22.35
N VAL B 377 10.81 -65.94 -23.49
CA VAL B 377 11.50 -65.67 -24.74
C VAL B 377 10.47 -65.03 -25.68
N TYR B 378 10.73 -63.79 -26.07
CA TYR B 378 9.73 -62.95 -26.71
C TYR B 378 10.05 -62.74 -28.19
N SER B 379 9.06 -63.02 -29.04
CA SER B 379 9.11 -62.66 -30.44
C SER B 379 8.06 -61.62 -30.74
N LEU B 380 8.21 -60.96 -31.88
CA LEU B 380 7.15 -60.06 -32.36
C LEU B 380 6.58 -60.64 -33.64
N VAL B 381 5.25 -60.77 -33.66
CA VAL B 381 4.55 -61.23 -34.84
C VAL B 381 3.90 -60.03 -35.53
N PHE B 382 3.84 -60.12 -36.85
CA PHE B 382 3.24 -59.10 -37.67
C PHE B 382 2.02 -59.71 -38.32
N ALA B 383 0.87 -59.25 -37.89
CA ALA B 383 -0.39 -59.83 -38.29
C ALA B 383 -1.14 -58.97 -39.29
N ARG B 384 -1.69 -59.60 -40.33
CA ARG B 384 -2.59 -58.90 -41.23
C ARG B 384 -4.00 -59.12 -40.67
N LEU B 385 -4.55 -58.10 -40.01
CA LEU B 385 -5.80 -58.29 -39.33
C LEU B 385 -6.96 -58.20 -40.30
N VAL B 386 -7.06 -59.18 -41.19
CA VAL B 386 -8.12 -59.16 -42.19
C VAL B 386 -9.54 -59.28 -41.58
N GLY B 387 -9.73 -60.32 -40.78
CA GLY B 387 -11.02 -60.59 -40.20
C GLY B 387 -11.41 -59.49 -39.24
N GLU B 388 -10.42 -58.93 -38.56
CA GLU B 388 -10.73 -57.91 -37.58
C GLU B 388 -11.33 -56.66 -38.25
N LEU B 389 -10.75 -56.25 -39.37
CA LEU B 389 -11.25 -55.09 -40.11
C LEU B 389 -12.67 -55.38 -40.60
N ARG B 390 -12.89 -56.60 -41.05
CA ARG B 390 -14.18 -57.05 -41.52
C ARG B 390 -15.27 -56.72 -40.50
N ILE B 391 -15.01 -57.10 -39.25
CA ILE B 391 -15.93 -56.90 -38.13
C ILE B 391 -16.07 -55.41 -37.86
N ILE B 392 -14.94 -54.73 -37.80
CA ILE B 392 -14.94 -53.30 -37.57
C ILE B 392 -15.79 -52.62 -38.63
N LYS B 393 -15.57 -53.02 -39.87
CA LYS B 393 -16.28 -52.37 -40.95
C LYS B 393 -17.77 -52.62 -40.81
N SER B 394 -18.13 -53.87 -40.51
CA SER B 394 -19.53 -54.21 -40.22
C SER B 394 -20.13 -53.42 -39.05
N VAL B 395 -19.43 -53.34 -37.92
CA VAL B 395 -19.94 -52.62 -36.76
C VAL B 395 -20.14 -51.14 -37.07
N LEU B 396 -19.16 -50.54 -37.71
CA LEU B 396 -19.24 -49.13 -38.03
C LEU B 396 -20.48 -48.82 -38.90
N GLN B 397 -20.73 -49.72 -39.86
CA GLN B 397 -21.86 -49.68 -40.75
C GLN B 397 -23.12 -49.55 -39.92
N SER B 398 -23.26 -50.44 -38.93
CA SER B 398 -24.42 -50.43 -38.07
C SER B 398 -24.56 -49.12 -37.32
N TRP B 399 -23.48 -48.70 -36.68
CA TRP B 399 -23.50 -47.44 -35.96
C TRP B 399 -23.96 -46.28 -36.87
N LYS B 400 -23.33 -46.16 -38.06
CA LYS B 400 -23.68 -45.17 -39.04
C LYS B 400 -25.18 -45.23 -39.32
N ASN B 401 -25.72 -46.42 -39.45
CA ASN B 401 -27.11 -46.59 -39.90
C ASN B 401 -28.17 -46.25 -38.89
N TRP B 402 -28.00 -46.70 -37.65
CA TRP B 402 -28.97 -46.35 -36.62
C TRP B 402 -28.97 -44.86 -36.35
N ASP B 403 -27.78 -44.33 -36.11
CA ASP B 403 -27.57 -42.91 -35.94
C ASP B 403 -28.21 -42.16 -37.07
N SER B 404 -27.87 -42.53 -38.31
CA SER B 404 -28.52 -41.97 -39.46
C SER B 404 -30.06 -42.12 -39.36
N HIS B 405 -30.56 -43.34 -39.25
CA HIS B 405 -31.98 -43.61 -39.06
C HIS B 405 -32.64 -42.67 -38.07
N LEU B 406 -32.05 -42.49 -36.88
CA LEU B 406 -32.68 -41.67 -35.84
C LEU B 406 -32.65 -40.17 -36.12
N SER B 407 -31.51 -39.63 -36.56
CA SER B 407 -31.44 -38.23 -36.95
C SER B 407 -32.38 -37.94 -38.11
N SER B 408 -32.41 -38.84 -39.09
CA SER B 408 -33.35 -38.79 -40.22
C SER B 408 -34.83 -38.68 -39.90
N ILE B 409 -35.25 -39.05 -38.70
CA ILE B 409 -36.67 -38.99 -38.38
C ILE B 409 -37.14 -37.54 -38.34
N CYS B 410 -38.18 -37.25 -39.10
CA CYS B 410 -38.89 -35.99 -38.97
C CYS B 410 -39.81 -36.05 -37.74
N THR B 411 -39.49 -35.32 -36.68
CA THR B 411 -40.31 -35.38 -35.46
C THR B 411 -41.59 -34.50 -35.51
N PRO B 412 -42.63 -34.82 -34.70
CA PRO B 412 -43.91 -34.08 -34.68
C PRO B 412 -43.83 -32.54 -34.48
N ALA B 413 -44.86 -31.81 -34.91
CA ALA B 413 -44.92 -30.32 -34.80
C ALA B 413 -44.25 -29.69 -33.58
N GLY B 423 -43.33 -28.19 -41.42
CA GLY B 423 -41.97 -28.70 -41.31
C GLY B 423 -41.88 -29.91 -40.40
N CYS B 424 -40.80 -29.95 -39.62
CA CYS B 424 -40.52 -31.04 -38.66
C CYS B 424 -40.09 -30.43 -37.34
N GLY B 425 -40.37 -31.07 -36.20
CA GLY B 425 -39.75 -30.68 -34.92
C GLY B 425 -38.23 -30.89 -34.85
N PRO B 426 -37.62 -30.64 -33.67
CA PRO B 426 -36.17 -30.79 -33.49
C PRO B 426 -35.76 -32.24 -33.70
N ALA B 427 -34.53 -32.46 -34.13
CA ALA B 427 -34.03 -33.81 -34.44
C ALA B 427 -34.03 -34.73 -33.22
N VAL B 428 -34.14 -36.04 -33.44
CA VAL B 428 -33.87 -36.97 -32.34
C VAL B 428 -32.39 -36.95 -32.02
N THR B 429 -32.02 -36.79 -30.75
CA THR B 429 -30.59 -36.67 -30.46
C THR B 429 -29.85 -38.00 -30.44
N THR B 430 -28.70 -38.05 -31.09
CA THR B 430 -27.88 -39.25 -31.04
C THR B 430 -26.54 -39.00 -30.40
N VAL B 431 -26.36 -37.82 -29.79
CA VAL B 431 -25.09 -37.59 -29.11
C VAL B 431 -25.06 -38.13 -27.71
N GLY B 432 -24.11 -39.03 -27.49
CA GLY B 432 -24.01 -39.76 -26.27
C GLY B 432 -24.97 -40.94 -26.23
N LEU B 433 -25.54 -41.32 -27.38
CA LEU B 433 -26.39 -42.50 -27.44
C LEU B 433 -25.54 -43.77 -27.49
N VAL B 434 -25.64 -44.57 -26.45
CA VAL B 434 -24.66 -45.61 -26.25
C VAL B 434 -25.26 -46.97 -26.54
N GLY B 435 -26.48 -47.20 -26.05
CA GLY B 435 -27.17 -48.49 -26.26
C GLY B 435 -28.64 -48.31 -26.56
N PHE B 436 -29.18 -49.25 -27.34
CA PHE B 436 -30.55 -49.17 -27.83
C PHE B 436 -31.14 -50.55 -27.87
N LEU B 437 -32.21 -50.76 -27.14
CA LEU B 437 -32.88 -52.05 -27.15
C LEU B 437 -34.22 -51.87 -27.80
N SER B 438 -34.44 -52.57 -28.90
CA SER B 438 -35.61 -52.34 -29.70
C SER B 438 -36.23 -53.63 -30.21
N HIS B 439 -36.35 -53.78 -31.52
CA HIS B 439 -37.16 -54.83 -32.06
C HIS B 439 -36.48 -56.19 -32.09
N SER B 440 -35.18 -56.23 -32.30
CA SER B 440 -34.49 -57.52 -32.43
C SER B 440 -34.19 -58.08 -31.04
N ALA B 441 -34.55 -59.35 -30.86
CA ALA B 441 -34.32 -60.11 -29.65
C ALA B 441 -34.14 -61.59 -29.97
N THR B 442 -33.33 -62.30 -29.18
CA THR B 442 -33.14 -63.75 -29.31
C THR B 442 -33.94 -64.42 -28.21
N LYS B 443 -33.89 -65.75 -28.10
CA LYS B 443 -34.73 -66.45 -27.11
C LYS B 443 -34.44 -65.95 -25.69
N THR B 444 -33.15 -65.75 -25.39
CA THR B 444 -32.66 -65.36 -24.06
C THR B 444 -32.01 -63.95 -23.95
N GLU B 445 -31.98 -63.21 -25.05
CA GLU B 445 -31.32 -61.92 -25.09
C GLU B 445 -32.09 -60.83 -25.83
N TRP B 446 -31.99 -59.59 -25.38
CA TRP B 446 -32.53 -58.43 -26.06
C TRP B 446 -31.34 -57.74 -26.69
N GLU B 447 -31.32 -57.61 -28.03
CA GLU B 447 -30.10 -57.17 -28.72
C GLU B 447 -29.89 -55.67 -28.75
N ASP B 448 -28.69 -55.21 -28.39
CA ASP B 448 -28.29 -53.82 -28.48
C ASP B 448 -28.19 -53.48 -29.94
N ALA B 449 -28.84 -52.41 -30.35
CA ALA B 449 -28.81 -52.02 -31.76
C ALA B 449 -27.40 -51.74 -32.19
N TYR B 450 -26.64 -51.23 -31.24
CA TYR B 450 -25.27 -50.83 -31.49
C TYR B 450 -24.28 -51.95 -31.20
N ARG B 451 -24.83 -53.15 -30.92
CA ARG B 451 -24.08 -54.39 -30.90
C ARG B 451 -22.97 -54.42 -29.85
N CYS B 452 -23.11 -53.67 -28.77
CA CYS B 452 -22.03 -53.61 -27.81
C CYS B 452 -22.27 -54.36 -26.53
N VAL B 453 -23.47 -54.23 -25.97
CA VAL B 453 -23.85 -54.89 -24.71
C VAL B 453 -25.31 -55.36 -24.81
N ASN B 454 -25.55 -56.67 -24.83
CA ASN B 454 -26.93 -57.09 -24.84
C ASN B 454 -27.51 -57.15 -23.46
N ALA B 455 -28.84 -57.12 -23.38
CA ALA B 455 -29.50 -57.38 -22.13
C ALA B 455 -30.05 -58.78 -22.19
N SER B 456 -29.91 -59.53 -21.11
CA SER B 456 -30.42 -60.90 -21.06
C SER B 456 -31.78 -60.87 -20.36
N THR B 457 -32.66 -61.76 -20.79
CA THR B 457 -34.08 -61.65 -20.54
C THR B 457 -34.58 -62.99 -20.05
N ALA B 458 -35.65 -62.97 -19.27
CA ALA B 458 -36.31 -64.19 -18.83
C ALA B 458 -37.79 -63.92 -18.80
N ASN B 459 -38.60 -64.89 -19.23
CA ASN B 459 -40.05 -64.72 -19.35
C ASN B 459 -40.46 -63.63 -20.33
N ALA B 460 -39.60 -63.35 -21.30
CA ALA B 460 -39.91 -62.37 -22.31
C ALA B 460 -40.65 -62.99 -23.48
N GLU B 461 -41.77 -62.41 -23.89
CA GLU B 461 -42.41 -62.72 -25.18
C GLU B 461 -42.16 -61.51 -26.14
N ARG B 462 -41.72 -61.78 -27.37
CA ARG B 462 -41.34 -60.72 -28.33
C ARG B 462 -42.55 -59.94 -28.77
N VAL B 463 -42.48 -58.63 -28.78
CA VAL B 463 -43.55 -57.84 -29.38
C VAL B 463 -42.91 -56.81 -30.32
N PRO B 464 -43.71 -55.99 -31.04
CA PRO B 464 -43.04 -54.99 -31.88
C PRO B 464 -42.16 -54.07 -31.06
N ASN B 465 -40.90 -53.93 -31.46
CA ASN B 465 -39.93 -53.04 -30.83
C ASN B 465 -39.64 -53.22 -29.34
N GLY B 466 -39.86 -54.41 -28.82
CA GLY B 466 -39.64 -54.65 -27.39
C GLY B 466 -40.13 -56.00 -26.93
N LEU B 467 -40.41 -56.11 -25.65
CA LEU B 467 -40.82 -57.39 -25.10
C LEU B 467 -41.93 -57.24 -24.05
N LYS B 468 -42.81 -58.25 -24.01
CA LYS B 468 -43.81 -58.38 -22.96
C LYS B 468 -43.28 -59.37 -21.92
N PHE B 469 -43.12 -58.90 -20.68
CA PHE B 469 -42.69 -59.75 -19.56
C PHE B 469 -43.82 -60.05 -18.61
N ALA B 470 -43.73 -61.20 -17.93
CA ALA B 470 -44.70 -61.57 -16.89
C ALA B 470 -44.18 -62.74 -16.04
N GLY B 471 -44.62 -62.77 -14.78
CA GLY B 471 -44.20 -63.82 -13.86
C GLY B 471 -43.05 -63.42 -12.95
N VAL B 472 -42.86 -64.25 -11.93
CA VAL B 472 -41.80 -64.06 -10.95
C VAL B 472 -40.47 -64.35 -11.62
N GLY B 473 -39.53 -63.43 -11.49
CA GLY B 473 -38.22 -63.58 -12.12
C GLY B 473 -38.20 -63.06 -13.53
N GLY B 474 -39.32 -62.45 -13.91
CA GLY B 474 -39.45 -61.79 -15.19
C GLY B 474 -38.54 -60.57 -15.29
N GLY B 475 -38.18 -60.23 -16.53
CA GLY B 475 -37.44 -59.01 -16.81
C GLY B 475 -36.24 -59.15 -17.75
N ALA B 476 -35.54 -58.04 -17.88
CA ALA B 476 -34.36 -57.91 -18.70
C ALA B 476 -33.30 -57.26 -17.85
N LEU B 477 -32.07 -57.76 -18.00
CA LEU B 477 -30.98 -57.23 -17.23
C LEU B 477 -29.90 -56.70 -18.15
N TRP B 478 -29.63 -55.39 -18.05
CA TRP B 478 -28.64 -54.77 -18.89
C TRP B 478 -27.45 -54.57 -17.97
N PRO B 479 -26.37 -55.33 -18.19
CA PRO B 479 -25.26 -55.39 -17.23
C PRO B 479 -24.41 -54.16 -17.22
N VAL B 480 -24.00 -53.74 -16.03
CA VAL B 480 -23.18 -52.55 -15.92
C VAL B 480 -21.82 -52.84 -15.32
N SER B 481 -21.80 -53.12 -14.02
CA SER B 481 -20.56 -53.54 -13.37
C SER B 481 -20.50 -55.01 -13.65
N GLN B 482 -21.66 -55.61 -13.86
CA GLN B 482 -21.71 -57.02 -14.15
C GLN B 482 -21.18 -57.32 -15.52
N GLN B 483 -20.81 -56.32 -16.29
CA GLN B 483 -20.11 -56.62 -17.53
C GLN B 483 -18.78 -57.28 -17.21
N GLY B 484 -18.34 -57.17 -15.98
CA GLY B 484 -17.13 -57.89 -15.51
C GLY B 484 -15.79 -57.20 -15.71
N GLN B 485 -14.88 -57.88 -16.42
CA GLN B 485 -13.53 -57.37 -16.56
C GLN B 485 -13.51 -56.07 -17.32
N ASN B 486 -14.27 -55.95 -18.41
CA ASN B 486 -14.33 -54.64 -19.05
C ASN B 486 -15.74 -54.05 -19.05
N GLN B 487 -15.86 -52.86 -18.48
CA GLN B 487 -17.19 -52.35 -18.18
C GLN B 487 -17.44 -51.13 -18.99
N ARG B 488 -18.14 -51.29 -20.10
CA ARG B 488 -18.30 -50.16 -21.03
C ARG B 488 -19.26 -49.13 -20.48
N TYR B 489 -20.14 -49.61 -19.59
CA TYR B 489 -21.21 -48.76 -19.12
C TYR B 489 -20.82 -48.07 -17.83
N HIS B 490 -19.53 -48.08 -17.50
CA HIS B 490 -19.05 -47.44 -16.27
C HIS B 490 -19.40 -45.96 -16.21
N PHE B 491 -19.50 -45.33 -17.38
CA PHE B 491 -19.92 -43.92 -17.40
C PHE B 491 -21.20 -43.63 -16.60
N ALA B 492 -22.08 -44.62 -16.46
CA ALA B 492 -23.40 -44.38 -15.89
C ALA B 492 -23.33 -44.06 -14.42
N ASN B 493 -22.18 -44.34 -13.81
CA ASN B 493 -21.97 -44.02 -12.41
C ASN B 493 -21.87 -42.52 -12.16
N HIS B 494 -21.55 -41.81 -13.23
CA HIS B 494 -21.33 -40.38 -13.16
C HIS B 494 -22.53 -39.65 -13.79
N ALA B 495 -22.91 -40.02 -15.02
CA ALA B 495 -24.16 -39.51 -15.58
C ALA B 495 -24.76 -40.50 -16.57
N PHE B 496 -26.09 -40.55 -16.61
CA PHE B 496 -26.82 -41.31 -17.60
C PHE B 496 -28.26 -40.86 -17.75
N THR B 497 -28.83 -41.19 -18.90
CA THR B 497 -30.25 -41.13 -19.12
C THR B 497 -30.69 -42.51 -19.61
N LEU B 498 -31.78 -42.99 -19.03
CA LEU B 498 -32.42 -44.22 -19.45
C LEU B 498 -33.82 -43.87 -19.88
N VAL B 499 -34.18 -44.23 -21.11
CA VAL B 499 -35.52 -43.91 -21.67
C VAL B 499 -36.18 -45.21 -22.10
N ALA B 500 -37.49 -45.30 -21.88
CA ALA B 500 -38.26 -46.42 -22.43
C ALA B 500 -39.73 -46.12 -22.63
N SER B 501 -40.37 -46.79 -23.60
CA SER B 501 -41.83 -46.83 -23.66
C SER B 501 -42.32 -48.00 -22.81
N VAL B 502 -43.32 -47.78 -21.96
CA VAL B 502 -43.89 -48.86 -21.15
C VAL B 502 -45.42 -48.93 -21.17
N THR B 503 -45.96 -50.10 -20.82
CA THR B 503 -47.41 -50.35 -20.73
C THR B 503 -47.71 -51.39 -19.67
N ILE B 504 -48.56 -51.07 -18.71
CA ILE B 504 -48.80 -52.02 -17.61
C ILE B 504 -50.02 -52.89 -17.88
N HIS B 505 -49.90 -54.22 -17.77
CA HIS B 505 -51.04 -55.09 -18.11
C HIS B 505 -51.86 -55.62 -16.94
N GLU B 506 -51.30 -55.59 -15.74
CA GLU B 506 -52.02 -56.10 -14.59
C GLU B 506 -51.72 -55.26 -13.37
N VAL B 507 -52.73 -55.06 -12.54
CA VAL B 507 -52.55 -54.33 -11.30
C VAL B 507 -51.83 -55.26 -10.31
N PRO B 508 -50.70 -54.81 -9.71
CA PRO B 508 -49.88 -55.68 -8.84
C PRO B 508 -50.40 -55.87 -7.42
N LYS B 509 -50.07 -57.01 -6.81
CA LYS B 509 -50.50 -57.34 -5.44
C LYS B 509 -49.68 -56.56 -4.39
N GLY B 510 -48.66 -55.84 -4.82
CA GLY B 510 -47.89 -54.97 -3.93
C GLY B 510 -47.40 -53.75 -4.67
N ALA B 511 -46.14 -53.77 -5.10
CA ALA B 511 -45.50 -52.64 -5.74
C ALA B 511 -44.42 -53.23 -6.59
N SER B 512 -44.54 -53.09 -7.90
CA SER B 512 -43.67 -53.78 -8.84
C SER B 512 -42.71 -52.88 -9.64
N PRO B 513 -41.54 -53.42 -10.06
CA PRO B 513 -40.57 -52.60 -10.78
C PRO B 513 -40.86 -52.48 -12.30
N LEU B 514 -40.44 -51.36 -12.90
CA LEU B 514 -40.51 -51.15 -14.35
C LEU B 514 -39.17 -50.88 -15.01
N LEU B 515 -38.39 -49.98 -14.42
CA LEU B 515 -37.11 -49.57 -14.97
C LEU B 515 -36.23 -49.03 -13.85
N GLY B 516 -34.94 -49.31 -13.92
CA GLY B 516 -34.04 -48.71 -12.94
C GLY B 516 -32.58 -49.13 -12.98
N ALA B 517 -31.79 -48.41 -12.19
CA ALA B 517 -30.38 -48.70 -12.01
C ALA B 517 -30.21 -49.31 -10.64
N SER B 518 -29.76 -50.57 -10.63
CA SER B 518 -29.54 -51.28 -9.37
C SER B 518 -28.11 -51.12 -8.87
N LEU B 519 -27.99 -50.95 -7.56
CA LEU B 519 -26.71 -50.86 -6.89
C LEU B 519 -26.26 -52.21 -6.38
N ASP B 520 -27.20 -53.14 -6.25
CA ASP B 520 -26.93 -54.46 -5.76
C ASP B 520 -27.39 -55.45 -6.82
N SER B 521 -26.85 -56.67 -6.76
CA SER B 521 -27.12 -57.66 -7.78
C SER B 521 -28.54 -58.25 -7.79
N SER B 522 -29.32 -58.01 -6.76
CA SER B 522 -30.68 -58.54 -6.72
C SER B 522 -31.66 -57.54 -7.31
N GLY B 523 -31.35 -56.25 -7.21
CA GLY B 523 -32.29 -55.22 -7.66
C GLY B 523 -32.91 -54.53 -6.46
N GLY B 524 -32.85 -55.19 -5.30
CA GLY B 524 -33.20 -54.64 -4.00
C GLY B 524 -32.66 -53.25 -3.69
N LYS B 525 -31.34 -53.10 -3.56
CA LYS B 525 -30.80 -51.76 -3.34
C LYS B 525 -30.68 -50.95 -4.65
N LYS B 526 -31.50 -49.91 -4.81
CA LYS B 526 -31.52 -49.15 -6.07
C LYS B 526 -30.85 -47.80 -5.99
N LEU B 527 -30.30 -47.33 -7.12
CA LEU B 527 -29.81 -45.96 -7.21
C LEU B 527 -30.94 -45.02 -7.61
N LEU B 528 -31.66 -45.38 -8.66
CA LEU B 528 -32.73 -44.56 -9.21
C LEU B 528 -33.59 -45.51 -10.01
N GLY B 529 -34.90 -45.49 -9.78
CA GLY B 529 -35.76 -46.44 -10.49
C GLY B 529 -37.23 -46.05 -10.48
N LEU B 530 -38.03 -46.76 -11.26
CA LEU B 530 -39.46 -46.55 -11.23
C LEU B 530 -40.20 -47.85 -10.91
N SER B 531 -41.24 -47.71 -10.09
CA SER B 531 -42.11 -48.82 -9.74
C SER B 531 -43.57 -48.41 -9.86
N TYR B 532 -44.48 -49.38 -9.74
CA TYR B 532 -45.91 -49.08 -9.77
C TYR B 532 -46.68 -49.92 -8.72
N ASP B 533 -47.78 -49.37 -8.20
CA ASP B 533 -48.49 -50.03 -7.09
C ASP B 533 -49.95 -50.38 -7.35
N LYS B 534 -50.53 -51.07 -6.37
CA LYS B 534 -51.93 -51.53 -6.43
C LYS B 534 -52.89 -50.36 -6.48
N ARG B 535 -52.40 -49.19 -6.07
CA ARG B 535 -53.20 -47.99 -5.94
C ARG B 535 -53.27 -47.19 -7.24
N HIS B 536 -52.72 -47.75 -8.33
CA HIS B 536 -52.56 -47.04 -9.62
C HIS B 536 -51.71 -45.77 -9.51
N GLN B 537 -50.58 -45.90 -8.83
CA GLN B 537 -49.66 -44.79 -8.68
C GLN B 537 -48.24 -45.15 -9.04
N TRP B 538 -47.47 -44.12 -9.38
CA TRP B 538 -46.06 -44.31 -9.63
C TRP B 538 -45.27 -44.25 -8.33
N GLN B 539 -44.31 -45.18 -8.22
CA GLN B 539 -43.35 -45.12 -7.14
C GLN B 539 -41.97 -44.93 -7.72
N PRO B 540 -41.59 -43.65 -7.91
CA PRO B 540 -40.24 -43.35 -8.34
C PRO B 540 -39.31 -43.52 -7.13
N ILE B 541 -38.22 -44.25 -7.33
CA ILE B 541 -37.29 -44.55 -6.28
C ILE B 541 -36.05 -43.69 -6.49
N TYR B 542 -35.84 -42.73 -5.58
CA TYR B 542 -34.64 -41.90 -5.58
C TYR B 542 -33.73 -42.44 -4.51
N GLY B 543 -32.66 -43.13 -4.91
CA GLY B 543 -31.66 -43.66 -3.98
C GLY B 543 -32.24 -44.41 -2.80
N SER B 544 -31.94 -43.92 -1.60
CA SER B 544 -32.39 -44.54 -0.36
C SER B 544 -33.53 -43.83 0.29
N THR B 545 -33.99 -42.76 -0.36
CA THR B 545 -35.05 -41.93 0.18
C THR B 545 -36.32 -42.75 0.30
N PRO B 546 -36.96 -42.71 1.50
CA PRO B 546 -38.33 -43.20 1.65
C PRO B 546 -39.19 -42.81 0.43
N VAL B 547 -39.89 -43.79 -0.14
CA VAL B 547 -40.59 -43.57 -1.37
C VAL B 547 -42.01 -43.04 -1.12
N THR B 548 -42.32 -41.91 -1.74
CA THR B 548 -43.69 -41.40 -1.74
C THR B 548 -44.29 -41.57 -3.13
N PRO B 549 -45.30 -42.47 -3.24
CA PRO B 549 -46.02 -42.69 -4.49
C PRO B 549 -46.68 -41.40 -4.99
N THR B 550 -46.67 -41.17 -6.29
CA THR B 550 -47.26 -39.95 -6.85
C THR B 550 -47.86 -40.23 -8.22
N GLY B 551 -48.53 -39.25 -8.81
CA GLY B 551 -49.12 -39.33 -10.16
C GLY B 551 -50.15 -40.44 -10.24
N SER B 552 -50.58 -40.78 -11.45
CA SER B 552 -51.46 -41.93 -11.62
C SER B 552 -51.28 -42.51 -13.02
N TRP B 553 -51.52 -43.81 -13.14
CA TRP B 553 -51.40 -44.53 -14.41
C TRP B 553 -52.61 -45.41 -14.60
N GLU B 554 -52.97 -45.63 -15.85
CA GLU B 554 -54.04 -46.55 -16.15
C GLU B 554 -53.55 -47.74 -16.95
N MET B 555 -54.19 -48.86 -16.69
CA MET B 555 -53.79 -50.14 -17.22
C MET B 555 -53.94 -50.15 -18.74
N GLY B 556 -52.92 -50.62 -19.44
CA GLY B 556 -53.06 -50.78 -20.88
C GLY B 556 -52.71 -49.53 -21.66
N LYS B 557 -52.48 -48.42 -21.00
CA LYS B 557 -52.02 -47.22 -21.68
C LYS B 557 -50.48 -47.20 -21.72
N ARG B 558 -49.93 -46.70 -22.83
CA ARG B 558 -48.50 -46.61 -23.02
C ARG B 558 -47.96 -45.30 -22.44
N TYR B 559 -46.86 -45.38 -21.70
CA TYR B 559 -46.24 -44.19 -21.08
C TYR B 559 -44.77 -44.07 -21.43
N HIS B 560 -44.30 -42.82 -21.45
CA HIS B 560 -42.92 -42.48 -21.74
C HIS B 560 -42.13 -42.19 -20.47
N VAL B 561 -41.12 -43.02 -20.21
CA VAL B 561 -40.37 -42.99 -18.96
C VAL B 561 -38.93 -42.59 -19.17
N VAL B 562 -38.49 -41.60 -18.38
CA VAL B 562 -37.10 -41.12 -18.45
C VAL B 562 -36.47 -41.02 -17.06
N LEU B 563 -35.32 -41.67 -16.92
CA LEU B 563 -34.54 -41.62 -15.70
C LEU B 563 -33.24 -40.87 -16.04
N THR B 564 -32.98 -39.78 -15.33
CA THR B 564 -31.73 -39.05 -15.49
C THR B 564 -31.00 -38.91 -14.18
N MET B 565 -29.68 -38.95 -14.28
CA MET B 565 -28.84 -38.77 -13.13
C MET B 565 -27.57 -38.09 -13.62
N ALA B 566 -27.26 -36.95 -12.98
CA ALA B 566 -26.06 -36.17 -13.26
C ALA B 566 -25.78 -35.34 -12.02
N ASN B 567 -24.52 -34.99 -11.78
CA ASN B 567 -24.17 -34.30 -10.53
C ASN B 567 -24.85 -34.85 -9.28
N LYS B 568 -24.90 -36.18 -9.20
CA LYS B 568 -25.47 -36.93 -8.07
C LYS B 568 -26.96 -36.69 -7.81
N ILE B 569 -27.63 -36.02 -8.74
CA ILE B 569 -29.05 -35.70 -8.63
C ILE B 569 -29.85 -36.52 -9.65
N GLY B 570 -30.94 -37.12 -9.18
CA GLY B 570 -31.71 -38.04 -10.01
C GLY B 570 -33.14 -37.57 -10.22
N SER B 571 -33.61 -37.77 -11.45
CA SER B 571 -34.96 -37.35 -11.83
C SER B 571 -35.73 -38.48 -12.51
N VAL B 572 -37.06 -38.35 -12.53
CA VAL B 572 -37.93 -39.27 -13.25
C VAL B 572 -38.97 -38.46 -14.05
N TYR B 573 -39.11 -38.73 -15.34
CA TYR B 573 -40.16 -38.06 -16.13
C TYR B 573 -41.16 -39.06 -16.68
N ILE B 574 -42.44 -38.75 -16.51
CA ILE B 574 -43.50 -39.51 -17.15
C ILE B 574 -44.10 -38.63 -18.23
N ASP B 575 -44.06 -39.13 -19.47
CA ASP B 575 -44.57 -38.43 -20.64
C ASP B 575 -43.99 -37.01 -20.73
N GLY B 576 -42.69 -36.92 -20.41
CA GLY B 576 -41.94 -35.68 -20.60
C GLY B 576 -42.18 -34.64 -19.53
N GLU B 577 -42.92 -35.01 -18.50
CA GLU B 577 -43.06 -34.13 -17.35
C GLU B 577 -42.35 -34.74 -16.16
N PRO B 578 -41.48 -33.97 -15.49
CA PRO B 578 -40.82 -34.51 -14.29
C PRO B 578 -41.87 -34.83 -13.23
N LEU B 579 -41.68 -35.93 -12.50
CA LEU B 579 -42.57 -36.33 -11.42
C LEU B 579 -42.39 -35.49 -10.19
N GLU B 580 -43.46 -35.34 -9.41
CA GLU B 580 -43.38 -34.79 -8.05
C GLU B 580 -42.29 -35.46 -7.18
N GLY B 581 -41.54 -34.62 -6.46
CA GLY B 581 -40.39 -35.06 -5.66
C GLY B 581 -39.14 -35.41 -6.47
N SER B 582 -39.14 -35.09 -7.77
CA SER B 582 -38.03 -35.44 -8.64
C SER B 582 -36.92 -34.41 -8.55
N GLY B 583 -35.69 -34.86 -8.78
CA GLY B 583 -34.53 -34.01 -8.69
C GLY B 583 -33.96 -33.97 -7.28
N GLN B 584 -33.81 -35.13 -6.65
CA GLN B 584 -33.15 -35.24 -5.34
C GLN B 584 -31.76 -35.84 -5.45
N THR B 585 -30.99 -35.73 -4.38
CA THR B 585 -29.64 -36.29 -4.35
C THR B 585 -29.77 -37.79 -4.18
N VAL B 586 -29.18 -38.56 -5.08
CA VAL B 586 -29.23 -40.00 -4.96
C VAL B 586 -27.86 -40.60 -4.57
N VAL B 587 -26.87 -39.75 -4.44
CA VAL B 587 -25.53 -40.20 -4.07
C VAL B 587 -25.02 -39.40 -2.88
N PRO B 588 -25.02 -40.03 -1.70
CA PRO B 588 -24.75 -39.39 -0.42
C PRO B 588 -23.56 -38.42 -0.37
N ASP B 589 -22.46 -38.80 -0.99
CA ASP B 589 -21.20 -38.18 -0.69
C ASP B 589 -20.25 -38.33 -1.85
N GLU B 590 -19.11 -37.67 -1.73
CA GLU B 590 -18.04 -37.76 -2.70
C GLU B 590 -17.72 -39.20 -3.15
N ARG B 591 -18.29 -40.21 -2.49
CA ARG B 591 -18.21 -41.61 -2.97
C ARG B 591 -18.98 -41.78 -4.27
N THR B 592 -18.37 -42.54 -5.18
CA THR B 592 -18.92 -42.79 -6.50
C THR B 592 -19.78 -44.03 -6.39
N PRO B 593 -20.90 -44.08 -7.14
CA PRO B 593 -21.70 -45.29 -7.14
C PRO B 593 -21.02 -46.39 -7.92
N ASP B 594 -21.45 -47.64 -7.72
CA ASP B 594 -20.98 -48.71 -8.57
C ASP B 594 -22.17 -49.54 -9.06
N ILE B 595 -22.76 -49.11 -10.17
CA ILE B 595 -24.03 -49.67 -10.65
C ILE B 595 -23.83 -51.11 -11.08
N SER B 596 -24.66 -51.99 -10.53
CA SER B 596 -24.67 -53.41 -10.84
C SER B 596 -25.16 -53.64 -12.24
N HIS B 597 -26.40 -53.26 -12.46
CA HIS B 597 -27.05 -53.42 -13.76
C HIS B 597 -28.23 -52.45 -13.87
N PHE B 598 -28.81 -52.41 -15.07
CA PHE B 598 -30.13 -51.83 -15.28
C PHE B 598 -31.15 -52.95 -15.31
N TYR B 599 -32.28 -52.73 -14.65
CA TYR B 599 -33.34 -53.71 -14.64
C TYR B 599 -34.50 -53.16 -15.45
N VAL B 600 -35.04 -53.99 -16.34
CA VAL B 600 -36.14 -53.57 -17.22
C VAL B 600 -37.28 -54.60 -17.26
N GLY B 601 -38.52 -54.14 -17.04
CA GLY B 601 -39.70 -54.99 -17.06
C GLY B 601 -39.78 -56.07 -15.99
N GLY B 602 -39.08 -55.81 -14.88
CA GLY B 602 -38.96 -56.77 -13.77
C GLY B 602 -37.55 -56.69 -13.23
N TYR B 603 -37.18 -57.62 -12.36
CA TYR B 603 -35.81 -57.61 -11.84
C TYR B 603 -34.96 -58.66 -12.51
N LYS B 604 -35.62 -59.55 -13.26
CA LYS B 604 -35.03 -60.76 -13.84
C LYS B 604 -34.39 -61.60 -12.76
N ARG B 605 -34.96 -61.57 -11.57
CA ARG B 605 -34.49 -62.40 -10.47
C ARG B 605 -35.66 -63.19 -9.96
N SER B 606 -35.53 -64.52 -10.02
CA SER B 606 -36.48 -65.43 -9.38
C SER B 606 -36.37 -65.24 -7.88
N GLY B 607 -35.21 -64.70 -7.45
CA GLY B 607 -34.97 -64.25 -6.09
C GLY B 607 -35.95 -63.22 -5.53
N MET B 608 -36.35 -62.27 -6.36
CA MET B 608 -37.31 -61.28 -5.91
C MET B 608 -38.72 -61.77 -6.16
N PRO B 609 -39.64 -61.53 -5.20
CA PRO B 609 -41.03 -61.97 -5.26
C PRO B 609 -41.95 -61.27 -6.29
N THR B 610 -41.51 -60.18 -6.92
CA THR B 610 -42.43 -59.43 -7.77
C THR B 610 -42.71 -59.96 -9.18
N ASP B 611 -43.98 -59.78 -9.54
CA ASP B 611 -44.53 -60.19 -10.81
C ASP B 611 -44.88 -58.94 -11.61
N SER B 612 -43.91 -58.45 -12.37
CA SER B 612 -44.13 -57.27 -13.18
C SER B 612 -44.60 -57.72 -14.57
N ARG B 613 -45.83 -57.33 -14.90
CA ARG B 613 -46.49 -57.72 -16.15
C ARG B 613 -46.68 -56.52 -17.06
N VAL B 614 -45.62 -56.21 -17.77
CA VAL B 614 -45.53 -55.00 -18.55
C VAL B 614 -44.88 -55.28 -19.89
N THR B 615 -45.06 -54.33 -20.81
CA THR B 615 -44.40 -54.40 -22.07
C THR B 615 -43.52 -53.18 -22.12
N VAL B 616 -42.25 -53.40 -22.41
CA VAL B 616 -41.32 -52.30 -22.61
C VAL B 616 -40.78 -52.31 -24.04
N ASN B 617 -40.63 -51.10 -24.60
CA ASN B 617 -40.19 -50.90 -26.00
C ASN B 617 -39.14 -49.84 -26.05
N ASN B 618 -38.32 -49.89 -27.09
CA ASN B 618 -37.26 -48.92 -27.34
C ASN B 618 -36.59 -48.37 -26.10
N VAL B 619 -35.76 -49.18 -25.46
CA VAL B 619 -34.94 -48.67 -24.38
C VAL B 619 -33.71 -47.97 -24.92
N LEU B 620 -33.50 -46.74 -24.48
CA LEU B 620 -32.37 -45.97 -24.93
C LEU B 620 -31.50 -45.62 -23.76
N LEU B 621 -30.19 -45.66 -23.98
CA LEU B 621 -29.26 -45.26 -22.93
C LEU B 621 -28.24 -44.22 -23.38
N TYR B 622 -28.22 -43.08 -22.70
CA TYR B 622 -27.31 -42.01 -23.05
C TYR B 622 -26.35 -41.79 -21.91
N ASN B 623 -25.13 -41.38 -22.26
CA ASN B 623 -24.09 -41.19 -21.29
C ASN B 623 -24.02 -39.80 -20.69
N ARG B 624 -25.16 -39.12 -20.69
CA ARG B 624 -25.31 -37.77 -20.13
C ARG B 624 -26.76 -37.55 -19.76
N GLN B 625 -27.03 -36.46 -19.05
CA GLN B 625 -28.40 -36.04 -18.77
C GLN B 625 -28.94 -35.38 -19.99
N LEU B 626 -30.11 -35.83 -20.45
CA LEU B 626 -30.76 -35.18 -21.59
C LEU B 626 -31.35 -33.84 -21.18
N ASN B 627 -31.37 -32.90 -22.12
CA ASN B 627 -31.97 -31.62 -21.85
C ASN B 627 -33.47 -31.71 -22.09
N ALA B 628 -34.21 -30.72 -21.64
CA ALA B 628 -35.67 -30.75 -21.68
C ALA B 628 -36.22 -30.98 -23.07
N GLU B 629 -35.58 -30.34 -24.05
CA GLU B 629 -36.01 -30.46 -25.43
C GLU B 629 -35.73 -31.84 -26.02
N GLU B 630 -34.55 -32.39 -25.76
CA GLU B 630 -34.20 -33.72 -26.25
C GLU B 630 -35.18 -34.76 -25.76
N ILE B 631 -35.55 -34.62 -24.48
CA ILE B 631 -36.55 -35.46 -23.82
C ILE B 631 -37.91 -35.33 -24.50
N ARG B 632 -38.34 -34.09 -24.68
CA ARG B 632 -39.64 -33.83 -25.26
C ARG B 632 -39.74 -34.40 -26.69
N THR B 633 -38.71 -34.17 -27.50
CA THR B 633 -38.59 -34.82 -28.81
C THR B 633 -38.84 -36.32 -28.68
N LEU B 634 -38.04 -36.97 -27.82
CA LEU B 634 -38.12 -38.42 -27.65
C LEU B 634 -39.53 -38.91 -27.34
N PHE B 635 -40.22 -38.11 -26.51
CA PHE B 635 -41.55 -38.39 -26.06
C PHE B 635 -42.53 -38.40 -27.22
N LEU B 636 -42.44 -37.39 -28.08
CA LEU B 636 -43.37 -37.29 -29.20
C LEU B 636 -43.04 -38.31 -30.29
N SER B 637 -41.79 -38.74 -30.33
CA SER B 637 -41.30 -39.58 -31.41
C SER B 637 -41.39 -41.06 -31.10
N GLN B 638 -41.99 -41.40 -29.97
CA GLN B 638 -41.91 -42.77 -29.49
C GLN B 638 -42.56 -43.79 -30.41
N ASP B 639 -43.39 -43.30 -31.33
CA ASP B 639 -43.97 -44.17 -32.35
C ASP B 639 -43.10 -44.43 -33.56
N LEU B 640 -41.98 -43.73 -33.66
CA LEU B 640 -41.23 -43.78 -34.90
C LEU B 640 -39.73 -43.98 -34.70
N ILE B 641 -39.31 -44.24 -33.47
CA ILE B 641 -37.89 -44.52 -33.25
C ILE B 641 -37.53 -45.99 -33.44
N GLY B 642 -38.51 -46.89 -33.30
CA GLY B 642 -38.21 -48.34 -33.31
C GLY B 642 -37.39 -48.90 -34.47
N THR B 643 -36.79 -50.07 -34.28
CA THR B 643 -35.95 -50.65 -35.31
C THR B 643 -36.73 -51.62 -36.21
N GLU B 644 -38.00 -51.83 -35.88
CA GLU B 644 -38.83 -52.86 -36.52
C GLU B 644 -38.72 -52.96 -38.04
N ALA B 645 -39.11 -51.90 -38.77
CA ALA B 645 -38.99 -51.88 -40.25
C ALA B 645 -37.60 -52.36 -40.76
N HIS B 646 -36.58 -51.58 -40.38
CA HIS B 646 -35.23 -51.60 -40.89
C HIS B 646 -34.46 -52.88 -40.55
N MET B 647 -35.15 -53.79 -39.86
CA MET B 647 -34.70 -55.15 -39.46
C MET B 647 -34.10 -55.26 -38.04
N SER C 14 -3.90 37.32 -43.69
CA SER C 14 -3.51 35.89 -44.02
C SER C 14 -3.68 34.84 -42.88
N LEU C 15 -4.93 34.57 -42.48
CA LEU C 15 -5.32 33.28 -41.90
C LEU C 15 -4.94 32.27 -42.99
N ALA C 16 -4.35 31.14 -42.59
CA ALA C 16 -3.79 30.25 -43.59
C ALA C 16 -4.87 29.73 -44.52
N PRO C 17 -4.48 28.95 -45.53
CA PRO C 17 -5.42 28.25 -46.39
C PRO C 17 -5.84 26.95 -45.73
N GLY C 18 -7.11 26.60 -45.92
CA GLY C 18 -7.72 25.44 -45.29
C GLY C 18 -8.38 25.84 -43.99
N SER C 19 -7.87 26.90 -43.36
CA SER C 19 -8.42 27.45 -42.12
C SER C 19 -9.69 28.26 -42.38
N SER C 20 -10.47 28.54 -41.33
CA SER C 20 -11.74 29.25 -41.44
C SER C 20 -12.14 29.78 -40.06
N ARG C 21 -13.17 30.64 -39.99
CA ARG C 21 -13.68 31.11 -38.69
C ARG C 21 -15.14 31.52 -38.72
N VAL C 22 -15.67 31.80 -37.53
CA VAL C 22 -17.02 32.36 -37.35
C VAL C 22 -16.96 33.44 -36.29
N GLU C 23 -17.92 34.36 -36.34
CA GLU C 23 -17.97 35.43 -35.36
C GLU C 23 -18.77 34.92 -34.17
N LEU C 24 -18.14 34.17 -33.27
CA LEU C 24 -18.84 33.49 -32.16
C LEU C 24 -19.47 34.40 -31.08
N PHE C 25 -18.72 35.40 -30.63
CA PHE C 25 -19.25 36.41 -29.72
C PHE C 25 -19.34 37.63 -30.60
N LYS C 26 -20.52 37.83 -31.16
CA LYS C 26 -20.73 38.90 -32.11
C LYS C 26 -21.12 40.23 -31.43
N ARG C 27 -20.25 41.22 -31.58
CA ARG C 27 -20.45 42.58 -31.04
C ARG C 27 -21.80 43.17 -31.46
N GLN C 28 -22.44 43.82 -30.50
CA GLN C 28 -23.73 44.44 -30.66
C GLN C 28 -24.77 43.55 -31.31
N SER C 29 -24.66 42.27 -31.03
CA SER C 29 -25.51 41.29 -31.64
C SER C 29 -25.83 40.17 -30.69
N SER C 30 -24.79 39.44 -30.26
CA SER C 30 -24.95 38.32 -29.32
C SER C 30 -25.66 38.74 -28.04
N LYS C 31 -26.52 37.88 -27.54
CA LYS C 31 -27.20 38.18 -26.29
C LYS C 31 -26.71 37.27 -25.17
N VAL C 32 -26.85 37.74 -23.94
CA VAL C 32 -26.46 36.96 -22.78
C VAL C 32 -27.56 37.02 -21.71
N PRO C 33 -27.67 35.98 -20.84
CA PRO C 33 -28.66 36.04 -19.74
C PRO C 33 -28.27 37.05 -18.65
N PHE C 34 -28.74 38.28 -18.79
CA PHE C 34 -28.46 39.34 -17.85
C PHE C 34 -29.43 39.29 -16.69
N GLU C 35 -28.87 39.00 -15.53
CA GLU C 35 -29.63 38.89 -14.32
C GLU C 35 -29.40 40.14 -13.49
N LYS C 36 -30.49 40.71 -12.99
CA LYS C 36 -30.45 41.85 -12.07
C LYS C 36 -31.72 41.79 -11.27
N ASP C 37 -31.57 41.88 -9.95
CA ASP C 37 -32.72 41.88 -9.02
C ASP C 37 -33.63 40.69 -9.25
N GLY C 38 -33.04 39.52 -9.45
CA GLY C 38 -33.78 38.27 -9.62
C GLY C 38 -34.59 38.14 -10.89
N LYS C 39 -34.47 39.10 -11.81
CA LYS C 39 -35.03 38.95 -13.15
C LYS C 39 -33.89 38.71 -14.14
N VAL C 40 -34.06 37.72 -15.01
CA VAL C 40 -33.09 37.46 -16.08
C VAL C 40 -33.67 37.95 -17.41
N THR C 41 -32.81 38.51 -18.26
CA THR C 41 -33.21 38.91 -19.60
C THR C 41 -32.08 38.67 -20.58
N GLU C 42 -32.40 38.14 -21.76
CA GLU C 42 -31.40 38.05 -22.82
C GLU C 42 -31.07 39.47 -23.30
N ARG C 43 -29.83 39.90 -23.12
CA ARG C 43 -29.45 41.28 -23.39
C ARG C 43 -28.33 41.32 -24.41
N VAL C 44 -28.38 42.28 -25.31
CA VAL C 44 -27.34 42.48 -26.32
C VAL C 44 -26.09 43.08 -25.68
N VAL C 45 -24.93 42.61 -26.14
CA VAL C 45 -23.62 43.05 -25.62
C VAL C 45 -22.89 43.91 -26.64
N HIS C 46 -22.29 45.02 -26.17
CA HIS C 46 -21.63 45.97 -27.08
C HIS C 46 -20.36 45.34 -27.57
N SER C 47 -19.51 44.92 -26.63
CA SER C 47 -18.21 44.36 -26.98
C SER C 47 -17.83 43.13 -26.14
N PHE C 48 -17.09 42.22 -26.75
CA PHE C 48 -16.56 41.05 -26.05
C PHE C 48 -15.04 41.16 -26.08
N ARG C 49 -14.36 40.96 -24.95
CA ARG C 49 -12.88 41.02 -24.86
C ARG C 49 -12.28 39.94 -23.94
N LEU C 50 -10.96 39.83 -23.96
CA LEU C 50 -10.20 39.00 -23.00
C LEU C 50 -10.46 37.48 -23.07
N PRO C 51 -10.40 36.90 -24.28
CA PRO C 51 -10.82 35.53 -24.58
C PRO C 51 -10.02 34.50 -23.80
N ALA C 52 -10.66 33.39 -23.47
CA ALA C 52 -9.99 32.23 -22.88
C ALA C 52 -10.71 30.99 -23.39
N LEU C 53 -10.01 30.19 -24.17
CA LEU C 53 -10.61 29.03 -24.81
C LEU C 53 -9.93 27.78 -24.23
N VAL C 54 -10.71 26.88 -23.64
CA VAL C 54 -10.16 25.73 -22.94
C VAL C 54 -10.94 24.47 -23.28
N ASN C 55 -10.41 23.34 -22.85
CA ASN C 55 -11.11 22.08 -23.03
C ASN C 55 -11.32 21.38 -21.69
N VAL C 56 -12.58 21.18 -21.32
CA VAL C 56 -12.84 20.54 -20.05
C VAL C 56 -13.43 19.18 -20.33
N ASP C 57 -12.58 18.16 -20.31
CA ASP C 57 -13.03 16.78 -20.39
C ASP C 57 -13.89 16.53 -21.64
N GLY C 58 -13.44 17.09 -22.76
CA GLY C 58 -14.15 16.99 -24.02
C GLY C 58 -15.15 18.10 -24.30
N VAL C 59 -15.36 19.03 -23.36
CA VAL C 59 -16.30 20.14 -23.60
C VAL C 59 -15.55 21.45 -23.78
N MET C 60 -15.63 22.00 -24.98
CA MET C 60 -14.99 23.23 -25.36
C MET C 60 -15.69 24.37 -24.66
N VAL C 61 -14.94 25.16 -23.90
CA VAL C 61 -15.50 26.30 -23.18
C VAL C 61 -14.75 27.57 -23.52
N ALA C 62 -15.49 28.63 -23.85
CA ALA C 62 -14.93 29.93 -24.12
C ALA C 62 -15.46 30.91 -23.10
N ILE C 63 -14.55 31.63 -22.45
CA ILE C 63 -14.88 32.60 -21.42
C ILE C 63 -14.33 33.95 -21.85
N ALA C 64 -15.07 35.01 -21.55
CA ALA C 64 -14.69 36.38 -21.92
C ALA C 64 -15.40 37.44 -21.11
N ASP C 65 -15.01 38.69 -21.37
CA ASP C 65 -15.67 39.88 -20.86
C ASP C 65 -16.88 40.13 -21.69
N ALA C 66 -18.04 40.23 -21.04
CA ALA C 66 -19.21 40.77 -21.72
C ALA C 66 -19.33 42.25 -21.33
N ARG C 67 -18.99 43.12 -22.25
CA ARG C 67 -19.07 44.55 -21.99
C ARG C 67 -20.33 45.11 -22.62
N TYR C 68 -21.28 45.42 -21.74
CA TYR C 68 -22.66 45.59 -22.14
C TYR C 68 -22.95 46.81 -22.96
N GLU C 69 -22.50 47.99 -22.51
CA GLU C 69 -22.90 49.20 -23.20
C GLU C 69 -21.78 49.89 -23.95
N THR C 70 -20.57 49.76 -23.45
CA THR C 70 -19.46 50.46 -24.07
C THR C 70 -18.26 49.52 -24.10
N SER C 71 -17.22 49.83 -24.88
CA SER C 71 -16.05 48.95 -24.89
C SER C 71 -15.11 49.26 -23.73
N PHE C 72 -15.26 50.44 -23.13
CA PHE C 72 -14.35 50.92 -22.09
C PHE C 72 -14.06 49.93 -20.95
N ASP C 73 -12.80 49.87 -20.52
CA ASP C 73 -12.41 49.04 -19.37
C ASP C 73 -13.23 49.37 -18.12
N ASN C 74 -13.57 50.65 -17.96
CA ASN C 74 -14.32 51.12 -16.82
C ASN C 74 -15.79 51.25 -17.16
N SER C 75 -16.51 50.14 -17.20
CA SER C 75 -17.90 50.13 -17.62
C SER C 75 -18.59 48.91 -17.05
N LEU C 76 -19.86 48.72 -17.38
CA LEU C 76 -20.58 47.53 -16.89
C LEU C 76 -20.13 46.23 -17.56
N ILE C 77 -19.56 45.31 -16.78
CA ILE C 77 -19.03 44.07 -17.36
C ILE C 77 -19.36 42.85 -16.53
N ASP C 78 -19.85 41.81 -17.21
CA ASP C 78 -20.02 40.45 -16.67
C ASP C 78 -19.08 39.47 -17.35
N THR C 79 -19.05 38.23 -16.86
CA THR C 79 -18.22 37.21 -17.45
C THR C 79 -19.08 36.16 -18.11
N VAL C 80 -18.99 36.12 -19.43
CA VAL C 80 -19.77 35.22 -20.26
C VAL C 80 -18.99 33.95 -20.57
N ALA C 81 -19.72 32.86 -20.71
CA ALA C 81 -19.16 31.56 -21.01
C ALA C 81 -20.03 30.91 -22.06
N LYS C 82 -19.42 30.44 -23.14
CA LYS C 82 -20.11 29.65 -24.15
C LYS C 82 -19.45 28.30 -24.19
N TYR C 83 -20.24 27.25 -24.37
CA TYR C 83 -19.64 25.94 -24.39
C TYR C 83 -20.27 25.07 -25.46
N SER C 84 -19.44 24.22 -26.04
CA SER C 84 -19.82 23.39 -27.17
C SER C 84 -19.51 21.94 -26.89
N VAL C 85 -20.37 21.06 -27.39
CA VAL C 85 -20.08 19.64 -27.25
C VAL C 85 -19.68 19.01 -28.56
N ASP C 86 -19.51 19.81 -29.59
CA ASP C 86 -19.22 19.26 -30.90
C ASP C 86 -18.06 20.01 -31.54
N ASP C 87 -17.04 20.28 -30.74
CA ASP C 87 -15.82 20.94 -31.23
C ASP C 87 -16.15 22.26 -31.93
N GLY C 88 -17.10 22.98 -31.37
CA GLY C 88 -17.34 24.35 -31.80
C GLY C 88 -18.31 24.52 -32.95
N GLU C 89 -19.06 23.48 -33.29
CA GLU C 89 -20.08 23.62 -34.32
C GLU C 89 -21.22 24.48 -33.80
N THR C 90 -21.66 24.20 -32.57
CA THR C 90 -22.79 24.88 -31.95
C THR C 90 -22.45 25.16 -30.50
N TRP C 91 -23.04 26.21 -29.93
CA TRP C 91 -22.66 26.63 -28.58
C TRP C 91 -23.84 27.03 -27.74
N GLU C 92 -23.74 26.83 -26.44
CA GLU C 92 -24.73 27.33 -25.48
C GLU C 92 -24.10 28.49 -24.73
N THR C 93 -24.92 29.43 -24.27
CA THR C 93 -24.39 30.66 -23.65
C THR C 93 -24.88 30.86 -22.23
N GLN C 94 -23.97 31.18 -21.31
CA GLN C 94 -24.37 31.61 -19.96
C GLN C 94 -23.47 32.73 -19.44
N ILE C 95 -23.89 33.40 -18.36
CA ILE C 95 -23.00 34.27 -17.62
C ILE C 95 -22.42 33.44 -16.48
N ALA C 96 -21.10 33.38 -16.37
CA ALA C 96 -20.46 32.55 -15.35
C ALA C 96 -20.28 33.32 -14.05
N ILE C 97 -19.94 34.62 -14.16
CA ILE C 97 -19.80 35.52 -13.02
C ILE C 97 -20.40 36.89 -13.34
N LYS C 98 -21.25 37.39 -12.44
CA LYS C 98 -21.91 38.68 -12.63
C LYS C 98 -21.32 39.71 -11.68
N ASN C 99 -21.39 40.99 -12.02
CA ASN C 99 -20.83 41.99 -11.13
C ASN C 99 -21.83 42.40 -10.06
N SER C 100 -21.37 43.32 -9.23
CA SER C 100 -22.09 43.79 -8.06
C SER C 100 -23.35 44.59 -8.38
N ARG C 101 -23.51 45.03 -9.62
CA ARG C 101 -24.63 45.89 -10.07
C ARG C 101 -24.76 47.22 -9.31
N ALA C 102 -23.72 47.57 -8.54
CA ALA C 102 -23.70 48.78 -7.69
C ALA C 102 -23.81 50.09 -8.46
N SER C 103 -23.27 50.13 -9.67
CA SER C 103 -23.29 51.35 -10.48
C SER C 103 -23.16 50.97 -11.94
N SER C 104 -23.17 51.97 -12.81
CA SER C 104 -23.02 51.70 -14.24
C SER C 104 -21.58 51.30 -14.62
N VAL C 105 -20.63 51.40 -13.68
CA VAL C 105 -19.28 50.89 -13.94
C VAL C 105 -18.90 49.66 -13.12
N SER C 106 -19.87 49.04 -12.45
CA SER C 106 -19.61 47.78 -11.75
C SER C 106 -19.15 46.74 -12.75
N ARG C 107 -18.11 45.98 -12.40
CA ARG C 107 -17.48 45.11 -13.38
C ARG C 107 -16.70 43.96 -12.75
N VAL C 108 -16.70 42.83 -13.42
CA VAL C 108 -15.78 41.72 -13.09
C VAL C 108 -14.84 41.54 -14.28
N VAL C 109 -13.57 41.72 -13.99
CA VAL C 109 -12.58 42.01 -15.02
C VAL C 109 -11.45 41.01 -15.03
N ASP C 110 -10.79 40.91 -16.18
CA ASP C 110 -9.66 39.99 -16.41
C ASP C 110 -9.94 38.61 -15.86
N PRO C 111 -10.99 37.94 -16.42
CA PRO C 111 -11.22 36.57 -16.03
C PRO C 111 -10.06 35.72 -16.51
N THR C 112 -9.60 34.85 -15.62
CA THR C 112 -8.45 34.01 -15.88
C THR C 112 -8.83 32.60 -15.47
N VAL C 113 -8.59 31.65 -16.37
CA VAL C 113 -9.23 30.35 -16.30
C VAL C 113 -8.23 29.23 -16.08
N ILE C 114 -8.53 28.34 -15.11
CA ILE C 114 -7.82 27.06 -14.96
C ILE C 114 -8.77 25.88 -15.02
N VAL C 115 -8.37 24.84 -15.75
CA VAL C 115 -9.10 23.59 -15.84
C VAL C 115 -8.39 22.52 -15.05
N LYS C 116 -9.10 21.90 -14.12
CA LYS C 116 -8.60 20.70 -13.46
C LYS C 116 -9.76 19.73 -13.33
N GLY C 117 -9.58 18.53 -13.89
CA GLY C 117 -10.64 17.53 -13.97
C GLY C 117 -11.79 18.12 -14.75
N ASN C 118 -12.98 18.08 -14.17
CA ASN C 118 -14.15 18.67 -14.79
C ASN C 118 -14.54 20.00 -14.08
N LYS C 119 -13.59 20.58 -13.36
CA LYS C 119 -13.84 21.86 -12.70
C LYS C 119 -13.16 23.00 -13.43
N LEU C 120 -13.91 24.09 -13.61
CA LEU C 120 -13.40 25.35 -14.17
C LEU C 120 -13.22 26.39 -13.07
N TYR C 121 -11.97 26.74 -12.80
CA TYR C 121 -11.64 27.79 -11.84
C TYR C 121 -11.46 29.10 -12.58
N VAL C 122 -12.34 30.06 -12.29
CA VAL C 122 -12.28 31.39 -12.92
C VAL C 122 -11.97 32.47 -11.89
N LEU C 123 -10.94 33.25 -12.16
CA LEU C 123 -10.46 34.28 -11.23
C LEU C 123 -10.64 35.68 -11.83
N VAL C 124 -11.44 36.49 -11.14
CA VAL C 124 -11.74 37.83 -11.61
C VAL C 124 -11.50 38.92 -10.60
N GLY C 125 -11.18 40.10 -11.12
CA GLY C 125 -11.23 41.31 -10.32
C GLY C 125 -12.67 41.79 -10.26
N SER C 126 -12.98 42.54 -9.21
CA SER C 126 -14.32 43.05 -9.02
C SER C 126 -14.34 44.47 -8.52
N TYR C 127 -14.98 45.34 -9.30
CA TYR C 127 -15.05 46.77 -8.98
C TYR C 127 -16.47 47.25 -8.98
N ASN C 128 -16.73 48.27 -8.15
CA ASN C 128 -18.07 48.72 -7.90
C ASN C 128 -18.40 50.04 -8.55
N SER C 129 -17.55 51.05 -8.35
CA SER C 129 -17.83 52.39 -8.92
C SER C 129 -16.63 53.28 -9.28
N SER C 130 -15.41 52.75 -9.23
CA SER C 130 -14.22 53.49 -9.66
C SER C 130 -14.25 53.84 -11.15
N ARG C 131 -13.93 55.09 -11.48
CA ARG C 131 -13.85 55.51 -12.88
C ARG C 131 -12.46 55.52 -13.50
N SER C 132 -11.42 55.36 -12.68
CA SER C 132 -10.02 55.40 -13.16
C SER C 132 -9.46 54.02 -13.37
N TYR C 133 -8.37 53.94 -14.14
CA TYR C 133 -7.71 52.65 -14.35
C TYR C 133 -7.22 52.07 -13.04
N TRP C 134 -7.36 50.75 -12.89
CA TRP C 134 -7.10 50.11 -11.62
C TRP C 134 -5.74 50.43 -11.01
N THR C 135 -4.72 50.57 -11.84
CA THR C 135 -3.38 50.82 -11.32
C THR C 135 -3.16 52.20 -10.69
N SER C 136 -3.91 53.18 -11.20
CA SER C 136 -3.83 54.52 -10.68
C SER C 136 -4.62 54.75 -9.38
N HIS C 137 -5.45 53.80 -8.96
CA HIS C 137 -6.15 53.86 -7.65
C HIS C 137 -5.14 54.08 -6.50
N GLY C 138 -5.56 54.83 -5.47
CA GLY C 138 -4.70 55.15 -4.32
C GLY C 138 -4.86 54.17 -3.15
N ASP C 139 -5.92 53.38 -3.22
CA ASP C 139 -6.16 52.25 -2.30
C ASP C 139 -7.13 51.19 -2.86
N ALA C 140 -7.39 50.19 -2.01
CA ALA C 140 -8.10 49.00 -2.46
C ALA C 140 -9.61 49.09 -2.24
N ARG C 141 -10.12 50.27 -1.93
CA ARG C 141 -11.49 50.36 -1.43
C ARG C 141 -12.53 49.83 -2.42
N ASP C 142 -12.28 49.96 -3.71
CA ASP C 142 -13.28 49.57 -4.69
C ASP C 142 -13.11 48.13 -5.20
N TRP C 143 -12.12 47.42 -4.68
CA TRP C 143 -11.62 46.21 -5.34
C TRP C 143 -11.88 44.96 -4.55
N ASP C 144 -12.28 43.92 -5.25
CA ASP C 144 -12.21 42.58 -4.68
C ASP C 144 -11.65 41.66 -5.74
N ILE C 145 -11.12 40.53 -5.29
CA ILE C 145 -10.61 39.47 -6.13
C ILE C 145 -11.46 38.21 -5.85
N LEU C 146 -12.10 37.68 -6.89
CA LEU C 146 -13.07 36.61 -6.70
C LEU C 146 -12.73 35.35 -7.46
N LEU C 147 -13.08 34.22 -6.83
CA LEU C 147 -12.91 32.90 -7.44
C LEU C 147 -14.25 32.23 -7.59
N ALA C 148 -14.66 31.97 -8.82
CA ALA C 148 -15.88 31.20 -9.09
C ALA C 148 -15.51 29.88 -9.74
N VAL C 149 -16.23 28.81 -9.39
CA VAL C 149 -15.95 27.48 -9.95
C VAL C 149 -17.12 26.85 -10.68
N GLY C 150 -16.88 26.37 -11.90
CA GLY C 150 -17.88 25.66 -12.67
C GLY C 150 -17.66 24.15 -12.65
N GLU C 151 -18.76 23.41 -12.60
CA GLU C 151 -18.73 21.96 -12.69
C GLU C 151 -19.28 21.54 -14.03
N VAL C 152 -18.46 20.84 -14.79
CA VAL C 152 -18.85 20.44 -16.13
C VAL C 152 -19.35 19.00 -16.08
N THR C 153 -20.50 18.74 -16.74
CA THR C 153 -21.11 17.39 -16.77
C THR C 153 -21.57 16.99 -18.16
N LYS C 154 -21.50 15.69 -18.47
CA LYS C 154 -21.98 15.19 -19.76
C LYS C 154 -23.03 14.09 -19.63
N SER C 155 -24.22 14.38 -20.16
CA SER C 155 -25.31 13.41 -20.27
C SER C 155 -25.43 12.91 -21.73
N THR C 156 -26.11 11.77 -21.96
CA THR C 156 -26.28 11.29 -23.33
C THR C 156 -27.64 10.63 -23.58
N ALA C 157 -28.64 11.38 -24.00
CA ALA C 157 -29.87 10.72 -24.47
C ALA C 157 -29.69 10.22 -25.91
N GLY C 158 -30.03 8.96 -26.15
CA GLY C 158 -29.91 8.35 -27.48
C GLY C 158 -28.53 8.58 -28.09
N GLY C 159 -28.48 9.22 -29.25
CA GLY C 159 -27.19 9.53 -29.86
C GLY C 159 -26.66 10.88 -29.42
N LYS C 160 -27.38 11.60 -28.56
CA LYS C 160 -27.11 13.03 -28.34
C LYS C 160 -26.34 13.43 -27.05
N ILE C 161 -25.14 13.97 -27.22
CA ILE C 161 -24.33 14.51 -26.11
C ILE C 161 -24.83 15.90 -25.69
N THR C 162 -25.12 16.07 -24.41
CA THR C 162 -25.69 17.34 -23.91
C THR C 162 -24.95 17.68 -22.62
N ALA C 163 -24.22 18.78 -22.60
CA ALA C 163 -23.47 19.12 -21.38
C ALA C 163 -24.10 20.25 -20.61
N SER C 164 -23.75 20.38 -19.35
CA SER C 164 -24.14 21.55 -18.57
C SER C 164 -23.02 21.91 -17.61
N ILE C 165 -22.90 23.22 -17.39
CA ILE C 165 -21.93 23.75 -16.46
C ILE C 165 -22.67 24.52 -15.40
N LYS C 166 -22.53 24.04 -14.18
CA LYS C 166 -23.14 24.61 -13.00
C LYS C 166 -22.10 25.52 -12.37
N TRP C 167 -22.40 26.81 -12.30
CA TRP C 167 -21.47 27.77 -11.70
C TRP C 167 -21.73 27.96 -10.22
N GLY C 168 -20.65 27.95 -9.43
CA GLY C 168 -20.73 28.29 -8.00
C GLY C 168 -20.74 29.79 -7.79
N SER C 169 -21.26 30.22 -6.64
CA SER C 169 -21.24 31.63 -6.28
C SER C 169 -19.77 32.01 -6.04
N PRO C 170 -19.32 33.20 -6.51
CA PRO C 170 -17.90 33.54 -6.34
C PRO C 170 -17.50 33.63 -4.87
N VAL C 171 -16.22 33.41 -4.59
CA VAL C 171 -15.67 33.50 -3.24
C VAL C 171 -14.57 34.55 -3.28
N SER C 172 -14.51 35.42 -2.26
CA SER C 172 -13.45 36.46 -2.23
C SER C 172 -12.13 35.86 -1.78
N LEU C 173 -11.06 36.09 -2.53
CA LEU C 173 -9.75 35.59 -2.13
C LEU C 173 -8.95 36.63 -1.35
N LYS C 174 -9.58 37.78 -1.08
CA LYS C 174 -8.89 38.93 -0.49
C LYS C 174 -8.08 38.59 0.76
N GLU C 175 -8.58 37.68 1.58
CA GLU C 175 -7.89 37.32 2.80
C GLU C 175 -6.50 36.75 2.53
N PHE C 176 -6.23 36.34 1.30
CA PHE C 176 -4.91 35.81 0.99
C PHE C 176 -3.97 36.84 0.41
N PHE C 177 -4.38 38.10 0.44
CA PHE C 177 -3.59 39.19 -0.09
C PHE C 177 -2.84 39.92 1.01
N PRO C 178 -1.52 39.75 1.09
CA PRO C 178 -0.73 40.36 2.16
C PRO C 178 -0.71 41.90 2.15
N ALA C 179 -0.42 42.50 3.30
CA ALA C 179 -0.19 43.93 3.41
C ALA C 179 1.16 44.27 2.79
N GLU C 180 2.10 43.34 2.86
CA GLU C 180 3.45 43.56 2.39
C GLU C 180 4.00 42.46 1.53
N MET C 181 4.80 42.84 0.56
CA MET C 181 5.59 41.94 -0.26
C MET C 181 6.95 42.52 -0.03
N GLU C 182 8.00 41.72 -0.26
CA GLU C 182 9.27 42.05 0.37
C GLU C 182 9.59 43.56 0.36
N GLY C 183 9.42 44.19 1.52
CA GLY C 183 9.72 45.60 1.73
C GLY C 183 8.93 46.68 1.00
N MET C 184 7.68 46.40 0.61
CA MET C 184 6.84 47.40 -0.08
C MET C 184 5.41 47.09 0.31
N HIS C 185 4.50 48.06 0.19
CA HIS C 185 3.11 47.81 0.62
C HIS C 185 2.19 47.58 -0.56
N THR C 186 1.21 46.72 -0.40
CA THR C 186 0.38 46.33 -1.53
C THR C 186 -0.84 47.22 -1.70
N ASN C 187 -1.38 47.23 -2.91
CA ASN C 187 -2.63 47.94 -3.24
C ASN C 187 -3.68 46.97 -3.75
N GLN C 188 -3.49 46.45 -4.97
CA GLN C 188 -4.44 45.53 -5.59
C GLN C 188 -3.71 44.47 -6.38
N PHE C 189 -4.45 43.44 -6.80
CA PHE C 189 -3.97 42.48 -7.80
C PHE C 189 -5.07 41.85 -8.65
N LEU C 190 -4.65 41.37 -9.82
CA LEU C 190 -5.56 40.81 -10.82
C LEU C 190 -4.91 39.62 -11.53
N GLY C 191 -5.78 38.78 -12.12
CA GLY C 191 -5.29 37.70 -12.98
C GLY C 191 -4.54 38.23 -14.21
N GLY C 192 -3.81 37.35 -14.89
CA GLY C 192 -3.11 37.75 -16.11
C GLY C 192 -4.05 37.73 -17.30
N ALA C 193 -5.31 37.39 -17.04
CA ALA C 193 -6.33 37.13 -18.08
C ALA C 193 -6.03 35.83 -18.82
N GLY C 194 -6.93 35.39 -19.69
CA GLY C 194 -6.64 34.15 -20.46
C GLY C 194 -6.60 32.87 -19.65
N VAL C 195 -5.69 31.96 -20.02
CA VAL C 195 -5.66 30.62 -19.40
C VAL C 195 -4.43 30.34 -18.53
N ALA C 196 -4.66 30.07 -17.24
CA ALA C 196 -3.58 29.66 -16.33
C ALA C 196 -3.49 28.13 -16.26
N ILE C 197 -2.77 27.57 -15.29
CA ILE C 197 -2.39 26.15 -15.36
C ILE C 197 -2.54 25.35 -14.06
N VAL C 198 -2.51 24.03 -14.19
CA VAL C 198 -2.31 23.15 -13.05
C VAL C 198 -0.87 22.65 -13.10
N ALA C 199 -0.06 22.95 -12.09
CA ALA C 199 1.33 22.43 -12.05
C ALA C 199 1.33 20.91 -11.98
N SER C 200 2.41 20.30 -12.44
CA SER C 200 2.51 18.84 -12.46
C SER C 200 2.36 18.24 -11.07
N ASN C 201 2.53 19.04 -10.03
CA ASN C 201 2.33 18.58 -8.67
C ASN C 201 0.90 18.83 -8.18
N GLY C 202 0.03 19.29 -9.06
CA GLY C 202 -1.36 19.44 -8.67
C GLY C 202 -1.76 20.81 -8.16
N ASN C 203 -0.79 21.70 -7.92
CA ASN C 203 -1.11 23.09 -7.53
C ASN C 203 -1.88 23.87 -8.60
N LEU C 204 -2.88 24.64 -8.16
CA LEU C 204 -3.50 25.62 -9.08
C LEU C 204 -2.61 26.85 -9.17
N VAL C 205 -2.17 27.22 -10.38
CA VAL C 205 -1.24 28.33 -10.51
C VAL C 205 -1.73 29.49 -11.40
N TYR C 206 -1.91 30.66 -10.80
CA TYR C 206 -2.30 31.86 -11.53
C TYR C 206 -1.15 32.85 -11.53
N PRO C 207 -0.65 33.22 -12.72
CA PRO C 207 0.25 34.36 -12.70
C PRO C 207 -0.60 35.64 -12.51
N VAL C 208 -0.22 36.48 -11.57
CA VAL C 208 -1.04 37.66 -11.28
C VAL C 208 -0.28 38.95 -11.39
N GLN C 209 -1.00 40.02 -11.75
CA GLN C 209 -0.41 41.34 -11.81
C GLN C 209 -0.75 42.10 -10.55
N VAL C 210 0.25 42.74 -9.94
CA VAL C 210 0.09 43.34 -8.62
C VAL C 210 0.64 44.76 -8.57
N THR C 211 -0.06 45.64 -7.84
CA THR C 211 0.39 47.01 -7.62
C THR C 211 0.80 47.25 -6.18
N ASN C 212 1.83 48.06 -5.99
CA ASN C 212 2.18 48.57 -4.66
C ASN C 212 1.67 49.99 -4.47
N LYS C 213 2.00 50.63 -3.35
CA LYS C 213 1.45 51.95 -3.02
C LYS C 213 2.10 53.04 -3.85
N LYS C 214 3.22 52.70 -4.49
CA LYS C 214 3.94 53.59 -5.40
C LYS C 214 3.32 53.47 -6.78
N LYS C 215 2.27 52.66 -6.86
CA LYS C 215 1.52 52.39 -8.09
C LYS C 215 2.40 51.81 -9.18
N GLN C 216 3.35 50.97 -8.78
CA GLN C 216 4.15 50.24 -9.76
C GLN C 216 3.43 48.92 -9.99
N VAL C 217 3.49 48.40 -11.21
CA VAL C 217 2.93 47.08 -11.43
C VAL C 217 4.03 46.01 -11.55
N PHE C 218 3.74 44.80 -11.12
CA PHE C 218 4.69 43.69 -11.22
C PHE C 218 3.93 42.37 -11.19
N SER C 219 4.61 41.29 -11.60
CA SER C 219 3.96 40.01 -11.68
C SER C 219 4.44 39.08 -10.58
N LYS C 220 3.52 38.28 -10.06
CA LYS C 220 3.82 37.27 -9.03
C LYS C 220 3.15 35.93 -9.37
N ILE C 221 3.58 34.89 -8.67
CA ILE C 221 2.94 33.59 -8.74
C ILE C 221 1.99 33.44 -7.56
N PHE C 222 0.72 33.29 -7.86
CA PHE C 222 -0.37 33.16 -6.89
C PHE C 222 -0.95 31.76 -7.02
N TYR C 223 -0.70 30.89 -6.04
CA TYR C 223 -1.04 29.47 -6.20
C TYR C 223 -1.82 28.86 -5.03
N SER C 224 -2.49 27.74 -5.29
CA SER C 224 -3.18 26.98 -4.27
C SER C 224 -2.73 25.53 -4.28
N GLU C 225 -2.42 25.03 -3.09
CA GLU C 225 -2.03 23.65 -2.94
C GLU C 225 -3.22 22.80 -2.54
N ASP C 226 -4.41 23.39 -2.42
CA ASP C 226 -5.52 22.65 -1.85
C ASP C 226 -6.85 22.76 -2.61
N GLU C 227 -6.77 22.67 -3.94
CA GLU C 227 -7.94 22.80 -4.83
C GLU C 227 -8.68 24.13 -4.71
N GLY C 228 -7.92 25.19 -4.39
CA GLY C 228 -8.43 26.54 -4.30
C GLY C 228 -9.15 26.92 -3.01
N LYS C 229 -8.89 26.21 -1.92
CA LYS C 229 -9.48 26.61 -0.63
C LYS C 229 -8.66 27.76 -0.08
N THR C 230 -7.33 27.64 -0.17
CA THR C 230 -6.44 28.69 0.29
C THR C 230 -5.36 28.96 -0.74
N TRP C 231 -4.79 30.17 -0.68
CA TRP C 231 -3.84 30.67 -1.66
C TRP C 231 -2.60 31.32 -1.08
N LYS C 232 -1.47 31.11 -1.75
CA LYS C 232 -0.17 31.68 -1.38
C LYS C 232 0.45 32.47 -2.53
N PHE C 233 1.33 33.39 -2.18
CA PHE C 233 2.17 34.10 -3.15
C PHE C 233 3.62 33.61 -3.06
N GLY C 234 4.23 33.25 -4.19
CA GLY C 234 5.67 33.01 -4.17
C GLY C 234 6.38 34.29 -3.78
N LYS C 235 7.49 34.15 -3.05
CA LYS C 235 8.25 35.27 -2.51
C LYS C 235 8.77 36.28 -3.53
N GLY C 236 9.23 35.80 -4.67
CA GLY C 236 9.81 36.67 -5.69
C GLY C 236 8.82 37.23 -6.68
N ARG C 237 9.34 38.06 -7.59
CA ARG C 237 8.55 38.78 -8.57
C ARG C 237 9.32 39.09 -9.84
N SER C 238 8.58 39.42 -10.89
CA SER C 238 9.09 40.04 -12.13
C SER C 238 9.62 41.42 -11.81
N ALA C 239 10.31 42.03 -12.77
CA ALA C 239 10.75 43.42 -12.62
C ALA C 239 9.51 44.30 -12.73
N PHE C 240 9.67 45.58 -12.37
CA PHE C 240 8.54 46.45 -12.37
C PHE C 240 8.09 46.76 -13.78
N GLY C 241 6.79 46.91 -13.98
CA GLY C 241 6.25 47.17 -15.32
C GLY C 241 5.86 45.91 -16.07
N CYS C 242 6.06 44.75 -15.47
CA CYS C 242 5.57 43.52 -16.10
C CYS C 242 4.14 43.31 -15.70
N SER C 243 3.24 43.32 -16.66
CA SER C 243 1.81 43.18 -16.39
C SER C 243 1.25 42.08 -17.26
N GLU C 244 0.01 41.70 -17.00
CA GLU C 244 -0.73 40.70 -17.79
C GLU C 244 0.10 39.46 -18.16
N PRO C 245 0.66 38.81 -17.14
CA PRO C 245 1.50 37.64 -17.24
C PRO C 245 0.69 36.39 -17.62
N VAL C 246 1.32 35.52 -18.39
CA VAL C 246 0.77 34.22 -18.74
C VAL C 246 1.88 33.21 -18.46
N ALA C 247 1.51 32.05 -17.92
CA ALA C 247 2.56 31.12 -17.52
C ALA C 247 2.33 29.73 -18.05
N LEU C 248 3.39 28.97 -18.23
CA LEU C 248 3.23 27.55 -18.52
C LEU C 248 4.30 26.75 -17.77
N GLU C 249 4.19 25.44 -17.71
CA GLU C 249 5.22 24.67 -17.03
C GLU C 249 6.06 23.86 -18.01
N TRP C 250 7.37 23.99 -17.90
CA TRP C 250 8.31 23.42 -18.88
C TRP C 250 9.55 22.83 -18.24
N GLU C 251 9.66 21.52 -18.35
CA GLU C 251 10.73 20.75 -17.73
C GLU C 251 10.86 21.13 -16.28
N GLY C 252 9.76 20.97 -15.54
CA GLY C 252 9.74 21.20 -14.11
C GLY C 252 9.64 22.65 -13.67
N LYS C 253 9.94 23.60 -14.56
CA LYS C 253 9.92 25.01 -14.19
C LYS C 253 8.67 25.74 -14.70
N LEU C 254 8.28 26.78 -13.97
CA LEU C 254 7.28 27.72 -14.45
C LEU C 254 8.00 28.71 -15.31
N ILE C 255 7.48 28.90 -16.53
CA ILE C 255 7.92 29.98 -17.42
C ILE C 255 6.86 31.06 -17.44
N ILE C 256 7.22 32.25 -17.00
CA ILE C 256 6.28 33.35 -16.92
C ILE C 256 6.61 34.39 -17.99
N ASN C 257 5.62 34.68 -18.80
CA ASN C 257 5.82 35.48 -19.99
C ASN C 257 4.98 36.74 -19.80
N THR C 258 5.62 37.89 -19.84
CA THR C 258 4.94 39.09 -19.39
C THR C 258 4.79 40.16 -20.46
N ARG C 259 3.70 40.92 -20.34
CA ARG C 259 3.47 42.16 -21.06
C ARG C 259 4.27 43.27 -20.38
N VAL C 260 5.02 44.01 -21.18
CA VAL C 260 5.74 45.17 -20.70
C VAL C 260 5.46 46.24 -21.72
N ASP C 261 4.65 47.23 -21.34
CA ASP C 261 4.28 48.25 -22.30
C ASP C 261 5.49 49.02 -22.73
N TYR C 262 5.56 49.32 -24.01
CA TYR C 262 6.59 50.19 -24.56
C TYR C 262 8.01 49.65 -24.49
N ARG C 263 8.16 48.40 -24.02
CA ARG C 263 9.44 47.67 -24.10
C ARG C 263 9.22 46.24 -24.57
N ARG C 264 10.32 45.54 -24.84
CA ARG C 264 10.21 44.15 -25.31
C ARG C 264 9.73 43.23 -24.19
N ARG C 265 8.91 42.25 -24.53
CA ARG C 265 8.39 41.26 -23.54
C ARG C 265 9.48 40.53 -22.73
N LEU C 266 9.40 40.66 -21.41
CA LEU C 266 10.26 39.90 -20.52
C LEU C 266 9.69 38.55 -20.14
N VAL C 267 10.55 37.53 -20.10
CA VAL C 267 10.17 36.17 -19.76
C VAL C 267 11.07 35.63 -18.64
N TYR C 268 10.45 34.94 -17.69
CA TYR C 268 11.15 34.46 -16.51
C TYR C 268 10.95 32.97 -16.27
N GLU C 269 11.92 32.35 -15.63
CA GLU C 269 11.79 30.99 -15.15
C GLU C 269 11.70 30.99 -13.62
N SER C 270 10.94 30.05 -13.06
CA SER C 270 11.01 29.81 -11.61
C SER C 270 10.77 28.36 -11.33
N SER C 271 11.75 27.76 -10.70
CA SER C 271 11.74 26.36 -10.36
C SER C 271 11.02 26.14 -9.04
N ASP C 272 10.88 27.18 -8.24
CA ASP C 272 10.42 27.03 -6.87
C ASP C 272 9.09 27.73 -6.58
N MET C 273 8.08 27.48 -7.42
CA MET C 273 6.75 28.09 -7.23
C MET C 273 6.83 29.58 -7.00
N GLY C 274 7.68 30.24 -7.78
CA GLY C 274 7.73 31.68 -7.80
C GLY C 274 8.45 32.33 -6.66
N ASN C 275 9.18 31.54 -5.86
CA ASN C 275 9.97 32.12 -4.78
C ASN C 275 11.16 32.86 -5.28
N THR C 276 11.83 32.29 -6.26
CA THR C 276 12.89 33.00 -6.93
C THR C 276 12.53 33.01 -8.42
N TRP C 277 12.67 34.17 -9.04
CA TRP C 277 12.40 34.31 -10.45
C TRP C 277 13.68 34.68 -11.15
N LEU C 278 13.97 34.05 -12.28
CA LEU C 278 15.18 34.38 -13.00
C LEU C 278 14.86 34.64 -14.48
N GLU C 279 15.41 35.73 -15.01
CA GLU C 279 15.04 36.13 -16.37
C GLU C 279 15.63 35.18 -17.39
N ALA C 280 14.75 34.70 -18.26
CA ALA C 280 15.04 33.67 -19.27
C ALA C 280 15.88 34.15 -20.45
N VAL C 281 17.04 34.72 -20.14
CA VAL C 281 17.81 35.44 -21.12
C VAL C 281 18.37 34.53 -22.21
N GLY C 282 18.55 33.25 -21.88
CA GLY C 282 19.18 32.29 -22.79
C GLY C 282 18.19 31.63 -23.72
N THR C 283 16.89 31.94 -23.57
CA THR C 283 15.82 31.38 -24.43
C THR C 283 14.83 32.40 -25.00
N LEU C 284 13.83 32.80 -24.21
CA LEU C 284 12.64 33.52 -24.73
C LEU C 284 12.50 34.98 -24.30
N SER C 285 13.18 35.35 -23.23
CA SER C 285 13.09 36.73 -22.78
C SER C 285 13.62 37.68 -23.82
N ARG C 286 12.78 38.67 -24.12
CA ARG C 286 13.10 39.80 -24.99
C ARG C 286 13.13 39.41 -26.45
N VAL C 287 12.57 38.24 -26.75
CA VAL C 287 12.48 37.81 -28.14
C VAL C 287 11.39 38.61 -28.79
N TRP C 288 10.24 38.69 -28.13
CA TRP C 288 9.08 39.31 -28.75
C TRP C 288 8.94 40.81 -28.45
N GLY C 289 8.94 41.61 -29.50
CA GLY C 289 8.65 43.03 -29.38
C GLY C 289 7.17 43.31 -29.60
N PRO C 290 6.63 44.33 -28.92
CA PRO C 290 5.21 44.67 -28.91
C PRO C 290 4.68 45.43 -30.12
N SER C 291 5.58 45.85 -30.99
CA SER C 291 5.31 46.73 -32.11
C SER C 291 6.63 46.69 -32.86
N PRO C 292 6.66 47.04 -34.16
CA PRO C 292 7.90 47.04 -34.91
C PRO C 292 9.03 47.71 -34.18
N LYS C 293 8.84 48.94 -33.76
CA LYS C 293 9.91 49.65 -33.09
C LYS C 293 9.94 49.42 -31.57
N SER C 294 9.12 48.48 -31.11
CA SER C 294 8.98 48.12 -29.67
C SER C 294 8.71 49.33 -28.76
N ASN C 295 7.86 50.23 -29.25
CA ASN C 295 7.66 51.51 -28.62
C ASN C 295 6.18 51.79 -28.45
N GLN C 296 5.38 50.74 -28.38
CA GLN C 296 3.95 50.89 -28.25
C GLN C 296 3.41 50.09 -27.07
N PRO C 297 2.11 50.20 -26.80
CA PRO C 297 1.53 49.33 -25.77
C PRO C 297 1.64 47.82 -26.05
N GLY C 298 1.62 47.03 -24.99
CA GLY C 298 1.81 45.57 -25.10
C GLY C 298 0.51 44.83 -25.28
N SER C 299 0.49 43.53 -24.95
CA SER C 299 -0.74 42.77 -25.16
C SER C 299 -0.87 41.54 -24.31
N GLN C 300 -2.11 41.04 -24.25
CA GLN C 300 -2.40 39.73 -23.73
C GLN C 300 -1.99 38.67 -24.76
N SER C 301 -1.36 37.62 -24.25
CA SER C 301 -0.83 36.54 -25.09
C SER C 301 -1.33 35.16 -24.68
N SER C 302 -1.64 34.31 -25.66
CA SER C 302 -1.84 32.90 -25.35
C SER C 302 -0.43 32.35 -25.28
N PHE C 303 -0.20 31.43 -24.33
CA PHE C 303 1.11 30.86 -24.13
C PHE C 303 0.93 29.50 -23.46
N THR C 304 0.94 28.45 -24.27
CA THR C 304 0.57 27.11 -23.80
C THR C 304 1.64 26.07 -24.12
N ALA C 305 1.73 25.04 -23.29
CA ALA C 305 2.57 23.92 -23.62
C ALA C 305 1.69 22.79 -24.11
N VAL C 306 2.05 22.19 -25.24
CA VAL C 306 1.26 21.07 -25.78
C VAL C 306 2.16 20.02 -26.37
N THR C 307 1.61 18.82 -26.58
CA THR C 307 2.36 17.78 -27.24
C THR C 307 1.80 17.45 -28.63
N ILE C 308 2.55 17.80 -29.65
CA ILE C 308 2.12 17.62 -31.02
C ILE C 308 3.07 16.64 -31.70
N GLU C 309 2.51 15.56 -32.26
CA GLU C 309 3.29 14.55 -32.96
C GLU C 309 4.42 14.16 -32.01
N GLY C 310 4.01 13.81 -30.79
CA GLY C 310 4.92 13.34 -29.76
C GLY C 310 6.06 14.26 -29.33
N MET C 311 6.03 15.52 -29.76
CA MET C 311 7.05 16.47 -29.30
C MET C 311 6.42 17.50 -28.38
N ARG C 312 7.11 17.80 -27.29
CA ARG C 312 6.61 18.76 -26.33
C ARG C 312 6.98 20.17 -26.80
N VAL C 313 6.00 21.03 -27.03
CA VAL C 313 6.30 22.37 -27.59
C VAL C 313 5.49 23.49 -26.92
N MET C 314 5.80 24.73 -27.27
CA MET C 314 5.06 25.88 -26.78
C MET C 314 4.46 26.68 -27.93
N LEU C 315 3.24 27.19 -27.72
CA LEU C 315 2.54 28.04 -28.69
C LEU C 315 2.21 29.39 -28.06
N PHE C 316 2.71 30.43 -28.72
CA PHE C 316 2.62 31.82 -28.27
C PHE C 316 1.97 32.68 -29.32
N THR C 317 1.09 33.58 -28.90
CA THR C 317 0.49 34.55 -29.81
C THR C 317 0.65 35.96 -29.28
N HIS C 318 0.74 36.92 -30.20
CA HIS C 318 0.87 38.34 -29.89
C HIS C 318 0.69 39.10 -31.20
N PRO C 319 -0.07 40.19 -31.17
CA PRO C 319 -0.29 41.04 -32.34
C PRO C 319 1.00 41.76 -32.74
N LEU C 320 1.26 42.01 -34.01
CA LEU C 320 2.47 42.73 -34.38
C LEU C 320 2.29 44.22 -34.17
N ASN C 321 1.04 44.68 -34.31
CA ASN C 321 0.69 46.06 -33.99
C ASN C 321 1.50 47.07 -34.79
N PHE C 322 1.47 46.91 -36.12
CA PHE C 322 1.99 47.89 -37.09
C PHE C 322 1.30 49.21 -36.93
N LYS C 323 0.00 49.19 -36.69
CA LYS C 323 -0.75 50.41 -36.57
C LYS C 323 -0.31 51.24 -35.40
N GLY C 324 0.09 50.61 -34.32
CA GLY C 324 0.58 51.38 -33.17
C GLY C 324 -0.52 51.67 -32.19
N ARG C 325 -0.22 52.42 -31.15
CA ARG C 325 -1.16 52.69 -30.05
C ARG C 325 -1.79 51.38 -29.57
N TRP C 326 -3.10 51.32 -29.31
CA TRP C 326 -3.66 50.03 -28.85
C TRP C 326 -4.40 49.22 -29.90
N LEU C 327 -4.26 49.66 -31.15
CA LEU C 327 -4.93 49.02 -32.27
C LEU C 327 -4.60 47.53 -32.37
N ARG C 328 -3.32 47.21 -32.33
CA ARG C 328 -2.85 45.82 -32.20
C ARG C 328 -3.35 44.88 -33.30
N ASP C 329 -3.22 45.36 -34.53
CA ASP C 329 -3.46 44.56 -35.72
C ASP C 329 -2.43 43.42 -35.84
N ARG C 330 -2.73 42.50 -36.75
CA ARG C 330 -1.80 41.43 -37.16
C ARG C 330 -1.39 40.42 -36.07
N LEU C 331 -2.36 39.63 -35.64
CA LEU C 331 -2.19 38.60 -34.65
C LEU C 331 -1.31 37.48 -35.19
N ASN C 332 -0.17 37.25 -34.54
CA ASN C 332 0.79 36.21 -34.95
C ASN C 332 0.95 35.00 -34.03
N LEU C 333 1.17 33.86 -34.65
CA LEU C 333 1.31 32.61 -33.94
C LEU C 333 2.77 32.17 -33.98
N TRP C 334 3.30 31.79 -32.83
CA TRP C 334 4.68 31.37 -32.72
C TRP C 334 4.76 29.93 -32.18
N LEU C 335 5.71 29.16 -32.72
CA LEU C 335 6.00 27.79 -32.28
C LEU C 335 7.43 27.72 -31.77
N THR C 336 7.59 27.24 -30.53
CA THR C 336 8.92 27.05 -29.99
C THR C 336 9.13 25.75 -29.23
N ASP C 337 10.35 25.21 -29.35
CA ASP C 337 10.77 24.04 -28.57
C ASP C 337 11.77 24.53 -27.52
N ASN C 338 11.71 25.83 -27.24
CA ASN C 338 12.58 26.46 -26.25
C ASN C 338 14.02 26.46 -26.71
N GLN C 339 14.22 26.24 -27.99
CA GLN C 339 15.51 26.38 -28.59
C GLN C 339 15.34 27.21 -29.86
N ARG C 340 14.54 26.66 -30.77
CA ARG C 340 14.22 27.28 -32.04
C ARG C 340 12.94 28.05 -31.86
N ILE C 341 12.82 29.17 -32.58
CA ILE C 341 11.57 29.94 -32.54
C ILE C 341 11.08 30.20 -33.97
N TYR C 342 9.91 29.63 -34.28
CA TYR C 342 9.35 29.68 -35.62
C TYR C 342 8.09 30.50 -35.64
N ASN C 343 8.03 31.42 -36.60
CA ASN C 343 6.84 32.20 -36.81
C ASN C 343 5.87 31.44 -37.69
N VAL C 344 4.89 30.80 -37.08
CA VAL C 344 3.87 30.07 -37.85
C VAL C 344 3.14 31.00 -38.80
N GLY C 345 2.91 32.24 -38.37
CA GLY C 345 2.35 33.27 -39.23
C GLY C 345 1.19 34.04 -38.63
N GLN C 346 0.48 34.77 -39.50
CA GLN C 346 -0.61 35.60 -39.08
C GLN C 346 -1.92 34.82 -38.97
N VAL C 347 -2.67 35.08 -37.89
CA VAL C 347 -3.88 34.35 -37.60
C VAL C 347 -5.07 35.24 -37.93
N SER C 348 -4.90 36.54 -37.73
CA SER C 348 -5.91 37.52 -38.09
C SER C 348 -5.93 37.69 -39.61
N ILE C 349 -6.95 38.37 -40.12
CA ILE C 349 -7.13 38.50 -41.55
C ILE C 349 -6.82 39.91 -42.04
N GLY C 350 -5.67 40.05 -42.70
CA GLY C 350 -5.23 41.33 -43.20
C GLY C 350 -5.08 42.34 -42.07
N ASP C 351 -5.34 43.61 -42.43
CA ASP C 351 -5.13 44.74 -41.55
C ASP C 351 -6.17 44.93 -40.46
N GLU C 352 -6.89 43.89 -40.08
CA GLU C 352 -7.90 44.07 -39.06
C GLU C 352 -7.17 44.11 -37.73
N ASN C 353 -7.75 44.84 -36.78
CA ASN C 353 -7.26 44.88 -35.41
C ASN C 353 -7.63 43.61 -34.69
N SER C 354 -6.68 43.01 -33.99
CA SER C 354 -6.91 41.71 -33.34
C SER C 354 -5.90 41.48 -32.23
N ALA C 355 -6.20 41.97 -31.02
CA ALA C 355 -5.19 41.94 -29.99
C ALA C 355 -5.13 40.63 -29.15
N TYR C 356 -6.16 40.41 -28.36
CA TYR C 356 -6.12 39.32 -27.41
C TYR C 356 -6.61 38.00 -28.02
N SER C 357 -6.02 36.90 -27.60
CA SER C 357 -6.19 35.62 -28.28
C SER C 357 -6.03 34.48 -27.29
N SER C 358 -6.62 33.33 -27.60
CA SER C 358 -6.44 32.15 -26.77
C SER C 358 -6.41 30.94 -27.72
N VAL C 359 -5.38 30.11 -27.61
CA VAL C 359 -5.19 28.99 -28.55
C VAL C 359 -5.37 27.62 -27.88
N LEU C 360 -6.27 26.81 -28.43
CA LEU C 360 -6.58 25.51 -27.84
C LEU C 360 -6.19 24.42 -28.78
N TYR C 361 -5.54 23.41 -28.20
CA TYR C 361 -5.20 22.23 -28.98
C TYR C 361 -5.95 21.04 -28.42
N LYS C 362 -6.91 20.52 -29.15
CA LYS C 362 -7.75 19.46 -28.61
C LYS C 362 -7.96 18.40 -29.66
N ASP C 363 -7.63 17.16 -29.29
CA ASP C 363 -7.83 16.00 -30.17
C ASP C 363 -7.17 16.17 -31.54
N ASP C 364 -5.93 16.66 -31.50
CA ASP C 364 -5.12 16.94 -32.69
C ASP C 364 -5.74 17.90 -33.68
N LYS C 365 -6.57 18.81 -33.19
CA LYS C 365 -7.04 19.89 -34.02
C LYS C 365 -6.74 21.18 -33.26
N LEU C 366 -6.45 22.25 -34.02
CA LEU C 366 -5.97 23.50 -33.45
C LEU C 366 -6.99 24.59 -33.67
N TYR C 367 -7.28 25.31 -32.59
CA TYR C 367 -8.32 26.34 -32.60
C TYR C 367 -7.80 27.60 -31.95
N CYS C 368 -8.41 28.73 -32.34
CA CYS C 368 -8.13 29.98 -31.70
C CYS C 368 -9.37 30.83 -31.52
N LEU C 369 -9.55 31.36 -30.32
CA LEU C 369 -10.56 32.39 -30.02
C LEU C 369 -9.87 33.74 -29.85
N HIS C 370 -10.10 34.66 -30.78
CA HIS C 370 -9.46 35.98 -30.70
C HIS C 370 -10.38 37.16 -31.01
N GLU C 371 -9.95 38.33 -30.54
CA GLU C 371 -10.64 39.58 -30.76
C GLU C 371 -10.52 40.10 -32.19
N ILE C 372 -11.58 40.73 -32.65
CA ILE C 372 -11.50 41.66 -33.78
C ILE C 372 -12.18 42.95 -33.37
N ASN C 373 -11.52 44.05 -33.74
CA ASN C 373 -11.88 45.36 -33.30
C ASN C 373 -11.98 46.36 -34.44
N SER C 374 -13.16 46.94 -34.59
CA SER C 374 -13.31 48.09 -35.46
C SER C 374 -13.91 49.24 -34.67
N ASN C 375 -13.20 50.36 -34.63
CA ASN C 375 -13.69 51.57 -34.00
C ASN C 375 -14.10 51.33 -32.55
N GLU C 376 -13.33 50.48 -31.89
CA GLU C 376 -13.55 50.18 -30.48
C GLU C 376 -14.86 49.45 -30.23
N VAL C 377 -15.27 48.66 -31.21
CA VAL C 377 -16.33 47.67 -31.00
C VAL C 377 -15.71 46.28 -31.25
N TYR C 378 -15.71 45.46 -30.21
CA TYR C 378 -14.94 44.23 -30.19
C TYR C 378 -15.81 42.98 -30.30
N SER C 379 -15.47 42.10 -31.24
CA SER C 379 -16.07 40.75 -31.32
C SER C 379 -15.02 39.68 -31.05
N LEU C 380 -15.47 38.46 -30.78
CA LEU C 380 -14.55 37.34 -30.68
C LEU C 380 -14.83 36.34 -31.80
N VAL C 381 -13.80 35.98 -32.55
CA VAL C 381 -13.94 34.99 -33.61
C VAL C 381 -13.38 33.65 -33.17
N PHE C 382 -13.97 32.58 -33.69
CA PHE C 382 -13.54 31.24 -33.39
C PHE C 382 -13.00 30.61 -34.67
N ALA C 383 -11.69 30.44 -34.69
CA ALA C 383 -10.98 30.05 -35.89
C ALA C 383 -10.50 28.62 -35.81
N ARG C 384 -10.74 27.86 -36.89
CA ARG C 384 -10.22 26.52 -36.98
C ARG C 384 -8.89 26.63 -37.71
N LEU C 385 -7.81 26.55 -36.95
CA LEU C 385 -6.51 26.79 -37.51
C LEU C 385 -5.99 25.58 -38.24
N VAL C 386 -6.64 25.24 -39.35
CA VAL C 386 -6.24 24.06 -40.12
C VAL C 386 -4.84 24.20 -40.76
N GLY C 387 -4.65 25.29 -41.50
CA GLY C 387 -3.40 25.52 -42.18
C GLY C 387 -2.27 25.73 -41.20
N GLU C 388 -2.59 26.31 -40.05
CA GLU C 388 -1.55 26.60 -39.09
C GLU C 388 -0.96 25.31 -38.54
N LEU C 389 -1.82 24.34 -38.22
CA LEU C 389 -1.36 23.06 -37.72
C LEU C 389 -0.49 22.37 -38.75
N ARG C 390 -0.94 22.45 -40.02
CA ARG C 390 -0.22 21.90 -41.15
C ARG C 390 1.27 22.28 -41.09
N ILE C 391 1.50 23.59 -40.94
CA ILE C 391 2.84 24.18 -40.92
C ILE C 391 3.58 23.71 -39.68
N ILE C 392 2.89 23.81 -38.54
CA ILE C 392 3.46 23.40 -37.29
C ILE C 392 3.92 21.95 -37.41
N LYS C 393 3.05 21.11 -37.96
CA LYS C 393 3.36 19.70 -38.01
C LYS C 393 4.58 19.48 -38.90
N SER C 394 4.61 20.19 -40.03
CA SER C 394 5.75 20.14 -40.95
C SER C 394 7.05 20.58 -40.30
N VAL C 395 7.03 21.70 -39.59
CA VAL C 395 8.23 22.21 -38.96
C VAL C 395 8.79 21.22 -37.91
N LEU C 396 7.90 20.67 -37.08
CA LEU C 396 8.29 19.76 -36.03
C LEU C 396 8.97 18.53 -36.63
N GLN C 397 8.42 18.05 -37.75
CA GLN C 397 8.94 16.93 -38.49
C GLN C 397 10.41 17.21 -38.79
N SER C 398 10.69 18.38 -39.35
CA SER C 398 12.04 18.78 -39.69
C SER C 398 12.95 18.80 -38.46
N TRP C 399 12.49 19.48 -37.41
CA TRP C 399 13.23 19.52 -36.18
C TRP C 399 13.61 18.11 -35.69
N LYS C 400 12.61 17.24 -35.60
CA LYS C 400 12.78 15.86 -35.19
C LYS C 400 13.86 15.20 -36.05
N ASN C 401 13.83 15.47 -37.35
CA ASN C 401 14.70 14.75 -38.30
C ASN C 401 16.15 15.13 -38.26
N TRP C 402 16.42 16.43 -38.23
CA TRP C 402 17.80 16.85 -38.13
C TRP C 402 18.44 16.44 -36.83
N ASP C 403 17.73 16.73 -35.73
CA ASP C 403 18.16 16.31 -34.41
C ASP C 403 18.48 14.84 -34.41
N SER C 404 17.53 14.04 -34.90
CA SER C 404 17.77 12.62 -35.07
C SER C 404 19.03 12.36 -35.92
N HIS C 405 19.06 12.86 -37.16
CA HIS C 405 20.24 12.76 -38.02
C HIS C 405 21.56 13.02 -37.28
N LEU C 406 21.64 14.11 -36.52
CA LEU C 406 22.89 14.48 -35.86
C LEU C 406 23.26 13.59 -34.66
N SER C 407 22.30 13.30 -33.79
CA SER C 407 22.57 12.33 -32.70
C SER C 407 22.96 10.98 -33.24
N SER C 408 22.25 10.50 -34.26
CA SER C 408 22.57 9.29 -34.99
C SER C 408 23.98 9.14 -35.54
N ILE C 409 24.72 10.23 -35.74
CA ILE C 409 26.05 10.11 -36.30
C ILE C 409 26.98 9.39 -35.34
N CYS C 410 27.59 8.31 -35.82
CA CYS C 410 28.66 7.64 -35.12
C CYS C 410 29.96 8.44 -35.33
N THR C 411 30.46 9.09 -34.29
CA THR C 411 31.67 9.93 -34.42
C THR C 411 32.98 9.11 -34.34
N PRO C 412 34.12 9.65 -34.86
CA PRO C 412 35.45 8.98 -34.82
C PRO C 412 35.94 8.45 -33.45
N ALA C 413 36.87 7.49 -33.48
CA ALA C 413 37.51 6.88 -32.28
C ALA C 413 37.51 7.69 -30.96
N GLY C 423 32.48 0.93 -31.16
CA GLY C 423 33.00 1.49 -32.40
C GLY C 423 32.75 2.97 -32.70
N CYS C 424 32.23 3.74 -31.72
CA CYS C 424 31.91 5.19 -31.86
C CYS C 424 32.28 6.10 -30.67
N GLY C 425 32.83 7.28 -30.99
CA GLY C 425 33.01 8.34 -29.98
C GLY C 425 31.71 8.96 -29.45
N PRO C 426 31.81 10.05 -28.67
CA PRO C 426 30.63 10.71 -28.07
C PRO C 426 29.71 11.25 -29.16
N ALA C 427 28.41 11.29 -28.89
CA ALA C 427 27.43 11.75 -29.90
C ALA C 427 27.62 13.22 -30.22
N VAL C 428 27.20 13.63 -31.41
CA VAL C 428 27.13 15.06 -31.70
C VAL C 428 26.04 15.71 -30.87
N THR C 429 26.34 16.81 -30.19
CA THR C 429 25.32 17.41 -29.32
C THR C 429 24.26 18.22 -30.06
N THR C 430 23.01 18.03 -29.69
CA THR C 430 21.95 18.84 -30.26
C THR C 430 21.20 19.62 -29.20
N VAL C 431 21.74 19.67 -27.99
CA VAL C 431 21.06 20.50 -26.99
C VAL C 431 21.47 21.94 -27.06
N GLY C 432 20.48 22.80 -27.28
CA GLY C 432 20.71 24.21 -27.53
C GLY C 432 21.15 24.48 -28.97
N LEU C 433 20.94 23.49 -29.85
CA LEU C 433 21.20 23.71 -31.27
C LEU C 433 20.04 24.45 -31.92
N VAL C 434 20.31 25.66 -32.36
CA VAL C 434 19.24 26.58 -32.70
C VAL C 434 19.16 26.75 -34.20
N GLY C 435 20.32 26.90 -34.83
CA GLY C 435 20.39 27.10 -36.27
C GLY C 435 21.53 26.33 -36.92
N PHE C 436 21.30 25.91 -38.17
CA PHE C 436 22.24 25.08 -38.89
C PHE C 436 22.24 25.49 -40.35
N LEU C 437 23.38 25.91 -40.86
CA LEU C 437 23.46 26.28 -42.27
C LEU C 437 24.33 25.26 -42.97
N SER C 438 23.76 24.54 -43.94
CA SER C 438 24.50 23.43 -44.53
C SER C 438 24.38 23.39 -46.04
N HIS C 439 23.87 22.29 -46.57
CA HIS C 439 23.93 22.06 -48.00
C HIS C 439 22.86 22.84 -48.78
N SER C 440 21.69 23.02 -48.19
CA SER C 440 20.57 23.64 -48.91
C SER C 440 20.70 25.16 -48.91
N ALA C 441 20.61 25.72 -50.13
CA ALA C 441 20.73 27.16 -50.34
C ALA C 441 19.97 27.57 -51.58
N THR C 442 19.39 28.78 -51.57
CA THR C 442 18.68 29.36 -52.71
C THR C 442 19.64 30.40 -53.35
N LYS C 443 19.21 31.06 -54.42
CA LYS C 443 20.06 32.03 -55.12
C LYS C 443 20.60 33.12 -54.19
N THR C 444 19.73 33.63 -53.31
CA THR C 444 20.06 34.73 -52.38
C THR C 444 20.08 34.37 -50.87
N GLU C 445 19.82 33.09 -50.54
CA GLU C 445 19.68 32.69 -49.16
C GLU C 445 20.35 31.38 -48.84
N TRP C 446 20.87 31.28 -47.63
CA TRP C 446 21.40 30.04 -47.07
C TRP C 446 20.37 29.56 -46.09
N GLU C 447 19.78 28.38 -46.31
CA GLU C 447 18.64 27.93 -45.51
C GLU C 447 19.01 27.32 -44.18
N ASP C 448 18.36 27.78 -43.12
CA ASP C 448 18.47 27.22 -41.78
C ASP C 448 17.84 25.86 -41.84
N ALA C 449 18.54 24.84 -41.38
CA ALA C 449 18.02 23.48 -41.43
C ALA C 449 16.72 23.44 -40.65
N TYR C 450 16.69 24.24 -39.59
CA TYR C 450 15.58 24.26 -38.65
C TYR C 450 14.54 25.28 -39.03
N ARG C 451 14.72 25.89 -40.22
CA ARG C 451 13.68 26.69 -40.89
C ARG C 451 13.21 27.92 -40.09
N CYS C 452 14.07 28.45 -39.24
CA CYS C 452 13.64 29.58 -38.42
C CYS C 452 14.19 30.93 -38.85
N VAL C 453 15.50 30.96 -39.14
CA VAL C 453 16.16 32.19 -39.53
C VAL C 453 17.13 31.85 -40.65
N ASN C 454 16.85 32.30 -41.86
CA ASN C 454 17.85 32.11 -42.90
C ASN C 454 18.94 33.15 -42.86
N ALA C 455 20.06 32.82 -43.48
CA ALA C 455 21.08 33.82 -43.68
C ALA C 455 20.99 34.23 -45.13
N SER C 456 21.08 35.53 -45.40
CA SER C 456 21.14 36.03 -46.76
C SER C 456 22.60 36.00 -47.22
N THR C 457 22.78 35.89 -48.54
CA THR C 457 24.10 35.68 -49.10
C THR C 457 24.26 36.56 -50.28
N ALA C 458 25.49 36.92 -50.62
CA ALA C 458 25.76 37.61 -51.87
C ALA C 458 27.06 37.07 -52.42
N ASN C 459 27.13 36.88 -53.74
CA ASN C 459 28.33 36.33 -54.39
C ASN C 459 28.65 34.91 -53.96
N ALA C 460 27.63 34.19 -53.54
CA ALA C 460 27.81 32.82 -53.06
C ALA C 460 27.65 31.86 -54.22
N GLU C 461 28.62 30.96 -54.37
CA GLU C 461 28.48 29.81 -55.26
C GLU C 461 28.28 28.55 -54.40
N ARG C 462 27.27 27.74 -54.71
CA ARG C 462 26.93 26.53 -53.93
C ARG C 462 28.04 25.51 -54.04
N VAL C 463 28.46 24.95 -52.91
CA VAL C 463 29.38 23.82 -52.96
C VAL C 463 28.80 22.78 -52.02
N PRO C 464 29.44 21.58 -51.91
CA PRO C 464 28.86 20.62 -50.95
C PRO C 464 28.79 21.21 -49.54
N ASN C 465 27.61 21.14 -48.92
CA ASN C 465 27.38 21.55 -47.53
C ASN C 465 27.71 22.99 -47.17
N GLY C 466 27.69 23.89 -48.13
CA GLY C 466 28.03 25.28 -47.87
C GLY C 466 28.23 26.09 -49.12
N LEU C 467 29.00 27.16 -49.01
CA LEU C 467 29.13 28.09 -50.11
C LEU C 467 30.57 28.62 -50.24
N LYS C 468 30.97 28.85 -51.48
CA LYS C 468 32.21 29.50 -51.82
C LYS C 468 31.86 30.96 -52.16
N PHE C 469 32.44 31.88 -51.40
CA PHE C 469 32.25 33.32 -51.61
C PHE C 469 33.49 33.94 -52.21
N ALA C 470 33.26 35.03 -52.95
CA ALA C 470 34.35 35.84 -53.48
C ALA C 470 33.84 37.22 -53.90
N GLY C 471 34.74 38.20 -53.85
CA GLY C 471 34.43 39.57 -54.28
C GLY C 471 34.04 40.50 -53.16
N VAL C 472 33.97 41.78 -53.51
CA VAL C 472 33.64 42.83 -52.56
C VAL C 472 32.15 42.76 -52.30
N GLY C 473 31.77 42.73 -51.02
CA GLY C 473 30.37 42.62 -50.64
C GLY C 473 29.93 41.17 -50.55
N GLY C 474 30.91 40.27 -50.73
CA GLY C 474 30.70 38.84 -50.60
C GLY C 474 30.43 38.48 -49.16
N GLY C 475 29.70 37.38 -48.97
CA GLY C 475 29.41 36.84 -47.65
C GLY C 475 27.98 36.40 -47.39
N ALA C 476 27.76 35.98 -46.15
CA ALA C 476 26.44 35.60 -45.66
C ALA C 476 26.15 36.38 -44.39
N LEU C 477 24.91 36.81 -44.23
CA LEU C 477 24.54 37.55 -43.04
C LEU C 477 23.43 36.82 -42.27
N TRP C 478 23.73 36.41 -41.05
CA TRP C 478 22.76 35.70 -40.26
C TRP C 478 22.25 36.72 -39.25
N PRO C 479 20.99 37.16 -39.40
CA PRO C 479 20.46 38.30 -38.65
C PRO C 479 20.24 38.01 -37.19
N VAL C 480 20.59 38.96 -36.33
CA VAL C 480 20.40 38.77 -34.90
C VAL C 480 19.45 39.82 -34.32
N SER C 481 19.92 41.06 -34.23
CA SER C 481 19.08 42.17 -33.83
C SER C 481 18.39 42.59 -35.10
N GLN C 482 19.05 42.31 -36.20
CA GLN C 482 18.52 42.61 -37.52
C GLN C 482 17.32 41.77 -37.83
N GLN C 483 17.00 40.79 -37.00
CA GLN C 483 15.74 40.11 -37.23
C GLN C 483 14.58 41.09 -37.06
N GLY C 484 14.84 42.22 -36.43
CA GLY C 484 13.85 43.28 -36.28
C GLY C 484 12.94 43.18 -35.07
N GLN C 485 11.62 43.21 -35.33
CA GLN C 485 10.65 43.29 -34.26
C GLN C 485 10.70 42.07 -33.36
N ASN C 486 10.83 40.88 -33.93
CA ASN C 486 11.04 39.74 -33.06
C ASN C 486 12.38 39.05 -33.28
N GLN C 487 13.16 38.97 -32.22
CA GLN C 487 14.55 38.58 -32.35
C GLN C 487 14.77 37.28 -31.70
N ARG C 488 14.79 36.20 -32.48
CA ARG C 488 14.87 34.87 -31.87
C ARG C 488 16.26 34.59 -31.37
N TYR C 489 17.24 35.28 -31.95
CA TYR C 489 18.63 35.01 -31.63
C TYR C 489 19.12 35.94 -30.54
N HIS C 490 18.22 36.61 -29.84
CA HIS C 490 18.60 37.52 -28.76
C HIS C 490 19.42 36.81 -27.68
N PHE C 491 19.19 35.51 -27.51
CA PHE C 491 20.01 34.73 -26.55
C PHE C 491 21.53 34.93 -26.73
N ALA C 492 21.98 35.22 -27.94
CA ALA C 492 23.40 35.24 -28.26
C ALA C 492 24.12 36.38 -27.57
N ASN C 493 23.35 37.33 -27.05
CA ASN C 493 23.92 38.44 -26.30
C ASN C 493 24.44 38.00 -24.95
N HIS C 494 23.96 36.85 -24.51
CA HIS C 494 24.31 36.31 -23.21
C HIS C 494 25.28 35.15 -23.38
N ALA C 495 24.91 34.17 -24.20
CA ALA C 495 25.85 33.13 -24.57
C ALA C 495 25.55 32.57 -25.93
N PHE C 496 26.60 32.21 -26.66
CA PHE C 496 26.48 31.48 -27.91
C PHE C 496 27.77 30.77 -28.27
N THR C 497 27.60 29.77 -29.13
CA THR C 497 28.69 29.13 -29.84
C THR C 497 28.33 29.18 -31.32
N LEU C 498 29.28 29.61 -32.12
CA LEU C 498 29.14 29.64 -33.56
C LEU C 498 30.26 28.75 -34.10
N VAL C 499 29.88 27.73 -34.87
CA VAL C 499 30.83 26.76 -35.40
C VAL C 499 30.76 26.71 -36.90
N ALA C 500 31.90 26.58 -37.56
CA ALA C 500 31.91 26.38 -39.02
C ALA C 500 33.20 25.71 -39.57
N SER C 501 33.09 25.00 -40.68
CA SER C 501 34.27 24.58 -41.45
C SER C 501 34.62 25.66 -42.45
N VAL C 502 35.90 26.02 -42.55
CA VAL C 502 36.33 27.00 -43.56
C VAL C 502 37.57 26.61 -44.37
N THR C 503 37.74 27.25 -45.52
CA THR C 503 38.92 27.04 -46.39
C THR C 503 39.27 28.33 -47.13
N ILE C 504 40.52 28.76 -47.04
CA ILE C 504 40.90 30.01 -47.69
C ILE C 504 41.48 29.76 -49.09
N HIS C 505 40.98 30.45 -50.11
CA HIS C 505 41.45 30.21 -51.48
C HIS C 505 42.46 31.22 -52.01
N GLU C 506 42.53 32.42 -51.44
CA GLU C 506 43.47 33.41 -51.95
C GLU C 506 44.08 34.22 -50.84
N VAL C 507 45.32 34.63 -51.01
CA VAL C 507 45.99 35.49 -50.05
C VAL C 507 45.41 36.90 -50.16
N PRO C 508 44.94 37.50 -49.04
CA PRO C 508 44.22 38.79 -49.10
C PRO C 508 45.14 40.01 -49.19
N LYS C 509 44.61 41.08 -49.79
CA LYS C 509 45.37 42.33 -49.98
C LYS C 509 45.51 43.11 -48.66
N GLY C 510 44.75 42.72 -47.65
CA GLY C 510 44.85 43.33 -46.34
C GLY C 510 44.63 42.32 -45.25
N ALA C 511 43.42 42.35 -44.68
CA ALA C 511 43.04 41.44 -43.63
C ALA C 511 41.56 41.26 -43.79
N SER C 512 41.15 40.05 -44.16
CA SER C 512 39.76 39.78 -44.56
C SER C 512 38.99 38.93 -43.54
N PRO C 513 37.65 39.11 -43.48
CA PRO C 513 36.86 38.42 -42.46
C PRO C 513 36.49 36.98 -42.82
N LEU C 514 36.28 36.15 -41.79
CA LEU C 514 35.78 34.78 -41.97
C LEU C 514 34.47 34.48 -41.26
N LEU C 515 34.41 34.86 -39.99
CA LEU C 515 33.29 34.53 -39.13
C LEU C 515 33.24 35.51 -37.97
N GLY C 516 32.03 35.93 -37.57
CA GLY C 516 31.93 36.77 -36.39
C GLY C 516 30.56 37.30 -36.01
N ALA C 517 30.50 37.86 -34.80
CA ALA C 517 29.29 38.46 -34.27
C ALA C 517 29.46 39.98 -34.30
N SER C 518 28.64 40.64 -35.11
CA SER C 518 28.79 42.08 -35.32
C SER C 518 27.94 42.91 -34.38
N LEU C 519 28.52 44.00 -33.88
CA LEU C 519 27.79 44.89 -33.00
C LEU C 519 27.15 46.04 -33.74
N ASP C 520 27.60 46.32 -34.94
CA ASP C 520 26.95 47.34 -35.77
C ASP C 520 26.58 46.74 -37.10
N SER C 521 25.75 47.45 -37.84
CA SER C 521 25.17 46.89 -39.05
C SER C 521 26.13 46.78 -40.25
N SER C 522 27.32 47.38 -40.16
CA SER C 522 28.30 47.18 -41.25
C SER C 522 29.18 45.97 -40.98
N GLY C 523 29.43 45.69 -39.70
CA GLY C 523 30.40 44.70 -39.33
C GLY C 523 31.67 45.36 -38.87
N GLY C 524 31.65 46.68 -38.75
CA GLY C 524 32.82 47.40 -38.21
C GLY C 524 33.17 47.00 -36.78
N LYS C 525 32.28 47.35 -35.86
CA LYS C 525 32.46 47.02 -34.46
C LYS C 525 32.03 45.58 -34.20
N LYS C 526 33.00 44.74 -33.85
CA LYS C 526 32.71 43.34 -33.55
C LYS C 526 32.66 43.05 -32.07
N LEU C 527 31.86 42.05 -31.69
CA LEU C 527 31.88 41.52 -30.34
C LEU C 527 32.95 40.44 -30.25
N LEU C 528 32.96 39.54 -31.23
CA LEU C 528 33.97 38.50 -31.34
C LEU C 528 34.00 38.07 -32.79
N GLY C 529 35.17 37.97 -33.39
CA GLY C 529 35.25 37.53 -34.78
C GLY C 529 36.62 37.01 -35.20
N LEU C 530 36.70 36.45 -36.40
CA LEU C 530 37.97 35.98 -36.94
C LEU C 530 38.21 36.55 -38.31
N SER C 531 39.46 36.90 -38.56
CA SER C 531 39.92 37.38 -39.85
C SER C 531 41.25 36.69 -40.23
N TYR C 532 41.71 36.93 -41.45
CA TYR C 532 42.98 36.36 -41.89
C TYR C 532 43.78 37.40 -42.71
N ASP C 533 45.11 37.32 -42.66
CA ASP C 533 45.94 38.36 -43.29
C ASP C 533 46.91 37.90 -44.37
N LYS C 534 47.56 38.87 -45.02
CA LYS C 534 48.48 38.58 -46.11
C LYS C 534 49.73 37.86 -45.61
N ARG C 535 49.92 37.88 -44.30
CA ARG C 535 51.07 37.25 -43.67
C ARG C 535 50.86 35.76 -43.33
N HIS C 536 49.73 35.21 -43.77
CA HIS C 536 49.28 33.83 -43.43
C HIS C 536 49.10 33.62 -41.93
N GLN C 537 48.42 34.57 -41.30
CA GLN C 537 48.11 34.51 -39.87
C GLN C 537 46.65 34.75 -39.58
N TRP C 538 46.22 34.27 -38.43
CA TRP C 538 44.87 34.51 -37.95
C TRP C 538 44.80 35.85 -37.23
N GLN C 539 43.71 36.57 -37.48
CA GLN C 539 43.41 37.77 -36.70
C GLN C 539 42.11 37.55 -35.95
N PRO C 540 42.20 36.96 -34.74
CA PRO C 540 41.02 36.82 -33.92
C PRO C 540 40.73 38.15 -33.26
N ILE C 541 39.48 38.59 -33.36
CA ILE C 541 39.06 39.88 -32.84
C ILE C 541 38.22 39.65 -31.57
N TYR C 542 38.76 40.05 -30.43
CA TYR C 542 38.03 39.98 -29.15
C TYR C 542 37.56 41.38 -28.84
N GLY C 543 36.26 41.63 -29.00
CA GLY C 543 35.68 42.92 -28.68
C GLY C 543 36.41 44.10 -29.29
N SER C 544 36.85 45.02 -28.43
CA SER C 544 37.55 46.23 -28.88
C SER C 544 39.04 46.17 -28.66
N THR C 545 39.52 45.02 -28.18
CA THR C 545 40.92 44.81 -27.94
C THR C 545 41.69 44.96 -29.23
N PRO C 546 42.76 45.80 -29.21
CA PRO C 546 43.72 45.83 -30.33
C PRO C 546 44.05 44.41 -30.78
N VAL C 547 44.00 44.18 -32.08
CA VAL C 547 44.11 42.83 -32.59
C VAL C 547 45.57 42.44 -32.83
N THR C 548 46.03 41.36 -32.19
CA THR C 548 47.41 40.88 -32.40
C THR C 548 47.38 39.55 -33.13
N PRO C 549 47.79 39.56 -34.41
CA PRO C 549 47.68 38.39 -35.28
C PRO C 549 48.53 37.26 -34.72
N THR C 550 48.02 36.03 -34.82
CA THR C 550 48.69 34.87 -34.20
C THR C 550 48.45 33.63 -35.07
N GLY C 551 49.18 32.57 -34.76
CA GLY C 551 49.04 31.27 -35.45
C GLY C 551 49.39 31.37 -36.91
N SER C 552 49.14 30.30 -37.65
CA SER C 552 49.33 30.34 -39.09
C SER C 552 48.35 29.41 -39.79
N TRP C 553 48.02 29.76 -41.03
CA TRP C 553 47.12 28.98 -41.87
C TRP C 553 47.73 28.83 -43.24
N GLU C 554 47.40 27.73 -43.89
CA GLU C 554 47.86 27.52 -45.25
C GLU C 554 46.71 27.46 -46.22
N MET C 555 46.99 27.95 -47.42
CA MET C 555 45.98 28.16 -48.43
C MET C 555 45.40 26.84 -48.91
N GLY C 556 44.08 26.71 -48.95
CA GLY C 556 43.46 25.52 -49.49
C GLY C 556 43.26 24.42 -48.47
N LYS C 557 43.74 24.61 -47.26
CA LYS C 557 43.48 23.64 -46.21
C LYS C 557 42.18 24.02 -45.47
N ARG C 558 41.42 23.02 -45.07
CA ARG C 558 40.15 23.22 -44.38
C ARG C 558 40.41 23.32 -42.89
N TYR C 559 39.79 24.32 -42.25
CA TYR C 559 39.95 24.53 -40.80
C TYR C 559 38.63 24.54 -40.06
N HIS C 560 38.65 24.08 -38.82
CA HIS C 560 37.49 24.06 -37.93
C HIS C 560 37.50 25.25 -36.97
N VAL C 561 36.49 26.10 -37.11
CA VAL C 561 36.39 27.36 -36.38
C VAL C 561 35.25 27.38 -35.40
N VAL C 562 35.58 27.72 -34.15
CA VAL C 562 34.58 27.83 -33.09
C VAL C 562 34.72 29.18 -32.36
N LEU C 563 33.60 29.90 -32.31
CA LEU C 563 33.50 31.10 -31.51
C LEU C 563 32.59 30.82 -30.33
N THR C 564 33.10 31.04 -29.12
CA THR C 564 32.27 30.93 -27.94
C THR C 564 32.29 32.21 -27.13
N MET C 565 31.14 32.50 -26.56
CA MET C 565 31.04 33.63 -25.68
C MET C 565 30.03 33.28 -24.60
N ALA C 566 30.44 33.43 -23.36
CA ALA C 566 29.60 33.19 -22.18
C ALA C 566 30.21 34.01 -21.06
N ASN C 567 29.39 34.43 -20.08
CA ASN C 567 29.93 35.22 -18.95
C ASN C 567 30.82 36.36 -19.39
N LYS C 568 30.39 37.03 -20.47
CA LYS C 568 31.08 38.17 -21.08
C LYS C 568 32.50 37.85 -21.62
N ILE C 569 32.89 36.56 -21.64
CA ILE C 569 34.24 36.17 -22.07
C ILE C 569 34.18 35.45 -23.42
N GLY C 570 35.07 35.81 -24.33
CA GLY C 570 35.02 35.26 -25.67
C GLY C 570 36.25 34.48 -26.06
N SER C 571 36.04 33.38 -26.78
CA SER C 571 37.13 32.52 -27.22
C SER C 571 37.08 32.24 -28.73
N VAL C 572 38.22 31.88 -29.31
CA VAL C 572 38.31 31.43 -30.71
C VAL C 572 39.14 30.14 -30.79
N TYR C 573 38.57 29.08 -31.37
CA TYR C 573 39.32 27.83 -31.51
C TYR C 573 39.52 27.45 -32.96
N ILE C 574 40.75 27.10 -33.31
CA ILE C 574 41.03 26.58 -34.63
C ILE C 574 41.39 25.12 -34.49
N ASP C 575 40.61 24.27 -35.15
CA ASP C 575 40.77 22.82 -35.09
C ASP C 575 40.75 22.34 -33.65
N GLY C 576 39.90 22.99 -32.85
CA GLY C 576 39.68 22.59 -31.48
C GLY C 576 40.75 23.01 -30.49
N GLU C 577 41.68 23.82 -30.96
CA GLU C 577 42.67 24.41 -30.05
C GLU C 577 42.42 25.90 -29.95
N PRO C 578 42.37 26.42 -28.72
CA PRO C 578 42.14 27.87 -28.56
C PRO C 578 43.26 28.66 -29.18
N LEU C 579 42.92 29.78 -29.82
CA LEU C 579 43.92 30.64 -30.48
C LEU C 579 44.46 31.71 -29.54
N GLU C 580 45.78 31.92 -29.59
CA GLU C 580 46.48 32.70 -28.58
C GLU C 580 45.85 34.05 -28.22
N GLY C 581 45.83 34.33 -26.92
CA GLY C 581 45.11 35.47 -26.36
C GLY C 581 43.61 35.26 -26.27
N SER C 582 43.18 34.01 -26.38
CA SER C 582 41.75 33.67 -26.34
C SER C 582 41.22 33.62 -24.93
N GLY C 583 39.95 33.98 -24.77
CA GLY C 583 39.35 34.00 -23.45
C GLY C 583 39.53 35.30 -22.71
N GLN C 584 39.28 36.41 -23.40
CA GLN C 584 39.29 37.75 -22.76
C GLN C 584 37.85 38.29 -22.62
N THR C 585 37.70 39.34 -21.81
CA THR C 585 36.39 39.96 -21.60
C THR C 585 36.04 40.75 -22.85
N VAL C 586 34.89 40.48 -23.44
CA VAL C 586 34.46 41.17 -24.64
C VAL C 586 33.29 42.11 -24.38
N VAL C 587 32.82 42.15 -23.14
CA VAL C 587 31.69 42.99 -22.79
C VAL C 587 32.07 43.90 -21.64
N PRO C 588 32.39 45.15 -21.98
CA PRO C 588 33.11 46.05 -21.11
C PRO C 588 32.33 46.35 -19.85
N ASP C 589 31.10 46.85 -19.95
CA ASP C 589 30.39 47.22 -18.74
C ASP C 589 29.21 46.32 -18.48
N GLU C 590 28.68 46.42 -17.27
CA GLU C 590 27.61 45.54 -16.90
C GLU C 590 26.38 45.68 -17.78
N ARG C 591 26.45 46.57 -18.77
CA ARG C 591 25.46 46.59 -19.86
C ARG C 591 25.58 45.35 -20.74
N THR C 592 24.44 44.94 -21.29
CA THR C 592 24.33 43.77 -22.15
C THR C 592 24.70 44.19 -23.56
N PRO C 593 25.31 43.28 -24.34
CA PRO C 593 25.55 43.59 -25.75
C PRO C 593 24.27 43.60 -26.56
N ASP C 594 24.31 44.19 -27.74
CA ASP C 594 23.20 44.04 -28.68
C ASP C 594 23.71 43.67 -30.08
N ILE C 595 23.92 42.37 -30.30
CA ILE C 595 24.49 41.86 -31.56
C ILE C 595 23.60 42.14 -32.76
N SER C 596 24.19 42.78 -33.75
CA SER C 596 23.51 43.08 -35.01
C SER C 596 23.26 41.83 -35.81
N HIS C 597 24.33 41.15 -36.19
CA HIS C 597 24.20 39.93 -36.98
C HIS C 597 25.47 39.10 -36.81
N PHE C 598 25.43 37.90 -37.38
CA PHE C 598 26.62 37.10 -37.61
C PHE C 598 27.00 37.28 -39.08
N TYR C 599 28.30 37.44 -39.31
CA TYR C 599 28.82 37.56 -40.65
C TYR C 599 29.63 36.30 -40.94
N VAL C 600 29.41 35.74 -42.13
CA VAL C 600 30.06 34.49 -42.53
C VAL C 600 30.62 34.59 -43.95
N GLY C 601 31.91 34.27 -44.09
CA GLY C 601 32.59 34.27 -45.40
C GLY C 601 32.71 35.62 -46.09
N GLY C 602 32.69 36.68 -45.27
CA GLY C 602 32.72 38.05 -45.76
C GLY C 602 31.81 38.89 -44.88
N TYR C 603 31.56 40.14 -45.25
CA TYR C 603 30.66 40.96 -44.44
C TYR C 603 29.27 41.09 -45.00
N LYS C 604 29.16 40.64 -46.25
CA LYS C 604 27.99 40.83 -47.11
C LYS C 604 27.60 42.28 -47.19
N ARG C 605 28.62 43.14 -47.19
CA ARG C 605 28.42 44.57 -47.36
C ARG C 605 29.32 45.00 -48.49
N SER C 606 28.71 45.57 -49.54
CA SER C 606 29.48 46.23 -50.61
C SER C 606 30.14 47.46 -50.01
N GLY C 607 29.58 47.93 -48.90
CA GLY C 607 30.18 48.98 -48.08
C GLY C 607 31.60 48.70 -47.55
N MET C 608 31.89 47.46 -47.18
CA MET C 608 33.21 47.17 -46.69
C MET C 608 34.07 46.74 -47.89
N PRO C 609 35.35 47.20 -47.93
CA PRO C 609 36.26 46.98 -49.05
C PRO C 609 36.82 45.55 -49.21
N THR C 610 36.61 44.67 -48.22
CA THR C 610 37.25 43.36 -48.24
C THR C 610 36.67 42.31 -49.18
N ASP C 611 37.61 41.54 -49.72
CA ASP C 611 37.35 40.48 -50.68
C ASP C 611 37.77 39.17 -50.02
N SER C 612 36.83 38.56 -49.31
CA SER C 612 37.10 37.29 -48.66
C SER C 612 36.75 36.18 -49.64
N ARG C 613 37.78 35.40 -50.01
CA ARG C 613 37.66 34.30 -50.97
C ARG C 613 37.82 32.96 -50.28
N VAL C 614 36.72 32.51 -49.68
CA VAL C 614 36.74 31.37 -48.79
C VAL C 614 35.53 30.49 -49.03
N THR C 615 35.59 29.26 -48.54
CA THR C 615 34.47 28.38 -48.58
C THR C 615 34.11 28.06 -47.16
N VAL C 616 32.83 28.25 -46.82
CA VAL C 616 32.32 27.88 -45.51
C VAL C 616 31.27 26.78 -45.60
N ASN C 617 31.37 25.80 -44.70
CA ASN C 617 30.46 24.65 -44.65
C ASN C 617 29.91 24.49 -43.25
N ASN C 618 28.71 23.90 -43.18
CA ASN C 618 28.07 23.53 -41.92
C ASN C 618 28.24 24.52 -40.79
N VAL C 619 27.55 25.65 -40.89
CA VAL C 619 27.54 26.60 -39.79
C VAL C 619 26.53 26.18 -38.74
N LEU C 620 26.99 26.09 -37.50
CA LEU C 620 26.12 25.68 -36.42
C LEU C 620 26.01 26.77 -35.40
N LEU C 621 24.82 26.97 -34.85
CA LEU C 621 24.65 27.97 -33.80
C LEU C 621 24.02 27.37 -32.54
N TYR C 622 24.71 27.47 -31.41
CA TYR C 622 24.17 26.97 -30.15
C TYR C 622 23.95 28.12 -29.22
N ASN C 623 22.93 27.98 -28.37
CA ASN C 623 22.58 29.04 -27.42
C ASN C 623 23.27 28.96 -26.09
N ARG C 624 24.45 28.34 -26.08
CA ARG C 624 25.27 28.18 -24.89
C ARG C 624 26.72 28.01 -25.32
N GLN C 625 27.63 28.05 -24.34
CA GLN C 625 29.01 27.72 -24.60
C GLN C 625 29.15 26.21 -24.67
N LEU C 626 29.74 25.70 -25.73
CA LEU C 626 29.99 24.27 -25.82
C LEU C 626 31.13 23.86 -24.89
N ASN C 627 31.05 22.64 -24.39
CA ASN C 627 32.07 22.15 -23.50
C ASN C 627 33.18 21.57 -24.37
N ALA C 628 34.34 21.30 -23.76
CA ALA C 628 35.52 20.88 -24.53
C ALA C 628 35.27 19.66 -25.39
N GLU C 629 34.51 18.71 -24.85
CA GLU C 629 34.20 17.47 -25.53
C GLU C 629 33.24 17.68 -26.70
N GLU C 630 32.19 18.47 -26.49
CA GLU C 630 31.24 18.73 -27.56
C GLU C 630 31.91 19.37 -28.77
N ILE C 631 32.84 20.30 -28.47
CA ILE C 631 33.67 20.98 -29.48
C ILE C 631 34.53 19.98 -30.23
N ARG C 632 35.23 19.15 -29.47
CA ARG C 632 36.13 18.18 -30.03
C ARG C 632 35.40 17.18 -30.94
N THR C 633 34.26 16.66 -30.48
CA THR C 633 33.37 15.87 -31.32
C THR C 633 33.11 16.59 -32.64
N LEU C 634 32.61 17.81 -32.55
CA LEU C 634 32.28 18.58 -33.77
C LEU C 634 33.41 18.69 -34.75
N PHE C 635 34.61 18.85 -34.20
CA PHE C 635 35.84 18.99 -34.95
C PHE C 635 36.15 17.74 -35.75
N LEU C 636 36.04 16.59 -35.09
CA LEU C 636 36.32 15.31 -35.76
C LEU C 636 35.21 14.90 -36.71
N SER C 637 34.02 15.43 -36.47
CA SER C 637 32.85 15.02 -37.21
C SER C 637 32.54 15.90 -38.40
N GLN C 638 33.44 16.84 -38.69
CA GLN C 638 33.12 17.86 -39.67
C GLN C 638 32.91 17.33 -41.09
N ASP C 639 33.34 16.08 -41.30
CA ASP C 639 33.07 15.39 -42.56
C ASP C 639 31.72 14.74 -42.64
N LEU C 640 30.99 14.68 -41.53
CA LEU C 640 29.78 13.85 -41.52
C LEU C 640 28.55 14.49 -40.89
N ILE C 641 28.65 15.77 -40.57
CA ILE C 641 27.47 16.48 -40.07
C ILE C 641 26.57 17.01 -41.18
N GLY C 642 27.17 17.24 -42.35
CA GLY C 642 26.49 17.88 -43.47
C GLY C 642 25.12 17.34 -43.87
N THR C 643 24.30 18.19 -44.47
CA THR C 643 22.94 17.79 -44.81
C THR C 643 22.83 17.24 -46.22
N GLU C 644 23.96 17.25 -46.95
CA GLU C 644 24.01 16.92 -48.37
C GLU C 644 23.19 15.71 -48.80
N ALA C 645 23.52 14.51 -48.30
CA ALA C 645 22.73 13.28 -48.61
C ALA C 645 21.20 13.50 -48.47
N HIS C 646 20.80 13.76 -47.24
CA HIS C 646 19.44 13.74 -46.74
C HIS C 646 18.55 14.81 -47.33
N MET C 647 19.15 15.65 -48.20
CA MET C 647 18.53 16.75 -48.98
C MET C 647 18.68 18.18 -48.38
N VAL D 1 -0.07 -31.76 7.85
CA VAL D 1 -0.64 -30.46 7.35
C VAL D 1 0.47 -29.52 6.82
N LYS D 2 0.20 -28.84 5.71
CA LYS D 2 1.17 -27.96 4.98
C LYS D 2 0.45 -26.95 4.08
N LEU D 3 1.14 -25.87 3.73
CA LEU D 3 0.63 -24.89 2.77
C LEU D 3 1.58 -24.75 1.57
N GLN D 4 1.05 -24.85 0.36
CA GLN D 4 1.84 -24.76 -0.85
C GLN D 4 1.41 -23.55 -1.66
N GLN D 5 2.28 -22.58 -1.87
CA GLN D 5 1.88 -21.34 -2.55
C GLN D 5 2.32 -21.37 -4.02
N SER D 6 1.83 -20.41 -4.81
CA SER D 6 2.18 -20.28 -6.24
C SER D 6 3.62 -19.80 -6.48
N GLY D 7 4.02 -19.79 -7.75
CA GLY D 7 5.39 -19.43 -8.16
C GLY D 7 5.77 -17.95 -8.11
N VAL D 8 7.06 -17.70 -8.37
CA VAL D 8 7.62 -16.34 -8.46
C VAL D 8 6.81 -15.48 -9.44
N GLU D 9 6.66 -14.21 -9.10
CA GLU D 9 5.96 -13.29 -9.98
C GLU D 9 6.77 -12.03 -10.29
N LEU D 10 6.69 -11.63 -11.55
CA LEU D 10 7.29 -10.40 -12.06
C LEU D 10 6.23 -9.73 -12.93
N VAL D 11 5.89 -8.49 -12.63
CA VAL D 11 4.85 -7.77 -13.38
C VAL D 11 5.15 -6.27 -13.54
N ARG D 12 4.61 -5.69 -14.62
CA ARG D 12 4.68 -4.25 -14.83
C ARG D 12 3.72 -3.51 -13.90
N PRO D 13 4.12 -2.30 -13.43
CA PRO D 13 3.26 -1.48 -12.58
C PRO D 13 1.90 -1.33 -13.21
N GLY D 14 0.85 -1.39 -12.40
CA GLY D 14 -0.49 -1.17 -12.92
C GLY D 14 -1.29 -2.41 -13.27
N THR D 15 -0.63 -3.55 -13.41
CA THR D 15 -1.36 -4.81 -13.67
C THR D 15 -1.93 -5.42 -12.37
N SER D 16 -2.34 -6.68 -12.49
CA SER D 16 -2.88 -7.46 -11.39
C SER D 16 -2.13 -8.81 -11.26
N VAL D 17 -2.18 -9.43 -10.08
CA VAL D 17 -1.72 -10.82 -9.88
C VAL D 17 -2.65 -11.53 -8.91
N LYS D 18 -2.76 -12.84 -9.06
CA LYS D 18 -3.56 -13.67 -8.14
C LYS D 18 -2.69 -14.79 -7.61
N MET D 19 -2.38 -14.76 -6.31
CA MET D 19 -1.61 -15.80 -5.64
C MET D 19 -2.45 -16.94 -5.07
N SER D 20 -1.92 -18.15 -5.12
CA SER D 20 -2.57 -19.31 -4.52
C SER D 20 -1.89 -19.75 -3.22
N CYS D 21 -2.63 -20.52 -2.44
CA CYS D 21 -2.15 -21.10 -1.19
C CYS D 21 -3.05 -22.30 -0.89
N LYS D 22 -2.62 -23.49 -1.31
CA LYS D 22 -3.44 -24.69 -1.18
C LYS D 22 -2.75 -25.58 -0.17
N ALA D 23 -3.49 -26.21 0.75
CA ALA D 23 -2.83 -27.19 1.64
C ALA D 23 -3.06 -28.67 1.38
N VAL D 24 -1.94 -29.39 1.24
CA VAL D 24 -1.84 -30.85 1.35
C VAL D 24 -1.91 -31.20 2.83
N GLY D 25 -2.05 -32.49 3.18
CA GLY D 25 -2.31 -32.89 4.57
C GLY D 25 -3.60 -32.21 5.03
N TYR D 26 -4.67 -32.46 4.28
CA TYR D 26 -5.89 -31.65 4.31
C TYR D 26 -6.83 -31.96 5.49
N PHE D 28 -6.98 -28.11 8.21
CA PHE D 28 -7.65 -29.30 7.71
C PHE D 28 -9.04 -28.96 7.14
N THR D 29 -10.10 -29.28 7.89
CA THR D 29 -11.48 -29.26 7.40
C THR D 29 -12.11 -27.87 7.13
N TYR D 30 -12.09 -26.97 8.11
CA TYR D 30 -12.56 -25.59 7.94
C TYR D 30 -11.67 -24.74 8.84
N ASP D 31 -11.14 -23.63 8.34
CA ASP D 31 -10.16 -22.81 9.09
C ASP D 31 -9.94 -21.45 8.46
N TRP D 32 -9.27 -20.56 9.19
CA TRP D 32 -8.91 -19.26 8.63
C TRP D 32 -7.56 -19.35 7.97
N ILE D 33 -7.45 -18.93 6.71
CA ILE D 33 -6.12 -18.76 6.13
C ILE D 33 -5.84 -17.26 6.02
N GLY D 34 -4.67 -16.86 6.53
CA GLY D 34 -4.32 -15.45 6.58
C GLY D 34 -3.19 -15.13 5.62
N TRP D 35 -2.99 -13.84 5.35
CA TRP D 35 -1.91 -13.39 4.47
C TRP D 35 -1.04 -12.31 5.10
N VAL D 36 0.27 -12.45 4.91
CA VAL D 36 1.23 -11.51 5.47
C VAL D 36 2.20 -10.98 4.41
N LYS D 37 2.34 -9.65 4.36
CA LYS D 37 3.30 -8.97 3.49
C LYS D 37 4.65 -8.79 4.25
N GLN D 38 5.70 -9.39 3.72
CA GLN D 38 7.03 -9.16 4.29
C GLN D 38 7.93 -8.40 3.31
N ARG D 39 8.31 -7.21 3.73
CA ARG D 39 9.10 -6.31 2.94
C ARG D 39 10.32 -6.05 3.79
N PRO D 40 11.48 -5.84 3.13
CA PRO D 40 12.64 -5.44 3.89
C PRO D 40 12.42 -4.04 4.41
N GLY D 41 12.84 -3.82 5.64
CA GLY D 41 12.59 -2.57 6.33
C GLY D 41 11.21 -2.47 6.94
N HIS D 42 10.39 -3.51 6.84
CA HIS D 42 9.00 -3.35 7.23
C HIS D 42 8.46 -4.51 7.99
N GLY D 43 9.32 -5.28 8.63
CA GLY D 43 8.83 -6.44 9.38
C GLY D 43 7.73 -7.22 8.65
N LEU D 44 6.69 -7.56 9.38
CA LEU D 44 5.56 -8.29 8.81
C LEU D 44 4.28 -7.46 8.95
N GLU D 45 3.45 -7.42 7.91
CA GLU D 45 2.22 -6.64 7.91
C GLU D 45 1.10 -7.64 7.70
N TRP D 46 0.08 -7.60 8.53
CA TRP D 46 -1.10 -8.48 8.37
C TRP D 46 -2.03 -7.93 7.31
N ILE D 47 -2.32 -8.74 6.28
CA ILE D 47 -3.19 -8.31 5.20
C ILE D 47 -4.63 -8.59 5.55
N GLY D 48 -4.96 -9.89 5.70
CA GLY D 48 -6.32 -10.31 6.08
C GLY D 48 -6.43 -11.81 6.22
N ASP D 49 -7.53 -12.27 6.81
CA ASP D 49 -7.81 -13.70 6.72
C ASP D 49 -9.13 -13.96 5.97
N ILE D 50 -9.20 -15.14 5.36
CA ILE D 50 -10.43 -15.62 4.76
C ILE D 50 -10.76 -17.02 5.31
N TYR D 51 -12.04 -17.28 5.48
CA TYR D 51 -12.42 -18.51 6.15
C TYR D 51 -12.83 -19.58 5.17
N LEU D 52 -11.92 -20.54 4.95
CA LEU D 52 -12.20 -21.75 4.21
C LEU D 52 -13.40 -22.52 4.75
N GLY D 53 -14.47 -22.50 3.96
CA GLY D 53 -15.69 -23.18 4.32
C GLY D 53 -16.54 -22.30 5.20
N GLY D 54 -16.85 -21.11 4.68
CA GLY D 54 -17.64 -20.12 5.40
C GLY D 54 -17.67 -18.86 4.56
N GLY D 55 -16.51 -18.48 4.06
CA GLY D 55 -16.41 -17.34 3.16
C GLY D 55 -16.03 -16.05 3.85
N TYR D 56 -16.13 -15.99 5.17
CA TYR D 56 -15.95 -14.75 5.89
C TYR D 56 -14.54 -14.23 5.70
N ILE D 57 -14.41 -12.92 5.63
CA ILE D 57 -13.10 -12.32 5.38
C ILE D 57 -12.86 -11.21 6.41
N ASN D 58 -11.64 -11.08 6.95
CA ASN D 58 -11.31 -9.82 7.64
C ASN D 58 -10.17 -9.14 6.92
N TYR D 59 -10.44 -7.94 6.36
CA TYR D 59 -9.43 -7.16 5.63
C TYR D 59 -8.77 -6.19 6.59
N ASN D 60 -7.46 -6.04 6.50
CA ASN D 60 -6.80 -4.89 7.10
C ASN D 60 -7.07 -3.64 6.26
N GLU D 61 -7.70 -2.61 6.83
CA GLU D 61 -8.11 -1.45 6.05
C GLU D 61 -7.02 -0.77 5.25
N LYS D 62 -5.75 -0.99 5.61
CA LYS D 62 -4.69 -0.35 4.86
C LYS D 62 -4.67 -0.91 3.47
N PHE D 63 -5.16 -2.13 3.31
CA PHE D 63 -5.13 -2.80 2.03
C PHE D 63 -6.48 -2.86 1.34
N LYS D 64 -7.43 -1.97 1.68
CA LYS D 64 -8.82 -2.05 1.19
C LYS D 64 -8.93 -2.06 -0.33
N GLY D 65 -8.33 -1.06 -0.98
CA GLY D 65 -8.28 -0.99 -2.44
C GLY D 65 -7.54 -2.13 -3.12
N LYS D 66 -6.37 -2.48 -2.58
CA LYS D 66 -5.40 -3.37 -3.22
C LYS D 66 -5.78 -4.85 -3.23
N VAL D 67 -6.34 -5.33 -2.12
CA VAL D 67 -6.50 -6.78 -1.93
C VAL D 67 -7.94 -7.24 -2.01
N ILE D 68 -8.10 -8.42 -2.59
CA ILE D 68 -9.40 -9.10 -2.69
C ILE D 68 -9.08 -10.57 -2.41
N LEU D 69 -9.68 -11.11 -1.35
CA LEU D 69 -9.45 -12.51 -0.99
C LEU D 69 -10.62 -13.38 -1.38
N THR D 70 -10.30 -14.62 -1.77
CA THR D 70 -11.25 -15.61 -2.28
C THR D 70 -10.79 -16.98 -1.82
N ALA D 71 -11.67 -17.97 -1.86
CA ALA D 71 -11.28 -19.31 -1.50
C ALA D 71 -12.17 -20.33 -2.16
N ASP D 72 -11.55 -21.27 -2.86
CA ASP D 72 -12.26 -22.43 -3.40
C ASP D 72 -12.15 -23.56 -2.40
N THR D 73 -13.21 -23.75 -1.63
CA THR D 73 -13.13 -24.58 -0.44
C THR D 73 -13.31 -26.06 -0.77
N SER D 74 -13.71 -26.36 -2.02
CA SER D 74 -13.68 -27.75 -2.47
C SER D 74 -12.24 -28.25 -2.66
N SER D 75 -11.42 -27.47 -3.35
CA SER D 75 -9.99 -27.78 -3.54
C SER D 75 -9.16 -27.26 -2.36
N SER D 76 -9.85 -26.65 -1.41
CA SER D 76 -9.26 -25.90 -0.26
C SER D 76 -8.00 -25.12 -0.60
N THR D 77 -8.22 -24.07 -1.40
CA THR D 77 -7.18 -23.14 -1.81
C THR D 77 -7.66 -21.72 -1.55
N ALA D 78 -6.80 -20.88 -1.00
CA ALA D 78 -7.13 -19.47 -0.82
C ALA D 78 -6.36 -18.67 -1.85
N TYR D 79 -7.03 -17.63 -2.36
CA TYR D 79 -6.40 -16.80 -3.35
C TYR D 79 -6.36 -15.35 -2.88
N MET D 80 -5.18 -14.77 -2.98
CA MET D 80 -5.04 -13.36 -2.81
C MET D 80 -4.77 -12.68 -4.13
N GLN D 81 -5.57 -11.66 -4.43
CA GLN D 81 -5.40 -10.90 -5.65
C GLN D 81 -5.14 -9.42 -5.38
N LEU D 82 -4.06 -8.94 -5.98
CA LEU D 82 -3.62 -7.55 -5.82
C LEU D 82 -3.78 -6.78 -7.10
N SER D 83 -4.58 -5.71 -6.99
CA SER D 83 -4.91 -4.86 -8.13
C SER D 83 -4.00 -3.63 -8.25
N SER D 84 -3.98 -3.04 -9.44
CA SER D 84 -3.16 -1.86 -9.81
C SER D 84 -1.80 -1.74 -9.08
N LEU D 85 -0.96 -2.73 -9.32
CA LEU D 85 0.32 -2.87 -8.66
C LEU D 85 1.31 -1.71 -8.82
N THR D 86 2.18 -1.62 -7.85
CA THR D 86 3.21 -0.59 -7.74
C THR D 86 4.44 -1.20 -7.02
N SER D 87 5.62 -0.57 -7.16
CA SER D 87 6.84 -1.09 -6.51
C SER D 87 6.64 -1.18 -5.01
N GLU D 88 5.65 -0.45 -4.50
CA GLU D 88 5.21 -0.58 -3.12
C GLU D 88 4.83 -2.02 -2.81
N ASP D 89 4.16 -2.68 -3.77
CA ASP D 89 3.65 -4.02 -3.53
C ASP D 89 4.69 -5.11 -3.73
N SER D 90 5.90 -4.71 -4.14
CA SER D 90 7.00 -5.66 -4.31
C SER D 90 7.40 -6.10 -2.93
N ALA D 91 7.21 -7.39 -2.65
CA ALA D 91 7.54 -8.03 -1.37
C ALA D 91 7.47 -9.56 -1.47
N ILE D 92 7.80 -10.27 -0.39
CA ILE D 92 7.47 -11.71 -0.28
C ILE D 92 6.14 -11.84 0.44
N TYR D 93 5.18 -12.53 -0.17
CA TYR D 93 3.87 -12.73 0.45
C TYR D 93 3.72 -14.15 0.99
N TYR D 94 3.39 -14.25 2.26
CA TYR D 94 3.21 -15.54 2.92
C TYR D 94 1.76 -15.71 3.29
N CYS D 95 1.30 -16.96 3.21
CA CYS D 95 0.00 -17.35 3.77
C CYS D 95 0.27 -18.33 4.90
N ALA D 96 -0.64 -18.36 5.86
CA ALA D 96 -0.52 -19.28 6.99
C ALA D 96 -1.92 -19.54 7.60
N ARG D 97 -2.03 -20.64 8.35
CA ARG D 97 -3.28 -20.95 8.99
C ARG D 97 -3.36 -20.40 10.38
N GLY D 98 -4.41 -19.61 10.60
CA GLY D 98 -4.73 -19.01 11.88
C GLY D 98 -5.61 -19.90 12.71
N HIS D 99 -4.96 -20.78 13.45
CA HIS D 99 -5.59 -21.66 14.41
C HIS D 99 -6.72 -21.00 15.22
N TYR D 100 -7.86 -21.67 15.33
CA TYR D 100 -9.03 -21.12 16.05
C TYR D 100 -8.75 -20.63 17.50
N ASP D 101 -7.86 -21.31 18.22
CA ASP D 101 -7.60 -21.06 19.63
C ASP D 101 -6.70 -19.86 19.80
N GLY D 102 -7.29 -18.67 19.67
CA GLY D 102 -6.53 -17.42 19.77
C GLY D 102 -5.74 -17.06 18.53
N SER D 103 -6.13 -17.61 17.39
CA SER D 103 -5.61 -17.17 16.12
C SER D 103 -4.08 -17.02 15.94
N TYR D 104 -3.30 -18.01 16.32
CA TYR D 104 -1.87 -17.92 16.04
C TYR D 104 -1.58 -18.63 14.73
N PHE D 105 -0.60 -18.15 13.97
CA PHE D 105 -0.15 -18.77 12.75
C PHE D 105 0.94 -19.83 12.97
N ASP D 106 0.54 -21.09 12.99
CA ASP D 106 1.51 -22.18 13.18
C ASP D 106 2.09 -22.75 11.87
N TYR D 107 1.21 -23.10 10.92
CA TYR D 107 1.63 -23.59 9.61
C TYR D 107 1.69 -22.45 8.63
N TRP D 108 2.87 -22.18 8.11
CA TRP D 108 3.06 -21.09 7.17
C TRP D 108 3.25 -21.62 5.76
N GLY D 109 3.06 -20.77 4.76
CA GLY D 109 3.38 -21.15 3.37
C GLY D 109 4.87 -21.02 3.14
N GLN D 110 5.33 -21.41 1.97
CA GLN D 110 6.74 -21.22 1.65
C GLN D 110 7.06 -19.76 1.22
N GLY D 111 6.03 -19.00 0.86
CA GLY D 111 6.17 -17.59 0.47
C GLY D 111 6.12 -17.45 -1.05
N THR D 112 5.49 -16.38 -1.53
CA THR D 112 5.44 -16.12 -2.98
C THR D 112 6.05 -14.74 -3.19
N THR D 113 7.12 -14.67 -3.96
CA THR D 113 7.89 -13.43 -4.08
C THR D 113 7.38 -12.60 -5.25
N LEU D 114 6.95 -11.36 -4.97
CA LEU D 114 6.43 -10.48 -6.04
C LEU D 114 7.31 -9.28 -6.36
N THR D 115 7.56 -9.08 -7.66
CA THR D 115 8.42 -7.99 -8.13
C THR D 115 7.66 -7.12 -9.12
N VAL D 116 7.49 -5.85 -8.77
CA VAL D 116 6.73 -4.93 -9.61
C VAL D 116 7.68 -3.90 -10.22
N SER D 117 8.07 -4.09 -11.49
CA SER D 117 9.08 -3.22 -12.11
C SER D 117 8.86 -3.03 -13.60
N SER D 118 9.24 -1.85 -14.08
CA SER D 118 9.22 -1.50 -15.49
C SER D 118 10.41 -2.07 -16.21
N ALA D 119 11.49 -2.23 -15.46
CA ALA D 119 12.84 -2.55 -15.97
C ALA D 119 12.93 -3.87 -16.73
N LYS D 120 13.83 -3.93 -17.71
CA LYS D 120 14.05 -5.10 -18.55
C LYS D 120 14.63 -6.29 -17.80
N THR D 121 14.19 -7.52 -18.13
CA THR D 121 14.88 -8.74 -17.65
C THR D 121 16.22 -8.84 -18.36
N THR D 122 17.29 -9.08 -17.58
CA THR D 122 18.64 -9.08 -18.08
C THR D 122 19.41 -10.23 -17.47
N ALA D 123 19.98 -11.05 -18.35
CA ALA D 123 20.85 -12.16 -17.95
C ALA D 123 22.17 -11.59 -17.37
N PRO D 124 22.69 -12.19 -16.28
CA PRO D 124 23.91 -11.65 -15.66
C PRO D 124 25.16 -11.96 -16.47
N SER D 125 26.20 -11.16 -16.30
CA SER D 125 27.50 -11.58 -16.79
C SER D 125 28.19 -12.19 -15.59
N VAL D 126 28.79 -13.36 -15.77
CA VAL D 126 29.51 -14.04 -14.68
C VAL D 126 31.05 -14.00 -14.88
N TYR D 127 31.74 -13.38 -13.94
CA TYR D 127 33.17 -13.19 -14.07
C TYR D 127 33.93 -13.98 -13.02
N PRO D 128 35.06 -14.60 -13.41
CA PRO D 128 35.89 -15.32 -12.46
C PRO D 128 36.87 -14.41 -11.73
N LEU D 129 36.89 -14.52 -10.40
CA LEU D 129 37.85 -13.75 -9.61
C LEU D 129 38.94 -14.67 -9.05
N ALA D 130 40.10 -14.63 -9.69
CA ALA D 130 41.26 -15.45 -9.35
C ALA D 130 42.28 -14.59 -8.64
N PRO D 131 43.17 -15.19 -7.85
CA PRO D 131 44.08 -14.39 -7.04
C PRO D 131 45.02 -13.61 -7.91
N VAL D 132 45.58 -12.56 -7.30
CA VAL D 132 46.56 -11.70 -7.94
C VAL D 132 47.79 -12.51 -8.36
N CYS D 133 48.48 -12.07 -9.42
CA CYS D 133 49.66 -12.75 -9.97
C CYS D 133 50.68 -13.17 -8.94
N GLY D 134 50.98 -12.27 -7.99
CA GLY D 134 52.05 -12.51 -7.02
C GLY D 134 52.21 -13.89 -6.37
N ASP D 135 52.60 -13.85 -5.10
CA ASP D 135 53.04 -15.02 -4.31
C ASP D 135 52.07 -16.20 -4.11
N THR D 136 50.80 -15.94 -3.81
CA THR D 136 49.86 -17.01 -3.42
C THR D 136 50.55 -17.76 -2.26
N SER D 137 50.82 -16.99 -1.19
CA SER D 137 51.68 -17.37 -0.08
C SER D 137 51.42 -18.75 0.43
N GLY D 138 50.14 -19.04 0.63
CA GLY D 138 49.70 -20.38 0.94
C GLY D 138 49.06 -20.59 2.31
N SER D 139 48.83 -21.85 2.64
CA SER D 139 48.13 -22.27 3.86
C SER D 139 46.61 -22.24 3.66
N SER D 140 46.16 -21.71 2.54
CA SER D 140 44.77 -21.74 2.08
C SER D 140 44.66 -20.55 1.13
N VAL D 141 43.75 -20.64 0.18
CA VAL D 141 43.64 -19.62 -0.85
C VAL D 141 42.18 -19.34 -1.08
N THR D 142 41.83 -18.08 -1.26
CA THR D 142 40.43 -17.74 -1.55
C THR D 142 40.17 -17.29 -3.00
N LEU D 143 39.09 -17.81 -3.58
CA LEU D 143 38.69 -17.53 -4.96
C LEU D 143 37.32 -16.89 -5.00
N GLY D 144 37.02 -16.17 -6.08
CA GLY D 144 35.77 -15.42 -6.16
C GLY D 144 35.02 -15.55 -7.47
N CYS D 145 33.74 -15.29 -7.40
CA CYS D 145 32.89 -15.27 -8.57
C CYS D 145 32.06 -13.97 -8.46
N LEU D 146 32.07 -13.16 -9.51
CA LEU D 146 31.30 -11.92 -9.54
C LEU D 146 30.16 -12.02 -10.55
N VAL D 147 28.94 -11.72 -10.08
CA VAL D 147 27.74 -11.80 -10.94
C VAL D 147 27.14 -10.40 -11.17
N LYS D 148 27.42 -9.84 -12.35
CA LYS D 148 27.13 -8.43 -12.59
C LYS D 148 26.01 -8.23 -13.57
N GLY D 149 25.26 -7.14 -13.35
CA GLY D 149 24.21 -6.65 -14.25
C GLY D 149 23.14 -7.65 -14.68
N TYR D 150 22.26 -7.97 -13.74
CA TYR D 150 21.16 -8.89 -13.98
C TYR D 150 19.92 -8.35 -13.32
N PHE D 151 18.76 -8.72 -13.84
CA PHE D 151 17.51 -8.33 -13.25
C PHE D 151 16.49 -9.39 -13.69
N PRO D 152 15.56 -9.78 -12.79
CA PRO D 152 15.36 -9.40 -11.41
C PRO D 152 16.08 -10.37 -10.45
N GLU D 153 15.80 -10.26 -9.16
CA GLU D 153 16.25 -11.26 -8.20
C GLU D 153 15.34 -12.48 -8.38
N PRO D 154 15.85 -13.71 -8.16
CA PRO D 154 17.19 -14.02 -7.69
C PRO D 154 18.10 -14.63 -8.76
N VAL D 155 19.36 -14.82 -8.40
CA VAL D 155 20.24 -15.80 -9.06
C VAL D 155 20.61 -16.83 -8.02
N THR D 156 20.91 -18.04 -8.46
CA THR D 156 21.44 -19.05 -7.53
C THR D 156 22.89 -19.37 -7.91
N LEU D 157 23.77 -19.41 -6.89
CA LEU D 157 25.21 -19.64 -7.09
C LEU D 157 25.67 -20.88 -6.32
N THR D 158 26.44 -21.75 -6.97
CA THR D 158 27.07 -22.88 -6.26
C THR D 158 28.49 -23.02 -6.75
N TRP D 159 29.27 -23.75 -5.98
CA TRP D 159 30.64 -24.03 -6.34
C TRP D 159 30.78 -25.52 -6.56
N ASN D 160 31.36 -25.90 -7.70
CA ASN D 160 31.46 -27.29 -8.10
C ASN D 160 30.11 -28.01 -7.99
N SER D 161 29.06 -27.29 -8.36
CA SER D 161 27.67 -27.76 -8.31
C SER D 161 27.24 -28.25 -6.93
N GLY D 162 27.53 -27.45 -5.90
CA GLY D 162 27.17 -27.81 -4.53
C GLY D 162 28.16 -28.73 -3.84
N SER D 163 29.07 -29.33 -4.61
CA SER D 163 30.14 -30.17 -4.07
C SER D 163 31.03 -29.41 -3.05
N LEU D 164 31.50 -28.22 -3.40
CA LEU D 164 32.18 -27.35 -2.42
C LEU D 164 31.18 -26.60 -1.61
N SER D 165 30.88 -27.11 -0.43
CA SER D 165 29.82 -26.58 0.39
C SER D 165 30.35 -25.55 1.41
N SER D 166 31.48 -25.88 2.03
CA SER D 166 32.02 -25.08 3.13
C SER D 166 33.01 -24.03 2.67
N GLY D 167 33.06 -22.89 3.37
CA GLY D 167 34.06 -21.88 3.04
C GLY D 167 33.59 -20.93 1.97
N VAL D 168 32.28 -20.99 1.74
CA VAL D 168 31.60 -20.08 0.80
C VAL D 168 31.00 -18.89 1.57
N HIS D 169 30.99 -17.73 0.92
CA HIS D 169 30.30 -16.55 1.38
C HIS D 169 29.64 -15.92 0.17
N THR D 170 28.40 -16.30 -0.12
CA THR D 170 27.65 -15.59 -1.15
C THR D 170 26.96 -14.40 -0.48
N PHE D 171 27.15 -13.22 -1.06
CA PHE D 171 26.66 -11.99 -0.48
C PHE D 171 25.31 -11.60 -1.07
N PRO D 172 24.51 -10.83 -0.30
CA PRO D 172 23.32 -10.27 -0.91
C PRO D 172 23.70 -9.38 -2.09
N ALA D 173 22.85 -9.37 -3.10
CA ALA D 173 23.03 -8.49 -4.25
C ALA D 173 22.86 -6.99 -3.91
N VAL D 174 23.34 -6.11 -4.78
CA VAL D 174 23.06 -4.68 -4.66
C VAL D 174 22.41 -4.15 -5.93
N LEU D 175 21.46 -3.22 -5.75
CA LEU D 175 20.75 -2.61 -6.86
C LEU D 175 21.44 -1.33 -7.34
N GLN D 176 21.56 -1.19 -8.65
CA GLN D 176 22.27 -0.08 -9.25
C GLN D 176 21.61 0.25 -10.57
N SER D 177 20.88 1.37 -10.61
CA SER D 177 20.22 1.80 -11.83
C SER D 177 19.58 0.60 -12.52
N ASP D 178 18.57 0.01 -11.87
CA ASP D 178 17.78 -1.08 -12.45
C ASP D 178 18.46 -2.43 -12.75
N LEU D 179 19.68 -2.63 -12.26
CA LEU D 179 20.19 -4.00 -12.17
C LEU D 179 21.16 -4.40 -11.03
N TYR D 180 21.06 -5.68 -10.67
CA TYR D 180 21.70 -6.27 -9.53
C TYR D 180 23.12 -6.74 -9.82
N THR D 181 23.94 -6.74 -8.78
CA THR D 181 25.29 -7.29 -8.83
C THR D 181 25.53 -8.05 -7.54
N LEU D 182 26.06 -9.26 -7.67
CA LEU D 182 26.26 -10.15 -6.53
C LEU D 182 27.69 -10.78 -6.61
N SER D 183 28.25 -11.17 -5.46
CA SER D 183 29.57 -11.82 -5.43
C SER D 183 29.61 -12.94 -4.40
N SER D 184 30.42 -13.95 -4.69
CA SER D 184 30.58 -15.07 -3.77
C SER D 184 32.05 -15.32 -3.62
N SER D 185 32.45 -15.70 -2.41
CA SER D 185 33.83 -16.07 -2.15
C SER D 185 33.89 -17.51 -1.68
N VAL D 186 34.84 -18.27 -2.22
CA VAL D 186 35.09 -19.61 -1.73
C VAL D 186 36.51 -19.71 -1.22
N THR D 187 36.69 -20.28 -0.03
CA THR D 187 38.04 -20.46 0.48
C THR D 187 38.34 -21.94 0.65
N VAL D 188 39.49 -22.35 0.12
CA VAL D 188 39.90 -23.75 0.06
C VAL D 188 41.34 -23.90 0.50
N THR D 189 41.73 -25.13 0.81
CA THR D 189 43.10 -25.43 1.18
C THR D 189 44.10 -25.11 0.03
N SER D 190 45.27 -24.62 0.39
CA SER D 190 46.26 -24.14 -0.59
C SER D 190 46.61 -25.15 -1.69
N SER D 191 46.85 -26.40 -1.29
CA SER D 191 47.23 -27.46 -2.22
C SER D 191 46.12 -27.90 -3.18
N THR D 192 44.86 -27.64 -2.84
CA THR D 192 43.72 -28.07 -3.66
C THR D 192 43.38 -27.17 -4.86
N TRP D 193 44.11 -26.07 -5.03
CA TRP D 193 44.03 -25.24 -6.21
C TRP D 193 45.40 -24.69 -6.57
N PRO D 194 45.71 -24.54 -7.88
CA PRO D 194 44.91 -24.73 -9.09
C PRO D 194 44.74 -26.19 -9.47
N SER D 195 45.49 -27.07 -8.79
CA SER D 195 45.50 -28.52 -8.98
C SER D 195 44.13 -29.16 -9.28
N GLN D 196 43.08 -28.73 -8.57
CA GLN D 196 41.71 -29.19 -8.85
C GLN D 196 40.81 -28.11 -9.44
N SER D 197 39.81 -28.54 -10.20
CA SER D 197 38.86 -27.62 -10.83
C SER D 197 37.93 -26.99 -9.83
N ILE D 198 37.86 -25.66 -9.87
CA ILE D 198 36.86 -24.94 -9.10
C ILE D 198 36.06 -24.04 -10.05
N THR D 199 34.75 -24.24 -10.06
CA THR D 199 33.85 -23.53 -10.95
C THR D 199 32.67 -23.00 -10.15
N CYS D 200 32.27 -21.76 -10.39
CA CYS D 200 30.96 -21.29 -9.90
C CYS D 200 29.87 -21.52 -10.96
N ASN D 201 28.71 -21.97 -10.48
CA ASN D 201 27.56 -22.25 -11.31
C ASN D 201 26.48 -21.24 -10.98
N VAL D 202 26.29 -20.30 -11.90
CA VAL D 202 25.27 -19.29 -11.74
C VAL D 202 24.07 -19.65 -12.60
N ALA D 203 22.89 -19.61 -11.98
CA ALA D 203 21.64 -19.77 -12.68
C ALA D 203 20.72 -18.58 -12.40
N HIS D 204 20.16 -18.04 -13.48
CA HIS D 204 19.20 -16.97 -13.40
C HIS D 204 17.95 -17.48 -14.11
N PRO D 205 16.90 -17.86 -13.35
CA PRO D 205 15.73 -18.48 -13.94
C PRO D 205 14.92 -17.50 -14.79
N ALA D 206 14.79 -16.28 -14.30
CA ALA D 206 14.15 -15.19 -15.03
C ALA D 206 14.60 -15.04 -16.49
N SER D 207 15.87 -15.26 -16.77
CA SER D 207 16.38 -15.12 -18.14
C SER D 207 16.66 -16.48 -18.79
N SER D 208 16.30 -17.55 -18.08
CA SER D 208 16.64 -18.93 -18.47
C SER D 208 18.11 -19.07 -18.83
N THR D 209 19.00 -18.71 -17.90
CA THR D 209 20.45 -18.80 -18.15
C THR D 209 21.19 -19.53 -17.01
N LYS D 210 22.21 -20.30 -17.37
CA LYS D 210 22.95 -21.18 -16.47
C LYS D 210 24.39 -21.19 -16.92
N VAL D 211 25.16 -20.21 -16.50
CA VAL D 211 26.55 -20.08 -16.89
C VAL D 211 27.48 -20.77 -15.87
N ASP D 212 28.64 -21.24 -16.32
CA ASP D 212 29.60 -21.95 -15.46
C ASP D 212 31.03 -21.42 -15.57
N LYS D 213 31.42 -20.38 -14.85
CA LYS D 213 32.83 -19.95 -14.97
C LYS D 213 33.77 -20.76 -14.09
N LYS D 214 34.75 -21.42 -14.72
CA LYS D 214 35.82 -22.14 -13.99
C LYS D 214 36.93 -21.16 -13.68
N ILE D 215 37.39 -21.12 -12.43
CA ILE D 215 38.41 -20.17 -12.02
C ILE D 215 39.80 -20.65 -12.45
N GLU D 216 40.44 -19.90 -13.35
CA GLU D 216 41.77 -20.21 -13.87
C GLU D 216 42.78 -19.24 -13.29
N PRO D 217 44.05 -19.65 -13.09
CA PRO D 217 45.06 -18.70 -12.56
C PRO D 217 45.40 -17.60 -13.56
N ARG D 218 45.57 -16.39 -13.07
CA ARG D 218 45.82 -15.22 -13.89
C ARG D 218 47.09 -15.37 -14.73
N GLY D 219 47.00 -15.07 -16.02
CA GLY D 219 48.15 -15.25 -16.96
C GLY D 219 49.05 -14.04 -17.19
N PRO D 220 49.95 -14.07 -18.20
CA PRO D 220 50.83 -12.92 -18.50
C PRO D 220 50.09 -11.68 -19.04
N THR D 221 50.62 -10.52 -18.69
CA THR D 221 49.98 -9.23 -18.97
C THR D 221 50.42 -8.75 -20.34
N VAL E 1 35.49 -47.56 1.84
CA VAL E 1 34.43 -46.63 2.38
C VAL E 1 33.93 -47.08 3.78
N LYS E 2 33.59 -46.13 4.66
CA LYS E 2 33.03 -46.40 6.01
C LYS E 2 32.07 -45.30 6.52
N LEU E 3 31.25 -45.64 7.51
CA LEU E 3 30.49 -44.65 8.26
C LEU E 3 30.91 -44.65 9.71
N GLN E 4 31.15 -43.48 10.25
CA GLN E 4 31.57 -43.31 11.63
C GLN E 4 30.48 -42.53 12.37
N GLN E 5 29.86 -43.12 13.39
CA GLN E 5 28.77 -42.45 14.10
C GLN E 5 29.25 -41.88 15.41
N SER E 6 28.43 -41.07 16.08
CA SER E 6 28.80 -40.46 17.40
C SER E 6 28.83 -41.46 18.56
N GLY E 7 29.33 -41.01 19.72
CA GLY E 7 29.53 -41.88 20.88
C GLY E 7 28.28 -42.27 21.65
N VAL E 8 28.43 -43.19 22.62
CA VAL E 8 27.31 -43.67 23.48
C VAL E 8 26.59 -42.48 24.13
N GLU E 9 25.28 -42.58 24.29
CA GLU E 9 24.50 -41.41 24.76
C GLU E 9 23.55 -41.78 25.89
N LEU E 10 23.48 -40.89 26.88
CA LEU E 10 22.58 -41.00 27.99
C LEU E 10 21.94 -39.65 28.19
N VAL E 11 20.61 -39.60 28.15
CA VAL E 11 19.88 -38.34 28.38
C VAL E 11 18.60 -38.49 29.18
N ARG E 12 18.21 -37.43 29.89
CA ARG E 12 16.98 -37.43 30.68
C ARG E 12 15.74 -37.39 29.79
N PRO E 13 14.66 -38.07 30.21
CA PRO E 13 13.40 -38.05 29.48
C PRO E 13 12.97 -36.62 29.18
N GLY E 14 12.50 -36.36 27.97
CA GLY E 14 12.03 -35.04 27.62
C GLY E 14 13.02 -34.12 26.91
N THR E 15 14.31 -34.46 26.95
CA THR E 15 15.32 -33.65 26.24
C THR E 15 15.41 -34.01 24.74
N SER E 16 16.50 -33.55 24.12
CA SER E 16 16.81 -33.79 22.72
C SER E 16 18.25 -34.32 22.58
N VAL E 17 18.54 -35.04 21.50
CA VAL E 17 19.92 -35.39 21.12
C VAL E 17 20.08 -35.29 19.63
N LYS E 18 21.30 -35.01 19.20
CA LYS E 18 21.63 -34.94 17.79
C LYS E 18 22.79 -35.89 17.49
N MET E 19 22.52 -36.97 16.75
CA MET E 19 23.56 -37.95 16.37
C MET E 19 24.25 -37.62 15.07
N SER E 20 25.53 -37.98 14.98
CA SER E 20 26.27 -37.82 13.74
C SER E 20 26.49 -39.13 13.00
N CYS E 21 26.80 -38.99 11.71
CA CYS E 21 27.13 -40.09 10.85
C CYS E 21 28.00 -39.56 9.72
N LYS E 22 29.32 -39.63 9.91
CA LYS E 22 30.26 -39.05 8.97
C LYS E 22 30.83 -40.12 8.05
N ALA E 23 30.88 -39.84 6.75
CA ALA E 23 31.49 -40.74 5.79
C ALA E 23 33.01 -40.61 5.79
N VAL E 24 33.71 -41.71 5.54
CA VAL E 24 35.17 -41.76 5.42
C VAL E 24 35.50 -42.82 4.33
N GLY E 25 36.78 -43.03 4.04
CA GLY E 25 37.24 -44.00 3.03
C GLY E 25 37.35 -43.46 1.61
N TYR E 26 36.36 -43.80 0.77
CA TYR E 26 36.18 -43.11 -0.51
C TYR E 26 35.55 -41.77 -0.16
N THR E 27 35.96 -40.69 -0.83
CA THR E 27 35.35 -39.37 -0.61
C THR E 27 34.12 -39.25 -1.53
N PHE E 28 33.14 -40.11 -1.26
CA PHE E 28 31.92 -40.26 -2.07
C PHE E 28 30.83 -39.16 -1.88
N THR E 29 30.79 -38.28 -2.87
CA THR E 29 30.11 -36.99 -2.83
C THR E 29 28.57 -36.98 -2.75
N TYR E 30 27.86 -37.72 -3.61
CA TYR E 30 26.39 -37.65 -3.62
C TYR E 30 25.77 -38.95 -3.18
N ASP E 31 24.89 -38.92 -2.18
CA ASP E 31 24.15 -40.15 -1.83
C ASP E 31 23.08 -39.97 -0.81
N TRP E 32 22.23 -40.98 -0.68
CA TRP E 32 21.24 -41.01 0.37
C TRP E 32 21.81 -41.66 1.61
N ILE E 33 21.74 -40.99 2.74
CA ILE E 33 22.07 -41.63 4.01
C ILE E 33 20.78 -41.87 4.78
N GLY E 34 20.59 -43.10 5.23
CA GLY E 34 19.37 -43.49 5.93
C GLY E 34 19.61 -43.82 7.38
N TRP E 35 18.54 -43.88 8.16
CA TRP E 35 18.62 -44.18 9.58
C TRP E 35 17.67 -45.29 10.01
N VAL E 36 18.20 -46.18 10.85
CA VAL E 36 17.43 -47.31 11.34
C VAL E 36 17.45 -47.43 12.86
N LYS E 37 16.27 -47.60 13.45
CA LYS E 37 16.11 -47.85 14.89
C LYS E 37 16.09 -49.36 15.14
N GLN E 38 17.05 -49.84 15.92
CA GLN E 38 17.01 -51.22 16.39
C GLN E 38 16.76 -51.31 17.90
N ARG E 39 15.64 -51.90 18.24
CA ARG E 39 15.20 -52.09 19.59
C ARG E 39 15.01 -53.59 19.71
N PRO E 40 15.29 -54.17 20.91
CA PRO E 40 15.10 -55.62 21.04
C PRO E 40 13.63 -55.92 21.01
N GLY E 41 13.25 -56.99 20.30
CA GLY E 41 11.84 -57.27 20.06
C GLY E 41 11.14 -56.38 19.03
N HIS E 42 11.88 -55.57 18.30
CA HIS E 42 11.27 -54.71 17.28
C HIS E 42 12.00 -54.70 15.96
N GLY E 43 12.75 -55.75 15.68
CA GLY E 43 13.56 -55.80 14.47
C GLY E 43 14.26 -54.49 14.13
N LEU E 44 14.19 -54.15 12.85
CA LEU E 44 14.73 -52.89 12.34
C LEU E 44 13.61 -52.05 11.80
N GLU E 45 13.58 -50.80 12.22
CA GLU E 45 12.52 -49.90 11.81
C GLU E 45 13.17 -48.77 11.01
N TRP E 46 12.63 -48.50 9.83
CA TRP E 46 13.17 -47.44 8.97
C TRP E 46 12.69 -46.06 9.42
N ILE E 47 13.64 -45.16 9.72
CA ILE E 47 13.30 -43.83 10.17
C ILE E 47 13.16 -42.91 8.95
N GLY E 48 14.26 -42.65 8.26
CA GLY E 48 14.26 -41.79 7.08
C GLY E 48 15.58 -41.75 6.33
N ASP E 49 15.55 -41.28 5.09
CA ASP E 49 16.81 -40.95 4.43
C ASP E 49 16.93 -39.44 4.14
N ILE E 50 18.18 -38.97 4.09
CA ILE E 50 18.45 -37.61 3.69
C ILE E 50 19.51 -37.61 2.57
N TYR E 51 19.40 -36.68 1.63
CA TYR E 51 20.26 -36.72 0.47
C TYR E 51 21.41 -35.74 0.59
N LEU E 52 22.59 -36.29 0.90
CA LEU E 52 23.84 -35.57 0.85
C LEU E 52 24.12 -34.92 -0.50
N GLY E 53 24.05 -33.60 -0.51
CA GLY E 53 24.31 -32.80 -1.70
C GLY E 53 23.04 -32.67 -2.51
N GLY E 54 21.99 -32.15 -1.86
CA GLY E 54 20.66 -32.02 -2.45
C GLY E 54 19.69 -31.60 -1.37
N GLY E 55 19.78 -32.26 -0.21
CA GLY E 55 18.98 -31.90 0.94
C GLY E 55 17.66 -32.62 1.08
N TYR E 56 17.24 -33.35 0.06
CA TYR E 56 15.92 -33.99 0.06
C TYR E 56 15.83 -35.00 1.18
N ILE E 57 14.66 -35.09 1.78
CA ILE E 57 14.47 -35.99 2.91
C ILE E 57 13.26 -36.90 2.69
N ASN E 58 13.34 -38.17 3.07
CA ASN E 58 12.14 -38.99 3.19
C ASN E 58 11.96 -39.41 4.65
N TYR E 59 10.90 -38.91 5.31
CA TYR E 59 10.55 -39.27 6.70
C TYR E 59 9.56 -40.42 6.68
N ASN E 60 9.75 -41.39 7.56
CA ASN E 60 8.69 -42.33 7.87
C ASN E 60 7.63 -41.63 8.76
N GLU E 61 6.38 -41.60 8.29
CA GLU E 61 5.32 -40.87 9.01
C GLU E 61 5.12 -41.25 10.47
N LYS E 62 5.59 -42.43 10.88
CA LYS E 62 5.50 -42.79 12.30
C LYS E 62 6.40 -41.89 13.10
N PHE E 63 7.44 -41.38 12.46
CA PHE E 63 8.38 -40.48 13.12
C PHE E 63 8.34 -39.07 12.54
N LYS E 64 7.19 -38.40 12.51
CA LYS E 64 7.14 -36.99 12.06
C LYS E 64 7.46 -36.11 13.26
N GLY E 65 6.87 -36.45 14.41
CA GLY E 65 7.09 -35.71 15.64
C GLY E 65 8.51 -35.78 16.18
N LYS E 66 9.10 -36.97 16.18
CA LYS E 66 10.39 -37.20 16.86
C LYS E 66 11.60 -36.70 16.08
N VAL E 67 11.61 -36.94 14.77
CA VAL E 67 12.85 -36.85 14.00
C VAL E 67 12.96 -35.64 13.09
N ILE E 68 14.18 -35.11 13.00
CA ILE E 68 14.52 -34.00 12.12
C ILE E 68 15.88 -34.36 11.54
N LEU E 69 15.96 -34.48 10.22
CA LEU E 69 17.24 -34.80 9.58
C LEU E 69 17.91 -33.58 8.96
N THR E 70 19.25 -33.56 9.02
CA THR E 70 20.11 -32.48 8.49
C THR E 70 21.40 -33.09 7.91
N ALA E 71 22.14 -32.34 7.11
CA ALA E 71 23.39 -32.84 6.57
C ALA E 71 24.35 -31.72 6.15
N ASP E 72 25.56 -31.74 6.68
CA ASP E 72 26.62 -30.85 6.22
C ASP E 72 27.41 -31.55 5.12
N THR E 73 27.13 -31.18 3.88
CA THR E 73 27.59 -31.96 2.73
C THR E 73 29.03 -31.66 2.33
N SER E 74 29.61 -30.60 2.89
CA SER E 74 31.04 -30.34 2.72
C SER E 74 31.87 -31.37 3.50
N SER E 75 31.52 -31.58 4.76
CA SER E 75 32.18 -32.56 5.63
C SER E 75 31.56 -33.95 5.47
N SER E 76 30.55 -34.02 4.58
CA SER E 76 29.68 -35.18 4.36
C SER E 76 29.33 -35.93 5.64
N THR E 77 28.57 -35.24 6.50
CA THR E 77 28.05 -35.79 7.73
C THR E 77 26.54 -35.58 7.79
N ALA E 78 25.80 -36.64 8.15
CA ALA E 78 24.36 -36.52 8.35
C ALA E 78 24.06 -36.52 9.83
N TYR E 79 23.07 -35.74 10.20
CA TYR E 79 22.68 -35.63 11.59
C TYR E 79 21.22 -36.00 11.77
N MET E 80 20.99 -36.91 12.71
CA MET E 80 19.64 -37.20 13.14
C MET E 80 19.41 -36.62 14.51
N GLN E 81 18.30 -35.89 14.64
CA GLN E 81 17.94 -35.28 15.89
C GLN E 81 16.57 -35.70 16.37
N LEU E 82 16.53 -36.21 17.61
CA LEU E 82 15.28 -36.68 18.22
C LEU E 82 14.87 -35.79 19.37
N SER E 83 13.66 -35.24 19.24
CA SER E 83 13.07 -34.35 20.24
C SER E 83 12.18 -35.10 21.25
N SER E 84 11.87 -34.42 22.35
CA SER E 84 11.05 -34.91 23.49
C SER E 84 11.16 -36.40 23.80
N LEU E 85 12.38 -36.82 24.12
CA LEU E 85 12.70 -38.23 24.32
C LEU E 85 11.93 -38.93 25.45
N THR E 86 11.84 -40.24 25.29
CA THR E 86 11.15 -41.13 26.22
C THR E 86 11.87 -42.49 26.20
N SER E 87 11.65 -43.33 27.21
CA SER E 87 12.26 -44.65 27.26
C SER E 87 11.92 -45.48 26.00
N GLU E 88 10.85 -45.09 25.32
CA GLU E 88 10.53 -45.61 23.99
C GLU E 88 11.69 -45.48 23.02
N ASP E 89 12.36 -44.35 23.07
CA ASP E 89 13.38 -44.00 22.08
C ASP E 89 14.73 -44.59 22.46
N SER E 90 14.79 -45.26 23.61
CA SER E 90 16.01 -45.96 24.00
C SER E 90 16.14 -47.13 23.05
N ALA E 91 17.19 -47.08 22.23
CA ALA E 91 17.53 -48.11 21.23
C ALA E 91 18.94 -47.89 20.69
N ILE E 92 19.42 -48.80 19.82
CA ILE E 92 20.65 -48.57 19.06
C ILE E 92 20.27 -48.01 17.70
N TYR E 93 20.82 -46.84 17.35
CA TYR E 93 20.50 -46.16 16.09
C TYR E 93 21.62 -46.27 15.09
N TYR E 94 21.30 -46.82 13.92
CA TYR E 94 22.29 -47.03 12.90
C TYR E 94 21.98 -46.11 11.74
N CYS E 95 23.04 -45.60 11.10
CA CYS E 95 22.94 -44.97 9.80
C CYS E 95 23.65 -45.84 8.76
N ALA E 96 23.25 -45.71 7.51
CA ALA E 96 23.87 -46.44 6.42
C ALA E 96 23.60 -45.73 5.09
N ARG E 97 24.41 -46.07 4.08
CA ARG E 97 24.19 -45.49 2.77
C ARG E 97 23.28 -46.32 1.89
N GLY E 98 22.20 -45.68 1.45
CA GLY E 98 21.22 -46.26 0.54
C GLY E 98 21.62 -46.08 -0.92
N HIS E 99 22.46 -47.01 -1.37
CA HIS E 99 22.97 -47.07 -2.71
C HIS E 99 21.91 -46.76 -3.76
N TYR E 100 22.25 -45.90 -4.71
CA TYR E 100 21.29 -45.43 -5.72
C TYR E 100 20.55 -46.56 -6.50
N ASP E 101 21.23 -47.68 -6.72
CA ASP E 101 20.72 -48.77 -7.55
C ASP E 101 19.72 -49.65 -6.82
N GLY E 102 18.52 -49.12 -6.59
CA GLY E 102 17.49 -49.85 -5.85
C GLY E 102 17.61 -49.68 -4.34
N SER E 103 18.32 -48.63 -3.93
CA SER E 103 18.33 -48.23 -2.52
C SER E 103 18.49 -49.31 -1.43
N TYR E 104 19.53 -50.14 -1.55
CA TYR E 104 19.88 -51.07 -0.50
C TYR E 104 21.00 -50.52 0.36
N PHE E 105 21.00 -50.84 1.66
CA PHE E 105 22.03 -50.38 2.60
C PHE E 105 23.25 -51.30 2.69
N ASP E 106 24.33 -50.92 2.02
CA ASP E 106 25.54 -51.73 1.99
C ASP E 106 26.56 -51.39 3.07
N TYR E 107 26.92 -50.11 3.15
CA TYR E 107 27.81 -49.61 4.20
C TYR E 107 26.99 -49.09 5.36
N TRP E 108 27.16 -49.71 6.51
CA TRP E 108 26.42 -49.32 7.69
C TRP E 108 27.31 -48.58 8.66
N GLY E 109 26.72 -47.86 9.61
CA GLY E 109 27.49 -47.24 10.69
C GLY E 109 27.81 -48.25 11.76
N GLN E 110 28.60 -47.86 12.76
CA GLN E 110 28.85 -48.79 13.86
C GLN E 110 27.69 -48.85 14.86
N GLY E 111 26.81 -47.85 14.82
CA GLY E 111 25.61 -47.77 15.67
C GLY E 111 25.85 -46.81 16.81
N THR E 112 24.83 -46.05 17.20
CA THR E 112 24.95 -45.16 18.36
C THR E 112 23.88 -45.56 19.36
N THR E 113 24.30 -45.97 20.56
CA THR E 113 23.34 -46.51 21.54
C THR E 113 22.81 -45.39 22.41
N LEU E 114 21.48 -45.21 22.36
CA LEU E 114 20.81 -44.18 23.14
C LEU E 114 19.99 -44.72 24.32
N THR E 115 20.24 -44.11 25.49
CA THR E 115 19.56 -44.44 26.73
C THR E 115 18.82 -43.22 27.29
N VAL E 116 17.51 -43.37 27.45
CA VAL E 116 16.67 -42.29 27.97
C VAL E 116 16.22 -42.65 29.38
N SER E 117 16.90 -42.07 30.39
CA SER E 117 16.75 -42.47 31.79
C SER E 117 17.02 -41.35 32.79
N SER E 118 16.28 -41.35 33.89
CA SER E 118 16.49 -40.39 34.97
C SER E 118 17.58 -40.86 35.89
N ALA E 119 17.77 -42.17 35.95
CA ALA E 119 18.67 -42.89 36.87
C ALA E 119 20.11 -42.43 36.82
N LYS E 120 20.79 -42.45 37.97
CA LYS E 120 22.15 -41.97 38.03
C LYS E 120 23.17 -42.97 37.48
N THR E 121 24.24 -42.43 36.92
CA THR E 121 25.41 -43.20 36.53
C THR E 121 26.05 -43.81 37.79
N THR E 122 26.31 -45.11 37.74
CA THR E 122 26.82 -45.86 38.88
C THR E 122 27.93 -46.80 38.45
N ALA E 123 29.09 -46.66 39.10
CA ALA E 123 30.22 -47.57 38.90
C ALA E 123 29.91 -48.98 39.45
N PRO E 124 30.29 -50.04 38.71
CA PRO E 124 29.94 -51.40 39.13
C PRO E 124 30.78 -51.86 40.30
N SER E 125 30.30 -52.84 41.04
CA SER E 125 31.18 -53.56 41.94
C SER E 125 31.62 -54.81 41.15
N VAL E 126 32.92 -55.09 41.16
CA VAL E 126 33.45 -56.30 40.50
C VAL E 126 33.93 -57.38 41.49
N TYR E 127 33.30 -58.54 41.44
CA TYR E 127 33.55 -59.59 42.40
C TYR E 127 34.14 -60.83 41.78
N PRO E 128 35.07 -61.51 42.50
CA PRO E 128 35.64 -62.76 41.97
C PRO E 128 34.79 -63.96 42.37
N LEU E 129 34.50 -64.80 41.39
CA LEU E 129 33.83 -66.06 41.64
C LEU E 129 34.81 -67.21 41.49
N ALA E 130 35.28 -67.72 42.63
CA ALA E 130 36.27 -68.79 42.66
C ALA E 130 35.53 -70.05 43.08
N PRO E 131 36.08 -71.24 42.71
CA PRO E 131 35.32 -72.46 42.95
C PRO E 131 35.14 -72.69 44.42
N VAL E 132 34.12 -73.47 44.76
CA VAL E 132 33.80 -73.73 46.16
C VAL E 132 34.97 -74.50 46.78
N CYS E 133 35.12 -74.43 48.11
CA CYS E 133 36.22 -75.09 48.83
C CYS E 133 36.48 -76.54 48.43
N GLY E 134 35.41 -77.31 48.24
CA GLY E 134 35.49 -78.71 47.79
C GLY E 134 36.38 -79.00 46.58
N ASP E 135 37.67 -78.71 46.72
CA ASP E 135 38.81 -79.54 46.25
C ASP E 135 38.74 -80.52 45.04
N THR E 136 38.40 -80.01 43.84
CA THR E 136 38.37 -80.81 42.61
C THR E 136 36.95 -81.06 42.15
N GLY E 138 37.47 -81.51 38.43
CA GLY E 138 38.60 -82.43 38.49
C GLY E 138 39.12 -82.91 37.14
N SER E 139 38.48 -82.46 36.07
CA SER E 139 38.92 -82.71 34.69
C SER E 139 39.36 -81.38 34.07
N SER E 140 38.59 -80.32 34.34
CA SER E 140 39.02 -78.95 34.10
C SER E 140 38.13 -78.02 34.96
N VAL E 141 38.53 -76.78 35.13
CA VAL E 141 37.97 -75.93 36.17
C VAL E 141 37.42 -74.64 35.60
N THR E 142 36.26 -74.27 36.09
CA THR E 142 35.61 -73.03 35.65
C THR E 142 35.57 -71.93 36.75
N LEU E 143 35.89 -70.71 36.33
CA LEU E 143 36.00 -69.55 37.21
C LEU E 143 35.05 -68.47 36.76
N GLY E 144 34.78 -67.50 37.62
CA GLY E 144 33.79 -66.51 37.32
C GLY E 144 34.10 -65.11 37.79
N CYS E 145 33.49 -64.15 37.10
CA CYS E 145 33.60 -62.76 37.48
C CYS E 145 32.15 -62.21 37.45
N LEU E 146 31.72 -61.62 38.58
CA LEU E 146 30.39 -60.99 38.69
C LEU E 146 30.52 -59.46 38.71
N VAL E 147 29.75 -58.80 37.85
CA VAL E 147 29.73 -57.35 37.74
C VAL E 147 28.36 -56.79 38.14
N LYS E 148 28.29 -56.32 39.39
CA LYS E 148 27.01 -55.95 39.99
C LYS E 148 26.79 -54.46 40.12
N GLY E 149 25.53 -54.05 39.99
CA GLY E 149 25.06 -52.68 40.29
C GLY E 149 25.78 -51.55 39.59
N TYR E 150 25.56 -51.43 38.29
CA TYR E 150 26.16 -50.38 37.49
C TYR E 150 25.11 -49.84 36.52
N PHE E 151 25.30 -48.61 36.09
CA PHE E 151 24.44 -48.01 35.08
C PHE E 151 25.26 -46.91 34.40
N PRO E 152 25.09 -46.72 33.07
CA PRO E 152 24.27 -47.45 32.11
C PRO E 152 25.06 -48.55 31.42
N GLU E 153 24.51 -49.11 30.34
CA GLU E 153 25.27 -49.99 29.48
C GLU E 153 26.23 -49.13 28.64
N PRO E 154 27.39 -49.67 28.26
CA PRO E 154 27.90 -51.02 28.49
C PRO E 154 29.00 -51.09 29.55
N VAL E 155 29.37 -52.32 29.90
CA VAL E 155 30.68 -52.62 30.48
C VAL E 155 31.37 -53.57 29.52
N THR E 156 32.70 -53.52 29.47
CA THR E 156 33.46 -54.47 28.67
C THR E 156 34.34 -55.32 29.59
N LEU E 157 34.34 -56.63 29.33
CA LEU E 157 35.03 -57.62 30.17
C LEU E 157 35.97 -58.46 29.32
N THR E 158 37.18 -58.67 29.82
CA THR E 158 38.12 -59.60 29.20
C THR E 158 38.76 -60.41 30.29
N TRP E 159 39.37 -61.51 29.88
CA TRP E 159 40.13 -62.34 30.78
C TRP E 159 41.58 -62.31 30.35
N ASN E 160 42.47 -62.05 31.30
CA ASN E 160 43.89 -61.91 31.04
C ASN E 160 44.16 -60.95 29.90
N SER E 161 43.36 -59.88 29.87
CA SER E 161 43.44 -58.82 28.87
C SER E 161 43.29 -59.32 27.44
N GLY E 162 42.28 -60.16 27.22
CA GLY E 162 42.02 -60.72 25.89
C GLY E 162 42.83 -61.96 25.56
N SER E 163 43.88 -62.23 26.34
CA SER E 163 44.68 -63.44 26.19
C SER E 163 43.83 -64.73 26.29
N LEU E 164 43.00 -64.86 27.34
CA LEU E 164 42.05 -65.97 27.42
C LEU E 164 40.81 -65.64 26.64
N SER E 165 40.76 -66.15 25.43
CA SER E 165 39.69 -65.86 24.51
C SER E 165 38.59 -66.95 24.57
N SER E 166 39.03 -68.22 24.60
CA SER E 166 38.18 -69.39 24.45
C SER E 166 37.64 -69.93 25.78
N GLY E 167 36.42 -70.45 25.76
CA GLY E 167 35.85 -71.04 26.98
C GLY E 167 35.23 -70.00 27.88
N VAL E 168 35.03 -68.80 27.32
CA VAL E 168 34.39 -67.69 28.03
C VAL E 168 32.90 -67.66 27.70
N HIS E 169 32.10 -67.27 28.68
CA HIS E 169 30.68 -66.99 28.48
C HIS E 169 30.34 -65.73 29.27
N THR E 170 30.43 -64.58 28.63
CA THR E 170 30.01 -63.35 29.27
C THR E 170 28.54 -63.20 28.97
N PHE E 171 27.75 -62.98 30.01
CA PHE E 171 26.30 -62.98 29.86
C PHE E 171 25.69 -61.61 29.59
N PRO E 172 24.54 -61.56 28.90
CA PRO E 172 23.90 -60.26 28.79
C PRO E 172 23.57 -59.72 30.16
N ALA E 173 23.69 -58.41 30.34
CA ALA E 173 23.31 -57.76 31.59
C ALA E 173 21.79 -57.79 31.83
N VAL E 174 21.37 -57.70 33.08
CA VAL E 174 19.94 -57.61 33.39
C VAL E 174 19.65 -56.40 34.25
N LEU E 175 18.48 -55.80 34.00
CA LEU E 175 18.08 -54.57 34.66
C LEU E 175 17.24 -54.85 35.89
N GLN E 176 17.56 -54.15 36.97
CA GLN E 176 16.99 -54.43 38.28
C GLN E 176 16.93 -53.14 39.04
N SER E 177 15.73 -52.59 39.22
CA SER E 177 15.57 -51.31 39.92
C SER E 177 16.70 -50.35 39.54
N ASP E 178 16.69 -49.90 38.29
CA ASP E 178 17.63 -48.88 37.80
C ASP E 178 19.13 -49.24 37.69
N LEU E 179 19.51 -50.50 37.94
CA LEU E 179 20.88 -50.89 37.57
C LEU E 179 21.15 -52.33 37.16
N TYR E 180 22.19 -52.45 36.33
CA TYR E 180 22.56 -53.65 35.62
C TYR E 180 23.44 -54.57 36.43
N THR E 181 23.30 -55.86 36.13
CA THR E 181 24.20 -56.88 36.65
C THR E 181 24.54 -57.83 35.51
N LEU E 182 25.84 -58.11 35.37
CA LEU E 182 26.39 -58.95 34.31
C LEU E 182 27.39 -59.94 34.93
N SER E 183 27.60 -61.09 34.32
CA SER E 183 28.55 -62.08 34.86
C SER E 183 29.27 -62.83 33.75
N SER E 184 30.49 -63.31 34.02
CA SER E 184 31.24 -64.00 32.97
C SER E 184 31.80 -65.27 33.52
N SER E 185 31.78 -66.32 32.71
CA SER E 185 32.39 -67.60 33.09
C SER E 185 33.55 -67.94 32.15
N VAL E 186 34.67 -68.34 32.72
CA VAL E 186 35.79 -68.80 31.93
C VAL E 186 36.12 -70.23 32.38
N THR E 187 36.33 -71.11 31.41
CA THR E 187 36.73 -72.47 31.72
C THR E 187 38.06 -72.77 31.05
N VAL E 188 38.97 -73.32 31.85
CA VAL E 188 40.32 -73.68 31.41
C VAL E 188 40.70 -75.08 31.90
N THR E 189 41.79 -75.64 31.37
CA THR E 189 42.26 -76.95 31.79
C THR E 189 42.62 -76.99 33.29
N SER E 190 42.35 -78.13 33.93
CA SER E 190 42.49 -78.30 35.41
C SER E 190 43.84 -77.81 35.95
N SER E 191 44.92 -78.29 35.31
CA SER E 191 46.29 -78.02 35.73
C SER E 191 46.75 -76.57 35.56
N THR E 192 46.07 -75.81 34.70
CA THR E 192 46.47 -74.41 34.41
C THR E 192 45.96 -73.35 35.41
N TRP E 193 45.19 -73.78 36.41
CA TRP E 193 44.82 -72.95 37.55
C TRP E 193 44.76 -73.81 38.81
N PRO E 194 45.17 -73.27 39.97
CA PRO E 194 45.60 -71.91 40.33
C PRO E 194 46.99 -71.54 39.82
N SER E 195 47.74 -72.56 39.39
CA SER E 195 49.13 -72.45 38.93
C SER E 195 49.45 -71.22 38.06
N GLN E 196 48.54 -70.82 37.15
CA GLN E 196 48.69 -69.58 36.38
C GLN E 196 47.66 -68.51 36.74
N SER E 197 48.03 -67.24 36.61
CA SER E 197 47.19 -66.11 37.00
C SER E 197 46.01 -65.88 36.05
N ILE E 198 44.83 -65.81 36.62
CA ILE E 198 43.65 -65.49 35.83
C ILE E 198 42.89 -64.30 36.42
N THR E 199 42.69 -63.29 35.59
CA THR E 199 42.13 -62.02 36.00
C THR E 199 41.08 -61.58 34.99
N CYS E 200 39.95 -61.08 35.49
CA CYS E 200 38.98 -60.40 34.62
C CYS E 200 39.25 -58.90 34.65
N ASN E 201 39.16 -58.29 33.47
CA ASN E 201 39.39 -56.86 33.30
C ASN E 201 38.09 -56.19 32.91
N VAL E 202 37.49 -55.49 33.88
CA VAL E 202 36.21 -54.84 33.66
C VAL E 202 36.44 -53.35 33.49
N ALA E 203 35.83 -52.80 32.44
CA ALA E 203 35.82 -51.35 32.23
C ALA E 203 34.38 -50.86 32.08
N HIS E 204 34.07 -49.82 32.83
CA HIS E 204 32.81 -49.11 32.68
C HIS E 204 33.17 -47.67 32.33
N PRO E 205 33.01 -47.31 31.02
CA PRO E 205 33.49 -46.00 30.56
C PRO E 205 32.62 -44.85 31.11
N ALA E 206 31.31 -45.05 31.14
CA ALA E 206 30.37 -44.11 31.73
C ALA E 206 30.77 -43.60 33.12
N SER E 207 31.36 -44.45 33.95
CA SER E 207 31.80 -44.03 35.29
C SER E 207 33.30 -43.85 35.39
N SER E 208 33.99 -43.95 34.25
CA SER E 208 35.44 -43.95 34.20
C SER E 208 36.09 -44.88 35.24
N THR E 209 35.75 -46.16 35.16
CA THR E 209 36.32 -47.16 36.06
C THR E 209 36.90 -48.36 35.29
N LYS E 210 38.08 -48.83 35.74
CA LYS E 210 38.77 -49.97 35.13
C LYS E 210 39.36 -50.91 36.17
N VAL E 211 38.55 -51.83 36.68
CA VAL E 211 38.98 -52.73 37.75
C VAL E 211 39.52 -54.04 37.18
N ASP E 212 40.47 -54.64 37.90
CA ASP E 212 41.09 -55.91 37.48
C ASP E 212 41.09 -56.99 38.59
N LYS E 213 40.00 -57.73 38.78
CA LYS E 213 40.03 -58.74 39.83
C LYS E 213 40.72 -60.01 39.36
N LYS E 214 41.78 -60.40 40.08
CA LYS E 214 42.47 -61.67 39.83
C LYS E 214 41.79 -62.72 40.68
N ILE E 215 41.45 -63.86 40.08
CA ILE E 215 40.73 -64.93 40.78
C ILE E 215 41.69 -65.74 41.67
N GLU E 216 41.50 -65.66 42.99
CA GLU E 216 42.33 -66.36 43.97
C GLU E 216 41.57 -67.57 44.52
N PRO E 217 42.26 -68.68 44.85
CA PRO E 217 41.55 -69.88 45.31
C PRO E 217 40.91 -69.71 46.66
N ARG E 218 39.70 -70.22 46.86
CA ARG E 218 39.03 -70.08 48.17
C ARG E 218 39.84 -70.83 49.25
N GLY E 219 40.16 -70.11 50.34
CA GLY E 219 41.06 -70.60 51.39
C GLY E 219 40.34 -71.18 52.60
N PRO E 220 41.11 -71.74 53.58
CA PRO E 220 40.51 -72.60 54.62
C PRO E 220 39.59 -71.89 55.64
N THR E 221 38.51 -72.58 56.02
CA THR E 221 37.46 -72.03 56.89
C THR E 221 37.81 -72.21 58.37
N VAL F 1 -16.84 68.54 3.28
CA VAL F 1 -15.37 68.30 3.53
C VAL F 1 -14.54 69.56 3.23
N LYS F 2 -13.51 69.82 4.06
CA LYS F 2 -12.63 71.02 3.97
C LYS F 2 -11.26 70.80 4.62
N LEU F 3 -10.25 71.58 4.21
CA LEU F 3 -8.93 71.50 4.83
C LEU F 3 -8.53 72.82 5.44
N GLN F 4 -8.11 72.80 6.70
CA GLN F 4 -7.73 74.00 7.40
C GLN F 4 -6.24 73.92 7.77
N GLN F 5 -5.42 74.82 7.25
CA GLN F 5 -3.97 74.72 7.47
C GLN F 5 -3.53 75.71 8.55
N SER F 6 -2.29 75.60 9.02
CA SER F 6 -1.74 76.51 10.04
C SER F 6 -1.46 77.93 9.53
N GLY F 7 -1.14 78.83 10.45
CA GLY F 7 -0.95 80.27 10.12
C GLY F 7 0.38 80.63 9.46
N VAL F 8 0.55 81.92 9.19
CA VAL F 8 1.77 82.47 8.56
C VAL F 8 3.03 82.05 9.33
N GLU F 9 4.11 81.79 8.60
CA GLU F 9 5.38 81.45 9.23
C GLU F 9 6.54 82.32 8.77
N LEU F 10 7.37 82.73 9.73
CA LEU F 10 8.61 83.46 9.47
C LEU F 10 9.68 82.83 10.32
N VAL F 11 10.77 82.36 9.72
CA VAL F 11 11.85 81.71 10.47
C VAL F 11 13.25 82.04 9.92
N ARG F 12 14.25 81.98 10.80
CA ARG F 12 15.64 82.18 10.39
C ARG F 12 16.17 80.97 9.63
N PRO F 13 17.04 81.21 8.61
CA PRO F 13 17.64 80.14 7.83
C PRO F 13 18.24 79.08 8.73
N GLY F 14 18.04 77.81 8.39
CA GLY F 14 18.66 76.75 9.17
C GLY F 14 17.79 76.12 10.25
N THR F 15 16.68 76.76 10.61
CA THR F 15 15.75 76.17 11.59
C THR F 15 14.80 75.15 10.95
N SER F 16 13.73 74.85 11.69
CA SER F 16 12.69 73.91 11.27
C SER F 16 11.29 74.55 11.41
N VAL F 17 10.32 74.04 10.65
CA VAL F 17 8.90 74.39 10.84
C VAL F 17 8.05 73.15 10.64
N LYS F 18 6.93 73.09 11.34
CA LYS F 18 5.99 71.98 11.22
C LYS F 18 4.62 72.56 10.92
N MET F 19 4.11 72.32 9.70
CA MET F 19 2.79 72.78 9.27
C MET F 19 1.69 71.78 9.53
N SER F 20 0.51 72.29 9.85
CA SER F 20 -0.66 71.45 10.00
C SER F 20 -1.61 71.56 8.79
N CYS F 21 -2.48 70.56 8.69
CA CYS F 21 -3.52 70.50 7.70
C CYS F 21 -4.61 69.60 8.27
N LYS F 22 -5.61 70.21 8.92
CA LYS F 22 -6.64 69.45 9.62
C LYS F 22 -7.91 69.40 8.76
N ALA F 23 -8.47 68.21 8.62
CA ALA F 23 -9.71 68.00 7.87
C ALA F 23 -10.89 68.35 8.75
N VAL F 24 -11.98 68.83 8.16
CA VAL F 24 -13.18 69.16 8.96
C VAL F 24 -14.53 69.01 8.23
N GLY F 25 -15.46 68.26 8.84
CA GLY F 25 -16.84 68.19 8.38
C GLY F 25 -17.20 67.01 7.51
N TYR F 26 -16.25 66.51 6.71
CA TYR F 26 -16.57 65.52 5.69
C TYR F 26 -15.65 64.34 5.78
N THR F 27 -15.95 63.27 5.03
CA THR F 27 -15.26 61.99 5.16
C THR F 27 -14.87 61.84 6.65
N PHE F 28 -13.60 62.04 7.03
CA PHE F 28 -12.42 62.15 6.15
C PHE F 28 -11.46 61.14 6.78
N THR F 29 -12.03 59.98 7.08
CA THR F 29 -11.40 58.88 7.84
C THR F 29 -10.25 58.14 7.11
N TYR F 30 -10.46 57.66 5.89
CA TYR F 30 -9.38 57.04 5.12
C TYR F 30 -9.06 57.86 3.90
N ASP F 31 -7.81 58.30 3.72
CA ASP F 31 -7.42 58.99 2.48
C ASP F 31 -5.99 59.42 2.43
N TRP F 32 -5.53 59.77 1.24
CA TRP F 32 -4.20 60.36 1.07
C TRP F 32 -4.29 61.86 1.22
N ILE F 33 -3.49 62.46 2.09
CA ILE F 33 -3.31 63.90 2.04
C ILE F 33 -1.94 64.23 1.45
N GLY F 34 -1.95 65.09 0.44
CA GLY F 34 -0.73 65.44 -0.29
C GLY F 34 -0.30 66.87 -0.04
N TRP F 35 0.96 67.18 -0.38
CA TRP F 35 1.49 68.53 -0.20
C TRP F 35 2.11 69.12 -1.46
N VAL F 36 1.82 70.38 -1.74
CA VAL F 36 2.34 71.05 -2.92
C VAL F 36 3.02 72.38 -2.60
N LYS F 37 4.24 72.56 -3.12
CA LYS F 37 5.00 73.80 -2.97
C LYS F 37 4.71 74.76 -4.14
N GLN F 38 4.16 75.94 -3.83
CA GLN F 38 3.98 76.95 -4.86
C GLN F 38 4.90 78.16 -4.64
N ARG F 39 5.77 78.37 -5.60
CA ARG F 39 6.72 79.46 -5.60
C ARG F 39 6.45 80.22 -6.87
N PRO F 40 6.61 81.56 -6.87
CA PRO F 40 6.34 82.30 -8.11
C PRO F 40 7.45 81.99 -9.08
N GLY F 41 7.09 81.79 -10.35
CA GLY F 41 8.04 81.33 -11.35
C GLY F 41 8.38 79.84 -11.28
N HIS F 42 7.66 79.10 -10.46
CA HIS F 42 7.91 77.67 -10.37
C HIS F 42 6.65 76.85 -10.37
N GLY F 43 5.55 77.40 -10.88
CA GLY F 43 4.28 76.68 -10.79
C GLY F 43 4.07 75.88 -9.51
N LEU F 44 3.68 74.63 -9.64
CA LEU F 44 3.41 73.76 -8.51
C LEU F 44 4.37 72.57 -8.52
N GLU F 45 4.89 72.22 -7.34
CA GLU F 45 5.80 71.10 -7.19
C GLU F 45 5.14 70.13 -6.24
N TRP F 46 5.07 68.85 -6.61
CA TRP F 46 4.56 67.81 -5.69
C TRP F 46 5.60 67.40 -4.65
N ILE F 47 5.26 67.55 -3.37
CA ILE F 47 6.17 67.17 -2.29
C ILE F 47 5.99 65.70 -1.93
N GLY F 48 4.83 65.34 -1.40
CA GLY F 48 4.54 63.94 -1.05
C GLY F 48 3.11 63.73 -0.58
N ASP F 49 2.67 62.49 -0.52
CA ASP F 49 1.41 62.21 0.19
C ASP F 49 1.64 61.30 1.40
N ILE F 50 0.76 61.43 2.39
CA ILE F 50 0.72 60.53 3.53
C ILE F 50 -0.70 59.99 3.70
N TYR F 51 -0.80 58.74 4.12
CA TYR F 51 -2.08 58.08 4.14
C TYR F 51 -2.69 58.04 5.54
N LEU F 52 -3.67 58.92 5.74
CA LEU F 52 -4.50 58.93 6.92
C LEU F 52 -5.18 57.59 7.16
N GLY F 53 -4.72 56.93 8.22
CA GLY F 53 -5.27 55.64 8.64
C GLY F 53 -4.60 54.52 7.84
N GLY F 54 -3.29 54.46 7.95
CA GLY F 54 -2.46 53.50 7.24
C GLY F 54 -1.00 53.88 7.45
N GLY F 55 -0.71 55.16 7.24
CA GLY F 55 0.61 55.70 7.55
C GLY F 55 1.58 55.73 6.38
N TYR F 56 1.21 55.10 5.27
CA TYR F 56 2.10 55.00 4.12
C TYR F 56 2.41 56.38 3.59
N ILE F 57 3.63 56.55 3.12
CA ILE F 57 4.07 57.85 2.65
C ILE F 57 4.72 57.70 1.27
N ASN F 58 4.46 58.63 0.35
CA ASN F 58 5.28 58.73 -0.85
C ASN F 58 5.96 60.08 -0.87
N TYR F 59 7.30 60.06 -0.78
CA TYR F 59 8.13 61.28 -0.83
C TYR F 59 8.56 61.54 -2.27
N ASN F 60 8.52 62.78 -2.70
CA ASN F 60 9.26 63.16 -3.90
C ASN F 60 10.77 63.24 -3.60
N GLU F 61 11.57 62.44 -4.30
CA GLU F 61 13.02 62.35 -4.01
C GLU F 61 13.77 63.66 -4.04
N LYS F 62 13.23 64.68 -4.68
CA LYS F 62 13.89 65.97 -4.65
C LYS F 62 13.88 66.51 -3.26
N PHE F 63 12.91 66.08 -2.46
CA PHE F 63 12.81 66.52 -1.08
C PHE F 63 13.24 65.49 -0.06
N LYS F 64 14.22 64.65 -0.40
CA LYS F 64 14.69 63.54 0.45
C LYS F 64 15.12 63.98 1.85
N GLY F 65 16.04 64.94 1.90
CA GLY F 65 16.48 65.48 3.20
C GLY F 65 15.43 66.29 3.93
N LYS F 66 14.71 67.14 3.19
CA LYS F 66 14.01 68.29 3.77
C LYS F 66 12.72 68.00 4.47
N VAL F 67 11.95 67.08 3.90
CA VAL F 67 10.59 66.82 4.35
C VAL F 67 10.43 65.53 5.14
N ILE F 68 9.56 65.62 6.14
CA ILE F 68 9.18 64.47 6.97
C ILE F 68 7.67 64.64 7.17
N LEU F 69 6.91 63.65 6.73
CA LEU F 69 5.46 63.69 6.88
C LEU F 69 4.97 62.80 8.00
N THR F 70 3.91 63.25 8.68
CA THR F 70 3.30 62.58 9.83
C THR F 70 1.79 62.81 9.79
N ALA F 71 1.01 62.03 10.53
CA ALA F 71 -0.43 62.25 10.52
C ALA F 71 -1.11 61.69 11.75
N ASP F 72 -1.82 62.53 12.50
CA ASP F 72 -2.61 62.06 13.63
C ASP F 72 -4.03 61.74 13.14
N THR F 73 -4.31 60.46 12.94
CA THR F 73 -5.51 60.04 12.22
C THR F 73 -6.76 60.05 13.09
N SER F 74 -6.58 60.16 14.41
CA SER F 74 -7.73 60.38 15.30
C SER F 74 -8.32 61.79 15.11
N SER F 75 -7.46 62.80 15.12
CA SER F 75 -7.86 64.20 14.90
C SER F 75 -7.88 64.51 13.39
N SER F 76 -7.51 63.51 12.60
CA SER F 76 -7.25 63.62 11.15
C SER F 76 -6.58 64.94 10.72
N THR F 77 -5.33 65.06 11.16
CA THR F 77 -4.47 66.17 10.83
C THR F 77 -3.15 65.62 10.25
N ALA F 78 -2.71 66.18 9.14
CA ALA F 78 -1.41 65.82 8.58
C ALA F 78 -0.43 66.92 8.85
N TYR F 79 0.81 66.52 9.11
CA TYR F 79 1.85 67.47 9.41
C TYR F 79 3.00 67.31 8.45
N MET F 80 3.37 68.44 7.86
CA MET F 80 4.59 68.51 7.10
C MET F 80 5.65 69.27 7.87
N GLN F 81 6.81 68.66 8.00
CA GLN F 81 7.91 69.30 8.68
C GLN F 81 9.13 69.44 7.77
N LEU F 82 9.62 70.69 7.67
CA LEU F 82 10.79 71.00 6.86
C LEU F 82 11.98 71.36 7.74
N SER F 83 13.04 70.59 7.57
CA SER F 83 14.29 70.77 8.31
C SER F 83 15.30 71.64 7.54
N SER F 84 16.30 72.13 8.28
CA SER F 84 17.38 73.02 7.78
C SER F 84 17.00 73.98 6.65
N LEU F 85 16.04 74.84 6.96
CA LEU F 85 15.46 75.76 5.99
C LEU F 85 16.42 76.74 5.34
N THR F 86 16.02 77.20 4.17
CA THR F 86 16.77 78.11 3.33
C THR F 86 15.77 78.99 2.55
N SER F 87 16.23 80.13 2.03
CA SER F 87 15.37 81.03 1.24
C SER F 87 14.74 80.29 0.06
N GLU F 88 15.36 79.17 -0.33
CA GLU F 88 14.78 78.24 -1.29
C GLU F 88 13.39 77.80 -0.86
N ASP F 89 13.23 77.53 0.43
CA ASP F 89 12.02 76.93 0.94
C ASP F 89 10.93 77.98 1.19
N SER F 90 11.26 79.25 0.99
CA SER F 90 10.28 80.33 1.10
C SER F 90 9.31 80.15 -0.04
N ALA F 91 8.06 79.83 0.30
CA ALA F 91 6.95 79.62 -0.66
C ALA F 91 5.61 79.55 0.07
N ILE F 92 4.51 79.43 -0.70
CA ILE F 92 3.20 79.09 -0.13
C ILE F 92 3.02 77.57 -0.25
N TYR F 93 2.76 76.91 0.88
CA TYR F 93 2.58 75.45 0.89
C TYR F 93 1.12 75.05 1.05
N TYR F 94 0.61 74.27 0.10
CA TYR F 94 -0.77 73.83 0.11
C TYR F 94 -0.83 72.34 0.39
N CYS F 95 -1.86 71.92 1.13
CA CYS F 95 -2.20 70.51 1.26
C CYS F 95 -3.56 70.27 0.61
N ALA F 96 -3.80 69.04 0.18
CA ALA F 96 -5.04 68.68 -0.48
C ALA F 96 -5.28 67.18 -0.40
N ARG F 97 -6.53 66.77 -0.61
CA ARG F 97 -6.84 65.37 -0.58
C ARG F 97 -6.80 64.72 -1.94
N GLY F 98 -5.97 63.68 -2.03
CA GLY F 98 -5.80 62.85 -3.21
C GLY F 98 -6.81 61.71 -3.24
N HIS F 99 -7.98 62.03 -3.78
CA HIS F 99 -9.05 61.08 -4.02
C HIS F 99 -8.54 59.74 -4.55
N TYR F 100 -9.00 58.64 -3.96
CA TYR F 100 -8.53 57.30 -4.34
C TYR F 100 -8.66 56.95 -5.85
N ASP F 101 -9.70 57.46 -6.50
CA ASP F 101 -10.02 57.11 -7.89
C ASP F 101 -9.19 57.93 -8.86
N GLY F 102 -7.95 57.50 -9.08
CA GLY F 102 -7.02 58.23 -9.94
C GLY F 102 -6.30 59.37 -9.27
N SER F 103 -6.35 59.43 -7.95
CA SER F 103 -5.54 60.39 -7.20
C SER F 103 -5.52 61.87 -7.67
N TYR F 104 -6.68 62.46 -7.93
CA TYR F 104 -6.72 63.89 -8.24
C TYR F 104 -6.98 64.66 -6.97
N PHE F 105 -6.43 65.87 -6.89
CA PHE F 105 -6.66 66.76 -5.74
C PHE F 105 -7.89 67.65 -5.91
N ASP F 106 -8.99 67.26 -5.30
CA ASP F 106 -10.22 68.02 -5.34
C ASP F 106 -10.38 69.06 -4.22
N TYR F 107 -10.22 68.63 -2.96
CA TYR F 107 -10.29 69.54 -1.82
C TYR F 107 -8.90 70.01 -1.44
N TRP F 108 -8.67 71.32 -1.54
CA TRP F 108 -7.37 71.88 -1.23
C TRP F 108 -7.38 72.63 0.08
N GLY F 109 -6.22 72.89 0.67
CA GLY F 109 -6.13 73.75 1.85
C GLY F 109 -6.15 75.21 1.47
N GLN F 110 -6.18 76.11 2.45
CA GLN F 110 -6.12 77.53 2.13
C GLN F 110 -4.68 78.02 1.84
N GLY F 111 -3.68 77.23 2.22
CA GLY F 111 -2.26 77.53 1.95
C GLY F 111 -1.58 78.07 3.19
N THR F 112 -0.33 77.69 3.44
CA THR F 112 0.44 78.21 4.59
C THR F 112 1.69 78.90 4.03
N THR F 113 1.84 80.19 4.29
CA THR F 113 2.91 80.96 3.64
C THR F 113 4.16 80.98 4.49
N LEU F 114 5.26 80.47 3.94
CA LEU F 114 6.55 80.40 4.67
C LEU F 114 7.63 81.36 4.15
N THR F 115 8.22 82.10 5.09
CA THR F 115 9.29 83.04 4.83
C THR F 115 10.55 82.66 5.61
N VAL F 116 11.63 82.40 4.88
CA VAL F 116 12.90 82.02 5.49
C VAL F 116 13.89 83.17 5.30
N SER F 117 14.07 84.00 6.33
CA SER F 117 14.85 85.24 6.23
C SER F 117 15.56 85.61 7.50
N SER F 118 16.75 86.19 7.36
CA SER F 118 17.53 86.69 8.50
C SER F 118 17.02 88.07 8.93
N ALA F 119 16.47 88.79 7.94
CA ALA F 119 16.15 90.22 8.01
C ALA F 119 15.12 90.56 9.09
N LYS F 120 15.23 91.74 9.67
CA LYS F 120 14.34 92.14 10.76
C LYS F 120 12.97 92.55 10.30
N THR F 121 11.97 92.26 11.14
CA THR F 121 10.60 92.76 10.96
C THR F 121 10.59 94.28 11.12
N THR F 122 9.93 94.94 10.18
CA THR F 122 9.89 96.39 10.14
C THR F 122 8.48 96.87 9.80
N ALA F 123 7.93 97.74 10.64
CA ALA F 123 6.64 98.38 10.41
C ALA F 123 6.72 99.38 9.22
N PRO F 124 5.70 99.39 8.35
CA PRO F 124 5.74 100.25 7.17
C PRO F 124 5.54 101.72 7.52
N SER F 125 6.01 102.61 6.66
CA SER F 125 5.58 104.00 6.76
C SER F 125 4.45 104.13 5.76
N VAL F 126 3.34 104.73 6.17
CA VAL F 126 2.18 104.94 5.27
C VAL F 126 1.98 106.40 4.88
N TYR F 127 2.08 106.70 3.59
CA TYR F 127 2.04 108.08 3.12
C TYR F 127 0.81 108.32 2.23
N PRO F 128 0.18 109.50 2.36
CA PRO F 128 -0.95 109.85 1.50
C PRO F 128 -0.50 110.48 0.19
N LEU F 129 -1.02 109.98 -0.92
CA LEU F 129 -0.74 110.56 -2.21
C LEU F 129 -1.96 111.34 -2.75
N ALA F 130 -1.90 112.66 -2.63
CA ALA F 130 -2.98 113.53 -3.07
C ALA F 130 -2.60 114.18 -4.40
N PRO F 131 -3.59 114.60 -5.20
CA PRO F 131 -3.29 114.99 -6.56
C PRO F 131 -2.43 116.24 -6.61
N VAL F 132 -1.78 116.44 -7.74
CA VAL F 132 -1.06 117.66 -8.04
C VAL F 132 -1.98 118.89 -7.96
N CYS F 133 -1.42 120.04 -7.57
CA CYS F 133 -2.21 121.27 -7.35
C CYS F 133 -3.11 121.65 -8.53
N GLY F 134 -2.59 121.50 -9.75
CA GLY F 134 -3.27 121.86 -10.98
C GLY F 134 -4.78 121.96 -11.01
N ASP F 135 -5.30 122.97 -10.32
CA ASP F 135 -6.72 123.41 -10.40
C ASP F 135 -7.69 122.20 -10.40
N THR F 136 -8.49 122.09 -11.45
CA THR F 136 -9.47 121.01 -11.60
C THR F 136 -9.02 120.03 -12.65
N SER F 137 -8.75 118.81 -12.20
CA SER F 137 -8.49 117.72 -13.09
C SER F 137 -9.69 117.64 -14.04
N GLY F 138 -10.89 117.56 -13.44
CA GLY F 138 -12.19 117.37 -14.14
C GLY F 138 -12.66 115.92 -14.19
N SER F 139 -13.98 115.69 -14.11
CA SER F 139 -14.55 114.33 -14.19
C SER F 139 -14.22 113.42 -12.97
N SER F 140 -13.55 112.30 -13.19
CA SER F 140 -13.05 111.46 -12.10
C SER F 140 -11.71 112.04 -11.63
N VAL F 141 -11.32 111.71 -10.41
CA VAL F 141 -10.00 112.08 -9.88
C VAL F 141 -9.42 110.86 -9.20
N THR F 142 -8.11 110.66 -9.35
CA THR F 142 -7.46 109.53 -8.72
C THR F 142 -6.53 109.89 -7.55
N LEU F 143 -6.62 109.10 -6.47
CA LEU F 143 -5.85 109.31 -5.23
C LEU F 143 -5.00 108.09 -4.94
N GLY F 144 -3.98 108.27 -4.10
CA GLY F 144 -3.03 107.22 -3.83
C GLY F 144 -2.61 107.07 -2.39
N CYS F 145 -2.16 105.87 -2.06
CA CYS F 145 -1.60 105.56 -0.76
C CYS F 145 -0.29 104.80 -1.02
N LEU F 146 0.82 105.27 -0.43
CA LEU F 146 2.13 104.60 -0.57
C LEU F 146 2.54 103.94 0.75
N VAL F 147 2.89 102.66 0.67
CA VAL F 147 3.32 101.87 1.84
C VAL F 147 4.78 101.43 1.71
N LYS F 148 5.66 102.18 2.37
CA LYS F 148 7.10 102.05 2.17
C LYS F 148 7.80 101.40 3.33
N GLY F 149 8.86 100.65 3.00
CA GLY F 149 9.80 100.08 3.96
C GLY F 149 9.22 99.23 5.07
N TYR F 150 8.75 98.04 4.72
CA TYR F 150 8.19 97.11 5.68
C TYR F 150 8.67 95.72 5.36
N PHE F 151 8.71 94.85 6.36
CA PHE F 151 9.05 93.46 6.17
C PHE F 151 8.40 92.68 7.31
N PRO F 152 7.89 91.46 7.05
CA PRO F 152 7.79 90.73 5.79
C PRO F 152 6.46 90.99 5.08
N GLU F 153 6.17 90.20 4.05
CA GLU F 153 4.84 90.19 3.47
C GLU F 153 3.93 89.41 4.43
N PRO F 154 2.63 89.77 4.51
CA PRO F 154 1.94 90.79 3.74
C PRO F 154 1.59 92.04 4.54
N VAL F 155 1.09 93.04 3.83
CA VAL F 155 0.26 94.09 4.40
C VAL F 155 -1.10 94.01 3.75
N THR F 156 -2.14 94.44 4.46
CA THR F 156 -3.48 94.53 3.87
C THR F 156 -3.90 95.99 3.79
N LEU F 157 -4.43 96.39 2.63
CA LEU F 157 -4.85 97.76 2.37
C LEU F 157 -6.32 97.82 1.96
N THR F 158 -7.07 98.75 2.53
CA THR F 158 -8.45 99.00 2.09
C THR F 158 -8.67 100.48 2.02
N TRP F 159 -9.72 100.87 1.33
CA TRP F 159 -10.11 102.26 1.24
C TRP F 159 -11.47 102.41 1.90
N ASN F 160 -11.57 103.39 2.81
CA ASN F 160 -12.79 103.61 3.58
C ASN F 160 -13.28 102.32 4.23
N SER F 161 -12.31 101.53 4.71
CA SER F 161 -12.54 100.24 5.36
C SER F 161 -13.35 99.26 4.50
N GLY F 162 -12.94 99.11 3.23
CA GLY F 162 -13.62 98.20 2.32
C GLY F 162 -14.83 98.79 1.63
N SER F 163 -15.33 99.93 2.14
CA SER F 163 -16.45 100.65 1.54
C SER F 163 -16.18 101.05 0.08
N LEU F 164 -15.04 101.66 -0.20
CA LEU F 164 -14.62 101.93 -1.58
C LEU F 164 -13.98 100.71 -2.19
N SER F 165 -14.75 99.95 -2.92
CA SER F 165 -14.31 98.67 -3.43
C SER F 165 -13.75 98.79 -4.87
N SER F 166 -14.48 99.51 -5.72
CA SER F 166 -14.23 99.56 -7.16
C SER F 166 -13.30 100.71 -7.57
N GLY F 167 -12.49 100.51 -8.59
CA GLY F 167 -11.60 101.58 -9.06
C GLY F 167 -10.30 101.64 -8.28
N VAL F 168 -10.06 100.56 -7.52
CA VAL F 168 -8.83 100.39 -6.77
C VAL F 168 -7.83 99.55 -7.56
N HIS F 169 -6.54 99.87 -7.41
CA HIS F 169 -5.44 99.08 -7.93
C HIS F 169 -4.36 99.03 -6.88
N THR F 170 -4.41 98.03 -6.03
CA THR F 170 -3.30 97.81 -5.10
C THR F 170 -2.30 96.94 -5.84
N PHE F 171 -1.05 97.36 -5.83
CA PHE F 171 -0.02 96.73 -6.63
C PHE F 171 0.76 95.69 -5.82
N PRO F 172 1.32 94.67 -6.51
CA PRO F 172 2.20 93.80 -5.77
C PRO F 172 3.37 94.60 -5.20
N ALA F 173 3.83 94.20 -4.02
CA ALA F 173 4.96 94.86 -3.39
C ALA F 173 6.27 94.55 -4.14
N VAL F 174 7.29 95.40 -3.94
CA VAL F 174 8.61 95.13 -4.52
C VAL F 174 9.66 95.12 -3.43
N LEU F 175 10.65 94.23 -3.61
CA LEU F 175 11.70 94.05 -2.62
C LEU F 175 12.91 94.91 -2.94
N GLN F 176 13.44 95.55 -1.91
CA GLN F 176 14.50 96.55 -2.06
C GLN F 176 15.39 96.44 -0.82
N SER F 177 16.56 95.84 -1.00
CA SER F 177 17.47 95.59 0.10
C SER F 177 16.72 95.21 1.38
N ASP F 178 16.08 94.04 1.38
CA ASP F 178 15.39 93.51 2.59
C ASP F 178 14.16 94.25 3.14
N LEU F 179 13.62 95.20 2.38
CA LEU F 179 12.23 95.60 2.65
C LEU F 179 11.33 96.03 1.48
N TYR F 180 10.04 95.76 1.68
CA TYR F 180 8.99 95.89 0.70
C TYR F 180 8.43 97.29 0.60
N THR F 181 7.95 97.62 -0.60
CA THR F 181 7.23 98.86 -0.85
C THR F 181 6.04 98.51 -1.76
N LEU F 182 4.87 99.00 -1.37
CA LEU F 182 3.62 98.72 -2.04
C LEU F 182 2.83 100.04 -2.21
N SER F 183 1.98 100.12 -3.23
CA SER F 183 1.18 101.34 -3.47
C SER F 183 -0.19 100.98 -3.99
N SER F 184 -1.17 101.83 -3.72
CA SER F 184 -2.53 101.58 -4.16
C SER F 184 -3.09 102.82 -4.77
N SER F 185 -3.87 102.66 -5.83
CA SER F 185 -4.56 103.76 -6.47
C SER F 185 -6.07 103.56 -6.40
N VAL F 186 -6.78 104.62 -6.03
CA VAL F 186 -8.23 104.60 -6.03
C VAL F 186 -8.71 105.73 -6.93
N THR F 187 -9.66 105.42 -7.80
CA THR F 187 -10.22 106.43 -8.68
C THR F 187 -11.72 106.54 -8.45
N VAL F 188 -12.19 107.77 -8.28
CA VAL F 188 -13.59 108.08 -7.98
C VAL F 188 -14.06 109.27 -8.80
N THR F 189 -15.38 109.46 -8.83
CA THR F 189 -15.98 110.57 -9.56
C THR F 189 -15.52 111.94 -9.03
N SER F 190 -15.36 112.90 -9.96
CA SER F 190 -14.85 114.26 -9.65
C SER F 190 -15.48 114.92 -8.41
N SER F 191 -16.81 114.94 -8.40
CA SER F 191 -17.59 115.62 -7.36
C SER F 191 -17.51 114.96 -5.98
N THR F 192 -17.15 113.67 -5.92
CA THR F 192 -17.13 112.93 -4.65
C THR F 192 -15.85 113.11 -3.80
N TRP F 193 -14.89 113.88 -4.31
CA TRP F 193 -13.71 114.29 -3.52
C TRP F 193 -13.30 115.70 -3.93
N PRO F 194 -12.85 116.55 -2.99
CA PRO F 194 -12.54 116.34 -1.57
C PRO F 194 -13.77 116.25 -0.68
N SER F 195 -14.92 116.61 -1.25
CA SER F 195 -16.22 116.65 -0.56
C SER F 195 -16.51 115.49 0.42
N GLN F 196 -16.13 114.26 0.05
CA GLN F 196 -16.24 113.10 0.97
C GLN F 196 -14.88 112.57 1.41
N SER F 197 -14.83 112.01 2.62
CA SER F 197 -13.59 111.49 3.20
C SER F 197 -13.10 110.23 2.54
N ILE F 198 -11.84 110.23 2.12
CA ILE F 198 -11.22 109.02 1.60
C ILE F 198 -9.94 108.69 2.38
N THR F 199 -9.90 107.48 2.93
CA THR F 199 -8.80 107.05 3.80
C THR F 199 -8.37 105.66 3.40
N CYS F 200 -7.05 105.43 3.34
CA CYS F 200 -6.53 104.07 3.22
C CYS F 200 -6.24 103.50 4.61
N ASN F 201 -6.60 102.24 4.79
CA ASN F 201 -6.39 101.51 6.04
C ASN F 201 -5.36 100.42 5.81
N VAL F 202 -4.17 100.67 6.32
CA VAL F 202 -3.07 99.73 6.17
C VAL F 202 -2.87 98.97 7.47
N ALA F 203 -2.80 97.65 7.36
CA ALA F 203 -2.44 96.80 8.48
C ALA F 203 -1.24 95.92 8.11
N HIS F 204 -0.27 95.90 9.00
CA HIS F 204 0.85 94.98 8.92
C HIS F 204 0.82 94.14 10.20
N PRO F 205 0.37 92.87 10.08
CA PRO F 205 0.19 92.04 11.29
C PRO F 205 1.52 91.65 11.93
N ALA F 206 2.51 91.33 11.09
CA ALA F 206 3.86 91.01 11.53
C ALA F 206 4.44 92.02 12.53
N SER F 207 4.14 93.31 12.36
CA SER F 207 4.66 94.34 13.27
C SER F 207 3.59 94.87 14.22
N SER F 208 2.41 94.25 14.17
CA SER F 208 1.23 94.71 14.92
C SER F 208 0.97 96.20 14.75
N THR F 209 0.81 96.63 13.49
CA THR F 209 0.56 98.04 13.19
C THR F 209 -0.64 98.24 12.26
N LYS F 210 -1.42 99.30 12.53
CA LYS F 210 -2.68 99.57 11.80
C LYS F 210 -2.83 101.07 11.61
N VAL F 211 -2.24 101.61 10.55
CA VAL F 211 -2.32 103.05 10.29
C VAL F 211 -3.49 103.39 9.37
N ASP F 212 -4.05 104.59 9.53
CA ASP F 212 -5.20 105.06 8.71
C ASP F 212 -4.98 106.45 8.10
N LYS F 213 -4.27 106.57 6.98
CA LYS F 213 -4.07 107.90 6.43
C LYS F 213 -5.25 108.37 5.59
N LYS F 214 -5.85 109.50 5.98
CA LYS F 214 -6.92 110.13 5.21
C LYS F 214 -6.29 111.09 4.21
N ILE F 215 -6.71 111.00 2.95
CA ILE F 215 -6.14 111.81 1.87
C ILE F 215 -6.72 113.23 1.91
N GLU F 216 -5.86 114.22 2.19
CA GLU F 216 -6.25 115.64 2.26
C GLU F 216 -5.74 116.38 1.03
N PRO F 217 -6.46 117.42 0.56
CA PRO F 217 -6.02 118.13 -0.66
C PRO F 217 -4.73 118.94 -0.45
N ARG F 218 -3.84 118.92 -1.44
CA ARG F 218 -2.58 119.64 -1.38
C ARG F 218 -2.80 121.15 -1.18
N GLY F 219 -2.11 121.74 -0.21
CA GLY F 219 -2.11 123.21 0.01
C GLY F 219 -0.99 123.98 -0.70
N PRO F 220 -1.02 125.34 -0.63
CA PRO F 220 -0.12 126.17 -1.45
C PRO F 220 1.38 126.14 -1.06
N THR F 221 2.21 126.29 -2.08
CA THR F 221 3.68 126.49 -2.01
C THR F 221 4.18 127.72 -1.22
N ASP G 1 -6.31 -1.64 15.86
CA ASP G 1 -4.84 -1.43 15.68
C ASP G 1 -4.15 -1.17 17.05
N VAL G 2 -4.07 -2.23 17.83
CA VAL G 2 -3.25 -2.25 19.01
C VAL G 2 -1.84 -2.15 18.45
N LEU G 3 -1.08 -1.11 18.72
CA LEU G 3 0.32 -1.09 18.23
C LEU G 3 1.33 -1.79 19.17
N MET G 4 2.17 -2.63 18.60
CA MET G 4 3.09 -3.44 19.39
C MET G 4 4.48 -2.90 19.38
N THR G 5 4.97 -2.46 20.52
CA THR G 5 6.29 -1.85 20.51
C THR G 5 7.35 -2.77 21.12
N GLN G 6 8.27 -3.20 20.28
CA GLN G 6 9.30 -4.08 20.74
C GLN G 6 10.59 -3.30 21.00
N THR G 7 10.96 -3.19 22.27
CA THR G 7 12.19 -2.45 22.60
C THR G 7 13.25 -3.25 23.39
N PRO G 8 14.55 -2.98 23.10
CA PRO G 8 14.93 -2.12 21.99
C PRO G 8 14.98 -2.85 20.63
N THR G 9 15.42 -2.11 19.62
CA THR G 9 15.35 -2.51 18.23
C THR G 9 16.24 -3.70 17.94
N ILE G 10 17.46 -3.61 18.46
CA ILE G 10 18.51 -4.62 18.33
C ILE G 10 18.99 -4.95 19.73
N MET G 11 19.16 -6.24 20.03
CA MET G 11 19.69 -6.67 21.33
C MET G 11 20.82 -7.68 21.16
N SER G 12 21.86 -7.56 21.98
CA SER G 12 22.98 -8.47 21.90
C SER G 12 22.86 -9.49 23.07
N ALA G 13 23.32 -10.74 22.87
CA ALA G 13 23.33 -11.77 23.93
C ALA G 13 24.53 -12.69 23.81
N SER G 14 25.17 -13.03 24.93
CA SER G 14 26.36 -13.90 24.91
C SER G 14 25.96 -15.36 24.90
N ILE G 15 26.76 -16.22 24.25
CA ILE G 15 26.38 -17.63 24.04
C ILE G 15 26.16 -18.26 25.39
N GLY G 16 25.05 -18.98 25.52
CA GLY G 16 24.75 -19.71 26.74
C GLY G 16 23.99 -18.92 27.78
N GLU G 17 23.95 -17.61 27.62
CA GLU G 17 23.22 -16.78 28.56
C GLU G 17 21.76 -16.66 28.18
N GLU G 18 21.00 -16.13 29.11
CA GLU G 18 19.60 -15.88 28.80
C GLU G 18 19.42 -14.43 28.37
N ILE G 19 18.42 -14.23 27.53
CA ILE G 19 18.00 -12.88 27.19
C ILE G 19 16.47 -12.83 27.12
N THR G 20 15.90 -11.66 27.38
CA THR G 20 14.45 -11.50 27.23
C THR G 20 14.10 -10.38 26.28
N LEU G 21 13.17 -10.64 25.37
CA LEU G 21 12.63 -9.58 24.54
C LEU G 21 11.25 -9.15 25.03
N THR G 22 10.95 -7.86 24.92
CA THR G 22 9.65 -7.37 25.39
C THR G 22 8.77 -6.91 24.24
N CYS G 23 7.49 -6.77 24.55
CA CYS G 23 6.47 -6.38 23.60
C CYS G 23 5.39 -5.63 24.33
N SER G 24 5.23 -4.36 23.97
CA SER G 24 4.43 -3.45 24.75
C SER G 24 3.25 -2.87 23.96
N ALA G 25 2.08 -3.38 24.30
CA ALA G 25 0.86 -3.13 23.56
C ALA G 25 0.27 -1.76 23.87
N SER G 26 -0.23 -1.09 22.85
CA SER G 26 -0.88 0.19 23.09
C SER G 26 -2.14 0.07 23.92
N SER G 27 -2.73 -1.13 23.92
CA SER G 27 -3.95 -1.45 24.67
C SER G 27 -3.87 -2.89 25.11
N SER G 28 -4.66 -3.25 26.10
CA SER G 28 -4.63 -4.59 26.66
C SER G 28 -5.12 -5.66 25.66
N VAL G 29 -4.42 -6.80 25.60
CA VAL G 29 -4.85 -7.98 24.82
C VAL G 29 -4.82 -9.27 25.66
N SER G 30 -5.52 -10.29 25.17
CA SER G 30 -5.65 -11.56 25.89
C SER G 30 -4.34 -12.33 25.98
N HIS G 31 -3.50 -12.21 24.94
CA HIS G 31 -2.28 -12.99 24.89
C HIS G 31 -1.44 -12.61 23.69
N MET G 32 -0.17 -12.95 23.74
CA MET G 32 0.73 -12.69 22.64
C MET G 32 1.23 -13.98 21.98
N HIS G 33 1.60 -13.88 20.70
CA HIS G 33 2.29 -14.94 20.04
C HIS G 33 3.65 -14.40 19.70
N TRP G 34 4.63 -15.29 19.55
CA TRP G 34 5.94 -14.88 19.09
C TRP G 34 6.46 -15.72 17.93
N TYR G 35 7.06 -15.03 16.95
CA TYR G 35 7.66 -15.67 15.77
C TYR G 35 9.12 -15.34 15.61
N GLN G 36 9.87 -16.33 15.11
CA GLN G 36 11.24 -16.10 14.73
C GLN G 36 11.24 -15.97 13.24
N HIS G 37 12.08 -15.07 12.73
CA HIS G 37 12.21 -14.86 11.29
C HIS G 37 13.66 -14.71 10.91
N LYS G 38 14.12 -15.53 9.97
CA LYS G 38 15.45 -15.42 9.36
C LYS G 38 15.12 -15.26 7.91
N SER G 39 15.71 -14.24 7.28
CA SER G 39 15.39 -13.95 5.87
C SER G 39 15.73 -15.16 4.99
N GLY G 40 14.90 -15.38 3.97
CA GLY G 40 15.01 -16.55 3.13
C GLY G 40 14.08 -17.67 3.55
N THR G 41 13.86 -17.85 4.85
CA THR G 41 12.87 -18.82 5.32
C THR G 41 11.56 -18.10 5.54
N SER G 42 10.54 -18.86 5.95
CA SER G 42 9.27 -18.33 6.45
C SER G 42 9.37 -18.03 7.93
N PRO G 43 8.41 -17.25 8.46
CA PRO G 43 8.34 -17.10 9.91
C PRO G 43 8.05 -18.43 10.60
N LYS G 44 8.61 -18.62 11.79
CA LYS G 44 8.47 -19.85 12.56
C LYS G 44 7.76 -19.48 13.85
N LEU G 45 6.72 -20.22 14.20
CA LEU G 45 5.97 -19.92 15.43
C LEU G 45 6.75 -20.44 16.63
N LEU G 46 7.06 -19.57 17.60
CA LEU G 46 7.83 -19.98 18.80
C LEU G 46 6.99 -20.19 20.05
N ILE G 47 6.21 -19.16 20.36
CA ILE G 47 5.29 -19.26 21.45
C ILE G 47 3.90 -18.83 20.97
N TYR G 48 2.90 -19.63 21.35
CA TYR G 48 1.49 -19.31 21.09
C TYR G 48 0.72 -19.14 22.38
N ILE G 49 -0.32 -18.30 22.32
CA ILE G 49 -1.09 -17.94 23.50
C ILE G 49 -0.15 -17.66 24.69
N THR G 50 0.64 -16.59 24.53
CA THR G 50 1.43 -16.03 25.62
C THR G 50 2.61 -16.85 26.11
N SER G 51 2.37 -18.14 26.35
CA SER G 51 3.31 -18.94 27.08
C SER G 51 3.50 -20.41 26.60
N TYR G 52 2.65 -20.92 25.71
CA TYR G 52 2.81 -22.31 25.27
C TYR G 52 3.84 -22.45 24.18
N LEU G 53 4.60 -23.53 24.23
CA LEU G 53 5.72 -23.72 23.32
C LEU G 53 5.27 -24.44 22.06
N ALA G 54 5.53 -23.84 20.89
CA ALA G 54 5.17 -24.44 19.59
C ALA G 54 5.93 -25.76 19.37
N SER G 55 5.37 -26.68 18.60
CA SER G 55 5.92 -28.03 18.54
C SER G 55 7.25 -27.99 17.84
N GLY G 56 8.24 -28.66 18.40
CA GLY G 56 9.52 -28.73 17.74
C GLY G 56 10.41 -27.57 18.04
N VAL G 57 9.86 -26.52 18.63
CA VAL G 57 10.72 -25.43 19.12
C VAL G 57 11.39 -25.92 20.42
N PRO G 58 12.72 -25.66 20.58
CA PRO G 58 13.45 -26.14 21.75
C PRO G 58 13.06 -25.37 23.01
N SER G 59 12.97 -26.07 24.14
CA SER G 59 12.36 -25.50 25.35
C SER G 59 13.21 -24.44 26.01
N ARG G 60 14.33 -24.09 25.41
CA ARG G 60 15.02 -22.89 25.86
C ARG G 60 14.13 -21.64 25.69
N PHE G 61 13.18 -21.68 24.75
CA PHE G 61 12.25 -20.56 24.53
C PHE G 61 11.06 -20.56 25.51
N SER G 62 10.81 -19.42 26.16
CA SER G 62 9.81 -19.35 27.22
C SER G 62 8.94 -18.15 26.93
N GLY G 63 7.69 -18.24 27.32
CA GLY G 63 6.77 -17.13 27.13
C GLY G 63 6.08 -16.69 28.41
N SER G 64 6.07 -15.38 28.65
CA SER G 64 5.35 -14.83 29.81
C SER G 64 4.54 -13.60 29.38
N GLY G 65 3.87 -12.99 30.35
CA GLY G 65 3.21 -11.73 30.11
C GLY G 65 1.72 -11.74 30.40
N SER G 66 1.12 -10.57 30.30
CA SER G 66 -0.21 -10.33 30.82
C SER G 66 -0.71 -8.98 30.28
N GLY G 67 -2.01 -8.91 30.01
CA GLY G 67 -2.67 -7.67 29.55
C GLY G 67 -1.92 -6.82 28.54
N THR G 68 -0.98 -5.99 29.02
CA THR G 68 -0.41 -4.99 28.14
C THR G 68 1.10 -5.07 27.85
N PHE G 69 1.72 -6.17 28.26
CA PHE G 69 3.18 -6.24 28.25
C PHE G 69 3.63 -7.66 28.37
N TYR G 70 4.33 -8.13 27.36
CA TYR G 70 4.64 -9.55 27.21
C TYR G 70 6.10 -9.77 26.92
N SER G 71 6.58 -10.96 27.30
CA SER G 71 7.99 -11.28 27.24
C SER G 71 8.33 -12.60 26.62
N LEU G 72 9.35 -12.58 25.75
CA LEU G 72 9.94 -13.78 25.14
C LEU G 72 11.38 -14.00 25.65
N THR G 73 11.66 -15.18 26.19
CA THR G 73 12.96 -15.45 26.82
C THR G 73 13.66 -16.67 26.29
N ILE G 74 14.95 -16.52 26.01
CA ILE G 74 15.76 -17.64 25.60
C ILE G 74 16.64 -18.09 26.77
N SER G 75 16.39 -19.29 27.28
CA SER G 75 17.05 -19.81 28.48
C SER G 75 18.53 -19.69 28.37
N SER G 76 19.07 -20.12 27.23
CA SER G 76 20.52 -20.11 27.03
C SER G 76 20.76 -20.06 25.53
N VAL G 77 21.23 -18.93 25.01
CA VAL G 77 21.18 -18.71 23.55
C VAL G 77 22.18 -19.53 22.78
N GLU G 78 21.81 -19.86 21.55
CA GLU G 78 22.65 -20.62 20.62
C GLU G 78 23.10 -19.69 19.53
N ALA G 79 24.27 -19.99 18.96
CA ALA G 79 24.77 -19.28 17.79
C ALA G 79 23.68 -18.96 16.77
N GLU G 80 22.87 -19.98 16.52
CA GLU G 80 21.78 -20.01 15.54
C GLU G 80 20.56 -19.20 15.96
N ASP G 81 20.57 -18.71 17.19
CA ASP G 81 19.42 -17.95 17.66
C ASP G 81 19.44 -16.50 17.18
N ALA G 82 20.51 -16.11 16.47
CA ALA G 82 20.60 -14.79 15.82
C ALA G 82 19.52 -14.72 14.77
N ALA G 83 18.57 -13.82 14.94
CA ALA G 83 17.39 -13.74 14.07
C ALA G 83 16.52 -12.56 14.43
N ASP G 84 15.45 -12.36 13.66
CA ASP G 84 14.45 -11.35 13.96
C ASP G 84 13.29 -11.97 14.74
N TYR G 85 12.81 -11.25 15.74
CA TYR G 85 11.71 -11.76 16.51
C TYR G 85 10.51 -10.81 16.53
N TYR G 86 9.33 -11.38 16.27
CA TYR G 86 8.12 -10.61 16.16
C TYR G 86 7.04 -11.09 17.12
N CYS G 87 6.49 -10.15 17.89
CA CYS G 87 5.29 -10.45 18.67
C CYS G 87 4.05 -10.14 17.83
N HIS G 88 2.92 -10.68 18.25
CA HIS G 88 1.74 -10.70 17.42
C HIS G 88 0.54 -10.89 18.31
N GLN G 89 -0.47 -10.03 18.16
CA GLN G 89 -1.77 -10.21 18.82
C GLN G 89 -2.82 -10.36 17.77
N TRP G 90 -3.84 -11.14 18.09
CA TRP G 90 -5.04 -11.23 17.26
C TRP G 90 -6.20 -11.38 18.18
N SER G 91 -6.26 -10.50 19.17
CA SER G 91 -7.29 -10.53 20.18
C SER G 91 -8.33 -9.48 19.87
N THR G 92 -7.94 -8.41 19.19
CA THR G 92 -8.88 -7.50 18.56
C THR G 92 -8.42 -7.10 17.17
N PHE G 93 -9.42 -6.90 16.30
CA PHE G 93 -9.19 -6.53 14.92
C PHE G 93 -8.72 -5.09 14.80
N PRO G 94 -7.76 -4.81 13.90
CA PRO G 94 -7.06 -5.73 13.05
C PRO G 94 -5.88 -6.36 13.76
N SER G 95 -5.51 -7.55 13.28
CA SER G 95 -4.38 -8.23 13.86
C SER G 95 -3.16 -7.41 13.51
N THR G 96 -2.26 -7.35 14.46
CA THR G 96 -1.06 -6.53 14.31
C THR G 96 0.19 -7.24 14.84
N PHE G 97 1.30 -6.93 14.19
CA PHE G 97 2.56 -7.49 14.51
C PHE G 97 3.44 -6.51 15.25
N GLY G 98 4.45 -7.03 15.93
CA GLY G 98 5.43 -6.20 16.60
C GLY G 98 6.34 -5.47 15.62
N SER G 99 7.00 -4.44 16.14
CA SER G 99 7.97 -3.65 15.38
C SER G 99 9.19 -4.50 15.10
N GLY G 100 9.40 -5.58 15.88
CA GLY G 100 10.50 -6.53 15.66
C GLY G 100 11.80 -6.18 16.37
N THR G 101 12.42 -7.18 16.98
CA THR G 101 13.73 -7.00 17.64
C THR G 101 14.68 -7.99 17.01
N LYS G 102 15.89 -7.51 16.65
CA LYS G 102 16.93 -8.39 16.11
C LYS G 102 17.88 -8.85 17.19
N LEU G 103 18.15 -10.16 17.24
CA LEU G 103 19.12 -10.69 18.19
C LEU G 103 20.53 -10.83 17.63
N GLU G 104 21.50 -10.17 18.26
CA GLU G 104 22.89 -10.34 17.84
C GLU G 104 23.60 -11.15 18.87
N ILE G 105 24.46 -12.08 18.45
CA ILE G 105 25.26 -12.85 19.39
C ILE G 105 26.59 -12.15 19.67
N LYS G 106 26.94 -12.09 20.95
CA LYS G 106 28.19 -11.52 21.40
C LYS G 106 29.26 -12.61 21.44
N ARG G 107 30.39 -12.33 20.80
CA ARG G 107 31.50 -13.27 20.75
C ARG G 107 32.81 -12.53 20.83
N ALA G 108 33.92 -13.25 20.70
CA ALA G 108 35.23 -12.64 20.87
C ALA G 108 35.65 -12.01 19.56
N ASP G 109 36.51 -10.97 19.65
CA ASP G 109 37.05 -10.26 18.48
C ASP G 109 37.62 -11.22 17.44
N ALA G 110 37.22 -11.08 16.19
CA ALA G 110 37.82 -11.87 15.11
C ALA G 110 38.30 -10.93 14.03
N ALA G 111 39.52 -11.15 13.54
CA ALA G 111 40.05 -10.29 12.49
C ALA G 111 39.66 -10.73 11.05
N PRO G 112 39.28 -9.76 10.22
CA PRO G 112 38.87 -10.06 8.84
C PRO G 112 39.97 -10.72 8.00
N THR G 113 39.59 -11.65 7.13
CA THR G 113 40.56 -12.25 6.22
C THR G 113 40.33 -11.62 4.87
N VAL G 114 41.16 -10.62 4.59
CA VAL G 114 40.93 -9.76 3.45
C VAL G 114 41.60 -10.29 2.19
N SER G 115 40.84 -10.46 1.11
CA SER G 115 41.40 -10.84 -0.18
C SER G 115 40.89 -9.91 -1.27
N ILE G 116 41.84 -9.45 -2.09
CA ILE G 116 41.54 -8.49 -3.13
C ILE G 116 41.69 -9.15 -4.50
N PHE G 117 40.73 -8.89 -5.38
CA PHE G 117 40.74 -9.45 -6.73
C PHE G 117 40.69 -8.38 -7.83
N PRO G 118 41.69 -8.36 -8.72
CA PRO G 118 41.68 -7.49 -9.90
C PRO G 118 40.53 -7.86 -10.87
N PRO G 119 40.24 -7.00 -11.86
CA PRO G 119 39.17 -7.34 -12.79
C PRO G 119 39.58 -8.54 -13.66
N SER G 120 38.61 -9.42 -13.93
CA SER G 120 38.79 -10.55 -14.89
C SER G 120 39.02 -10.03 -16.29
N SER G 121 39.84 -10.71 -17.07
CA SER G 121 40.11 -10.20 -18.40
C SER G 121 38.84 -10.16 -19.22
N GLU G 122 37.88 -11.06 -18.95
CA GLU G 122 36.59 -11.02 -19.67
C GLU G 122 35.75 -9.77 -19.42
N GLN G 123 35.74 -9.29 -18.19
CA GLN G 123 35.04 -8.07 -17.84
C GLN G 123 35.69 -6.89 -18.53
N LEU G 124 37.00 -6.99 -18.68
CA LEU G 124 37.75 -5.97 -19.37
C LEU G 124 37.49 -5.98 -20.86
N THR G 125 37.03 -7.12 -21.38
CA THR G 125 36.77 -7.26 -22.80
C THR G 125 35.54 -6.44 -23.19
N SER G 126 34.55 -6.38 -22.32
CA SER G 126 33.50 -5.37 -22.43
C SER G 126 34.00 -4.14 -21.65
N GLY G 127 33.31 -3.01 -21.75
CA GLY G 127 33.78 -1.74 -21.15
C GLY G 127 34.47 -1.75 -19.77
N GLY G 128 33.87 -2.45 -18.82
CA GLY G 128 34.16 -2.27 -17.40
C GLY G 128 35.38 -2.92 -16.79
N ALA G 129 35.60 -2.60 -15.50
CA ALA G 129 36.67 -3.17 -14.65
C ALA G 129 36.33 -2.99 -13.20
N SER G 130 36.00 -4.09 -12.54
CA SER G 130 35.58 -4.06 -11.14
C SER G 130 36.64 -4.74 -10.27
N VAL G 131 37.08 -4.00 -9.24
CA VAL G 131 37.99 -4.56 -8.26
C VAL G 131 37.23 -4.92 -7.00
N VAL G 132 37.34 -6.20 -6.60
CA VAL G 132 36.55 -6.80 -5.52
C VAL G 132 37.43 -7.07 -4.31
N CYS G 133 36.86 -6.80 -3.14
CA CYS G 133 37.58 -7.03 -1.89
C CYS G 133 36.71 -7.74 -0.87
N PHE G 134 37.12 -8.96 -0.49
CA PHE G 134 36.38 -9.75 0.49
C PHE G 134 37.05 -9.70 1.85
N LEU G 135 36.28 -9.26 2.85
CA LEU G 135 36.71 -9.23 4.23
C LEU G 135 35.79 -10.20 5.00
N ASN G 136 36.34 -11.36 5.37
CA ASN G 136 35.52 -12.46 5.86
C ASN G 136 35.73 -12.81 7.31
N ASN G 137 34.66 -13.31 7.93
CA ASN G 137 34.61 -13.80 9.31
C ASN G 137 35.29 -12.89 10.32
N PHE G 138 34.72 -11.73 10.56
CA PHE G 138 35.29 -10.80 11.52
C PHE G 138 34.26 -10.45 12.59
N TYR G 139 34.72 -9.83 13.67
CA TYR G 139 33.84 -9.41 14.74
C TYR G 139 34.59 -8.41 15.60
N PRO G 140 33.94 -7.29 16.00
CA PRO G 140 32.55 -6.86 15.83
C PRO G 140 32.11 -6.53 14.42
N LYS G 141 30.80 -6.36 14.30
CA LYS G 141 30.08 -5.97 13.08
C LYS G 141 30.72 -4.76 12.38
N ASP G 142 31.05 -3.71 13.15
CA ASP G 142 31.57 -2.43 12.67
C ASP G 142 32.97 -2.53 12.07
N ILE G 143 33.05 -2.12 10.81
CA ILE G 143 34.28 -2.06 10.03
C ILE G 143 34.01 -0.96 9.02
N ASN G 144 35.04 -0.30 8.50
CA ASN G 144 34.86 0.25 7.17
C ASN G 144 36.11 0.33 6.32
N VAL G 145 35.82 0.26 5.02
CA VAL G 145 36.75 -0.01 3.99
C VAL G 145 36.92 1.22 3.15
N LYS G 146 38.17 1.48 2.78
CA LYS G 146 38.56 2.62 1.98
C LYS G 146 39.34 2.07 0.80
N TRP G 147 39.10 2.63 -0.38
CA TRP G 147 39.86 2.23 -1.57
C TRP G 147 40.95 3.23 -1.90
N LYS G 148 42.13 2.72 -2.24
CA LYS G 148 43.24 3.61 -2.57
C LYS G 148 43.90 3.24 -3.88
N ILE G 149 43.64 4.05 -4.92
CA ILE G 149 44.28 3.87 -6.22
C ILE G 149 45.58 4.71 -6.22
N ASP G 150 46.72 4.02 -6.26
CA ASP G 150 48.04 4.68 -6.14
C ASP G 150 48.14 5.53 -4.87
N GLY G 151 47.56 5.06 -3.77
CA GLY G 151 47.62 5.76 -2.50
C GLY G 151 46.64 6.92 -2.32
N SER G 152 45.94 7.31 -3.39
CA SER G 152 44.85 8.28 -3.27
C SER G 152 43.52 7.57 -3.03
N GLU G 153 42.72 8.12 -2.15
CA GLU G 153 41.44 7.52 -1.78
C GLU G 153 40.37 7.77 -2.85
N ARG G 154 39.93 6.73 -3.54
CA ARG G 154 38.81 6.85 -4.47
C ARG G 154 37.52 6.73 -3.68
N GLN G 155 36.55 7.58 -4.00
CA GLN G 155 35.32 7.73 -3.25
C GLN G 155 34.13 6.97 -3.88
N ASN G 156 33.83 7.34 -5.13
CA ASN G 156 32.62 6.92 -5.82
C ASN G 156 32.86 5.66 -6.67
N GLY G 157 31.79 4.90 -6.94
CA GLY G 157 31.91 3.66 -7.71
C GLY G 157 32.18 2.45 -6.81
N VAL G 158 32.27 2.71 -5.50
CA VAL G 158 32.41 1.69 -4.46
C VAL G 158 31.03 1.20 -4.03
N LEU G 159 30.82 -0.10 -4.06
CA LEU G 159 29.54 -0.65 -3.63
C LEU G 159 29.78 -1.83 -2.71
N ASN G 160 29.11 -1.76 -1.56
CA ASN G 160 29.32 -2.72 -0.51
C ASN G 160 28.09 -3.50 -0.21
N SER G 161 28.35 -4.76 0.14
CA SER G 161 27.32 -5.67 0.56
C SER G 161 27.91 -6.44 1.75
N TRP G 162 27.07 -6.68 2.76
CA TRP G 162 27.48 -7.43 3.96
C TRP G 162 26.54 -8.63 4.17
N THR G 163 27.06 -9.73 4.73
CA THR G 163 26.21 -10.89 5.06
C THR G 163 25.56 -10.73 6.41
N ASP G 164 24.49 -11.48 6.65
CA ASP G 164 23.88 -11.58 7.98
C ASP G 164 24.91 -12.19 8.94
N GLN G 165 24.67 -12.06 10.25
CA GLN G 165 25.54 -12.71 11.23
C GLN G 165 25.59 -14.22 10.96
N ASP G 166 26.70 -14.89 11.26
CA ASP G 166 26.78 -16.31 10.97
C ASP G 166 25.95 -17.10 11.97
N SER G 167 25.22 -18.08 11.48
CA SER G 167 24.43 -18.91 12.37
C SER G 167 25.27 -19.96 13.04
N LYS G 168 26.55 -20.05 12.66
CA LYS G 168 27.48 -21.02 13.23
C LYS G 168 28.53 -20.36 14.09
N ASP G 169 29.37 -19.49 13.53
CA ASP G 169 30.47 -18.87 14.31
C ASP G 169 30.19 -17.43 14.74
N SER G 170 29.00 -16.96 14.42
CA SER G 170 28.53 -15.63 14.79
C SER G 170 29.45 -14.46 14.38
N THR G 171 30.12 -14.63 13.24
CA THR G 171 30.98 -13.57 12.66
C THR G 171 30.28 -12.92 11.49
N TYR G 172 30.79 -11.77 11.09
CA TYR G 172 30.27 -11.02 9.96
C TYR G 172 31.27 -11.15 8.83
N SER G 173 30.80 -10.86 7.61
CA SER G 173 31.66 -10.80 6.42
C SER G 173 31.11 -9.76 5.42
N MET G 174 32.00 -9.21 4.60
CA MET G 174 31.66 -8.06 3.75
C MET G 174 32.37 -8.08 2.40
N SER G 175 31.64 -7.73 1.34
CA SER G 175 32.25 -7.54 0.00
C SER G 175 32.24 -6.07 -0.41
N SER G 176 33.38 -5.61 -0.90
CA SER G 176 33.50 -4.25 -1.40
C SER G 176 33.94 -4.29 -2.84
N THR G 177 33.17 -3.59 -3.69
CA THR G 177 33.48 -3.57 -5.11
C THR G 177 33.59 -2.16 -5.71
N LEU G 178 34.81 -1.82 -6.10
CA LEU G 178 35.09 -0.60 -6.82
C LEU G 178 35.03 -0.85 -8.33
N THR G 179 34.06 -0.22 -8.97
CA THR G 179 33.84 -0.40 -10.40
C THR G 179 34.24 0.84 -11.18
N LEU G 180 34.99 0.64 -12.25
CA LEU G 180 35.48 1.73 -13.06
C LEU G 180 35.33 1.37 -14.54
N THR G 181 35.63 2.32 -15.43
CA THR G 181 35.78 2.00 -16.85
C THR G 181 37.14 1.33 -17.04
N LYS G 182 37.32 0.69 -18.20
CA LYS G 182 38.57 -0.02 -18.48
C LYS G 182 39.77 0.92 -18.43
N ASP G 183 39.63 2.09 -19.05
CA ASP G 183 40.75 3.02 -19.18
C ASP G 183 41.07 3.67 -17.84
N GLU G 184 40.03 4.09 -17.13
CA GLU G 184 40.19 4.69 -15.82
C GLU G 184 41.02 3.78 -14.95
N TYR G 185 40.62 2.50 -14.92
CA TYR G 185 41.29 1.48 -14.14
C TYR G 185 42.75 1.30 -14.60
N GLU G 186 42.97 1.34 -15.91
CA GLU G 186 44.29 1.10 -16.46
C GLU G 186 45.29 2.27 -16.34
N ARG G 187 44.78 3.47 -16.02
CA ARG G 187 45.63 4.65 -15.83
C ARG G 187 46.57 4.58 -14.61
N HIS G 188 46.23 3.72 -13.63
CA HIS G 188 46.95 3.63 -12.36
C HIS G 188 47.43 2.23 -12.11
N ASN G 189 48.50 2.10 -11.34
CA ASN G 189 49.13 0.80 -11.13
C ASN G 189 48.75 0.07 -9.84
N SER G 190 48.65 0.82 -8.75
CA SER G 190 48.52 0.22 -7.43
C SER G 190 47.10 0.31 -6.87
N TYR G 191 46.55 -0.83 -6.50
CA TYR G 191 45.20 -0.90 -5.96
C TYR G 191 45.13 -1.44 -4.53
N THR G 192 44.71 -0.57 -3.60
CA THR G 192 44.63 -0.95 -2.18
C THR G 192 43.22 -0.87 -1.60
N CYS G 193 42.94 -1.92 -0.85
CA CYS G 193 41.70 -2.13 -0.15
C CYS G 193 42.06 -2.16 1.33
N GLU G 194 41.63 -1.12 2.03
CA GLU G 194 42.13 -0.86 3.38
C GLU G 194 40.96 -0.67 4.31
N ALA G 195 40.95 -1.47 5.37
CA ALA G 195 39.86 -1.46 6.35
C ALA G 195 40.36 -1.23 7.76
N THR G 196 39.80 -0.25 8.45
CA THR G 196 40.03 -0.13 9.88
C THR G 196 38.96 -0.94 10.56
N HIS G 197 39.41 -1.62 11.61
CA HIS G 197 38.60 -2.52 12.41
C HIS G 197 39.19 -2.50 13.81
N LYS G 198 38.40 -2.91 14.80
CA LYS G 198 38.91 -2.95 16.17
C LYS G 198 40.17 -3.83 16.28
N THR G 199 40.24 -4.91 15.52
CA THR G 199 41.28 -5.92 15.73
C THR G 199 42.70 -5.51 15.33
N SER G 200 42.84 -4.43 14.59
CA SER G 200 44.16 -3.99 14.14
C SER G 200 44.43 -2.53 14.52
N THR G 201 45.61 -2.22 15.04
CA THR G 201 45.90 -0.82 15.31
C THR G 201 45.98 -0.06 14.00
N SER G 202 47.01 -0.30 13.19
CA SER G 202 47.02 0.28 11.85
C SER G 202 46.07 -0.49 10.94
N PRO G 203 45.38 0.19 10.03
CA PRO G 203 44.40 -0.45 9.14
C PRO G 203 44.86 -1.75 8.46
N ILE G 204 43.96 -2.72 8.34
CA ILE G 204 44.25 -3.93 7.58
C ILE G 204 44.24 -3.64 6.09
N VAL G 205 45.40 -3.86 5.47
CA VAL G 205 45.66 -3.45 4.09
C VAL G 205 45.94 -4.68 3.22
N LYS G 206 45.25 -4.76 2.08
CA LYS G 206 45.59 -5.72 1.04
C LYS G 206 45.64 -5.01 -0.26
N SER G 207 46.74 -5.18 -0.95
CA SER G 207 46.98 -4.42 -2.14
C SER G 207 47.55 -5.32 -3.25
N PHE G 208 47.59 -4.80 -4.48
CA PHE G 208 48.28 -5.46 -5.59
C PHE G 208 48.80 -4.43 -6.54
N ASN G 209 49.73 -4.83 -7.38
CA ASN G 209 50.23 -3.98 -8.47
C ASN G 209 50.01 -4.69 -9.79
N ARG G 210 49.74 -3.92 -10.83
CA ARG G 210 49.55 -4.51 -12.15
C ARG G 210 50.87 -5.02 -12.76
N ASN G 211 52.00 -4.67 -12.12
CA ASN G 211 53.32 -5.24 -12.45
C ASN G 211 53.44 -6.72 -12.17
N GLU G 212 52.70 -7.22 -11.17
CA GLU G 212 52.47 -8.68 -10.94
C GLU G 212 53.69 -9.36 -10.39
N ASP H 1 3.80 -48.34 3.26
CA ASP H 1 3.89 -49.48 4.18
C ASP H 1 3.43 -50.72 3.42
N VAL H 2 4.25 -51.18 2.48
CA VAL H 2 4.15 -52.56 2.02
C VAL H 2 4.63 -53.35 3.24
N LEU H 3 3.79 -54.20 3.86
CA LEU H 3 4.29 -54.98 5.01
C LEU H 3 4.95 -56.30 4.62
N MET H 4 6.11 -56.57 5.22
CA MET H 4 6.89 -57.72 4.85
C MET H 4 6.75 -58.83 5.84
N THR H 5 6.17 -59.95 5.44
CA THR H 5 5.91 -60.96 6.44
C THR H 5 6.87 -62.11 6.30
N GLN H 6 7.70 -62.30 7.32
CA GLN H 6 8.69 -63.36 7.26
C GLN H 6 8.22 -64.55 8.07
N THR H 7 7.97 -65.65 7.38
CA THR H 7 7.53 -66.84 8.07
C THR H 7 8.41 -68.09 7.84
N PRO H 8 8.53 -68.91 8.91
CA PRO H 8 8.01 -68.56 10.24
C PRO H 8 9.00 -67.70 11.05
N THR H 9 8.68 -67.48 12.32
CA THR H 9 9.42 -66.55 13.16
C THR H 9 10.83 -67.04 13.45
N ILE H 10 10.89 -68.33 13.80
CA ILE H 10 12.13 -69.06 14.06
C ILE H 10 12.19 -70.23 13.10
N MET H 11 13.36 -70.48 12.51
CA MET H 11 13.60 -71.70 11.75
C MET H 11 14.86 -72.41 12.22
N SER H 12 14.77 -73.73 12.36
CA SER H 12 15.93 -74.52 12.74
C SER H 12 16.51 -75.21 11.47
N ALA H 13 17.82 -75.44 11.45
CA ALA H 13 18.53 -76.08 10.30
C ALA H 13 19.77 -76.82 10.78
N SER H 14 20.04 -78.01 10.25
CA SER H 14 21.26 -78.75 10.63
C SER H 14 22.48 -78.28 9.84
N ILE H 15 23.65 -78.42 10.47
CA ILE H 15 24.93 -77.94 9.94
C ILE H 15 25.14 -78.56 8.59
N GLY H 16 25.47 -77.75 7.60
CA GLY H 16 25.76 -78.26 6.27
C GLY H 16 24.58 -78.42 5.33
N GLU H 17 23.38 -78.37 5.87
CA GLU H 17 22.20 -78.47 4.99
C GLU H 17 21.75 -77.13 4.47
N GLU H 18 20.83 -77.16 3.52
CA GLU H 18 20.30 -75.89 3.04
C GLU H 18 19.04 -75.53 3.73
N ILE H 19 18.82 -74.24 3.90
CA ILE H 19 17.55 -73.73 4.37
C ILE H 19 17.13 -72.54 3.52
N THR H 20 15.82 -72.36 3.38
CA THR H 20 15.31 -71.18 2.70
C THR H 20 14.41 -70.32 3.58
N LEU H 21 14.66 -69.02 3.62
CA LEU H 21 13.78 -68.13 4.33
C LEU H 21 12.92 -67.36 3.34
N THR H 22 11.66 -67.13 3.71
CA THR H 22 10.73 -66.40 2.83
C THR H 22 10.38 -65.04 3.39
N CYS H 23 9.82 -64.22 2.50
CA CYS H 23 9.45 -62.84 2.75
C CYS H 23 8.33 -62.50 1.80
N SER H 24 7.18 -62.16 2.36
CA SER H 24 5.97 -62.07 1.58
C SER H 24 5.33 -60.70 1.70
N ALA H 25 5.43 -59.96 0.62
CA ALA H 25 5.05 -58.57 0.56
C ALA H 25 3.55 -58.38 0.49
N SER H 26 3.01 -57.41 1.23
CA SER H 26 1.58 -57.14 1.16
C SER H 26 1.13 -56.66 -0.22
N SER H 27 2.10 -56.07 -0.93
CA SER H 27 1.90 -55.51 -2.28
C SER H 27 3.18 -55.76 -3.06
N SER H 28 3.08 -55.77 -4.38
CA SER H 28 4.19 -56.18 -5.23
C SER H 28 5.32 -55.14 -5.16
N VAL H 29 6.58 -55.62 -5.14
CA VAL H 29 7.77 -54.74 -5.22
C VAL H 29 8.75 -55.18 -6.33
N SER H 30 9.61 -54.27 -6.77
CA SER H 30 10.61 -54.54 -7.81
C SER H 30 11.66 -55.54 -7.36
N HIS H 31 12.00 -55.55 -6.09
CA HIS H 31 13.06 -56.43 -5.62
C HIS H 31 13.20 -56.38 -4.10
N MET H 32 13.88 -57.40 -3.56
CA MET H 32 14.16 -57.42 -2.15
C MET H 32 15.66 -57.37 -1.85
N HIS H 33 15.98 -56.85 -0.66
CA HIS H 33 17.31 -56.92 -0.11
C HIS H 33 17.22 -57.79 1.11
N TRP H 34 18.33 -58.41 1.47
CA TRP H 34 18.39 -59.20 2.69
C TRP H 34 19.60 -58.86 3.57
N TYR H 35 19.33 -58.76 4.87
CA TYR H 35 20.35 -58.49 5.87
C TYR H 35 20.44 -59.57 6.92
N GLN H 36 21.66 -59.80 7.40
CA GLN H 36 21.88 -60.62 8.56
C GLN H 36 22.12 -59.68 9.72
N HIS H 37 21.61 -60.04 10.90
CA HIS H 37 21.90 -59.26 12.11
C HIS H 37 22.28 -60.16 13.29
N LYS H 38 23.45 -59.89 13.89
CA LYS H 38 23.84 -60.54 15.14
C LYS H 38 23.96 -59.40 16.11
N SER H 39 23.29 -59.51 17.26
CA SER H 39 23.15 -58.34 18.15
C SER H 39 24.52 -57.93 18.65
N GLY H 40 24.72 -56.63 18.83
CA GLY H 40 26.04 -56.12 19.16
C GLY H 40 26.79 -55.61 17.95
N THR H 41 26.70 -56.31 16.84
CA THR H 41 27.26 -55.80 15.59
C THR H 41 26.20 -54.98 14.86
N SER H 42 26.60 -54.44 13.72
CA SER H 42 25.69 -53.79 12.76
C SER H 42 25.06 -54.82 11.84
N PRO H 43 23.96 -54.45 11.17
CA PRO H 43 23.44 -55.30 10.12
C PRO H 43 24.42 -55.46 8.95
N LYS H 44 24.42 -56.66 8.36
CA LYS H 44 25.30 -57.01 7.23
C LYS H 44 24.41 -57.22 6.01
N LEU H 45 24.75 -56.58 4.91
CA LEU H 45 24.01 -56.79 3.67
C LEU H 45 24.43 -58.14 3.06
N LEU H 46 23.45 -59.01 2.81
CA LEU H 46 23.74 -60.30 2.20
C LEU H 46 23.38 -60.38 0.72
N ILE H 47 22.13 -60.02 0.42
CA ILE H 47 21.71 -59.97 -0.95
C ILE H 47 21.04 -58.63 -1.25
N TYR H 48 21.41 -58.05 -2.40
CA TYR H 48 20.84 -56.81 -2.86
C TYR H 48 20.21 -57.02 -4.23
N ILE H 49 19.18 -56.22 -4.50
CA ILE H 49 18.34 -56.36 -5.68
C ILE H 49 18.00 -57.83 -5.94
N THR H 50 17.27 -58.42 -5.00
CA THR H 50 16.65 -59.74 -5.16
C THR H 50 17.61 -60.93 -5.10
N SER H 51 18.71 -60.83 -5.84
CA SER H 51 19.57 -61.98 -6.14
C SER H 51 21.07 -61.71 -6.28
N TYR H 52 21.56 -60.47 -6.23
CA TYR H 52 23.02 -60.26 -6.31
C TYR H 52 23.67 -60.42 -4.95
N LEU H 53 24.86 -61.04 -4.97
CA LEU H 53 25.57 -61.34 -3.73
C LEU H 53 26.45 -60.17 -3.29
N ALA H 54 26.25 -59.67 -2.07
CA ALA H 54 27.05 -58.57 -1.52
C ALA H 54 28.52 -58.97 -1.41
N SER H 55 29.44 -58.01 -1.46
CA SER H 55 30.87 -58.38 -1.51
C SER H 55 31.31 -58.96 -0.19
N GLY H 56 32.09 -60.02 -0.25
CA GLY H 56 32.65 -60.58 0.96
C GLY H 56 31.71 -61.53 1.66
N VAL H 57 30.45 -61.53 1.25
CA VAL H 57 29.54 -62.53 1.75
C VAL H 57 29.84 -63.82 0.99
N PRO H 58 29.91 -64.98 1.70
CA PRO H 58 30.24 -66.27 1.07
C PRO H 58 29.11 -66.76 0.16
N SER H 59 29.47 -67.40 -0.95
CA SER H 59 28.49 -67.70 -2.01
C SER H 59 27.47 -68.78 -1.61
N ARG H 60 27.55 -69.27 -0.38
CA ARG H 60 26.47 -70.10 0.10
C ARG H 60 25.13 -69.33 0.14
N PHE H 61 25.20 -68.00 0.23
CA PHE H 61 23.98 -67.17 0.25
C PHE H 61 23.40 -66.89 -1.15
N SER H 62 22.10 -67.14 -1.33
CA SER H 62 21.47 -67.06 -2.66
C SER H 62 20.24 -66.26 -2.51
N GLY H 63 19.92 -65.50 -3.54
CA GLY H 63 18.68 -64.72 -3.54
C GLY H 63 17.78 -65.04 -4.72
N SER H 64 16.50 -65.27 -4.44
CA SER H 64 15.52 -65.47 -5.51
C SER H 64 14.29 -64.61 -5.23
N GLY H 65 13.33 -64.69 -6.16
CA GLY H 65 12.05 -64.07 -5.94
C GLY H 65 11.65 -63.06 -6.98
N SER H 66 10.41 -62.60 -6.87
CA SER H 66 9.74 -61.88 -7.92
C SER H 66 8.49 -61.24 -7.34
N GLY H 67 8.14 -60.05 -7.85
CA GLY H 67 6.92 -59.33 -7.44
C GLY H 67 6.56 -59.33 -5.96
N THR H 68 5.91 -60.38 -5.50
CA THR H 68 5.32 -60.30 -4.19
C THR H 68 5.83 -61.33 -3.16
N PHE H 69 6.90 -62.04 -3.49
CA PHE H 69 7.34 -63.15 -2.66
C PHE H 69 8.77 -63.49 -2.97
N TYR H 70 9.63 -63.36 -1.96
CA TYR H 70 11.08 -63.47 -2.14
C TYR H 70 11.71 -64.43 -1.16
N SER H 71 12.83 -65.02 -1.58
CA SER H 71 13.47 -66.08 -0.84
C SER H 71 14.95 -65.91 -0.67
N LEU H 72 15.40 -66.14 0.57
CA LEU H 72 16.82 -66.19 0.92
C LEU H 72 17.28 -67.62 1.26
N THR H 73 18.30 -68.12 0.58
CA THR H 73 18.74 -69.51 0.78
C THR H 73 20.20 -69.66 1.18
N ILE H 74 20.43 -70.48 2.21
CA ILE H 74 21.78 -70.80 2.59
C ILE H 74 22.14 -72.17 2.09
N SER H 75 23.06 -72.24 1.12
CA SER H 75 23.42 -73.47 0.42
C SER H 75 23.71 -74.57 1.39
N SER H 76 24.52 -74.27 2.40
CA SER H 76 24.93 -75.26 3.39
C SER H 76 25.34 -74.47 4.62
N VAL H 77 24.53 -74.54 5.67
CA VAL H 77 24.71 -73.60 6.80
C VAL H 77 25.95 -73.91 7.65
N GLU H 78 26.50 -72.84 8.22
CA GLU H 78 27.64 -72.94 9.15
C GLU H 78 27.16 -72.63 10.55
N ALA H 79 27.85 -73.21 11.54
CA ALA H 79 27.52 -72.96 12.94
C ALA H 79 27.27 -71.48 13.22
N GLU H 80 28.12 -70.67 12.58
CA GLU H 80 28.20 -69.23 12.65
C GLU H 80 27.02 -68.54 11.96
N ASP H 81 26.23 -69.28 11.20
CA ASP H 81 25.14 -68.66 10.47
C ASP H 81 23.89 -68.41 11.33
N ALA H 82 23.96 -68.80 12.61
CA ALA H 82 22.86 -68.53 13.55
C ALA H 82 22.80 -67.02 13.72
N ALA H 83 21.68 -66.45 13.36
CA ALA H 83 21.50 -65.01 13.37
C ALA H 83 20.06 -64.61 13.06
N ASP H 84 19.79 -63.31 13.11
CA ASP H 84 18.51 -62.78 12.69
C ASP H 84 18.61 -62.31 11.23
N TYR H 85 17.57 -62.60 10.45
CA TYR H 85 17.57 -62.20 9.05
C TYR H 85 16.35 -61.35 8.70
N TYR H 86 16.62 -60.27 7.98
CA TYR H 86 15.60 -59.31 7.62
C TYR H 86 15.56 -59.09 6.12
N CYS H 87 14.36 -59.16 5.56
CA CYS H 87 14.16 -58.68 4.20
C CYS H 87 13.77 -57.21 4.21
N HIS H 88 13.90 -56.55 3.06
CA HIS H 88 13.82 -55.10 3.00
C HIS H 88 13.46 -54.69 1.60
N GLN H 89 12.43 -53.86 1.44
CA GLN H 89 12.10 -53.26 0.13
C GLN H 89 12.24 -51.79 0.23
N TRP H 90 12.65 -51.18 -0.89
CA TRP H 90 12.63 -49.72 -0.99
C TRP H 90 12.20 -49.37 -2.38
N SER H 91 11.10 -49.96 -2.82
CA SER H 91 10.60 -49.80 -4.17
C SER H 91 9.45 -48.85 -4.19
N THR H 92 8.70 -48.78 -3.08
CA THR H 92 7.73 -47.69 -2.87
C THR H 92 7.82 -47.19 -1.43
N PHE H 93 7.57 -45.88 -1.29
CA PHE H 93 7.65 -45.18 -0.02
C PHE H 93 6.49 -45.56 0.87
N PRO H 94 6.74 -45.77 2.19
CA PRO H 94 8.03 -45.72 2.86
C PRO H 94 8.75 -47.03 2.80
N SER H 95 10.07 -46.98 2.94
CA SER H 95 10.84 -48.22 2.97
C SER H 95 10.49 -48.96 4.22
N THR H 96 10.43 -50.28 4.10
CA THR H 96 10.00 -51.12 5.21
C THR H 96 10.82 -52.41 5.26
N PHE H 97 10.96 -52.93 6.48
CA PHE H 97 11.75 -54.11 6.73
C PHE H 97 10.88 -55.31 7.06
N GLY H 98 11.46 -56.49 6.99
CA GLY H 98 10.75 -57.71 7.33
C GLY H 98 10.55 -57.86 8.82
N SER H 99 9.62 -58.75 9.18
CA SER H 99 9.31 -59.06 10.58
C SER H 99 10.47 -59.82 11.20
N GLY H 100 11.34 -60.37 10.36
CA GLY H 100 12.54 -61.08 10.81
C GLY H 100 12.34 -62.55 11.14
N THR H 101 13.27 -63.37 10.65
CA THR H 101 13.31 -64.79 11.00
C THR H 101 14.62 -65.05 11.71
N LYS H 102 14.56 -65.75 12.85
CA LYS H 102 15.77 -66.17 13.57
C LYS H 102 16.19 -67.56 13.19
N LEU H 103 17.48 -67.72 12.85
CA LEU H 103 18.00 -69.03 12.49
C LEU H 103 18.63 -69.76 13.69
N GLU H 104 18.11 -70.93 14.00
CA GLU H 104 18.69 -71.73 15.05
C GLU H 104 19.35 -72.92 14.40
N ILE H 105 20.53 -73.29 14.89
CA ILE H 105 21.20 -74.49 14.39
C ILE H 105 20.77 -75.71 15.21
N LYS H 106 20.50 -76.80 14.51
CA LYS H 106 20.16 -78.06 15.11
C LYS H 106 21.44 -78.86 15.37
N ARG H 107 21.59 -79.35 16.59
CA ARG H 107 22.75 -80.17 16.95
C ARG H 107 22.36 -81.29 17.87
N ALA H 108 23.35 -82.03 18.39
CA ALA H 108 23.05 -83.17 19.25
C ALA H 108 22.85 -82.70 20.68
N ASP H 109 22.04 -83.40 21.45
CA ASP H 109 21.78 -83.06 22.87
C ASP H 109 23.07 -82.90 23.69
N ALA H 110 23.21 -81.80 24.44
CA ALA H 110 24.40 -81.60 25.29
C ALA H 110 23.95 -81.28 26.71
N ALA H 111 24.59 -81.90 27.70
CA ALA H 111 24.20 -81.66 29.08
C ALA H 111 24.95 -80.49 29.71
N PRO H 112 24.23 -79.67 30.49
CA PRO H 112 24.83 -78.46 31.06
C PRO H 112 26.01 -78.76 32.00
N THR H 113 27.01 -77.90 32.00
CA THR H 113 28.10 -78.07 32.96
C THR H 113 27.84 -77.05 34.02
N VAL H 114 27.24 -77.52 35.11
CA VAL H 114 26.74 -76.63 36.15
C VAL H 114 27.81 -76.39 37.22
N SER H 115 28.11 -75.11 37.48
CA SER H 115 29.08 -74.77 38.51
C SER H 115 28.53 -73.71 39.43
N ILE H 116 28.68 -73.91 40.75
CA ILE H 116 28.09 -72.99 41.71
C ILE H 116 29.18 -72.19 42.43
N PHE H 117 28.93 -70.87 42.58
CA PHE H 117 29.90 -69.99 43.25
C PHE H 117 29.31 -69.27 44.46
N PRO H 118 29.91 -69.46 45.65
CA PRO H 118 29.50 -68.72 46.85
C PRO H 118 29.80 -67.23 46.72
N PRO H 119 29.26 -66.41 47.62
CA PRO H 119 29.63 -65.00 47.57
C PRO H 119 31.12 -64.78 47.83
N SER H 120 31.72 -63.85 47.08
CA SER H 120 33.10 -63.41 47.28
C SER H 120 33.23 -62.70 48.60
N SER H 121 34.36 -62.85 49.26
CA SER H 121 34.48 -62.25 50.57
C SER H 121 34.38 -60.74 50.48
N GLU H 122 34.79 -60.18 49.34
CA GLU H 122 34.70 -58.72 49.11
C GLU H 122 33.26 -58.19 49.04
N GLN H 123 32.38 -58.96 48.41
CA GLN H 123 30.97 -58.60 48.36
C GLN H 123 30.37 -58.67 49.75
N LEU H 124 30.87 -59.60 50.55
CA LEU H 124 30.45 -59.75 51.93
C LEU H 124 30.95 -58.61 52.78
N THR H 125 31.99 -57.91 52.33
CA THR H 125 32.54 -56.77 53.07
C THR H 125 31.56 -55.59 53.05
N SER H 126 30.87 -55.40 51.93
CA SER H 126 29.68 -54.55 51.91
C SER H 126 28.49 -55.45 52.24
N GLY H 127 27.31 -54.86 52.43
CA GLY H 127 26.10 -55.58 52.84
C GLY H 127 25.81 -56.95 52.22
N GLY H 128 25.97 -57.07 50.91
CA GLY H 128 25.40 -58.20 50.15
C GLY H 128 26.11 -59.54 50.14
N ALA H 129 25.43 -60.53 49.53
CA ALA H 129 25.92 -61.89 49.31
C ALA H 129 25.14 -62.56 48.18
N SER H 130 25.82 -62.70 47.04
CA SER H 130 25.21 -63.23 45.83
C SER H 130 25.78 -64.60 45.52
N VAL H 131 24.88 -65.57 45.33
CA VAL H 131 25.28 -66.90 44.89
C VAL H 131 24.99 -67.06 43.39
N VAL H 132 26.03 -67.42 42.65
CA VAL H 132 25.99 -67.53 41.19
C VAL H 132 26.02 -69.00 40.76
N CYS H 133 25.27 -69.31 39.72
CA CYS H 133 25.28 -70.66 39.19
C CYS H 133 25.34 -70.63 37.68
N PHE H 134 26.41 -71.18 37.11
CA PHE H 134 26.58 -71.25 35.65
C PHE H 134 26.25 -72.61 35.09
N LEU H 135 25.33 -72.63 34.14
CA LEU H 135 24.98 -73.83 33.39
C LEU H 135 25.36 -73.57 31.93
N ASN H 136 26.47 -74.19 31.51
CA ASN H 136 27.08 -73.86 30.23
C ASN H 136 27.04 -74.98 29.23
N ASN H 137 27.03 -74.56 27.97
CA ASN H 137 27.07 -75.42 26.79
C ASN H 137 26.14 -76.63 26.84
N PHE H 138 24.84 -76.36 26.77
CA PHE H 138 23.84 -77.41 26.79
C PHE H 138 22.96 -77.25 25.57
N TYR H 139 22.16 -78.28 25.28
CA TYR H 139 21.25 -78.26 24.15
C TYR H 139 20.26 -79.37 24.36
N PRO H 140 18.97 -79.13 24.08
CA PRO H 140 18.31 -77.94 23.51
C PRO H 140 18.18 -76.74 24.43
N LYS H 141 17.70 -75.65 23.85
CA LYS H 141 17.58 -74.33 24.45
C LYS H 141 16.86 -74.34 25.78
N ASP H 142 15.74 -75.04 25.89
CA ASP H 142 14.92 -75.06 27.14
C ASP H 142 15.58 -75.76 28.32
N ILE H 143 15.71 -75.00 29.40
CA ILE H 143 16.18 -75.47 30.70
C ILE H 143 15.43 -74.60 31.71
N ASN H 144 15.29 -75.05 32.96
CA ASN H 144 15.15 -74.07 34.04
C ASN H 144 15.66 -74.53 35.38
N VAL H 145 15.98 -73.52 36.20
CA VAL H 145 16.77 -73.66 37.43
C VAL H 145 15.92 -73.30 38.62
N LYS H 146 16.10 -74.01 39.73
CA LYS H 146 15.38 -73.79 40.97
C LYS H 146 16.45 -73.60 42.05
N TRP H 147 16.27 -72.65 42.96
CA TRP H 147 17.23 -72.48 44.06
C TRP H 147 16.69 -73.06 45.37
N LYS H 148 17.59 -73.67 46.15
CA LYS H 148 17.22 -74.17 47.47
C LYS H 148 18.21 -73.77 48.55
N ILE H 149 17.80 -72.85 49.42
CA ILE H 149 18.55 -72.56 50.66
C ILE H 149 18.10 -73.55 51.77
N ASP H 150 19.01 -74.43 52.18
CA ASP H 150 18.70 -75.50 53.15
C ASP H 150 17.53 -76.36 52.74
N GLY H 151 17.44 -76.65 51.44
CA GLY H 151 16.39 -77.55 50.95
C GLY H 151 15.02 -76.90 50.77
N SER H 152 14.86 -75.66 51.23
CA SER H 152 13.66 -74.87 50.93
C SER H 152 13.85 -74.07 49.65
N GLU H 153 12.82 -74.09 48.82
CA GLU H 153 12.90 -73.53 47.49
C GLU H 153 12.75 -72.01 47.52
N ARG H 154 13.84 -71.32 47.21
CA ARG H 154 13.84 -69.87 47.26
C ARG H 154 13.41 -69.33 45.92
N GLN H 155 12.54 -68.34 45.97
CA GLN H 155 11.88 -67.79 44.78
C GLN H 155 12.48 -66.47 44.35
N ASN H 156 12.48 -65.52 45.29
CA ASN H 156 12.82 -64.12 45.06
C ASN H 156 14.30 -63.82 45.24
N GLY H 157 14.80 -62.81 44.53
CA GLY H 157 16.21 -62.44 44.60
C GLY H 157 17.05 -63.15 43.55
N VAL H 158 16.38 -64.02 42.78
CA VAL H 158 17.01 -64.80 41.71
C VAL H 158 16.91 -64.03 40.41
N LEU H 159 18.04 -63.84 39.74
CA LEU H 159 18.06 -63.12 38.47
C LEU H 159 18.81 -63.92 37.43
N ASN H 160 18.14 -64.16 36.30
CA ASN H 160 18.68 -65.02 35.27
C ASN H 160 18.96 -64.31 33.98
N SER H 161 19.97 -64.78 33.28
CA SER H 161 20.40 -64.27 32.00
C SER H 161 20.83 -65.49 31.19
N TRP H 162 20.46 -65.53 29.91
CA TRP H 162 20.83 -66.65 29.00
C TRP H 162 21.59 -66.10 27.80
N THR H 163 22.55 -66.84 27.24
CA THR H 163 23.35 -66.33 26.09
C THR H 163 22.68 -66.67 24.78
N ASP H 164 23.06 -65.97 23.71
CA ASP H 164 22.67 -66.37 22.34
C ASP H 164 23.24 -67.74 22.04
N GLN H 165 22.72 -68.39 21.01
CA GLN H 165 23.30 -69.69 20.60
C GLN H 165 24.77 -69.51 20.26
N ASP H 166 25.57 -70.54 20.44
CA ASP H 166 27.01 -70.39 20.21
C ASP H 166 27.33 -70.34 18.74
N SER H 167 28.23 -69.44 18.35
CA SER H 167 28.57 -69.35 16.95
C SER H 167 29.58 -70.42 16.55
N LYS H 168 30.03 -71.19 17.54
CA LYS H 168 31.00 -72.25 17.32
C LYS H 168 30.38 -73.60 17.50
N ASP H 169 29.90 -73.92 18.70
CA ASP H 169 29.38 -75.27 18.96
C ASP H 169 27.85 -75.36 19.01
N SER H 170 27.21 -74.23 18.73
CA SER H 170 25.75 -74.13 18.68
C SER H 170 24.98 -74.63 19.93
N THR H 171 25.59 -74.45 21.10
CA THR H 171 24.95 -74.76 22.40
C THR H 171 24.53 -73.48 23.09
N TYR H 172 23.69 -73.63 24.11
CA TYR H 172 23.19 -72.50 24.91
C TYR H 172 23.85 -72.54 26.28
N SER H 173 23.83 -71.42 27.00
CA SER H 173 24.39 -71.31 28.35
C SER H 173 23.61 -70.29 29.18
N MET H 174 23.59 -70.49 30.50
CA MET H 174 22.71 -69.70 31.38
C MET H 174 23.35 -69.34 32.72
N SER H 175 23.18 -68.08 33.15
CA SER H 175 23.62 -67.64 34.49
C SER H 175 22.42 -67.36 35.40
N SER H 176 22.53 -67.87 36.62
CA SER H 176 21.52 -67.69 37.62
C SER H 176 22.18 -67.12 38.88
N THR H 177 21.66 -66.01 39.35
CA THR H 177 22.24 -65.32 40.50
C THR H 177 21.21 -65.00 41.59
N LEU H 178 21.38 -65.68 42.71
CA LEU H 178 20.58 -65.47 43.89
C LEU H 178 21.27 -64.48 44.80
N THR H 179 20.65 -63.31 44.98
CA THR H 179 21.21 -62.27 45.85
C THR H 179 20.47 -62.15 47.16
N LEU H 180 21.23 -62.05 48.25
CA LEU H 180 20.64 -61.92 49.58
C LEU H 180 21.42 -60.89 50.39
N THR H 181 20.92 -60.57 51.58
CA THR H 181 21.71 -59.79 52.53
C THR H 181 22.75 -60.71 53.19
N LYS H 182 23.79 -60.14 53.78
CA LYS H 182 24.84 -60.94 54.41
C LYS H 182 24.29 -61.77 55.57
N ASP H 183 23.41 -61.19 56.38
CA ASP H 183 22.87 -61.87 57.57
C ASP H 183 21.92 -63.00 57.19
N GLU H 184 21.04 -62.69 56.25
CA GLU H 184 20.12 -63.66 55.69
C GLU H 184 20.91 -64.86 55.22
N TYR H 185 21.96 -64.58 54.43
CA TYR H 185 22.86 -65.59 53.86
C TYR H 185 23.53 -66.40 54.95
N GLU H 186 23.93 -65.72 56.03
CA GLU H 186 24.58 -66.37 57.17
C GLU H 186 23.65 -67.17 58.11
N ARG H 187 22.34 -66.96 58.00
CA ARG H 187 21.37 -67.74 58.77
C ARG H 187 21.26 -69.21 58.33
N HIS H 188 21.63 -69.52 57.09
CA HIS H 188 21.47 -70.88 56.52
C HIS H 188 22.78 -71.48 56.08
N ASN H 189 22.90 -72.81 56.08
CA ASN H 189 24.16 -73.45 55.71
C ASN H 189 24.29 -73.97 54.28
N SER H 190 23.25 -74.61 53.78
CA SER H 190 23.36 -75.37 52.53
C SER H 190 22.72 -74.68 51.32
N TYR H 191 23.50 -74.49 50.26
CA TYR H 191 23.04 -73.75 49.08
C TYR H 191 22.99 -74.57 47.77
N THR H 192 21.78 -74.79 47.24
CA THR H 192 21.60 -75.64 46.06
C THR H 192 20.98 -74.95 44.86
N CYS H 193 21.60 -75.23 43.73
CA CYS H 193 21.20 -74.80 42.42
C CYS H 193 20.83 -76.05 41.61
N GLU H 194 19.56 -76.16 41.26
CA GLU H 194 19.03 -77.38 40.71
C GLU H 194 18.27 -77.13 39.43
N ALA H 195 18.64 -77.85 38.37
CA ALA H 195 18.12 -77.60 37.01
C ALA H 195 17.60 -78.84 36.32
N THR H 196 16.37 -78.76 35.82
CA THR H 196 15.84 -79.82 34.98
C THR H 196 16.10 -79.43 33.55
N HIS H 197 16.47 -80.44 32.78
CA HIS H 197 16.81 -80.32 31.37
C HIS H 197 16.44 -81.65 30.70
N LYS H 198 16.30 -81.65 29.38
CA LYS H 198 16.06 -82.88 28.64
C LYS H 198 17.12 -83.95 28.94
N THR H 199 18.39 -83.58 29.11
CA THR H 199 19.47 -84.56 29.13
C THR H 199 19.55 -85.46 30.38
N SER H 200 18.88 -85.08 31.44
CA SER H 200 18.91 -85.85 32.70
C SER H 200 17.50 -86.20 33.19
N THR H 201 17.27 -87.45 33.61
CA THR H 201 15.98 -87.77 34.19
C THR H 201 15.79 -86.98 35.49
N SER H 202 16.54 -87.32 36.54
CA SER H 202 16.56 -86.50 37.76
C SER H 202 17.25 -85.15 37.53
N PRO H 203 16.74 -84.08 38.15
CA PRO H 203 17.38 -82.77 38.04
C PRO H 203 18.88 -82.74 38.31
N ILE H 204 19.59 -81.92 37.55
CA ILE H 204 21.03 -81.74 37.77
C ILE H 204 21.20 -80.79 38.94
N VAL H 205 21.88 -81.28 39.98
CA VAL H 205 21.99 -80.61 41.25
C VAL H 205 23.45 -80.25 41.55
N LYS H 206 23.73 -78.99 41.87
CA LYS H 206 25.05 -78.60 42.39
C LYS H 206 24.89 -77.77 43.63
N SER H 207 25.52 -78.24 44.69
CA SER H 207 25.31 -77.65 46.00
C SER H 207 26.62 -77.48 46.75
N PHE H 208 26.62 -76.58 47.73
CA PHE H 208 27.78 -76.38 48.63
C PHE H 208 27.34 -76.11 50.04
N ASN H 209 28.26 -76.24 50.99
CA ASN H 209 27.99 -75.89 52.38
C ASN H 209 28.94 -74.78 52.83
N ARG H 210 28.52 -73.93 53.75
CA ARG H 210 29.43 -72.95 54.29
C ARG H 210 30.52 -73.57 55.21
N ASN H 211 30.34 -74.83 55.59
CA ASN H 211 31.37 -75.61 56.29
C ASN H 211 32.61 -75.91 55.42
N GLU H 212 32.36 -76.09 54.12
CA GLU H 212 33.25 -76.75 53.16
C GLU H 212 33.53 -78.21 53.53
N ASP I 1 9.45 60.59 -12.56
CA ASP I 1 9.34 61.89 -13.27
C ASP I 1 8.82 61.82 -14.73
N VAL I 2 7.53 61.54 -14.96
CA VAL I 2 6.90 61.80 -16.25
C VAL I 2 6.90 63.34 -16.32
N LEU I 3 7.63 63.97 -17.25
CA LEU I 3 7.57 65.44 -17.33
C LEU I 3 6.45 65.97 -18.23
N MET I 4 5.73 66.97 -17.72
CA MET I 4 4.55 67.46 -18.41
C MET I 4 4.80 68.75 -19.12
N THR I 5 4.75 68.76 -20.44
CA THR I 5 5.11 69.99 -21.13
C THR I 5 3.92 70.71 -21.69
N GLN I 6 3.65 71.89 -21.15
CA GLN I 6 2.48 72.63 -21.56
C GLN I 6 2.87 73.73 -22.53
N THR I 7 2.46 73.60 -23.78
CA THR I 7 2.81 74.61 -24.76
C THR I 7 1.62 75.27 -25.51
N PRO I 8 1.76 76.58 -25.80
CA PRO I 8 2.87 77.39 -25.29
C PRO I 8 2.65 77.90 -23.87
N THR I 9 3.63 78.63 -23.39
CA THR I 9 3.70 79.09 -22.01
C THR I 9 2.58 80.07 -21.67
N ILE I 10 2.36 81.00 -22.62
CA ILE I 10 1.28 81.99 -22.59
C ILE I 10 0.44 81.80 -23.84
N MET I 11 -0.88 81.85 -23.70
CA MET I 11 -1.81 81.85 -24.83
C MET I 11 -2.85 82.97 -24.66
N SER I 12 -3.19 83.62 -25.77
CA SER I 12 -4.22 84.64 -25.77
C SER I 12 -5.53 84.04 -26.35
N ALA I 13 -6.70 84.53 -25.91
CA ALA I 13 -8.03 84.14 -26.44
C ALA I 13 -9.01 85.31 -26.34
N SER I 14 -9.87 85.49 -27.34
CA SER I 14 -10.90 86.55 -27.30
C SER I 14 -12.13 86.12 -26.51
N ILE I 15 -12.80 87.09 -25.89
CA ILE I 15 -13.96 86.83 -25.00
C ILE I 15 -14.99 86.08 -25.78
N GLY I 16 -15.51 85.00 -25.19
CA GLY I 16 -16.57 84.22 -25.82
C GLY I 16 -16.11 83.14 -26.79
N GLU I 17 -14.85 83.18 -27.19
CA GLU I 17 -14.35 82.17 -28.10
C GLU I 17 -13.80 80.97 -27.35
N GLU I 18 -13.52 79.90 -28.09
CA GLU I 18 -12.95 78.73 -27.46
C GLU I 18 -11.46 78.72 -27.61
N ILE I 19 -10.81 78.14 -26.63
CA ILE I 19 -9.38 77.91 -26.70
C ILE I 19 -9.06 76.53 -26.15
N THR I 20 -7.98 75.93 -26.66
CA THR I 20 -7.53 74.65 -26.12
C THR I 20 -6.08 74.71 -25.63
N LEU I 21 -5.85 74.22 -24.42
CA LEU I 21 -4.50 74.09 -23.91
C LEU I 21 -4.06 72.64 -23.96
N THR I 22 -2.78 72.44 -24.26
CA THR I 22 -2.25 71.07 -24.38
C THR I 22 -1.27 70.76 -23.26
N CYS I 23 -1.01 69.47 -23.11
CA CYS I 23 -0.16 68.91 -22.07
C CYS I 23 0.41 67.62 -22.59
N SER I 24 1.73 67.59 -22.70
CA SER I 24 2.40 66.53 -23.43
C SER I 24 3.39 65.79 -22.55
N ALA I 25 3.00 64.58 -22.21
CA ALA I 25 3.70 63.74 -21.25
C ALA I 25 4.96 63.13 -21.84
N SER I 26 6.04 63.10 -21.07
CA SER I 26 7.26 62.46 -21.54
C SER I 26 7.08 60.97 -21.76
N SER I 27 6.11 60.38 -21.06
CA SER I 27 5.78 58.96 -21.11
C SER I 27 4.30 58.84 -20.96
N SER I 28 3.75 57.71 -21.43
CA SER I 28 2.32 57.52 -21.46
C SER I 28 1.73 57.41 -20.04
N VAL I 29 0.56 58.04 -19.81
CA VAL I 29 -0.17 57.93 -18.54
C VAL I 29 -1.66 57.54 -18.74
N SER I 30 -2.28 57.06 -17.66
CA SER I 30 -3.69 56.64 -17.67
C SER I 30 -4.65 57.80 -17.90
N HIS I 31 -4.31 58.97 -17.38
CA HIS I 31 -5.24 60.10 -17.46
C HIS I 31 -4.60 61.36 -16.90
N MET I 32 -5.20 62.50 -17.25
CA MET I 32 -4.75 63.77 -16.73
C MET I 32 -5.82 64.45 -15.89
N HIS I 33 -5.37 65.31 -14.98
CA HIS I 33 -6.24 66.19 -14.23
C HIS I 33 -5.81 67.58 -14.61
N TRP I 34 -6.74 68.53 -14.50
CA TRP I 34 -6.42 69.90 -14.76
C TRP I 34 -6.89 70.85 -13.66
N TYR I 35 -6.02 71.82 -13.35
CA TYR I 35 -6.27 72.83 -12.33
C TYR I 35 -6.16 74.23 -12.86
N GLN I 36 -6.99 75.11 -12.32
CA GLN I 36 -6.88 76.52 -12.56
C GLN I 36 -6.21 77.09 -11.31
N HIS I 37 -5.34 78.08 -11.50
CA HIS I 37 -4.70 78.78 -10.39
C HIS I 37 -4.66 80.27 -10.65
N LYS I 38 -5.16 81.05 -9.70
CA LYS I 38 -5.01 82.50 -9.69
C LYS I 38 -4.30 82.76 -8.39
N SER I 39 -3.20 83.52 -8.43
CA SER I 39 -2.37 83.69 -7.22
C SER I 39 -3.20 84.37 -6.12
N GLY I 40 -2.94 83.98 -4.88
CA GLY I 40 -3.76 84.41 -3.77
C GLY I 40 -4.78 83.37 -3.37
N THR I 41 -5.41 82.74 -4.35
CA THR I 41 -6.31 81.63 -4.06
C THR I 41 -5.53 80.32 -4.09
N SER I 42 -6.25 79.23 -3.79
CA SER I 42 -5.75 77.87 -3.95
C SER I 42 -5.98 77.39 -5.37
N PRO I 43 -5.29 76.32 -5.77
CA PRO I 43 -5.65 75.66 -7.02
C PRO I 43 -7.07 75.09 -6.97
N LYS I 44 -7.77 75.15 -8.11
CA LYS I 44 -9.16 74.73 -8.22
C LYS I 44 -9.15 73.59 -9.24
N LEU I 45 -9.77 72.46 -8.88
CA LEU I 45 -9.80 71.32 -9.79
C LEU I 45 -10.84 71.58 -10.88
N LEU I 46 -10.43 71.50 -12.15
CA LEU I 46 -11.35 71.71 -13.28
C LEU I 46 -11.82 70.41 -13.92
N ILE I 47 -10.86 69.57 -14.28
CA ILE I 47 -11.17 68.30 -14.84
C ILE I 47 -10.37 67.21 -14.12
N TYR I 48 -11.06 66.12 -13.79
CA TYR I 48 -10.42 64.95 -13.19
C TYR I 48 -10.60 63.73 -14.08
N ILE I 49 -9.64 62.80 -13.97
CA ILE I 49 -9.57 61.63 -14.83
C ILE I 49 -9.87 61.99 -16.29
N THR I 50 -8.98 62.79 -16.87
CA THR I 50 -8.96 63.09 -18.32
C THR I 50 -10.08 64.01 -18.82
N SER I 51 -11.31 63.70 -18.41
CA SER I 51 -12.47 64.26 -19.04
C SER I 51 -13.68 64.56 -18.14
N TYR I 52 -13.70 64.15 -16.87
CA TYR I 52 -14.87 64.46 -16.02
C TYR I 52 -14.81 65.85 -15.43
N LEU I 53 -15.96 66.51 -15.38
CA LEU I 53 -16.02 67.88 -14.92
C LEU I 53 -16.20 67.96 -13.39
N ALA I 54 -15.27 68.66 -12.72
CA ALA I 54 -15.31 68.84 -11.27
C ALA I 54 -16.59 69.56 -10.83
N SER I 55 -17.00 69.34 -9.59
CA SER I 55 -18.25 69.90 -9.09
C SER I 55 -18.16 71.41 -9.02
N GLY I 56 -19.19 72.09 -9.48
CA GLY I 56 -19.25 73.52 -9.37
C GLY I 56 -18.48 74.23 -10.46
N VAL I 57 -17.68 73.51 -11.22
CA VAL I 57 -17.00 74.12 -12.34
C VAL I 57 -18.02 74.25 -13.48
N PRO I 58 -18.05 75.42 -14.18
CA PRO I 58 -19.00 75.64 -15.28
C PRO I 58 -18.68 74.79 -16.52
N SER I 59 -19.70 74.27 -17.18
CA SER I 59 -19.49 73.25 -18.21
C SER I 59 -18.86 73.79 -19.49
N ARG I 60 -18.49 75.06 -19.49
CA ARG I 60 -17.61 75.53 -20.56
C ARG I 60 -16.27 74.75 -20.59
N PHE I 61 -15.86 74.21 -19.44
CA PHE I 61 -14.61 73.44 -19.37
C PHE I 61 -14.75 71.99 -19.82
N SER I 62 -13.87 71.53 -20.72
CA SER I 62 -13.99 70.19 -21.32
C SER I 62 -12.66 69.53 -21.22
N GLY I 63 -12.66 68.23 -21.05
CA GLY I 63 -11.40 67.47 -20.97
C GLY I 63 -11.28 66.37 -21.99
N SER I 64 -10.17 66.34 -22.73
CA SER I 64 -9.94 65.25 -23.69
C SER I 64 -8.54 64.68 -23.53
N GLY I 65 -8.21 63.68 -24.33
CA GLY I 65 -6.87 63.15 -24.37
C GLY I 65 -6.73 61.69 -24.05
N SER I 66 -5.52 61.17 -24.21
CA SER I 66 -5.26 59.75 -24.26
C SER I 66 -3.74 59.52 -24.17
N GLY I 67 -3.34 58.43 -23.52
CA GLY I 67 -1.92 58.06 -23.38
C GLY I 67 -0.91 59.17 -23.11
N THR I 68 -0.47 59.84 -24.14
CA THR I 68 0.67 60.72 -23.97
C THR I 68 0.41 62.21 -24.27
N PHE I 69 -0.85 62.60 -24.42
CA PHE I 69 -1.14 63.94 -24.89
C PHE I 69 -2.58 64.29 -24.58
N TYR I 70 -2.76 65.33 -23.79
CA TYR I 70 -4.07 65.67 -23.25
C TYR I 70 -4.40 67.13 -23.48
N SER I 71 -5.70 67.40 -23.54
CA SER I 71 -6.20 68.73 -23.86
C SER I 71 -7.28 69.24 -22.92
N LEU I 72 -7.14 70.50 -22.54
CA LEU I 72 -8.14 71.25 -21.79
C LEU I 72 -8.76 72.39 -22.65
N THR I 73 -10.08 72.39 -22.76
CA THR I 73 -10.77 73.34 -23.63
C THR I 73 -11.84 74.17 -22.94
N ILE I 74 -11.79 75.48 -23.21
CA ILE I 74 -12.79 76.37 -22.68
C ILE I 74 -13.74 76.74 -23.80
N SER I 75 -15.00 76.29 -23.68
CA SER I 75 -16.01 76.44 -24.72
C SER I 75 -16.10 77.85 -25.18
N SER I 76 -16.15 78.79 -24.24
CA SER I 76 -16.32 80.19 -24.54
C SER I 76 -15.80 80.98 -23.35
N VAL I 77 -14.65 81.63 -23.51
CA VAL I 77 -13.94 82.17 -22.34
C VAL I 77 -14.60 83.40 -21.74
N GLU I 78 -14.42 83.54 -20.43
CA GLU I 78 -14.90 84.68 -19.65
C GLU I 78 -13.73 85.57 -19.29
N ALA I 79 -13.98 86.87 -19.15
CA ALA I 79 -12.94 87.81 -18.70
C ALA I 79 -12.11 87.24 -17.54
N GLU I 80 -12.84 86.63 -16.63
CA GLU I 80 -12.39 86.04 -15.37
C GLU I 80 -11.59 84.73 -15.56
N ASP I 81 -11.60 84.21 -16.78
CA ASP I 81 -10.88 82.97 -17.01
C ASP I 81 -9.37 83.18 -17.22
N ALA I 82 -8.92 84.45 -17.16
CA ALA I 82 -7.48 84.78 -17.20
C ALA I 82 -6.87 84.22 -15.94
N ALA I 83 -5.96 83.26 -16.13
CA ALA I 83 -5.41 82.48 -15.01
C ALA I 83 -4.33 81.55 -15.50
N ASP I 84 -3.70 80.86 -14.57
CA ASP I 84 -2.70 79.86 -14.86
C ASP I 84 -3.35 78.49 -14.85
N TYR I 85 -2.99 77.65 -15.82
CA TYR I 85 -3.57 76.32 -15.88
C TYR I 85 -2.50 75.23 -15.87
N TYR I 86 -2.75 74.23 -15.04
CA TYR I 86 -1.80 73.16 -14.79
C TYR I 86 -2.40 71.79 -15.03
N CYS I 87 -1.72 70.98 -15.83
CA CYS I 87 -2.08 69.57 -15.91
C CYS I 87 -1.30 68.78 -14.85
N HIS I 88 -1.77 67.57 -14.59
CA HIS I 88 -1.27 66.81 -13.45
C HIS I 88 -1.52 65.35 -13.72
N GLN I 89 -0.48 64.53 -13.56
CA GLN I 89 -0.64 63.07 -13.59
C GLN I 89 -0.24 62.52 -12.26
N TRP I 90 -0.92 61.43 -11.87
CA TRP I 90 -0.49 60.66 -10.71
C TRP I 90 -0.74 59.21 -11.05
N SER I 91 -0.23 58.79 -12.20
CA SER I 91 -0.41 57.44 -12.69
C SER I 91 0.84 56.63 -12.44
N THR I 92 1.99 57.29 -12.41
CA THR I 92 3.23 56.69 -11.89
C THR I 92 3.98 57.67 -11.00
N PHE I 93 4.63 57.10 -9.99
CA PHE I 93 5.39 57.84 -9.01
C PHE I 93 6.68 58.39 -9.61
N PRO I 94 7.05 59.64 -9.29
CA PRO I 94 6.36 60.57 -8.43
C PRO I 94 5.34 61.37 -9.22
N SER I 95 4.35 61.89 -8.50
CA SER I 95 3.33 62.68 -9.14
C SER I 95 3.99 63.96 -9.59
N THR I 96 3.57 64.43 -10.76
CA THR I 96 4.17 65.61 -11.35
C THR I 96 3.12 66.53 -11.97
N PHE I 97 3.45 67.82 -11.96
CA PHE I 97 2.58 68.83 -12.51
C PHE I 97 3.07 69.36 -13.82
N GLY I 98 2.19 70.00 -14.57
CA GLY I 98 2.56 70.64 -15.83
C GLY I 98 3.41 71.88 -15.63
N SER I 99 4.06 72.31 -16.71
CA SER I 99 4.86 73.53 -16.71
C SER I 99 3.98 74.74 -16.55
N GLY I 100 2.69 74.58 -16.87
CA GLY I 100 1.69 75.64 -16.72
C GLY I 100 1.56 76.57 -17.90
N THR I 101 0.31 76.84 -18.30
CA THR I 101 0.03 77.77 -19.39
C THR I 101 -0.77 78.93 -18.82
N LYS I 102 -0.34 80.16 -19.13
CA LYS I 102 -1.10 81.34 -18.71
C LYS I 102 -2.07 81.81 -19.77
N LEU I 103 -3.32 82.04 -19.38
CA LEU I 103 -4.33 82.54 -20.31
C LEU I 103 -4.47 84.06 -20.27
N GLU I 104 -4.24 84.71 -21.40
CA GLU I 104 -4.46 86.14 -21.50
C GLU I 104 -5.66 86.39 -22.35
N ILE I 105 -6.49 87.34 -21.96
CA ILE I 105 -7.67 87.70 -22.75
C ILE I 105 -7.32 88.80 -23.73
N LYS I 106 -7.78 88.64 -24.96
CA LYS I 106 -7.61 89.62 -26.01
C LYS I 106 -8.78 90.60 -25.97
N ARG I 107 -8.46 91.89 -25.96
CA ARG I 107 -9.49 92.93 -25.91
C ARG I 107 -9.06 94.11 -26.78
N ALA I 108 -9.83 95.19 -26.73
CA ALA I 108 -9.55 96.35 -27.58
C ALA I 108 -8.49 97.23 -26.92
N ASP I 109 -7.67 97.92 -27.73
CA ASP I 109 -6.62 98.82 -27.22
C ASP I 109 -7.17 99.84 -26.22
N ALA I 110 -6.54 99.99 -25.06
CA ALA I 110 -6.96 100.98 -24.08
C ALA I 110 -5.79 101.84 -23.68
N ALA I 111 -5.99 103.14 -23.60
CA ALA I 111 -4.90 104.04 -23.22
C ALA I 111 -4.77 104.23 -21.69
N PRO I 112 -3.54 104.20 -21.18
CA PRO I 112 -3.30 104.34 -19.75
C PRO I 112 -3.81 105.66 -19.16
N THR I 113 -4.34 105.64 -17.95
CA THR I 113 -4.74 106.87 -17.30
C THR I 113 -3.67 107.18 -16.28
N VAL I 114 -2.77 108.06 -16.70
CA VAL I 114 -1.55 108.32 -15.96
C VAL I 114 -1.76 109.46 -14.96
N SER I 115 -1.45 109.19 -13.69
CA SER I 115 -1.52 110.22 -12.65
C SER I 115 -0.22 110.25 -11.86
N ILE I 116 0.29 111.46 -11.62
CA ILE I 116 1.56 111.62 -10.96
C ILE I 116 1.36 112.25 -9.59
N PHE I 117 2.06 111.72 -8.59
CA PHE I 117 1.96 112.21 -7.21
C PHE I 117 3.31 112.63 -6.62
N PRO I 118 3.43 113.92 -6.21
CA PRO I 118 4.62 114.40 -5.51
C PRO I 118 4.80 113.72 -4.15
N PRO I 119 5.99 113.87 -3.53
CA PRO I 119 6.15 113.29 -2.20
C PRO I 119 5.22 113.95 -1.19
N SER I 120 4.65 113.13 -0.29
CA SER I 120 3.85 113.61 0.84
C SER I 120 4.71 114.42 1.78
N SER I 121 4.15 115.44 2.38
CA SER I 121 4.95 116.27 3.25
C SER I 121 5.46 115.45 4.44
N GLU I 122 4.72 114.42 4.85
CA GLU I 122 5.16 113.54 5.95
C GLU I 122 6.41 112.73 5.65
N GLN I 123 6.51 112.25 4.41
CA GLN I 123 7.70 111.51 3.97
C GLN I 123 8.88 112.45 3.92
N LEU I 124 8.61 113.71 3.60
CA LEU I 124 9.63 114.73 3.57
C LEU I 124 10.09 115.10 4.97
N THR I 125 9.25 114.81 5.97
CA THR I 125 9.59 115.13 7.36
C THR I 125 10.72 114.22 7.86
N SER I 126 10.70 112.96 7.43
CA SER I 126 11.89 112.11 7.54
C SER I 126 12.70 112.32 6.27
N GLY I 127 13.91 111.77 6.21
CA GLY I 127 14.83 111.96 5.07
C GLY I 127 14.27 112.00 3.64
N GLY I 128 13.41 111.04 3.29
CA GLY I 128 13.08 110.73 1.89
C GLY I 128 12.10 111.59 1.12
N ALA I 129 11.97 111.28 -0.18
CA ALA I 129 11.00 111.91 -1.11
C ALA I 129 10.77 111.01 -2.33
N SER I 130 9.58 110.42 -2.38
CA SER I 130 9.23 109.47 -3.43
C SER I 130 8.16 110.05 -4.34
N VAL I 131 8.44 110.05 -5.64
CA VAL I 131 7.46 110.46 -6.65
C VAL I 131 6.85 109.22 -7.31
N VAL I 132 5.52 109.15 -7.26
CA VAL I 132 4.75 107.99 -7.71
C VAL I 132 3.98 108.30 -8.99
N CYS I 133 3.91 107.32 -9.88
CA CYS I 133 3.18 107.47 -11.12
C CYS I 133 2.36 106.22 -11.42
N PHE I 134 1.05 106.39 -11.47
CA PHE I 134 0.11 105.30 -11.76
C PHE I 134 -0.39 105.36 -13.19
N LEU I 135 -0.17 104.27 -13.90
CA LEU I 135 -0.68 104.12 -15.26
C LEU I 135 -1.71 102.97 -15.24
N ASN I 136 -2.98 103.32 -15.33
CA ASN I 136 -4.05 102.35 -15.06
C ASN I 136 -4.90 102.01 -16.25
N ASN I 137 -5.39 100.77 -16.23
CA ASN I 137 -6.31 100.20 -17.21
C ASN I 137 -5.94 100.48 -18.66
N PHE I 138 -4.85 99.87 -19.11
CA PHE I 138 -4.41 100.04 -20.47
C PHE I 138 -4.28 98.67 -21.15
N TYR I 139 -4.13 98.67 -22.47
CA TYR I 139 -3.98 97.45 -23.22
C TYR I 139 -3.44 97.80 -24.59
N PRO I 140 -2.47 97.04 -25.12
CA PRO I 140 -1.83 95.81 -24.64
C PRO I 140 -0.91 95.97 -23.41
N LYS I 141 -0.49 94.81 -22.90
CA LYS I 141 0.36 94.64 -21.73
C LYS I 141 1.62 95.50 -21.78
N ASP I 142 2.32 95.51 -22.94
CA ASP I 142 3.58 96.25 -23.10
C ASP I 142 3.48 97.76 -23.05
N ILE I 143 4.23 98.32 -22.12
CA ILE I 143 4.40 99.74 -21.91
C ILE I 143 5.78 99.89 -21.31
N ASN I 144 6.41 101.04 -21.43
CA ASN I 144 7.40 101.41 -20.40
C ASN I 144 7.57 102.88 -20.18
N VAL I 145 8.04 103.18 -18.97
CA VAL I 145 7.98 104.50 -18.37
C VAL I 145 9.38 105.04 -18.19
N LYS I 146 9.54 106.33 -18.41
CA LYS I 146 10.81 107.02 -18.27
C LYS I 146 10.59 108.18 -17.30
N TRP I 147 11.52 108.42 -16.39
CA TRP I 147 11.41 109.58 -15.50
C TRP I 147 12.32 110.71 -15.95
N LYS I 148 11.81 111.93 -15.84
CA LYS I 148 12.58 113.10 -16.20
C LYS I 148 12.52 114.19 -15.13
N ILE I 149 13.63 114.36 -14.40
CA ILE I 149 13.78 115.48 -13.47
C ILE I 149 14.35 116.70 -14.24
N ASP I 150 13.54 117.76 -14.38
CA ASP I 150 13.88 118.94 -15.19
C ASP I 150 14.26 118.56 -16.62
N GLY I 151 13.58 117.57 -17.20
CA GLY I 151 13.83 117.18 -18.58
C GLY I 151 15.02 116.25 -18.79
N SER I 152 15.83 116.02 -17.76
CA SER I 152 16.89 115.01 -17.83
C SER I 152 16.38 113.66 -17.34
N GLU I 153 16.73 112.60 -18.07
CA GLU I 153 16.21 111.27 -17.79
C GLU I 153 16.93 110.63 -16.59
N ARG I 154 16.22 110.47 -15.48
CA ARG I 154 16.78 109.84 -14.30
C ARG I 154 16.59 108.33 -14.42
N GLN I 155 17.64 107.60 -14.07
CA GLN I 155 17.70 106.15 -14.27
C GLN I 155 17.40 105.34 -13.02
N ASN I 156 18.18 105.58 -11.97
CA ASN I 156 18.21 104.79 -10.74
C ASN I 156 17.25 105.34 -9.69
N GLY I 157 16.82 104.47 -8.77
CA GLY I 157 15.87 104.87 -7.73
C GLY I 157 14.42 104.68 -8.15
N VAL I 158 14.24 104.22 -9.40
CA VAL I 158 12.94 103.93 -10.00
C VAL I 158 12.59 102.48 -9.73
N LEU I 159 11.41 102.24 -9.18
CA LEU I 159 10.98 100.88 -8.87
C LEU I 159 9.56 100.68 -9.36
N ASN I 160 9.38 99.63 -10.15
CA ASN I 160 8.12 99.38 -10.81
C ASN I 160 7.47 98.11 -10.37
N SER I 161 6.13 98.13 -10.41
CA SER I 161 5.30 96.98 -10.10
C SER I 161 4.14 97.02 -11.10
N TRP I 162 3.76 95.85 -11.63
CA TRP I 162 2.63 95.74 -12.58
C TRP I 162 1.58 94.75 -12.02
N THR I 163 0.28 95.00 -12.26
CA THR I 163 -0.77 94.09 -11.76
C THR I 163 -1.04 92.99 -12.74
N ASP I 164 -1.65 91.91 -12.26
CA ASP I 164 -2.20 90.86 -13.13
C ASP I 164 -3.27 91.43 -14.03
N GLN I 165 -3.57 90.74 -15.13
CA GLN I 165 -4.64 91.17 -16.02
C GLN I 165 -5.95 91.28 -15.23
N ASP I 166 -6.83 92.19 -15.63
CA ASP I 166 -8.05 92.38 -14.87
C ASP I 166 -9.02 91.24 -15.09
N SER I 167 -9.65 90.78 -14.01
CA SER I 167 -10.62 89.70 -14.13
C SER I 167 -11.96 90.23 -14.61
N LYS I 168 -12.08 91.56 -14.75
CA LYS I 168 -13.31 92.20 -15.20
C LYS I 168 -13.16 92.80 -16.58
N ASP I 169 -12.27 93.78 -16.74
CA ASP I 169 -12.14 94.47 -18.05
C ASP I 169 -10.92 94.04 -18.87
N SER I 170 -10.19 93.06 -18.35
CA SER I 170 -9.02 92.50 -19.01
C SER I 170 -7.93 93.50 -19.45
N THR I 171 -7.76 94.57 -18.68
CA THR I 171 -6.71 95.58 -18.90
C THR I 171 -5.60 95.40 -17.88
N TYR I 172 -4.45 96.04 -18.16
CA TYR I 172 -3.31 95.99 -17.28
C TYR I 172 -3.14 97.34 -16.60
N SER I 173 -2.37 97.37 -15.50
CA SER I 173 -2.05 98.61 -14.79
C SER I 173 -0.66 98.52 -14.15
N MET I 174 -0.01 99.67 -13.97
CA MET I 174 1.39 99.72 -13.55
C MET I 174 1.71 100.88 -12.61
N SER I 175 2.50 100.61 -11.56
CA SER I 175 2.99 101.66 -10.66
C SER I 175 4.49 101.90 -10.82
N SER I 176 4.88 103.17 -10.88
CA SER I 176 6.28 103.54 -11.00
C SER I 176 6.63 104.52 -9.89
N THR I 177 7.67 104.20 -9.13
CA THR I 177 8.07 105.04 -8.00
C THR I 177 9.54 105.41 -7.99
N LEU I 178 9.80 106.70 -8.21
CA LEU I 178 11.13 107.27 -8.15
C LEU I 178 11.39 107.81 -6.75
N THR I 179 12.34 107.20 -6.05
CA THR I 179 12.68 107.61 -4.69
C THR I 179 14.02 108.34 -4.62
N LEU I 180 14.04 109.44 -3.88
CA LEU I 180 15.24 110.26 -3.73
C LEU I 180 15.38 110.73 -2.29
N THR I 181 16.49 111.40 -1.98
CA THR I 181 16.61 112.10 -0.71
C THR I 181 15.83 113.41 -0.81
N LYS I 182 15.51 114.01 0.34
CA LYS I 182 14.77 115.26 0.37
C LYS I 182 15.50 116.38 -0.36
N ASP I 183 16.82 116.47 -0.15
CA ASP I 183 17.61 117.57 -0.71
C ASP I 183 17.76 117.41 -2.22
N GLU I 184 18.08 116.19 -2.63
CA GLU I 184 18.20 115.85 -4.04
C GLU I 184 16.94 116.29 -4.76
N TYR I 185 15.79 115.90 -4.20
CA TYR I 185 14.47 116.21 -4.72
C TYR I 185 14.23 117.73 -4.77
N GLU I 186 14.70 118.43 -3.74
CA GLU I 186 14.53 119.88 -3.66
C GLU I 186 15.47 120.72 -4.55
N ARG I 187 16.52 120.09 -5.08
CA ARG I 187 17.44 120.78 -6.01
C ARG I 187 16.81 121.11 -7.38
N HIS I 188 15.76 120.38 -7.77
CA HIS I 188 15.14 120.52 -9.11
C HIS I 188 13.66 120.86 -9.02
N ASN I 189 13.12 121.51 -10.05
CA ASN I 189 11.74 121.95 -10.01
C ASN I 189 10.71 121.08 -10.73
N SER I 190 11.04 120.59 -11.91
CA SER I 190 10.08 119.95 -12.79
C SER I 190 10.17 118.41 -12.83
N TYR I 191 9.07 117.73 -12.53
CA TYR I 191 9.07 116.27 -12.45
C TYR I 191 8.14 115.57 -13.46
N THR I 192 8.71 114.82 -14.41
CA THR I 192 7.93 114.18 -15.48
C THR I 192 8.01 112.66 -15.50
N CYS I 193 6.84 112.08 -15.70
CA CYS I 193 6.63 110.67 -15.83
C CYS I 193 6.10 110.43 -17.25
N GLU I 194 6.90 109.76 -18.07
CA GLU I 194 6.66 109.70 -19.50
C GLU I 194 6.69 108.26 -19.97
N ALA I 195 5.62 107.84 -20.63
CA ALA I 195 5.43 106.44 -21.03
C ALA I 195 5.08 106.30 -22.50
N THR I 196 5.83 105.45 -23.20
CA THR I 196 5.45 105.09 -24.58
C THR I 196 4.59 103.85 -24.50
N HIS I 197 3.54 103.86 -25.31
CA HIS I 197 2.56 102.80 -25.40
C HIS I 197 2.05 102.76 -26.84
N LYS I 198 1.48 101.63 -27.24
CA LYS I 198 0.90 101.53 -28.58
C LYS I 198 -0.16 102.62 -28.84
N THR I 199 -0.95 102.98 -27.83
CA THR I 199 -2.12 103.84 -28.06
C THR I 199 -1.81 105.30 -28.41
N SER I 200 -0.57 105.74 -28.20
CA SER I 200 -0.19 107.12 -28.47
C SER I 200 1.01 107.22 -29.42
N THR I 201 0.98 108.09 -30.41
CA THR I 201 2.16 108.29 -31.24
C THR I 201 3.29 108.88 -30.38
N SER I 202 3.16 110.14 -29.97
CA SER I 202 4.12 110.71 -29.03
C SER I 202 3.86 110.17 -27.63
N PRO I 203 4.92 109.96 -26.83
CA PRO I 203 4.77 109.48 -25.46
C PRO I 203 3.71 110.20 -24.61
N ILE I 204 2.98 109.45 -23.80
CA ILE I 204 2.06 110.02 -22.83
C ILE I 204 2.86 110.58 -21.66
N VAL I 205 2.69 111.89 -21.45
CA VAL I 205 3.47 112.66 -20.50
C VAL I 205 2.57 113.24 -19.40
N LYS I 206 2.94 113.03 -18.13
CA LYS I 206 2.29 113.73 -17.01
C LYS I 206 3.36 114.28 -16.11
N SER I 207 3.26 115.58 -15.85
CA SER I 207 4.32 116.28 -15.17
C SER I 207 3.75 117.24 -14.12
N PHE I 208 4.59 117.75 -13.22
CA PHE I 208 4.20 118.80 -12.26
C PHE I 208 5.39 119.68 -11.95
N ASN I 209 5.12 120.85 -11.38
CA ASN I 209 6.19 121.74 -10.88
C ASN I 209 6.03 121.95 -9.38
N ARG I 210 7.14 122.15 -8.67
CA ARG I 210 7.04 122.43 -7.25
C ARG I 210 6.47 123.84 -6.96
N ASN I 211 6.40 124.69 -7.99
CA ASN I 211 5.72 125.99 -7.92
C ASN I 211 4.20 125.87 -7.71
N GLU I 212 3.62 124.80 -8.26
CA GLU I 212 2.18 124.53 -8.30
C GLU I 212 1.41 125.54 -9.15
#